data_7E8G
#
_entry.id   7E8G
#
_cell.length_a   1.00
_cell.length_b   1.00
_cell.length_c   1.00
_cell.angle_alpha   90.00
_cell.angle_beta   90.00
_cell.angle_gamma   90.00
#
_symmetry.space_group_name_H-M   'P 1'
#
_entity_poly.entity_id   1
_entity_poly.type   'polypeptide(L)'
_entity_poly.pdbx_seq_one_letter_code
;EDNSLSQKKKVTVEDLFSEDFKIHDPEAKWISDTEFIYREQKGTVRLWNVETNTSTVLIEGKKIESLRAIRYEISPDREY
ALFSYNVEPIYQHSYTGYYVLSKIPHGDPQSLDPPEVSNAKLQYAGWGPKGQQLIFIFENNIYYCAHVGKQAIRVVSTGK
EGVIYNGLSDWLYEEEILKTHIAHWWSPDGTRLAYAAINDSRVPIMELPTYTGSIYPTVKPYHYPKAGSENPSISLHVIG
LNGPTHDLEMMPPDDPRMREYYITMVKWATSTKVAVTWLNRAQNVSILTLCDATTGVCTKKHEDESEAWLHRQNEEPVFS
KDGRKFFFIRAIPQGGRGKFYHITVSSSQPNSSNDNIQSITSGDWDVTKILAYDEKGNKIYFLSTEDLPRRRQLYSANTV
GNFNRQCLSCDLVENCTYFSASFSHSMDFFLLKCEGPGVPMVTVHNTTDKKKMFDLETNEHVKKAINDRQMPKVEYRDIE
IDDYNLPMQILKPATFTDTTHYPLLLVVDGTPGSQSVAEKFEVSWETVMVSSHGAVVVKCDGRGSGFQGTKLLHEVRRRL
GLLEEKDQMEAVRTMLKEQYIDRTRVAVFGKDYGGYLSTYILPAKGENQGQTFTCGSALSPITDFKLYASAFSERYLGLH
GLDNRAYEMTKVAHRVSALEEQQFLIIHPTADEKIHFQHTAELITQLIRGKANYSLQIYPDESHYFTSSSLKQHLYRSII
NFFVECFRI
;
_entity_poly.pdbx_strand_id   J,I,L,K
#
# COMPACT_ATOMS: atom_id res chain seq x y z
N GLU A 1 57.34 -2.61 36.86
CA GLU A 1 56.93 -3.72 36.00
C GLU A 1 57.23 -3.44 34.53
N ASP A 2 56.89 -2.24 34.07
CA ASP A 2 57.29 -1.74 32.75
C ASP A 2 56.93 -2.69 31.62
N ASN A 3 55.81 -3.40 31.73
CA ASN A 3 55.41 -4.36 30.71
C ASN A 3 53.89 -4.46 30.67
N SER A 4 53.39 -4.95 29.53
CA SER A 4 51.95 -5.13 29.33
C SER A 4 51.76 -6.07 28.14
N LEU A 5 50.49 -6.42 27.90
CA LEU A 5 50.13 -7.29 26.79
C LEU A 5 49.06 -6.63 25.94
N SER A 6 49.22 -6.74 24.62
CA SER A 6 48.28 -6.15 23.68
C SER A 6 47.22 -7.17 23.25
N GLN A 7 46.47 -6.82 22.22
CA GLN A 7 45.41 -7.68 21.70
C GLN A 7 46.00 -8.93 21.04
N LYS A 8 45.23 -10.01 21.06
CA LYS A 8 45.68 -11.30 20.57
C LYS A 8 45.58 -11.37 19.05
N LYS A 9 45.78 -12.58 18.52
CA LYS A 9 45.84 -12.80 17.08
C LYS A 9 44.45 -12.74 16.44
N LYS A 10 44.42 -12.23 15.22
CA LYS A 10 43.21 -12.22 14.40
C LYS A 10 43.31 -13.29 13.31
N VAL A 11 42.25 -13.40 12.52
CA VAL A 11 42.16 -14.44 11.50
C VAL A 11 42.47 -13.85 10.13
N THR A 12 43.37 -14.50 9.40
CA THR A 12 43.75 -14.11 8.05
C THR A 12 43.55 -15.29 7.09
N VAL A 13 43.94 -15.07 5.83
CA VAL A 13 43.78 -16.11 4.82
C VAL A 13 44.61 -17.34 5.16
N GLU A 14 45.88 -17.14 5.53
CA GLU A 14 46.73 -18.26 5.91
C GLU A 14 46.17 -19.02 7.10
N ASP A 15 45.49 -18.34 8.01
CA ASP A 15 44.91 -19.00 9.18
C ASP A 15 43.86 -20.03 8.76
N LEU A 16 43.02 -19.71 7.78
CA LEU A 16 42.04 -20.67 7.30
C LEU A 16 42.71 -21.94 6.80
N PHE A 17 43.80 -21.79 6.07
CA PHE A 17 44.52 -22.92 5.49
C PHE A 17 45.65 -23.40 6.39
N SER A 18 45.79 -22.83 7.59
CA SER A 18 46.79 -23.30 8.53
C SER A 18 46.42 -24.70 9.04
N GLU A 19 47.46 -25.47 9.36
CA GLU A 19 47.25 -26.84 9.82
C GLU A 19 46.44 -26.90 11.10
N ASP A 20 46.58 -25.88 11.97
CA ASP A 20 45.88 -25.91 13.25
C ASP A 20 44.37 -25.81 13.07
N PHE A 21 43.93 -25.11 12.02
CA PHE A 21 42.50 -24.94 11.77
C PHE A 21 41.86 -26.17 11.13
N LYS A 22 42.65 -27.17 10.75
CA LYS A 22 42.10 -28.36 10.12
C LYS A 22 41.19 -29.10 11.10
N ILE A 23 40.08 -29.61 10.58
CA ILE A 23 39.10 -30.34 11.38
C ILE A 23 39.43 -31.83 11.33
N HIS A 24 39.48 -32.46 12.49
CA HIS A 24 39.73 -33.90 12.57
C HIS A 24 38.40 -34.64 12.61
N ASP A 25 38.24 -35.60 11.69
CA ASP A 25 37.03 -36.40 11.62
C ASP A 25 37.41 -37.88 11.68
N PRO A 26 36.85 -38.64 12.61
CA PRO A 26 37.07 -40.09 12.62
C PRO A 26 36.10 -40.83 11.73
N GLU A 27 34.94 -40.21 11.46
CA GLU A 27 33.87 -40.77 10.63
C GLU A 27 33.65 -42.26 10.89
N ALA A 28 33.64 -42.63 12.16
CA ALA A 28 33.47 -44.03 12.54
C ALA A 28 32.11 -44.54 12.08
N LYS A 29 32.08 -45.79 11.62
CA LYS A 29 30.89 -46.42 11.09
C LYS A 29 30.73 -47.81 11.69
N TRP A 30 29.53 -48.10 12.19
CA TRP A 30 29.27 -49.35 12.88
C TRP A 30 29.43 -50.54 11.94
N ILE A 31 30.14 -51.56 12.42
CA ILE A 31 30.18 -52.87 11.79
C ILE A 31 29.12 -53.78 12.41
N SER A 32 28.91 -53.65 13.71
CA SER A 32 27.82 -54.31 14.42
C SER A 32 27.38 -53.35 15.52
N ASP A 33 26.59 -53.87 16.47
CA ASP A 33 26.25 -53.05 17.63
C ASP A 33 27.41 -52.90 18.60
N THR A 34 28.43 -53.76 18.50
CA THR A 34 29.54 -53.75 19.43
C THR A 34 30.76 -52.96 18.96
N GLU A 35 31.11 -53.03 17.68
CA GLU A 35 32.31 -52.39 17.18
C GLU A 35 31.98 -51.60 15.92
N PHE A 36 32.78 -50.56 15.68
CA PHE A 36 32.69 -49.74 14.48
C PHE A 36 34.06 -49.69 13.82
N ILE A 37 34.09 -49.16 12.60
CA ILE A 37 35.34 -49.14 11.84
C ILE A 37 36.37 -48.24 12.50
N TYR A 38 35.93 -47.11 13.06
CA TYR A 38 36.80 -46.17 13.75
C TYR A 38 37.93 -45.70 12.82
N ARG A 39 37.51 -44.97 11.78
CA ARG A 39 38.39 -44.61 10.68
C ARG A 39 39.39 -43.56 11.17
N GLU A 40 40.23 -43.06 10.25
CA GLU A 40 41.38 -42.22 10.59
C GLU A 40 40.98 -41.02 11.43
N GLN A 41 41.74 -40.78 12.50
CA GLN A 41 41.65 -39.56 13.28
C GLN A 41 42.91 -38.71 13.15
N LYS A 42 44.07 -39.28 13.45
CA LYS A 42 45.35 -38.60 13.30
C LYS A 42 46.43 -39.58 12.85
N GLY A 43 46.10 -40.45 11.89
CA GLY A 43 47.06 -41.44 11.45
C GLY A 43 46.54 -42.87 11.47
N THR A 44 47.08 -43.70 12.34
CA THR A 44 46.69 -45.10 12.39
C THR A 44 45.21 -45.25 12.72
N VAL A 45 44.65 -46.40 12.35
CA VAL A 45 43.24 -46.70 12.52
C VAL A 45 43.10 -47.91 13.44
N ARG A 46 42.37 -47.73 14.53
CA ARG A 46 42.04 -48.82 15.43
C ARG A 46 40.66 -49.38 15.08
N LEU A 47 40.27 -50.43 15.80
CA LEU A 47 38.94 -51.03 15.67
C LEU A 47 38.32 -50.98 17.06
N TRP A 48 37.71 -49.85 17.39
CA TRP A 48 37.21 -49.64 18.74
C TRP A 48 35.90 -50.41 18.96
N ASN A 49 35.77 -51.00 20.14
CA ASN A 49 34.56 -51.71 20.54
C ASN A 49 33.91 -50.97 21.70
N VAL A 50 32.59 -50.77 21.59
CA VAL A 50 31.87 -49.98 22.59
C VAL A 50 31.82 -50.73 23.92
N GLU A 51 31.66 -52.06 23.88
CA GLU A 51 31.38 -52.84 25.07
C GLU A 51 32.42 -52.65 26.16
N THR A 52 33.65 -53.10 25.92
CA THR A 52 34.74 -52.88 26.88
C THR A 52 35.99 -52.39 26.14
N ASN A 53 36.03 -51.09 25.84
CA ASN A 53 37.25 -50.34 25.50
C ASN A 53 38.27 -51.17 24.73
N THR A 54 37.79 -51.79 23.65
CA THR A 54 38.62 -52.68 22.84
C THR A 54 38.86 -52.03 21.49
N SER A 55 40.04 -51.43 21.32
CA SER A 55 40.44 -50.78 20.07
C SER A 55 41.48 -51.66 19.40
N THR A 56 41.03 -52.56 18.53
CA THR A 56 41.92 -53.48 17.86
C THR A 56 42.73 -52.75 16.80
N VAL A 57 44.05 -52.97 16.82
CA VAL A 57 44.95 -52.34 15.85
C VAL A 57 44.73 -52.99 14.49
N LEU A 58 44.18 -52.23 13.56
CA LEU A 58 43.88 -52.73 12.21
C LEU A 58 44.70 -52.08 11.12
N ILE A 59 44.85 -50.75 11.15
CA ILE A 59 45.63 -50.03 10.15
C ILE A 59 46.70 -49.22 10.86
N GLU A 60 47.90 -49.25 10.30
CA GLU A 60 49.06 -48.59 10.88
C GLU A 60 49.66 -47.64 9.84
N GLY A 61 50.85 -47.12 10.13
CA GLY A 61 51.45 -46.12 9.27
C GLY A 61 52.06 -46.68 8.00
N LYS A 62 51.38 -47.66 7.40
CA LYS A 62 51.76 -48.18 6.09
C LYS A 62 50.89 -47.62 4.97
N LYS A 63 49.84 -46.87 5.29
CA LYS A 63 49.06 -46.18 4.28
C LYS A 63 49.91 -45.19 3.50
N ILE A 64 50.97 -44.66 4.12
CA ILE A 64 51.88 -43.77 3.43
C ILE A 64 52.64 -44.49 2.32
N GLU A 65 52.95 -45.78 2.54
CA GLU A 65 53.79 -46.52 1.61
C GLU A 65 53.16 -46.60 0.22
N SER A 66 51.84 -46.79 0.16
CA SER A 66 51.17 -46.97 -1.12
C SER A 66 50.91 -45.63 -1.80
N LEU A 67 51.95 -44.80 -1.93
CA LEU A 67 51.89 -43.54 -2.66
C LEU A 67 50.77 -42.63 -2.16
N ARG A 68 50.53 -42.68 -0.84
CA ARG A 68 49.58 -41.81 -0.17
C ARG A 68 48.19 -41.90 -0.80
N ALA A 69 47.61 -43.10 -0.68
CA ALA A 69 46.27 -43.32 -1.17
C ALA A 69 45.28 -42.45 -0.41
N ILE A 70 44.53 -41.63 -1.15
CA ILE A 70 43.60 -40.69 -0.52
C ILE A 70 42.49 -41.44 0.20
N ARG A 71 41.90 -42.43 -0.46
CA ARG A 71 40.76 -43.17 0.08
C ARG A 71 41.14 -44.63 0.24
N TYR A 72 40.50 -45.29 1.19
CA TYR A 72 40.74 -46.70 1.44
C TYR A 72 39.53 -47.31 2.13
N GLU A 73 39.36 -48.61 1.95
CA GLU A 73 38.24 -49.34 2.52
C GLU A 73 38.71 -50.70 3.02
N ILE A 74 37.87 -51.34 3.81
CA ILE A 74 38.16 -52.65 4.40
C ILE A 74 37.10 -53.63 3.90
N SER A 75 37.54 -54.83 3.55
CA SER A 75 36.62 -55.86 3.09
C SER A 75 35.68 -56.26 4.24
N PRO A 76 34.45 -56.65 3.91
CA PRO A 76 33.46 -56.92 4.98
C PRO A 76 33.86 -58.06 5.90
N ASP A 77 34.75 -58.95 5.49
CA ASP A 77 35.29 -59.96 6.37
C ASP A 77 36.50 -59.48 7.16
N ARG A 78 36.87 -58.20 6.99
CA ARG A 78 38.01 -57.62 7.71
C ARG A 78 39.29 -58.42 7.47
N GLU A 79 39.49 -58.86 6.23
CA GLU A 79 40.70 -59.57 5.84
C GLU A 79 41.44 -58.93 4.69
N TYR A 80 40.81 -58.07 3.90
CA TYR A 80 41.46 -57.38 2.79
C TYR A 80 41.21 -55.88 2.89
N ALA A 81 42.24 -55.11 2.55
CA ALA A 81 42.17 -53.65 2.56
C ALA A 81 42.49 -53.13 1.17
N LEU A 82 41.67 -52.18 0.72
CA LEU A 82 41.81 -51.60 -0.60
C LEU A 82 42.23 -50.14 -0.48
N PHE A 83 43.34 -49.80 -1.15
CA PHE A 83 43.85 -48.43 -1.22
C PHE A 83 43.56 -47.87 -2.59
N SER A 84 43.29 -46.57 -2.65
CA SER A 84 43.10 -45.86 -3.91
C SER A 84 44.11 -44.72 -3.97
N TYR A 85 45.20 -44.95 -4.70
CA TYR A 85 46.28 -43.98 -4.81
C TYR A 85 46.26 -43.36 -6.20
N ASN A 86 46.98 -42.24 -6.34
CA ASN A 86 47.02 -41.47 -7.58
C ASN A 86 45.62 -41.12 -8.06
N VAL A 87 44.74 -40.79 -7.12
CA VAL A 87 43.35 -40.48 -7.41
C VAL A 87 43.21 -38.99 -7.59
N GLU A 88 42.59 -38.59 -8.69
CA GLU A 88 42.31 -37.19 -8.95
C GLU A 88 40.82 -37.01 -9.16
N PRO A 89 40.26 -35.87 -8.74
CA PRO A 89 38.82 -35.65 -8.92
C PRO A 89 38.54 -34.98 -10.26
N ILE A 90 37.65 -35.58 -11.04
CA ILE A 90 37.21 -35.01 -12.30
C ILE A 90 36.04 -34.07 -12.09
N TYR A 91 34.93 -34.60 -11.59
CA TYR A 91 33.74 -33.82 -11.28
C TYR A 91 33.81 -33.40 -9.82
N GLN A 92 32.66 -32.99 -9.26
CA GLN A 92 32.59 -32.68 -7.84
C GLN A 92 33.18 -33.80 -7.00
N HIS A 93 32.89 -35.04 -7.35
CA HIS A 93 33.47 -36.19 -6.67
C HIS A 93 33.49 -37.37 -7.63
N SER A 94 34.64 -37.61 -8.25
CA SER A 94 34.83 -38.74 -9.17
C SER A 94 36.17 -39.37 -8.79
N TYR A 95 36.11 -40.40 -7.95
CA TYR A 95 37.31 -40.99 -7.36
C TYR A 95 38.02 -41.91 -8.35
N THR A 96 38.47 -41.33 -9.46
CA THR A 96 39.19 -42.08 -10.47
C THR A 96 40.67 -42.15 -10.11
N GLY A 97 41.22 -43.36 -10.17
CA GLY A 97 42.60 -43.58 -9.74
C GLY A 97 42.95 -45.05 -9.79
N TYR A 98 44.00 -45.41 -9.03
CA TYR A 98 44.51 -46.77 -9.02
C TYR A 98 44.13 -47.45 -7.71
N TYR A 99 43.55 -48.65 -7.81
CA TYR A 99 43.14 -49.43 -6.65
C TYR A 99 44.09 -50.61 -6.46
N VAL A 100 44.59 -50.77 -5.24
CA VAL A 100 45.49 -51.86 -4.89
C VAL A 100 44.96 -52.57 -3.64
N LEU A 101 44.97 -53.90 -3.69
CA LEU A 101 44.49 -54.72 -2.59
C LEU A 101 45.66 -55.24 -1.76
N SER A 102 45.42 -55.43 -0.47
CA SER A 102 46.46 -55.88 0.44
C SER A 102 45.84 -56.66 1.59
N LYS A 103 46.67 -57.45 2.26
CA LYS A 103 46.22 -58.21 3.41
C LYS A 103 45.86 -57.27 4.56
N ILE A 104 45.01 -57.76 5.46
CA ILE A 104 44.51 -56.89 6.53
C ILE A 104 45.60 -56.38 7.47
N PRO A 105 46.58 -57.21 7.95
CA PRO A 105 47.50 -56.67 8.96
C PRO A 105 48.38 -55.56 8.43
N HIS A 106 49.16 -55.86 7.39
CA HIS A 106 50.03 -54.91 6.70
C HIS A 106 50.73 -55.64 5.57
N GLY A 107 51.23 -54.87 4.61
CA GLY A 107 52.04 -55.42 3.55
C GLY A 107 51.25 -56.20 2.50
N ASP A 108 52.01 -56.77 1.55
CA ASP A 108 51.49 -57.59 0.46
C ASP A 108 50.49 -56.84 -0.39
N PRO A 109 50.91 -55.82 -1.14
CA PRO A 109 49.97 -55.13 -2.02
C PRO A 109 49.65 -55.95 -3.26
N GLN A 110 48.52 -55.64 -3.88
CA GLN A 110 48.09 -56.35 -5.09
C GLN A 110 47.24 -55.39 -5.92
N SER A 111 47.74 -55.06 -7.11
CA SER A 111 47.03 -54.14 -7.98
C SER A 111 45.74 -54.77 -8.50
N LEU A 112 44.66 -53.99 -8.50
CA LEU A 112 43.37 -54.42 -9.00
C LEU A 112 43.27 -54.01 -10.46
N ASP A 113 43.28 -55.00 -11.36
CA ASP A 113 43.22 -54.72 -12.79
C ASP A 113 42.23 -55.65 -13.47
N PRO A 114 41.54 -55.16 -14.51
CA PRO A 114 40.74 -56.06 -15.33
C PRO A 114 41.62 -56.98 -16.14
N PRO A 115 41.10 -58.11 -16.62
CA PRO A 115 41.95 -59.08 -17.32
C PRO A 115 42.54 -58.49 -18.59
N GLU A 116 43.77 -58.93 -18.89
CA GLU A 116 44.52 -58.51 -20.07
C GLU A 116 44.80 -57.00 -20.07
N VAL A 117 44.76 -56.37 -18.91
CA VAL A 117 44.99 -54.94 -18.78
C VAL A 117 46.10 -54.71 -17.77
N SER A 118 47.07 -53.87 -18.14
CA SER A 118 48.16 -53.49 -17.24
C SER A 118 47.66 -52.43 -16.27
N ASN A 119 48.59 -51.75 -15.61
CA ASN A 119 48.24 -50.68 -14.67
C ASN A 119 47.41 -49.61 -15.35
N ALA A 120 46.15 -49.48 -14.96
CA ALA A 120 45.23 -48.51 -15.53
C ALA A 120 44.35 -47.94 -14.42
N LYS A 121 43.89 -46.72 -14.64
CA LYS A 121 43.04 -46.06 -13.66
C LYS A 121 41.67 -46.71 -13.61
N LEU A 122 41.10 -46.76 -12.40
CA LEU A 122 39.77 -47.30 -12.18
C LEU A 122 38.90 -46.23 -11.53
N GLN A 123 37.68 -46.08 -12.04
CA GLN A 123 36.81 -45.00 -11.57
C GLN A 123 36.23 -45.30 -10.19
N TYR A 124 35.88 -46.56 -9.93
CA TYR A 124 35.32 -46.91 -8.63
C TYR A 124 35.34 -48.42 -8.46
N ALA A 125 35.60 -48.87 -7.23
CA ALA A 125 35.59 -50.30 -6.94
C ALA A 125 34.52 -50.68 -5.91
N GLY A 126 34.56 -50.12 -4.71
CA GLY A 126 33.60 -50.49 -3.68
C GLY A 126 33.85 -51.87 -3.10
N TRP A 127 32.94 -52.28 -2.21
CA TRP A 127 33.01 -53.59 -1.57
C TRP A 127 31.62 -54.20 -1.50
N GLY A 128 31.61 -55.53 -1.38
CA GLY A 128 30.38 -56.27 -1.14
C GLY A 128 30.02 -56.30 0.33
N PRO A 129 28.87 -56.89 0.64
CA PRO A 129 28.41 -56.95 2.02
C PRO A 129 29.03 -58.09 2.81
N LYS A 130 29.55 -59.11 2.12
CA LYS A 130 30.05 -60.30 2.79
C LYS A 130 31.29 -60.81 2.09
N GLY A 131 32.10 -61.57 2.84
CA GLY A 131 33.27 -62.22 2.28
C GLY A 131 34.27 -61.23 1.71
N GLN A 132 34.93 -61.66 0.63
CA GLN A 132 35.86 -60.80 -0.10
C GLN A 132 35.35 -60.44 -1.49
N GLN A 133 34.05 -60.58 -1.72
CA GLN A 133 33.48 -60.20 -3.01
C GLN A 133 33.51 -58.69 -3.17
N LEU A 134 33.80 -58.26 -4.40
CA LEU A 134 33.91 -56.84 -4.71
C LEU A 134 33.67 -56.66 -6.20
N ILE A 135 33.58 -55.40 -6.62
CA ILE A 135 33.45 -55.06 -8.02
C ILE A 135 34.41 -53.92 -8.34
N PHE A 136 34.48 -53.59 -9.62
CA PHE A 136 35.21 -52.41 -10.06
C PHE A 136 34.73 -52.04 -11.46
N ILE A 137 34.71 -50.74 -11.73
CA ILE A 137 34.19 -50.21 -12.97
C ILE A 137 35.35 -49.65 -13.78
N PHE A 138 35.52 -50.17 -14.99
CA PHE A 138 36.53 -49.71 -15.94
C PHE A 138 35.85 -49.44 -17.27
N GLU A 139 36.11 -48.26 -17.84
CA GLU A 139 35.49 -47.82 -19.08
C GLU A 139 33.97 -47.93 -19.00
N ASN A 140 33.42 -47.51 -17.87
CA ASN A 140 31.98 -47.60 -17.61
C ASN A 140 31.49 -49.04 -17.76
N ASN A 141 32.27 -49.99 -17.24
CA ASN A 141 31.94 -51.41 -17.34
C ASN A 141 32.14 -52.04 -15.98
N ILE A 142 31.17 -52.84 -15.54
CA ILE A 142 31.16 -53.41 -14.20
C ILE A 142 31.73 -54.81 -14.27
N TYR A 143 32.83 -55.04 -13.55
CA TYR A 143 33.46 -56.34 -13.43
C TYR A 143 33.45 -56.76 -11.97
N TYR A 144 32.98 -57.98 -11.70
CA TYR A 144 32.79 -58.45 -10.34
C TYR A 144 33.69 -59.64 -10.06
N CYS A 145 34.22 -59.69 -8.85
CA CYS A 145 35.08 -60.77 -8.38
C CYS A 145 34.51 -61.29 -7.07
N ALA A 146 34.10 -62.56 -7.05
CA ALA A 146 33.66 -63.16 -5.80
C ALA A 146 34.80 -63.27 -4.79
N HIS A 147 36.04 -63.34 -5.28
CA HIS A 147 37.22 -63.45 -4.44
C HIS A 147 38.28 -62.50 -4.93
N VAL A 148 39.22 -62.18 -4.04
CA VAL A 148 40.36 -61.35 -4.44
C VAL A 148 41.20 -62.07 -5.48
N GLY A 149 41.48 -63.36 -5.26
CA GLY A 149 42.17 -64.16 -6.25
C GLY A 149 41.32 -64.54 -7.44
N LYS A 150 40.00 -64.35 -7.34
CA LYS A 150 39.11 -64.64 -8.45
C LYS A 150 39.42 -63.73 -9.63
N GLN A 151 39.51 -64.32 -10.82
CA GLN A 151 39.76 -63.56 -12.03
C GLN A 151 38.57 -62.65 -12.32
N ALA A 152 38.88 -61.43 -12.78
CA ALA A 152 37.82 -60.47 -13.08
C ALA A 152 36.97 -60.95 -14.24
N ILE A 153 35.66 -60.81 -14.10
CA ILE A 153 34.69 -61.33 -15.05
C ILE A 153 34.01 -60.16 -15.74
N ARG A 154 33.81 -60.29 -17.05
CA ARG A 154 33.08 -59.28 -17.82
C ARG A 154 31.61 -59.38 -17.46
N VAL A 155 31.26 -58.92 -16.26
CA VAL A 155 29.89 -59.05 -15.78
C VAL A 155 28.95 -58.19 -16.62
N VAL A 156 29.35 -56.96 -16.90
CA VAL A 156 28.70 -56.16 -17.93
C VAL A 156 29.72 -55.18 -18.50
N SER A 157 29.73 -55.06 -19.83
CA SER A 157 30.71 -54.21 -20.50
C SER A 157 30.08 -53.37 -21.62
N THR A 158 28.76 -53.20 -21.60
CA THR A 158 28.09 -52.41 -22.63
C THR A 158 28.36 -50.93 -22.51
N GLY A 159 28.98 -50.48 -21.42
CA GLY A 159 29.18 -49.06 -21.21
C GLY A 159 30.13 -48.44 -22.21
N LYS A 160 29.86 -47.17 -22.52
CA LYS A 160 30.67 -46.39 -23.43
C LYS A 160 31.17 -45.13 -22.73
N GLU A 161 32.30 -44.62 -23.18
CA GLU A 161 32.91 -43.45 -22.56
C GLU A 161 32.04 -42.23 -22.76
N GLY A 162 31.37 -41.78 -21.69
CA GLY A 162 30.55 -40.60 -21.75
C GLY A 162 29.20 -40.78 -22.42
N VAL A 163 28.85 -42.00 -22.83
CA VAL A 163 27.57 -42.24 -23.48
C VAL A 163 26.75 -43.21 -22.65
N ILE A 164 27.35 -44.35 -22.28
CA ILE A 164 26.69 -45.37 -21.50
C ILE A 164 27.42 -45.51 -20.17
N TYR A 165 26.73 -45.16 -19.09
CA TYR A 165 27.25 -45.28 -17.73
C TYR A 165 26.51 -46.39 -17.01
N ASN A 166 27.25 -47.35 -16.48
CA ASN A 166 26.66 -48.37 -15.60
C ASN A 166 27.42 -48.40 -14.29
N GLY A 167 26.68 -48.27 -13.18
CA GLY A 167 27.28 -48.24 -11.88
C GLY A 167 27.82 -46.90 -11.44
N LEU A 168 27.79 -45.89 -12.32
CA LEU A 168 28.26 -44.55 -11.98
C LEU A 168 27.32 -43.53 -12.60
N SER A 169 27.17 -42.40 -11.91
CA SER A 169 26.30 -41.33 -12.35
C SER A 169 26.97 -40.51 -13.45
N ASP A 170 26.14 -39.88 -14.28
CA ASP A 170 26.64 -38.93 -15.27
C ASP A 170 26.84 -37.58 -14.57
N TRP A 171 27.04 -36.53 -15.35
CA TRP A 171 27.12 -35.20 -14.76
C TRP A 171 25.81 -34.82 -14.09
N LEU A 172 24.69 -35.04 -14.77
CA LEU A 172 23.40 -34.59 -14.26
C LEU A 172 23.05 -35.28 -12.95
N TYR A 173 23.27 -36.59 -12.87
CA TYR A 173 22.91 -37.32 -11.66
C TYR A 173 23.88 -37.02 -10.53
N GLU A 174 25.18 -36.97 -10.82
CA GLU A 174 26.15 -36.66 -9.78
C GLU A 174 25.96 -35.25 -9.22
N GLU A 175 25.53 -34.32 -10.06
CA GLU A 175 25.41 -32.92 -9.67
C GLU A 175 24.02 -32.54 -9.18
N GLU A 176 22.98 -32.76 -9.97
CA GLU A 176 21.71 -32.10 -9.75
C GLU A 176 20.68 -32.97 -9.03
N ILE A 177 20.50 -34.22 -9.44
CA ILE A 177 19.38 -35.04 -8.95
C ILE A 177 19.87 -36.13 -7.99
N LEU A 178 20.74 -37.02 -8.44
CA LEU A 178 21.15 -38.13 -7.59
C LEU A 178 22.15 -37.69 -6.53
N LYS A 179 22.94 -36.65 -6.82
CA LYS A 179 23.88 -36.05 -5.89
C LYS A 179 24.94 -37.04 -5.39
N THR A 180 25.23 -38.09 -6.15
CA THR A 180 26.29 -39.03 -5.79
C THR A 180 26.83 -39.67 -7.05
N HIS A 181 28.13 -39.95 -7.06
CA HIS A 181 28.75 -40.56 -8.23
C HIS A 181 28.40 -42.03 -8.36
N ILE A 182 28.27 -42.73 -7.23
CA ILE A 182 28.01 -44.17 -7.27
C ILE A 182 26.58 -44.41 -7.76
N ALA A 183 26.41 -45.47 -8.55
CA ALA A 183 25.09 -45.81 -9.08
C ALA A 183 24.86 -47.32 -9.05
N HIS A 184 25.45 -48.03 -8.09
CA HIS A 184 25.19 -49.44 -7.90
C HIS A 184 24.90 -49.70 -6.43
N TRP A 185 23.90 -50.53 -6.18
CA TRP A 185 23.47 -50.87 -4.84
C TRP A 185 23.51 -52.39 -4.67
N TRP A 186 24.11 -52.83 -3.57
CA TRP A 186 24.20 -54.25 -3.27
C TRP A 186 22.92 -54.73 -2.60
N SER A 187 22.53 -55.96 -2.94
CA SER A 187 21.41 -56.58 -2.26
C SER A 187 21.78 -56.87 -0.82
N PRO A 188 20.80 -56.92 0.09
CA PRO A 188 21.12 -57.20 1.50
C PRO A 188 21.87 -58.50 1.71
N ASP A 189 21.58 -59.52 0.91
CA ASP A 189 22.32 -60.77 0.97
C ASP A 189 23.61 -60.72 0.16
N GLY A 190 23.84 -59.64 -0.59
CA GLY A 190 24.99 -59.56 -1.46
C GLY A 190 24.97 -60.59 -2.57
N THR A 191 23.80 -60.86 -3.13
CA THR A 191 23.64 -61.83 -4.20
C THR A 191 23.37 -61.19 -5.56
N ARG A 192 22.76 -60.00 -5.58
CA ARG A 192 22.49 -59.30 -6.81
C ARG A 192 22.80 -57.82 -6.63
N LEU A 193 23.13 -57.16 -7.75
CA LEU A 193 23.52 -55.76 -7.77
C LEU A 193 22.55 -54.99 -8.67
N ALA A 194 22.08 -53.86 -8.18
CA ALA A 194 21.16 -53.00 -8.93
C ALA A 194 21.92 -51.77 -9.41
N TYR A 195 22.01 -51.60 -10.72
CA TYR A 195 22.74 -50.49 -11.31
C TYR A 195 21.89 -49.82 -12.39
N ALA A 196 22.10 -48.52 -12.55
CA ALA A 196 21.36 -47.71 -13.51
C ALA A 196 22.22 -47.50 -14.74
N ALA A 197 21.71 -47.92 -15.90
CA ALA A 197 22.34 -47.67 -17.18
C ALA A 197 21.85 -46.34 -17.73
N ILE A 198 22.74 -45.37 -17.84
CA ILE A 198 22.45 -44.05 -18.36
C ILE A 198 22.98 -43.97 -19.79
N ASN A 199 22.08 -43.72 -20.74
CA ASN A 199 22.41 -43.64 -22.15
C ASN A 199 22.43 -42.17 -22.55
N ASP A 200 23.55 -41.75 -23.15
CA ASP A 200 23.75 -40.39 -23.62
C ASP A 200 23.80 -40.30 -25.15
N SER A 201 23.32 -41.34 -25.84
CA SER A 201 23.36 -41.31 -27.30
C SER A 201 22.52 -40.16 -27.85
N ARG A 202 21.36 -39.91 -27.26
CA ARG A 202 20.47 -38.85 -27.70
C ARG A 202 20.57 -37.59 -26.84
N VAL A 203 21.76 -37.27 -26.37
CA VAL A 203 21.99 -36.13 -25.47
C VAL A 203 22.90 -35.13 -26.19
N PRO A 204 22.59 -33.85 -26.16
CA PRO A 204 23.46 -32.87 -26.82
C PRO A 204 24.83 -32.82 -26.15
N ILE A 205 25.82 -32.32 -26.90
CA ILE A 205 27.21 -32.32 -26.49
C ILE A 205 27.73 -30.89 -26.50
N MET A 206 28.58 -30.56 -25.52
CA MET A 206 29.25 -29.28 -25.47
C MET A 206 30.75 -29.51 -25.28
N GLU A 207 31.55 -28.68 -25.96
CA GLU A 207 32.99 -28.78 -25.93
C GLU A 207 33.55 -27.69 -25.03
N LEU A 208 34.21 -28.10 -23.96
CA LEU A 208 34.86 -27.13 -23.08
C LEU A 208 36.19 -26.72 -23.68
N PRO A 209 36.48 -25.42 -23.72
CA PRO A 209 37.75 -24.96 -24.32
C PRO A 209 38.94 -25.34 -23.46
N THR A 210 40.07 -25.55 -24.13
CA THR A 210 41.34 -25.82 -23.46
C THR A 210 42.36 -24.80 -23.93
N TYR A 211 43.05 -24.18 -22.98
CA TYR A 211 44.03 -23.16 -23.32
C TYR A 211 45.42 -23.48 -22.80
N THR A 212 45.65 -24.67 -22.25
CA THR A 212 46.94 -25.01 -21.67
C THR A 212 47.40 -26.41 -22.04
N GLY A 213 46.60 -27.17 -22.80
CA GLY A 213 46.93 -28.56 -23.05
C GLY A 213 48.27 -28.74 -23.73
N SER A 214 48.53 -27.97 -24.78
CA SER A 214 49.77 -28.10 -25.52
C SER A 214 49.96 -26.84 -26.37
N ILE A 215 50.94 -26.90 -27.28
CA ILE A 215 51.07 -25.86 -28.30
C ILE A 215 49.81 -25.81 -29.14
N TYR A 216 49.12 -26.94 -29.28
CA TYR A 216 47.89 -27.02 -30.03
C TYR A 216 46.78 -27.63 -29.19
N PRO A 217 46.26 -26.91 -28.21
CA PRO A 217 45.19 -27.47 -27.37
C PRO A 217 43.89 -27.62 -28.15
N THR A 218 43.10 -28.61 -27.76
CA THR A 218 41.80 -28.88 -28.35
C THR A 218 40.74 -28.97 -27.26
N VAL A 219 39.49 -28.74 -27.66
CA VAL A 219 38.38 -28.75 -26.72
C VAL A 219 38.13 -30.17 -26.24
N LYS A 220 37.60 -30.29 -25.01
CA LYS A 220 37.20 -31.59 -24.48
C LYS A 220 35.69 -31.70 -24.50
N PRO A 221 35.11 -32.71 -25.15
CA PRO A 221 33.65 -32.78 -25.25
C PRO A 221 33.01 -33.58 -24.12
N TYR A 222 31.87 -33.09 -23.65
CA TYR A 222 31.07 -33.84 -22.69
C TYR A 222 29.61 -33.47 -22.90
N HIS A 223 28.73 -34.37 -22.46
CA HIS A 223 27.30 -34.23 -22.73
C HIS A 223 26.65 -33.42 -21.62
N TYR A 224 26.27 -32.18 -21.94
CA TYR A 224 25.60 -31.29 -21.00
C TYR A 224 24.23 -30.97 -21.58
N PRO A 225 23.19 -31.68 -21.16
CA PRO A 225 21.84 -31.40 -21.66
C PRO A 225 21.31 -30.09 -21.09
N LYS A 226 21.09 -29.11 -21.96
CA LYS A 226 20.61 -27.80 -21.55
C LYS A 226 19.13 -27.87 -21.17
N ALA A 227 18.58 -26.71 -20.85
CA ALA A 227 17.16 -26.63 -20.50
C ALA A 227 16.30 -26.92 -21.73
N GLY A 228 15.39 -27.87 -21.58
CA GLY A 228 14.50 -28.25 -22.67
C GLY A 228 15.11 -29.17 -23.70
N SER A 229 16.37 -29.55 -23.56
CA SER A 229 17.01 -30.46 -24.50
C SER A 229 16.72 -31.90 -24.08
N GLU A 230 17.26 -32.86 -24.83
CA GLU A 230 17.00 -34.27 -24.59
C GLU A 230 17.90 -34.78 -23.47
N ASN A 231 17.28 -35.17 -22.36
CA ASN A 231 18.00 -35.65 -21.19
C ASN A 231 18.53 -37.06 -21.41
N PRO A 232 19.55 -37.47 -20.65
CA PRO A 232 20.01 -38.86 -20.72
C PRO A 232 18.91 -39.82 -20.31
N SER A 233 18.84 -40.95 -21.01
CA SER A 233 17.80 -41.93 -20.76
C SER A 233 18.29 -42.97 -19.76
N ILE A 234 17.54 -43.17 -18.69
CA ILE A 234 17.93 -44.07 -17.62
C ILE A 234 17.10 -45.33 -17.67
N SER A 235 17.78 -46.48 -17.60
CA SER A 235 17.16 -47.76 -17.37
C SER A 235 17.77 -48.37 -16.11
N LEU A 236 17.06 -49.29 -15.49
CA LEU A 236 17.54 -49.93 -14.27
C LEU A 236 17.76 -51.41 -14.55
N HIS A 237 18.77 -52.00 -13.93
CA HIS A 237 19.14 -53.38 -14.17
C HIS A 237 19.58 -54.04 -12.87
N VAL A 238 19.36 -55.36 -12.80
CA VAL A 238 19.83 -56.18 -11.70
C VAL A 238 20.63 -57.34 -12.26
N ILE A 239 21.85 -57.51 -11.78
CA ILE A 239 22.74 -58.59 -12.19
C ILE A 239 22.97 -59.51 -11.02
N GLY A 240 22.77 -60.81 -11.22
CA GLY A 240 23.10 -61.78 -10.21
C GLY A 240 24.60 -61.91 -10.03
N LEU A 241 25.00 -62.40 -8.86
CA LEU A 241 26.40 -62.63 -8.56
C LEU A 241 26.76 -64.10 -8.53
N ASN A 242 25.90 -64.96 -9.07
CA ASN A 242 26.15 -66.39 -9.11
C ASN A 242 25.45 -66.98 -10.33
N GLY A 243 25.95 -68.14 -10.76
CA GLY A 243 25.41 -68.82 -11.90
C GLY A 243 25.58 -68.04 -13.19
N PRO A 244 24.57 -68.07 -14.05
CA PRO A 244 24.64 -67.30 -15.31
C PRO A 244 24.73 -65.80 -15.10
N THR A 245 24.29 -65.30 -13.95
CA THR A 245 24.30 -63.86 -13.64
C THR A 245 23.54 -63.06 -14.70
N HIS A 246 22.40 -63.63 -15.12
CA HIS A 246 21.58 -62.98 -16.13
C HIS A 246 20.98 -61.69 -15.58
N ASP A 247 21.01 -60.64 -16.41
CA ASP A 247 20.50 -59.33 -16.03
C ASP A 247 19.00 -59.26 -16.25
N LEU A 248 18.32 -58.50 -15.39
CA LEU A 248 16.90 -58.24 -15.52
C LEU A 248 16.64 -56.75 -15.28
N GLU A 249 15.70 -56.20 -16.03
CA GLU A 249 15.34 -54.79 -15.92
C GLU A 249 13.92 -54.66 -15.38
N MET A 250 13.68 -53.56 -14.67
CA MET A 250 12.37 -53.28 -14.08
C MET A 250 11.68 -52.21 -14.90
N MET A 251 10.46 -52.51 -15.33
CA MET A 251 9.69 -51.58 -16.14
C MET A 251 9.22 -50.40 -15.29
N PRO A 252 9.38 -49.16 -15.74
CA PRO A 252 8.90 -48.01 -14.96
C PRO A 252 7.40 -47.85 -15.12
N PRO A 253 6.77 -47.01 -14.30
CA PRO A 253 5.35 -46.71 -14.49
C PRO A 253 5.10 -46.03 -15.83
N ASP A 254 3.92 -46.27 -16.39
CA ASP A 254 3.56 -45.81 -17.73
C ASP A 254 2.50 -44.71 -17.69
N ASP A 255 2.61 -43.78 -16.75
CA ASP A 255 1.65 -42.69 -16.67
C ASP A 255 1.75 -41.81 -17.92
N PRO A 256 0.61 -41.36 -18.47
CA PRO A 256 0.66 -40.54 -19.69
C PRO A 256 1.36 -39.21 -19.51
N ARG A 257 1.27 -38.60 -18.32
CA ARG A 257 1.93 -37.34 -18.04
C ARG A 257 3.40 -37.51 -17.69
N MET A 258 3.91 -38.74 -17.73
CA MET A 258 5.23 -39.11 -17.24
C MET A 258 6.00 -39.84 -18.34
N ARG A 259 6.01 -39.26 -19.54
CA ARG A 259 6.67 -39.91 -20.66
C ARG A 259 8.18 -40.02 -20.44
N GLU A 260 8.80 -38.97 -19.92
CA GLU A 260 10.23 -38.96 -19.62
C GLU A 260 10.41 -39.00 -18.11
N TYR A 261 11.25 -39.92 -17.65
CA TYR A 261 11.36 -40.23 -16.22
C TYR A 261 12.82 -40.40 -15.83
N TYR A 262 13.06 -40.22 -14.54
CA TYR A 262 14.38 -40.40 -13.94
C TYR A 262 14.25 -41.26 -12.69
N ILE A 263 15.33 -41.96 -12.35
CA ILE A 263 15.38 -42.77 -11.14
C ILE A 263 16.00 -41.90 -10.05
N THR A 264 15.15 -41.28 -9.23
CA THR A 264 15.66 -40.35 -8.22
C THR A 264 16.26 -41.09 -7.04
N MET A 265 15.69 -42.24 -6.68
CA MET A 265 16.12 -42.97 -5.50
C MET A 265 15.80 -44.45 -5.69
N VAL A 266 16.73 -45.30 -5.27
CA VAL A 266 16.55 -46.74 -5.30
C VAL A 266 17.21 -47.33 -4.06
N LYS A 267 16.55 -48.29 -3.43
CA LYS A 267 17.08 -48.96 -2.24
C LYS A 267 16.51 -50.36 -2.18
N TRP A 268 17.38 -51.33 -1.89
CA TRP A 268 16.96 -52.72 -1.73
C TRP A 268 16.05 -52.82 -0.51
N ALA A 269 14.74 -52.98 -0.73
CA ALA A 269 13.83 -53.22 0.37
C ALA A 269 14.12 -54.55 1.05
N THR A 270 14.29 -55.59 0.25
CA THR A 270 14.68 -56.91 0.74
C THR A 270 15.76 -57.45 -0.18
N SER A 271 16.09 -58.73 -0.02
CA SER A 271 17.07 -59.36 -0.89
C SER A 271 16.48 -59.69 -2.25
N THR A 272 15.16 -59.59 -2.41
CA THR A 272 14.49 -59.91 -3.67
C THR A 272 13.51 -58.84 -4.11
N LYS A 273 13.02 -57.99 -3.21
CA LYS A 273 12.13 -56.88 -3.55
C LYS A 273 12.86 -55.57 -3.31
N VAL A 274 12.84 -54.68 -4.30
CA VAL A 274 13.58 -53.43 -4.26
C VAL A 274 12.63 -52.27 -4.54
N ALA A 275 12.83 -51.17 -3.82
CA ALA A 275 12.00 -49.98 -3.98
C ALA A 275 12.73 -48.97 -4.85
N VAL A 276 12.03 -48.47 -5.87
CA VAL A 276 12.59 -47.52 -6.84
C VAL A 276 11.64 -46.33 -6.95
N THR A 277 12.20 -45.13 -6.98
CA THR A 277 11.43 -43.91 -7.12
C THR A 277 11.66 -43.33 -8.52
N TRP A 278 10.58 -43.22 -9.29
CA TRP A 278 10.62 -42.70 -10.64
C TRP A 278 9.90 -41.36 -10.68
N LEU A 279 10.54 -40.35 -11.25
CA LEU A 279 10.00 -39.00 -11.31
C LEU A 279 9.93 -38.52 -12.75
N ASN A 280 8.82 -37.86 -13.09
CA ASN A 280 8.63 -37.36 -14.45
C ASN A 280 9.67 -36.29 -14.77
N ARG A 281 9.83 -36.01 -16.07
CA ARG A 281 10.73 -34.93 -16.49
C ARG A 281 10.25 -33.59 -15.96
N ALA A 282 8.94 -33.39 -15.88
CA ALA A 282 8.40 -32.17 -15.28
C ALA A 282 8.69 -32.10 -13.79
N GLN A 283 9.11 -33.22 -13.17
CA GLN A 283 9.54 -33.25 -11.78
C GLN A 283 8.41 -32.86 -10.84
N ASN A 284 7.17 -33.01 -11.31
CA ASN A 284 5.99 -32.76 -10.52
C ASN A 284 5.15 -34.02 -10.29
N VAL A 285 5.61 -35.18 -10.74
CA VAL A 285 4.93 -36.44 -10.52
C VAL A 285 5.97 -37.49 -10.16
N SER A 286 5.93 -37.95 -8.91
CA SER A 286 6.85 -38.98 -8.42
C SER A 286 6.07 -40.21 -8.01
N ILE A 287 6.63 -41.38 -8.27
CA ILE A 287 5.99 -42.65 -7.95
C ILE A 287 7.02 -43.59 -7.32
N LEU A 288 6.70 -44.11 -6.15
CA LEU A 288 7.51 -45.12 -5.47
C LEU A 288 6.92 -46.49 -5.77
N THR A 289 7.75 -47.40 -6.29
CA THR A 289 7.31 -48.69 -6.78
C THR A 289 8.20 -49.79 -6.22
N LEU A 290 7.59 -50.89 -5.81
CA LEU A 290 8.31 -52.06 -5.33
C LEU A 290 8.32 -53.11 -6.44
N CYS A 291 9.51 -53.60 -6.79
CA CYS A 291 9.69 -54.51 -7.91
C CYS A 291 10.49 -55.73 -7.48
N ASP A 292 10.16 -56.87 -8.07
CA ASP A 292 10.92 -58.09 -7.85
C ASP A 292 12.28 -57.99 -8.52
N ALA A 293 13.33 -58.36 -7.78
CA ALA A 293 14.68 -58.27 -8.35
C ALA A 293 14.94 -59.38 -9.36
N THR A 294 14.51 -60.60 -9.06
CA THR A 294 14.76 -61.72 -9.95
C THR A 294 13.76 -61.83 -11.09
N THR A 295 12.77 -60.97 -11.14
CA THR A 295 11.77 -60.99 -12.19
C THR A 295 11.64 -59.65 -12.91
N GLY A 296 11.77 -58.54 -12.18
CA GLY A 296 11.62 -57.23 -12.77
C GLY A 296 10.21 -56.69 -12.78
N VAL A 297 9.22 -57.46 -12.36
CA VAL A 297 7.85 -56.98 -12.33
C VAL A 297 7.70 -55.92 -11.26
N CYS A 298 7.15 -54.78 -11.63
CA CYS A 298 7.04 -53.62 -10.75
C CYS A 298 5.59 -53.44 -10.33
N THR A 299 5.38 -53.26 -9.03
CA THR A 299 4.05 -53.01 -8.47
C THR A 299 4.04 -51.63 -7.84
N LYS A 300 3.26 -50.72 -8.40
CA LYS A 300 3.20 -49.36 -7.90
C LYS A 300 2.72 -49.33 -6.46
N LYS A 301 3.37 -48.49 -5.64
CA LYS A 301 3.05 -48.38 -4.22
C LYS A 301 2.52 -47.02 -3.82
N HIS A 302 3.27 -45.95 -4.10
CA HIS A 302 2.89 -44.62 -3.63
C HIS A 302 3.09 -43.61 -4.74
N GLU A 303 2.34 -42.51 -4.67
CA GLU A 303 2.46 -41.43 -5.64
C GLU A 303 2.44 -40.10 -4.92
N ASP A 304 3.07 -39.10 -5.53
CA ASP A 304 3.09 -37.74 -5.00
C ASP A 304 3.13 -36.75 -6.16
N GLU A 305 2.22 -35.78 -6.11
CA GLU A 305 2.13 -34.79 -7.18
C GLU A 305 1.88 -33.41 -6.55
N SER A 306 2.57 -32.42 -7.09
CA SER A 306 2.39 -31.04 -6.67
C SER A 306 2.37 -30.15 -7.90
N GLU A 307 1.70 -29.00 -7.76
CA GLU A 307 1.53 -28.10 -8.90
C GLU A 307 2.86 -27.50 -9.35
N ALA A 308 3.80 -27.30 -8.43
CA ALA A 308 5.08 -26.71 -8.78
C ALA A 308 6.14 -27.77 -9.08
N TRP A 309 6.43 -28.63 -8.11
CA TRP A 309 7.42 -29.70 -8.28
C TRP A 309 7.39 -30.56 -7.03
N LEU A 310 8.28 -31.55 -7.00
CA LEU A 310 8.51 -32.38 -5.82
C LEU A 310 9.93 -32.15 -5.30
N HIS A 311 10.11 -32.32 -4.00
CA HIS A 311 11.36 -31.98 -3.33
C HIS A 311 11.82 -33.15 -2.47
N ARG A 312 13.14 -33.34 -2.43
CA ARG A 312 13.77 -34.37 -1.62
C ARG A 312 13.34 -35.77 -2.05
N GLN A 313 13.33 -36.00 -3.36
CA GLN A 313 13.08 -37.32 -3.93
C GLN A 313 14.20 -38.30 -3.62
N ASN A 314 15.33 -37.82 -3.13
CA ASN A 314 16.47 -38.65 -2.76
C ASN A 314 16.27 -39.36 -1.43
N GLU A 315 15.19 -39.06 -0.71
CA GLU A 315 15.00 -39.62 0.62
C GLU A 315 14.97 -41.14 0.57
N GLU A 316 15.83 -41.77 1.37
CA GLU A 316 15.95 -43.22 1.39
C GLU A 316 14.90 -43.80 2.33
N PRO A 317 14.10 -44.78 1.89
CA PRO A 317 13.05 -45.32 2.75
C PRO A 317 13.63 -46.17 3.86
N VAL A 318 12.83 -46.39 4.90
CA VAL A 318 13.18 -47.27 6.01
C VAL A 318 12.32 -48.51 5.93
N PHE A 319 12.94 -49.64 5.65
CA PHE A 319 12.25 -50.92 5.55
C PHE A 319 12.53 -51.79 6.76
N SER A 320 11.75 -52.86 6.88
CA SER A 320 11.87 -53.78 7.99
C SER A 320 12.64 -55.04 7.58
N LYS A 321 12.80 -55.94 8.55
CA LYS A 321 13.49 -57.20 8.28
C LYS A 321 12.64 -58.13 7.42
N ASP A 322 11.32 -58.05 7.56
CA ASP A 322 10.40 -58.91 6.82
C ASP A 322 9.74 -58.19 5.65
N GLY A 323 10.16 -56.97 5.35
CA GLY A 323 9.53 -56.21 4.27
C GLY A 323 8.11 -55.83 4.54
N ARG A 324 7.80 -55.43 5.78
CA ARG A 324 6.46 -55.00 6.15
C ARG A 324 6.34 -53.50 5.89
N LYS A 325 5.31 -52.88 6.48
CA LYS A 325 5.11 -51.44 6.40
C LYS A 325 6.43 -50.69 6.55
N PHE A 326 6.64 -49.71 5.69
CA PHE A 326 7.87 -48.92 5.64
C PHE A 326 7.56 -47.46 5.98
N PHE A 327 8.63 -46.71 6.19
CA PHE A 327 8.56 -45.33 6.64
C PHE A 327 8.92 -44.40 5.48
N PHE A 328 8.15 -43.33 5.32
CA PHE A 328 8.29 -42.39 4.22
C PHE A 328 8.22 -40.98 4.78
N ILE A 329 8.75 -40.02 4.03
CA ILE A 329 8.65 -38.61 4.37
C ILE A 329 7.80 -37.92 3.33
N ARG A 330 6.66 -37.38 3.76
CA ARG A 330 5.72 -36.78 2.82
C ARG A 330 5.33 -35.39 3.31
N ALA A 331 5.10 -34.49 2.36
CA ALA A 331 4.64 -33.14 2.65
C ALA A 331 3.12 -33.18 2.83
N ILE A 332 2.69 -33.60 4.01
CA ILE A 332 1.27 -33.69 4.34
C ILE A 332 0.75 -32.26 4.56
N PRO A 333 -0.52 -31.99 4.26
CA PRO A 333 -0.99 -30.59 4.35
C PRO A 333 -0.80 -29.95 5.71
N GLN A 334 -0.93 -30.72 6.80
CA GLN A 334 -0.65 -30.24 8.14
C GLN A 334 -1.44 -28.98 8.48
N GLY A 335 -2.70 -28.95 8.04
CA GLY A 335 -3.55 -27.81 8.31
C GLY A 335 -3.00 -26.54 7.70
N GLY A 336 -2.85 -25.50 8.52
CA GLY A 336 -2.42 -24.20 8.06
C GLY A 336 -0.91 -24.09 7.94
N ARG A 337 -0.48 -22.91 7.50
CA ARG A 337 0.94 -22.60 7.28
C ARG A 337 1.56 -23.58 6.29
N GLY A 338 0.77 -24.00 5.30
CA GLY A 338 1.26 -24.86 4.23
C GLY A 338 1.53 -26.28 4.65
N LYS A 339 1.87 -27.14 3.68
CA LYS A 339 2.19 -28.53 3.96
C LYS A 339 3.59 -28.63 4.55
N PHE A 340 3.80 -29.70 5.33
CA PHE A 340 5.06 -29.91 6.03
C PHE A 340 5.49 -31.37 5.89
N TYR A 341 6.79 -31.59 5.99
CA TYR A 341 7.37 -32.93 5.87
C TYR A 341 7.14 -33.70 7.17
N HIS A 342 6.60 -34.91 7.06
CA HIS A 342 6.36 -35.74 8.23
C HIS A 342 6.45 -37.21 7.83
N ILE A 343 6.67 -38.05 8.84
CA ILE A 343 6.84 -39.48 8.63
C ILE A 343 5.48 -40.14 8.43
N THR A 344 5.41 -41.06 7.49
CA THR A 344 4.20 -41.78 7.15
C THR A 344 4.50 -43.27 7.09
N VAL A 345 3.59 -44.08 7.64
CA VAL A 345 3.71 -45.53 7.62
C VAL A 345 2.87 -46.06 6.47
N SER A 346 3.49 -46.83 5.58
CA SER A 346 2.79 -47.46 4.47
C SER A 346 2.86 -48.97 4.60
N SER A 347 1.70 -49.63 4.54
CA SER A 347 1.65 -51.06 4.74
C SER A 347 2.48 -51.79 3.68
N SER A 348 2.76 -53.07 3.96
CA SER A 348 3.60 -53.86 3.07
C SER A 348 2.97 -53.98 1.68
N GLN A 349 1.68 -54.26 1.62
CA GLN A 349 0.95 -54.38 0.35
C GLN A 349 -0.35 -53.58 0.46
N PRO A 350 -0.27 -52.26 0.31
CA PRO A 350 -1.49 -51.45 0.35
C PRO A 350 -2.42 -51.81 -0.80
N ASN A 351 -3.72 -51.67 -0.55
CA ASN A 351 -4.71 -52.03 -1.56
C ASN A 351 -4.67 -51.05 -2.73
N SER A 352 -5.09 -51.54 -3.90
CA SER A 352 -5.09 -50.72 -5.10
C SER A 352 -6.07 -49.57 -5.02
N SER A 353 -7.20 -49.74 -4.34
CA SER A 353 -8.17 -48.66 -4.21
C SER A 353 -7.62 -47.52 -3.38
N ASN A 354 -7.26 -47.79 -2.13
CA ASN A 354 -6.69 -46.80 -1.25
C ASN A 354 -5.51 -47.41 -0.50
N ASP A 355 -4.59 -46.55 -0.10
CA ASP A 355 -3.39 -46.97 0.61
C ASP A 355 -3.65 -47.04 2.11
N ASN A 356 -2.56 -47.18 2.88
CA ASN A 356 -2.60 -47.21 4.33
C ASN A 356 -1.86 -46.02 4.91
N ILE A 357 -2.10 -44.83 4.35
CA ILE A 357 -1.41 -43.62 4.79
C ILE A 357 -1.71 -43.34 6.25
N GLN A 358 -0.66 -43.00 7.00
CA GLN A 358 -0.80 -42.69 8.42
C GLN A 358 0.43 -41.89 8.85
N SER A 359 0.22 -40.62 9.21
CA SER A 359 1.33 -39.77 9.62
C SER A 359 1.71 -40.05 11.07
N ILE A 360 3.01 -40.00 11.35
CA ILE A 360 3.54 -40.18 12.69
C ILE A 360 3.82 -38.86 13.37
N THR A 361 4.73 -38.06 12.81
CA THR A 361 5.09 -36.77 13.38
C THR A 361 4.12 -35.71 12.90
N SER A 362 3.96 -34.67 13.71
CA SER A 362 3.04 -33.58 13.39
C SER A 362 3.58 -32.28 13.97
N GLY A 363 3.16 -31.17 13.37
CA GLY A 363 3.56 -29.85 13.81
C GLY A 363 4.09 -29.01 12.67
N ASP A 364 4.37 -27.75 12.98
CA ASP A 364 4.92 -26.82 12.00
C ASP A 364 6.45 -26.96 11.93
N TRP A 365 6.87 -28.17 11.59
CA TRP A 365 8.28 -28.51 11.49
C TRP A 365 8.42 -29.73 10.59
N ASP A 366 9.65 -30.06 10.25
CA ASP A 366 9.94 -31.12 9.30
C ASP A 366 11.04 -32.03 9.80
N VAL A 367 11.03 -33.26 9.31
CA VAL A 367 12.09 -34.23 9.58
C VAL A 367 13.08 -34.17 8.41
N THR A 368 14.33 -33.82 8.71
CA THR A 368 15.34 -33.73 7.66
C THR A 368 15.62 -35.11 7.07
N LYS A 369 15.82 -36.11 7.91
CA LYS A 369 16.06 -37.47 7.43
C LYS A 369 15.84 -38.43 8.58
N ILE A 370 15.24 -39.59 8.28
CA ILE A 370 14.97 -40.60 9.29
C ILE A 370 16.23 -41.41 9.54
N LEU A 371 16.72 -41.40 10.78
CA LEU A 371 17.94 -42.12 11.11
C LEU A 371 17.74 -43.62 10.95
N ALA A 372 16.85 -44.20 11.74
CA ALA A 372 16.67 -45.65 11.70
C ALA A 372 15.38 -46.03 12.42
N TYR A 373 15.05 -47.33 12.34
CA TYR A 373 13.84 -47.88 12.93
C TYR A 373 14.16 -49.24 13.55
N ASP A 374 13.65 -49.47 14.76
CA ASP A 374 13.90 -50.72 15.48
C ASP A 374 12.66 -51.58 15.47
N GLU A 375 12.80 -52.82 14.98
CA GLU A 375 11.70 -53.77 15.00
C GLU A 375 11.43 -54.34 16.40
N LYS A 376 12.41 -54.29 17.29
CA LYS A 376 12.26 -54.83 18.65
C LYS A 376 11.63 -53.76 19.53
N GLY A 377 10.36 -53.46 19.24
CA GLY A 377 9.65 -52.44 19.98
C GLY A 377 9.17 -51.30 19.09
N ASN A 378 9.28 -50.07 19.59
CA ASN A 378 8.83 -48.90 18.84
C ASN A 378 9.85 -47.78 19.05
N LYS A 379 10.82 -47.69 18.13
CA LYS A 379 11.86 -46.67 18.22
C LYS A 379 12.28 -46.29 16.82
N ILE A 380 11.82 -45.12 16.36
CA ILE A 380 12.26 -44.56 15.09
C ILE A 380 13.00 -43.26 15.40
N TYR A 381 14.29 -43.23 15.06
CA TYR A 381 15.14 -42.08 15.30
C TYR A 381 15.33 -41.29 14.01
N PHE A 382 15.34 -39.97 14.15
CA PHE A 382 15.49 -39.08 13.00
C PHE A 382 16.02 -37.74 13.51
N LEU A 383 16.40 -36.88 12.57
CA LEU A 383 16.82 -35.51 12.86
C LEU A 383 15.72 -34.56 12.37
N SER A 384 15.46 -33.51 13.13
CA SER A 384 14.41 -32.57 12.76
C SER A 384 14.74 -31.18 13.29
N THR A 385 14.07 -30.18 12.70
CA THR A 385 14.20 -28.78 13.08
C THR A 385 13.05 -28.34 13.97
N GLU A 386 12.57 -29.24 14.84
CA GLU A 386 11.46 -28.89 15.72
C GLU A 386 11.83 -27.77 16.67
N ASP A 387 13.05 -27.81 17.21
CA ASP A 387 13.51 -26.73 18.08
C ASP A 387 13.56 -25.41 17.33
N LEU A 388 14.44 -25.31 16.33
CA LEU A 388 14.56 -24.14 15.49
C LEU A 388 14.89 -24.57 14.07
N PRO A 389 14.49 -23.80 13.06
CA PRO A 389 14.88 -24.14 11.68
C PRO A 389 16.38 -24.11 11.45
N ARG A 390 17.13 -23.42 12.30
CA ARG A 390 18.58 -23.37 12.19
C ARG A 390 19.28 -24.33 13.14
N ARG A 391 18.56 -25.28 13.71
CA ARG A 391 19.14 -26.32 14.56
C ARG A 391 18.60 -27.68 14.16
N ARG A 392 19.40 -28.72 14.38
CA ARG A 392 19.00 -30.10 14.14
C ARG A 392 19.04 -30.87 15.45
N GLN A 393 17.92 -31.49 15.79
CA GLN A 393 17.80 -32.24 17.04
C GLN A 393 17.33 -33.66 16.74
N LEU A 394 17.81 -34.60 17.56
CA LEU A 394 17.46 -36.00 17.40
C LEU A 394 16.15 -36.30 18.12
N TYR A 395 15.20 -36.86 17.39
CA TYR A 395 13.90 -37.21 17.94
C TYR A 395 13.61 -38.68 17.65
N SER A 396 13.10 -39.37 18.67
CA SER A 396 12.70 -40.77 18.55
C SER A 396 11.20 -40.88 18.82
N ALA A 397 10.48 -41.42 17.85
CA ALA A 397 9.04 -41.64 17.96
C ALA A 397 8.77 -43.13 18.03
N ASN A 398 7.49 -43.47 18.21
CA ASN A 398 7.04 -44.85 18.35
C ASN A 398 6.04 -45.18 17.25
N THR A 399 6.22 -46.34 16.63
CA THR A 399 5.30 -46.79 15.59
C THR A 399 3.93 -47.14 16.14
N VAL A 400 3.83 -47.41 17.44
CA VAL A 400 2.53 -47.66 18.06
C VAL A 400 1.68 -46.40 18.01
N GLY A 401 0.36 -46.59 18.00
CA GLY A 401 -0.59 -45.50 17.87
C GLY A 401 -0.41 -44.33 18.82
N ASN A 402 0.35 -44.53 19.90
CA ASN A 402 0.63 -43.43 20.82
C ASN A 402 1.42 -42.32 20.14
N PHE A 403 2.44 -42.70 19.36
CA PHE A 403 3.29 -41.73 18.64
C PHE A 403 3.94 -40.75 19.59
N ASN A 404 4.76 -41.27 20.52
CA ASN A 404 5.48 -40.42 21.46
C ASN A 404 6.86 -40.10 20.90
N ARG A 405 7.06 -38.84 20.51
CA ARG A 405 8.32 -38.39 19.95
C ARG A 405 9.22 -37.89 21.07
N GLN A 406 10.31 -38.59 21.32
CA GLN A 406 11.24 -38.27 22.40
C GLN A 406 12.48 -37.59 21.84
N CYS A 407 12.80 -36.41 22.36
CA CYS A 407 14.05 -35.74 22.05
C CYS A 407 15.16 -36.36 22.91
N LEU A 408 16.18 -36.91 22.26
CA LEU A 408 17.29 -37.51 22.99
C LEU A 408 18.47 -36.55 23.11
N SER A 409 18.79 -35.82 22.03
CA SER A 409 19.91 -34.89 22.08
C SER A 409 19.55 -33.66 22.90
N CYS A 410 18.56 -32.89 22.45
CA CYS A 410 18.12 -31.68 23.13
C CYS A 410 19.29 -30.79 23.49
N ASP A 411 19.83 -30.99 24.69
CA ASP A 411 20.94 -30.21 25.23
C ASP A 411 21.97 -31.12 25.90
N LEU A 412 22.35 -32.20 25.22
CA LEU A 412 23.34 -33.12 25.79
C LEU A 412 24.63 -32.40 26.13
N VAL A 413 25.09 -31.51 25.25
CA VAL A 413 26.23 -30.64 25.51
C VAL A 413 25.79 -29.22 25.19
N GLU A 414 26.19 -28.27 26.05
CA GLU A 414 25.75 -26.89 25.87
C GLU A 414 26.22 -26.31 24.54
N ASN A 415 27.48 -26.52 24.19
CA ASN A 415 28.03 -25.99 22.95
C ASN A 415 27.81 -26.96 21.79
N CYS A 416 26.58 -27.45 21.64
CA CYS A 416 26.24 -28.41 20.59
C CYS A 416 24.75 -28.27 20.32
N THR A 417 24.40 -27.58 19.23
CA THR A 417 23.00 -27.48 18.81
C THR A 417 22.72 -28.33 17.57
N TYR A 418 23.53 -28.18 16.52
CA TYR A 418 23.46 -29.10 15.40
C TYR A 418 23.92 -30.48 15.85
N PHE A 419 23.36 -31.52 15.21
CA PHE A 419 23.64 -32.87 15.63
C PHE A 419 23.63 -33.80 14.42
N SER A 420 24.46 -34.85 14.49
CA SER A 420 24.49 -35.90 13.49
C SER A 420 24.71 -37.22 14.20
N ALA A 421 23.68 -38.06 14.22
CA ALA A 421 23.70 -39.31 14.97
C ALA A 421 23.60 -40.48 14.00
N SER A 422 24.46 -41.47 14.20
CA SER A 422 24.51 -42.67 13.36
C SER A 422 24.44 -43.89 14.27
N PHE A 423 23.36 -44.67 14.14
CA PHE A 423 23.10 -45.78 15.03
C PHE A 423 23.64 -47.09 14.47
N SER A 424 23.82 -48.07 15.35
CA SER A 424 24.38 -49.35 14.98
C SER A 424 23.28 -50.26 14.43
N HIS A 425 23.65 -51.53 14.17
CA HIS A 425 22.68 -52.50 13.69
C HIS A 425 21.58 -52.74 14.70
N SER A 426 21.93 -52.92 15.97
CA SER A 426 20.95 -53.12 17.03
C SER A 426 20.55 -51.81 17.70
N MET A 427 21.09 -50.68 17.24
CA MET A 427 20.59 -49.35 17.59
C MET A 427 20.83 -49.01 19.06
N ASP A 428 21.42 -49.94 19.81
CA ASP A 428 21.66 -49.68 21.23
C ASP A 428 22.68 -48.55 21.43
N PHE A 429 23.69 -48.50 20.57
CA PHE A 429 24.71 -47.45 20.62
C PHE A 429 24.76 -46.69 19.31
N PHE A 430 25.04 -45.40 19.41
CA PHE A 430 25.14 -44.54 18.25
C PHE A 430 26.30 -43.57 18.43
N LEU A 431 26.67 -42.94 17.33
CA LEU A 431 27.76 -41.97 17.28
C LEU A 431 27.19 -40.60 17.00
N LEU A 432 27.51 -39.62 17.84
CA LEU A 432 26.94 -38.29 17.78
C LEU A 432 28.03 -37.27 17.49
N LYS A 433 27.75 -36.37 16.54
CA LYS A 433 28.66 -35.29 16.18
C LYS A 433 27.92 -33.97 16.29
N CYS A 434 28.65 -32.93 16.71
CA CYS A 434 28.05 -31.62 16.97
C CYS A 434 28.08 -30.72 15.74
N GLU A 435 29.26 -30.48 15.18
CA GLU A 435 29.44 -29.59 14.03
C GLU A 435 28.86 -28.20 14.30
N GLY A 436 29.13 -27.67 15.49
CA GLY A 436 28.72 -26.32 15.83
C GLY A 436 27.92 -26.25 17.10
N PRO A 437 27.67 -25.03 17.59
CA PRO A 437 28.12 -23.78 16.98
C PRO A 437 29.57 -23.45 17.32
N GLY A 438 30.20 -24.31 18.12
CA GLY A 438 31.60 -24.22 18.44
C GLY A 438 32.40 -25.27 17.70
N VAL A 439 33.52 -25.66 18.30
CA VAL A 439 34.34 -26.73 17.73
C VAL A 439 33.52 -28.02 17.70
N PRO A 440 33.58 -28.80 16.63
CA PRO A 440 32.85 -30.08 16.61
C PRO A 440 33.59 -31.17 17.36
N MET A 441 32.83 -32.07 17.96
CA MET A 441 33.38 -33.27 18.57
C MET A 441 32.55 -34.48 18.13
N VAL A 442 33.17 -35.66 18.20
CA VAL A 442 32.49 -36.92 17.92
C VAL A 442 32.53 -37.75 19.20
N THR A 443 31.37 -38.29 19.58
CA THR A 443 31.24 -39.00 20.84
C THR A 443 30.38 -40.24 20.64
N VAL A 444 30.56 -41.22 21.53
CA VAL A 444 29.76 -42.43 21.53
C VAL A 444 28.71 -42.30 22.62
N HIS A 445 27.46 -42.63 22.29
CA HIS A 445 26.38 -42.59 23.25
C HIS A 445 25.49 -43.81 23.08
N ASN A 446 24.64 -44.04 24.08
CA ASN A 446 23.66 -45.12 24.04
C ASN A 446 22.25 -44.53 24.13
N THR A 447 21.35 -45.01 23.29
CA THR A 447 20.00 -44.47 23.26
C THR A 447 19.24 -44.70 24.55
N THR A 448 19.63 -45.71 25.34
CA THR A 448 18.92 -46.00 26.58
C THR A 448 19.33 -45.01 27.67
N ASP A 449 20.62 -44.97 27.99
CA ASP A 449 21.10 -44.14 29.09
C ASP A 449 21.45 -42.71 28.67
N LYS A 450 21.61 -42.46 27.38
CA LYS A 450 22.12 -41.17 26.89
C LYS A 450 23.44 -40.83 27.59
N LYS A 451 24.26 -41.85 27.78
CA LYS A 451 25.47 -41.76 28.58
C LYS A 451 26.70 -41.74 27.70
N LYS A 452 27.58 -40.78 27.95
CA LYS A 452 28.86 -40.68 27.25
C LYS A 452 29.85 -41.60 27.95
N MET A 453 30.03 -42.81 27.42
CA MET A 453 31.03 -43.72 27.96
C MET A 453 32.43 -43.15 27.76
N PHE A 454 32.69 -42.60 26.58
CA PHE A 454 33.95 -41.94 26.27
C PHE A 454 33.75 -41.05 25.05
N ASP A 455 34.71 -40.18 24.82
CA ASP A 455 34.69 -39.27 23.68
C ASP A 455 35.56 -39.84 22.57
N LEU A 456 35.00 -39.92 21.36
CA LEU A 456 35.76 -40.46 20.23
C LEU A 456 36.81 -39.47 19.75
N GLU A 457 36.45 -38.18 19.68
CA GLU A 457 37.35 -37.13 19.26
C GLU A 457 36.75 -35.80 19.70
N THR A 458 37.63 -34.81 19.90
CA THR A 458 37.20 -33.49 20.36
C THR A 458 37.76 -32.34 19.53
N ASN A 459 38.63 -32.62 18.57
CA ASN A 459 39.26 -31.58 17.74
C ASN A 459 40.00 -30.56 18.61
N GLU A 460 40.98 -31.07 19.36
CA GLU A 460 41.74 -30.23 20.28
C GLU A 460 42.52 -29.16 19.54
N HIS A 461 43.04 -29.50 18.36
CA HIS A 461 43.73 -28.50 17.54
C HIS A 461 42.79 -27.35 17.20
N VAL A 462 41.54 -27.67 16.85
CA VAL A 462 40.58 -26.63 16.51
C VAL A 462 40.27 -25.76 17.73
N LYS A 463 40.12 -26.40 18.90
CA LYS A 463 39.84 -25.64 20.11
C LYS A 463 40.99 -24.69 20.43
N LYS A 464 42.22 -25.17 20.35
CA LYS A 464 43.36 -24.31 20.67
C LYS A 464 43.50 -23.19 19.62
N ALA A 465 43.21 -23.49 18.35
CA ALA A 465 43.30 -22.47 17.33
C ALA A 465 42.25 -21.39 17.53
N ILE A 466 41.01 -21.79 17.82
CA ILE A 466 39.96 -20.80 18.08
C ILE A 466 40.22 -20.02 19.37
N ASN A 467 40.91 -20.63 20.33
CA ASN A 467 41.30 -19.89 21.53
C ASN A 467 42.42 -18.90 21.26
N ASP A 468 43.30 -19.21 20.32
CA ASP A 468 44.44 -18.34 20.01
C ASP A 468 44.09 -17.22 19.04
N ARG A 469 42.86 -17.17 18.54
CA ARG A 469 42.49 -16.17 17.55
C ARG A 469 41.17 -15.51 17.93
N GLN A 470 40.91 -14.36 17.31
CA GLN A 470 39.67 -13.64 17.54
C GLN A 470 38.49 -14.35 16.89
N MET A 471 37.80 -15.19 17.65
CA MET A 471 36.61 -15.83 17.12
C MET A 471 35.51 -14.79 16.88
N PRO A 472 34.90 -14.82 15.70
CA PRO A 472 33.78 -13.89 15.44
C PRO A 472 32.60 -14.18 16.35
N LYS A 473 31.87 -13.13 16.68
CA LYS A 473 30.71 -13.22 17.56
C LYS A 473 29.48 -13.53 16.72
N VAL A 474 28.80 -14.62 17.07
CA VAL A 474 27.66 -15.12 16.31
C VAL A 474 26.38 -14.66 17.01
N GLU A 475 25.49 -14.02 16.26
CA GLU A 475 24.19 -13.62 16.76
C GLU A 475 23.18 -13.65 15.63
N TYR A 476 21.91 -13.75 15.98
CA TYR A 476 20.83 -13.91 15.02
C TYR A 476 19.78 -12.82 15.20
N ARG A 477 19.28 -12.30 14.09
CA ARG A 477 18.20 -11.30 14.09
C ARG A 477 17.25 -11.68 12.95
N ASP A 478 16.26 -12.50 13.28
CA ASP A 478 15.35 -13.00 12.26
C ASP A 478 14.34 -11.93 11.87
N ILE A 479 13.82 -12.06 10.64
CA ILE A 479 12.86 -11.11 10.10
C ILE A 479 11.57 -11.86 9.77
N GLU A 480 10.51 -11.09 9.55
CA GLU A 480 9.21 -11.65 9.18
C GLU A 480 8.64 -10.89 8.00
N ILE A 481 8.12 -11.64 7.03
CA ILE A 481 7.43 -11.04 5.89
C ILE A 481 6.33 -11.99 5.44
N ASP A 482 5.14 -11.44 5.18
CA ASP A 482 3.95 -12.20 4.82
C ASP A 482 3.74 -13.26 5.90
N ASP A 483 3.65 -14.54 5.56
CA ASP A 483 3.52 -15.61 6.55
C ASP A 483 4.80 -16.41 6.72
N TYR A 484 5.93 -15.84 6.33
CA TYR A 484 7.21 -16.53 6.35
C TYR A 484 8.20 -15.80 7.25
N ASN A 485 8.89 -16.57 8.08
CA ASN A 485 9.96 -16.07 8.93
C ASN A 485 11.30 -16.41 8.29
N LEU A 486 12.17 -15.42 8.19
CA LEU A 486 13.45 -15.54 7.51
C LEU A 486 14.57 -15.27 8.51
N PRO A 487 15.22 -16.30 9.04
CA PRO A 487 16.32 -16.06 9.99
C PRO A 487 17.53 -15.44 9.30
N MET A 488 18.29 -14.69 10.08
CA MET A 488 19.49 -14.02 9.60
C MET A 488 20.56 -14.09 10.69
N GLN A 489 21.82 -14.10 10.27
CA GLN A 489 22.94 -14.14 11.20
C GLN A 489 23.96 -13.07 10.84
N ILE A 490 24.05 -12.04 11.67
CA ILE A 490 25.06 -11.00 11.56
C ILE A 490 26.20 -11.37 12.50
N LEU A 491 27.43 -11.12 12.05
CA LEU A 491 28.63 -11.51 12.77
C LEU A 491 29.40 -10.28 13.23
N LYS A 492 30.09 -10.42 14.36
CA LYS A 492 30.92 -9.37 14.93
C LYS A 492 32.29 -9.93 15.26
N PRO A 493 33.34 -9.10 15.18
CA PRO A 493 34.70 -9.59 15.42
C PRO A 493 35.06 -9.78 16.89
N ALA A 494 34.07 -9.81 17.79
CA ALA A 494 34.21 -9.89 19.24
C ALA A 494 34.82 -8.61 19.82
N THR A 495 34.96 -7.55 19.03
CA THR A 495 35.43 -6.25 19.49
C THR A 495 34.58 -5.14 18.91
N PHE A 496 33.27 -5.36 18.88
CA PHE A 496 32.34 -4.38 18.31
C PHE A 496 32.32 -3.10 19.14
N THR A 497 32.22 -1.97 18.46
CA THR A 497 32.12 -0.66 19.10
C THR A 497 31.02 0.14 18.42
N ASP A 498 30.72 1.30 18.99
CA ASP A 498 29.75 2.23 18.42
C ASP A 498 30.42 3.43 17.77
N THR A 499 31.57 3.86 18.32
CA THR A 499 32.25 5.03 17.77
C THR A 499 32.70 4.81 16.34
N THR A 500 33.08 3.57 16.00
CA THR A 500 33.47 3.24 14.64
C THR A 500 32.26 2.83 13.82
N HIS A 501 32.41 2.88 12.50
CA HIS A 501 31.39 2.42 11.57
C HIS A 501 31.87 1.12 10.93
N TYR A 502 30.92 0.19 10.75
CA TYR A 502 31.27 -1.13 10.26
C TYR A 502 30.73 -1.34 8.86
N PRO A 503 31.60 -1.58 7.88
CA PRO A 503 31.12 -1.75 6.50
C PRO A 503 30.28 -3.00 6.35
N LEU A 504 29.24 -2.88 5.53
CA LEU A 504 28.24 -3.93 5.34
C LEU A 504 28.55 -4.73 4.09
N LEU A 505 28.46 -6.05 4.20
CA LEU A 505 28.67 -6.94 3.07
C LEU A 505 27.65 -8.07 3.16
N LEU A 506 26.83 -8.21 2.13
CA LEU A 506 25.82 -9.26 2.07
C LEU A 506 26.37 -10.47 1.34
N VAL A 507 26.04 -11.65 1.84
CA VAL A 507 26.38 -12.90 1.18
C VAL A 507 25.08 -13.65 0.91
N VAL A 508 24.85 -14.04 -0.34
CA VAL A 508 23.62 -14.73 -0.72
C VAL A 508 23.97 -15.95 -1.57
N ASP A 509 23.36 -17.08 -1.24
CA ASP A 509 23.33 -18.25 -2.10
C ASP A 509 21.92 -18.58 -2.55
N GLY A 510 21.01 -18.80 -1.60
CA GLY A 510 19.59 -18.90 -1.91
C GLY A 510 19.22 -19.98 -2.89
N THR A 511 19.95 -21.07 -2.92
CA THR A 511 19.57 -22.19 -3.78
C THR A 511 18.27 -22.78 -3.27
N PRO A 512 17.23 -22.90 -4.09
CA PRO A 512 15.98 -23.49 -3.61
C PRO A 512 16.20 -24.91 -3.09
N GLY A 513 15.56 -25.22 -1.98
CA GLY A 513 15.77 -26.48 -1.30
C GLY A 513 17.00 -26.54 -0.43
N SER A 514 17.62 -25.41 -0.13
CA SER A 514 18.83 -25.36 0.69
C SER A 514 18.65 -24.36 1.83
N GLN A 515 19.57 -24.44 2.79
CA GLN A 515 19.56 -23.59 3.97
C GLN A 515 20.88 -22.84 4.06
N SER A 516 20.80 -21.51 4.15
CA SER A 516 21.99 -20.67 4.22
C SER A 516 22.22 -20.03 5.58
N VAL A 517 21.21 -19.98 6.44
CA VAL A 517 21.33 -19.44 7.79
C VAL A 517 21.16 -20.61 8.75
N ALA A 518 22.22 -20.96 9.47
CA ALA A 518 22.19 -22.08 10.39
C ALA A 518 23.34 -21.94 11.39
N GLU A 519 23.24 -22.71 12.46
CA GLU A 519 24.21 -22.64 13.55
C GLU A 519 25.40 -23.58 13.36
N LYS A 520 25.69 -23.97 12.12
CA LYS A 520 26.86 -24.79 11.86
C LYS A 520 28.13 -23.99 12.09
N PHE A 521 29.21 -24.68 12.46
CA PHE A 521 30.51 -24.07 12.61
C PHE A 521 31.24 -24.13 11.27
N GLU A 522 31.72 -22.98 10.80
CA GLU A 522 32.42 -22.89 9.54
C GLU A 522 33.47 -21.78 9.59
N VAL A 523 34.51 -21.93 8.78
CA VAL A 523 35.55 -20.92 8.61
C VAL A 523 35.67 -20.63 7.12
N SER A 524 35.68 -19.35 6.77
CA SER A 524 35.69 -18.94 5.37
C SER A 524 36.17 -17.50 5.29
N TRP A 525 36.00 -16.89 4.12
CA TRP A 525 36.40 -15.50 3.92
C TRP A 525 35.64 -14.56 4.85
N GLU A 526 34.35 -14.87 5.10
CA GLU A 526 33.56 -14.05 6.00
C GLU A 526 34.25 -13.90 7.34
N THR A 527 34.68 -15.02 7.92
CA THR A 527 35.47 -14.99 9.15
C THR A 527 36.68 -14.09 8.98
N VAL A 528 37.29 -14.09 7.79
CA VAL A 528 38.50 -13.31 7.60
C VAL A 528 38.22 -11.81 7.68
N MET A 529 37.35 -11.28 6.81
CA MET A 529 37.24 -9.83 6.80
C MET A 529 36.43 -9.33 8.00
N VAL A 530 35.64 -10.20 8.63
CA VAL A 530 35.11 -9.83 9.94
C VAL A 530 36.25 -9.71 10.94
N SER A 531 37.17 -10.67 10.95
CA SER A 531 38.29 -10.63 11.88
C SER A 531 39.35 -9.63 11.45
N SER A 532 39.78 -9.70 10.18
CA SER A 532 40.89 -8.87 9.73
C SER A 532 40.50 -7.40 9.65
N HIS A 533 39.32 -7.10 9.11
CA HIS A 533 38.92 -5.73 8.82
C HIS A 533 37.50 -5.39 9.23
N GLY A 534 36.80 -6.31 9.89
CA GLY A 534 35.52 -5.97 10.51
C GLY A 534 34.43 -5.53 9.56
N ALA A 535 34.24 -6.24 8.45
CA ALA A 535 33.12 -6.02 7.56
C ALA A 535 31.98 -6.94 7.96
N VAL A 536 30.87 -6.37 8.41
CA VAL A 536 29.78 -7.16 8.95
C VAL A 536 29.07 -7.88 7.81
N VAL A 537 28.96 -9.21 7.94
CA VAL A 537 28.42 -10.07 6.89
C VAL A 537 26.96 -10.38 7.20
N VAL A 538 26.11 -10.20 6.20
CA VAL A 538 24.67 -10.38 6.34
C VAL A 538 24.24 -11.57 5.50
N LYS A 539 23.66 -12.57 6.16
CA LYS A 539 23.14 -13.77 5.50
C LYS A 539 21.70 -14.00 5.95
N CYS A 540 20.79 -14.10 4.99
CA CYS A 540 19.38 -14.28 5.31
C CYS A 540 18.76 -15.30 4.35
N ASP A 541 17.88 -16.14 4.89
CA ASP A 541 17.14 -17.13 4.11
C ASP A 541 15.82 -16.51 3.68
N GLY A 542 15.84 -15.80 2.55
CA GLY A 542 14.63 -15.24 1.99
C GLY A 542 13.71 -16.31 1.42
N ARG A 543 12.81 -15.88 0.56
CA ARG A 543 11.88 -16.82 -0.08
C ARG A 543 12.65 -17.75 -1.02
N GLY A 544 12.24 -19.01 -1.03
CA GLY A 544 12.93 -20.05 -1.76
C GLY A 544 13.74 -20.99 -0.90
N SER A 545 14.01 -20.62 0.35
CA SER A 545 14.76 -21.49 1.25
C SER A 545 13.89 -22.64 1.73
N GLY A 546 14.49 -23.83 1.85
CA GLY A 546 13.77 -24.99 2.29
C GLY A 546 13.72 -25.13 3.80
N PHE A 547 13.13 -26.25 4.24
CA PHE A 547 13.01 -26.61 5.66
C PHE A 547 12.21 -25.59 6.45
N GLN A 548 11.41 -24.77 5.78
CA GLN A 548 10.59 -23.77 6.44
C GLN A 548 9.21 -23.66 5.79
N GLY A 549 8.72 -24.76 5.22
CA GLY A 549 7.43 -24.75 4.55
C GLY A 549 7.53 -25.02 3.07
N THR A 550 6.89 -26.09 2.62
CA THR A 550 6.85 -26.38 1.19
C THR A 550 6.12 -25.27 0.44
N LYS A 551 5.25 -24.53 1.13
CA LYS A 551 4.67 -23.33 0.54
C LYS A 551 5.75 -22.30 0.23
N LEU A 552 6.68 -22.09 1.17
CA LEU A 552 7.79 -21.17 0.92
C LEU A 552 8.69 -21.70 -0.18
N LEU A 553 8.87 -23.01 -0.23
CA LEU A 553 9.68 -23.61 -1.29
C LEU A 553 9.07 -23.38 -2.67
N HIS A 554 7.76 -23.59 -2.80
CA HIS A 554 7.07 -23.45 -4.07
C HIS A 554 6.67 -22.02 -4.38
N GLU A 555 6.86 -21.08 -3.44
CA GLU A 555 6.47 -19.70 -3.69
C GLU A 555 7.20 -19.10 -4.88
N VAL A 556 8.46 -19.46 -5.09
CA VAL A 556 9.26 -18.86 -6.15
C VAL A 556 9.18 -19.72 -7.41
N ARG A 557 8.18 -20.59 -7.49
CA ARG A 557 7.97 -21.38 -8.70
C ARG A 557 7.76 -20.47 -9.90
N ARG A 558 8.62 -20.62 -10.91
CA ARG A 558 8.63 -19.80 -12.11
C ARG A 558 8.83 -18.32 -11.82
N ARG A 559 9.11 -17.96 -10.57
CA ARG A 559 9.25 -16.58 -10.13
C ARG A 559 10.63 -16.37 -9.52
N LEU A 560 11.65 -16.94 -10.15
CA LEU A 560 12.98 -16.96 -9.58
C LEU A 560 13.59 -15.56 -9.60
N GLY A 561 14.39 -15.26 -8.57
CA GLY A 561 15.08 -13.98 -8.50
C GLY A 561 14.16 -12.78 -8.40
N LEU A 562 12.94 -12.98 -7.92
CA LEU A 562 11.95 -11.91 -7.85
C LEU A 562 11.46 -11.65 -6.43
N LEU A 563 11.27 -12.69 -5.62
CA LEU A 563 10.81 -12.52 -4.25
C LEU A 563 11.96 -12.56 -3.24
N GLU A 564 12.96 -13.41 -3.48
CA GLU A 564 14.12 -13.45 -2.60
C GLU A 564 14.85 -12.11 -2.60
N GLU A 565 14.93 -11.45 -3.76
CA GLU A 565 15.57 -10.15 -3.82
C GLU A 565 14.78 -9.09 -3.05
N LYS A 566 13.44 -9.15 -3.09
CA LYS A 566 12.63 -8.29 -2.24
C LYS A 566 12.93 -8.52 -0.77
N ASP A 567 12.96 -9.79 -0.35
CA ASP A 567 13.27 -10.10 1.03
C ASP A 567 14.67 -9.61 1.40
N GLN A 568 15.60 -9.66 0.45
CA GLN A 568 16.98 -9.27 0.74
C GLN A 568 17.10 -7.77 0.93
N MET A 569 16.43 -6.96 0.09
CA MET A 569 16.50 -5.53 0.36
C MET A 569 15.73 -5.18 1.62
N GLU A 570 14.68 -5.95 1.94
CA GLU A 570 14.00 -5.73 3.22
C GLU A 570 14.95 -5.96 4.39
N ALA A 571 15.71 -7.06 4.35
CA ALA A 571 16.69 -7.33 5.40
C ALA A 571 17.77 -6.26 5.43
N VAL A 572 18.21 -5.80 4.26
CA VAL A 572 19.23 -4.76 4.20
C VAL A 572 18.73 -3.48 4.83
N ARG A 573 17.50 -3.08 4.53
CA ARG A 573 16.95 -1.87 5.12
C ARG A 573 16.78 -2.02 6.63
N THR A 574 16.35 -3.21 7.09
CA THR A 574 16.19 -3.42 8.52
C THR A 574 17.52 -3.33 9.25
N MET A 575 18.58 -3.91 8.67
CA MET A 575 19.88 -3.88 9.34
C MET A 575 20.55 -2.52 9.25
N LEU A 576 20.43 -1.83 8.11
CA LEU A 576 21.15 -0.58 7.91
C LEU A 576 20.63 0.56 8.78
N LYS A 577 19.44 0.41 9.36
CA LYS A 577 18.90 1.45 10.22
C LYS A 577 19.76 1.70 11.44
N GLU A 578 20.58 0.72 11.83
CA GLU A 578 21.56 0.94 12.89
C GLU A 578 22.61 1.94 12.42
N GLN A 579 22.94 2.88 13.31
CA GLN A 579 23.88 3.94 12.97
C GLN A 579 25.30 3.44 12.74
N TYR A 580 25.74 2.40 13.45
CA TYR A 580 27.12 1.94 13.36
C TYR A 580 27.43 1.25 12.03
N ILE A 581 26.50 1.25 11.08
CA ILE A 581 26.75 0.80 9.72
C ILE A 581 26.58 1.99 8.79
N ASP A 582 27.61 2.28 8.00
CA ASP A 582 27.63 3.49 7.19
C ASP A 582 26.90 3.27 5.86
N ARG A 583 26.65 4.39 5.18
CA ARG A 583 25.96 4.36 3.89
C ARG A 583 26.92 4.17 2.72
N THR A 584 28.12 4.74 2.81
CA THR A 584 29.04 4.69 1.67
C THR A 584 29.48 3.27 1.36
N ARG A 585 29.74 2.47 2.39
CA ARG A 585 30.29 1.13 2.23
C ARG A 585 29.16 0.11 2.30
N VAL A 586 28.68 -0.30 1.13
CA VAL A 586 27.72 -1.39 0.98
C VAL A 586 28.23 -2.32 -0.09
N ALA A 587 28.35 -3.62 0.22
CA ALA A 587 28.86 -4.58 -0.73
C ALA A 587 27.96 -5.80 -0.79
N VAL A 588 27.97 -6.46 -1.95
CA VAL A 588 27.21 -7.69 -2.16
C VAL A 588 28.18 -8.75 -2.64
N PHE A 589 27.82 -10.02 -2.42
CA PHE A 589 28.65 -11.13 -2.83
C PHE A 589 27.76 -12.35 -3.04
N GLY A 590 28.26 -13.30 -3.82
CA GLY A 590 27.53 -14.54 -4.03
C GLY A 590 28.37 -15.48 -4.88
N LYS A 591 27.85 -16.69 -5.04
CA LYS A 591 28.47 -17.70 -5.89
C LYS A 591 27.39 -18.56 -6.51
N ASP A 592 27.71 -19.10 -7.69
CA ASP A 592 26.80 -19.97 -8.44
C ASP A 592 25.48 -19.22 -8.62
N TYR A 593 24.33 -19.86 -8.38
CA TYR A 593 23.06 -19.14 -8.48
C TYR A 593 23.04 -17.92 -7.59
N GLY A 594 23.56 -18.05 -6.36
CA GLY A 594 23.64 -16.90 -5.49
C GLY A 594 24.44 -15.77 -6.08
N GLY A 595 25.51 -16.10 -6.82
CA GLY A 595 26.23 -15.06 -7.53
C GLY A 595 25.31 -14.27 -8.46
N TYR A 596 24.45 -14.98 -9.19
CA TYR A 596 23.44 -14.29 -9.99
C TYR A 596 22.55 -13.44 -9.10
N LEU A 597 22.10 -14.00 -7.96
CA LEU A 597 21.36 -13.19 -7.01
C LEU A 597 22.19 -11.99 -6.56
N SER A 598 23.50 -12.20 -6.37
CA SER A 598 24.38 -11.09 -6.06
C SER A 598 24.37 -10.04 -7.15
N THR A 599 24.31 -10.44 -8.42
CA THR A 599 24.20 -9.50 -9.52
C THR A 599 22.87 -8.76 -9.54
N TYR A 600 21.87 -9.27 -8.82
CA TYR A 600 20.52 -8.71 -8.86
C TYR A 600 20.27 -7.78 -7.69
N ILE A 601 21.31 -7.44 -6.92
CA ILE A 601 21.17 -6.58 -5.75
C ILE A 601 21.95 -5.30 -6.01
N LEU A 602 21.98 -4.84 -7.26
CA LEU A 602 22.58 -3.56 -7.62
C LEU A 602 21.57 -2.69 -8.36
N PRO A 603 20.48 -2.27 -7.68
CA PRO A 603 19.55 -1.33 -8.32
C PRO A 603 19.92 0.11 -8.01
N ALA A 604 19.11 1.05 -8.49
CA ALA A 604 19.18 2.44 -8.08
C ALA A 604 17.96 2.71 -7.21
N LYS A 605 18.14 2.67 -5.89
CA LYS A 605 17.04 2.80 -4.95
C LYS A 605 16.51 4.23 -5.05
N GLY A 606 15.44 4.40 -5.84
CA GLY A 606 15.01 5.75 -6.13
C GLY A 606 16.05 6.46 -6.97
N GLU A 607 16.05 7.77 -6.89
CA GLU A 607 17.07 8.57 -7.57
C GLU A 607 17.77 9.56 -6.65
N ASN A 608 17.07 10.12 -5.66
CA ASN A 608 17.74 10.93 -4.66
C ASN A 608 18.70 10.10 -3.81
N GLN A 609 18.22 8.99 -3.25
CA GLN A 609 19.05 8.14 -2.40
C GLN A 609 19.59 6.98 -3.23
N GLY A 610 20.39 7.33 -4.24
CA GLY A 610 21.02 6.36 -5.09
C GLY A 610 22.21 5.70 -4.42
N GLN A 611 23.02 5.03 -5.24
CA GLN A 611 24.24 4.38 -4.79
C GLN A 611 23.93 3.35 -3.70
N THR A 612 23.11 2.36 -4.08
CA THR A 612 22.70 1.32 -3.14
C THR A 612 23.89 0.54 -2.63
N PHE A 613 24.85 0.23 -3.52
CA PHE A 613 26.02 -0.55 -3.17
C PHE A 613 27.27 0.15 -3.69
N THR A 614 28.43 -0.33 -3.24
CA THR A 614 29.71 0.23 -3.65
C THR A 614 30.51 -0.76 -4.49
N CYS A 615 30.75 -1.96 -3.98
CA CYS A 615 31.49 -2.99 -4.70
C CYS A 615 30.71 -4.29 -4.68
N GLY A 616 30.50 -4.87 -5.86
CA GLY A 616 29.78 -6.12 -5.97
C GLY A 616 30.55 -7.11 -6.81
N SER A 617 30.20 -8.38 -6.65
CA SER A 617 30.91 -9.45 -7.33
C SER A 617 30.03 -10.69 -7.41
N ALA A 618 30.54 -11.69 -8.12
CA ALA A 618 29.87 -12.98 -8.25
C ALA A 618 30.91 -14.01 -8.63
N LEU A 619 30.57 -15.29 -8.43
CA LEU A 619 31.44 -16.40 -8.80
C LEU A 619 30.67 -17.28 -9.76
N SER A 620 31.00 -17.17 -11.05
CA SER A 620 30.37 -17.92 -12.12
C SER A 620 28.84 -17.81 -12.06
N PRO A 621 28.28 -16.61 -12.18
CA PRO A 621 26.82 -16.47 -12.08
C PRO A 621 26.12 -16.96 -13.35
N ILE A 622 24.79 -17.04 -13.25
CA ILE A 622 23.94 -17.44 -14.36
C ILE A 622 22.96 -16.31 -14.65
N THR A 623 22.85 -15.92 -15.92
CA THR A 623 21.96 -14.85 -16.31
C THR A 623 20.77 -15.31 -17.12
N ASP A 624 20.83 -16.48 -17.74
CA ASP A 624 19.70 -17.01 -18.51
C ASP A 624 19.72 -18.52 -18.39
N PHE A 625 18.65 -19.08 -17.84
CA PHE A 625 18.63 -20.48 -17.47
C PHE A 625 18.48 -21.42 -18.67
N LYS A 626 18.18 -20.87 -19.85
CA LYS A 626 18.23 -21.69 -21.06
C LYS A 626 19.63 -22.25 -21.27
N LEU A 627 20.64 -21.52 -20.82
CA LEU A 627 22.03 -21.97 -20.86
C LEU A 627 22.40 -22.85 -19.67
N TYR A 628 21.41 -23.42 -18.99
CA TYR A 628 21.64 -24.30 -17.86
C TYR A 628 21.01 -25.66 -18.13
N ALA A 629 21.32 -26.62 -17.26
CA ALA A 629 20.83 -27.98 -17.42
C ALA A 629 19.31 -28.02 -17.22
N SER A 630 18.68 -29.01 -17.87
CA SER A 630 17.23 -29.14 -17.77
C SER A 630 16.79 -29.49 -16.35
N ALA A 631 17.56 -30.36 -15.68
CA ALA A 631 17.14 -30.85 -14.36
C ALA A 631 17.03 -29.73 -13.33
N PHE A 632 17.66 -28.59 -13.57
CA PHE A 632 17.52 -27.45 -12.67
C PHE A 632 16.55 -26.40 -13.19
N SER A 633 16.61 -26.09 -14.48
CA SER A 633 15.76 -25.05 -15.04
C SER A 633 14.30 -25.49 -15.09
N GLU A 634 14.04 -26.70 -15.59
CA GLU A 634 12.67 -27.19 -15.75
C GLU A 634 11.98 -27.42 -14.41
N ARG A 635 12.73 -27.75 -13.36
CA ARG A 635 12.12 -28.03 -12.06
C ARG A 635 11.42 -26.79 -11.51
N TYR A 636 12.01 -25.62 -11.71
CA TYR A 636 11.46 -24.38 -11.17
C TYR A 636 10.76 -23.50 -12.20
N LEU A 637 10.98 -23.74 -13.48
CA LEU A 637 10.42 -22.89 -14.53
C LEU A 637 9.62 -23.65 -15.57
N GLY A 638 9.63 -24.97 -15.54
CA GLY A 638 8.93 -25.77 -16.53
C GLY A 638 9.80 -26.09 -17.74
N LEU A 639 9.31 -27.03 -18.54
CA LEU A 639 10.06 -27.47 -19.71
C LEU A 639 10.14 -26.36 -20.76
N HIS A 640 11.31 -26.26 -21.39
CA HIS A 640 11.59 -25.22 -22.36
C HIS A 640 11.38 -25.77 -23.76
N GLY A 641 11.51 -24.89 -24.76
CA GLY A 641 11.26 -25.24 -26.14
C GLY A 641 9.89 -24.90 -26.66
N LEU A 642 9.02 -24.31 -25.84
CA LEU A 642 7.69 -23.91 -26.24
C LEU A 642 7.42 -22.47 -25.81
N ASP A 643 8.49 -21.69 -25.70
CA ASP A 643 8.42 -20.29 -25.26
C ASP A 643 7.72 -20.21 -23.90
N ASN A 644 8.38 -20.79 -22.89
CA ASN A 644 7.79 -20.89 -21.56
C ASN A 644 7.50 -19.53 -20.94
N ARG A 645 8.22 -18.48 -21.35
CA ARG A 645 7.97 -17.10 -20.92
C ARG A 645 8.31 -16.89 -19.43
N ALA A 646 8.68 -17.96 -18.74
CA ALA A 646 9.17 -17.85 -17.37
C ALA A 646 10.70 -17.88 -17.30
N TYR A 647 11.37 -17.98 -18.44
CA TYR A 647 12.82 -17.96 -18.52
C TYR A 647 13.37 -16.60 -18.92
N GLU A 648 12.77 -15.95 -19.93
CA GLU A 648 13.35 -14.74 -20.49
C GLU A 648 13.15 -13.53 -19.60
N MET A 649 12.23 -13.60 -18.63
CA MET A 649 12.03 -12.51 -17.70
C MET A 649 13.03 -12.54 -16.54
N THR A 650 13.80 -13.62 -16.41
CA THR A 650 14.73 -13.79 -15.30
C THR A 650 16.09 -13.15 -15.56
N LYS A 651 16.34 -12.64 -16.77
CA LYS A 651 17.65 -12.12 -17.10
C LYS A 651 17.98 -10.86 -16.31
N VAL A 652 19.17 -10.84 -15.71
CA VAL A 652 19.63 -9.71 -14.91
C VAL A 652 20.10 -8.55 -15.77
N ALA A 653 20.24 -8.74 -17.08
CA ALA A 653 20.83 -7.73 -17.94
C ALA A 653 20.11 -6.40 -17.82
N HIS A 654 18.78 -6.40 -17.98
CA HIS A 654 18.02 -5.17 -17.90
C HIS A 654 18.16 -4.49 -16.55
N ARG A 655 18.45 -5.25 -15.49
CA ARG A 655 18.60 -4.71 -14.16
C ARG A 655 20.00 -4.16 -13.89
N VAL A 656 20.96 -4.42 -14.78
CA VAL A 656 22.32 -3.95 -14.56
C VAL A 656 22.70 -3.00 -15.70
N SER A 657 21.69 -2.49 -16.41
CA SER A 657 21.96 -1.55 -17.49
C SER A 657 22.51 -0.24 -16.96
N ALA A 658 21.97 0.26 -15.85
CA ALA A 658 22.41 1.55 -15.30
C ALA A 658 23.86 1.50 -14.85
N LEU A 659 24.13 0.76 -13.77
CA LEU A 659 25.47 0.56 -13.20
C LEU A 659 26.33 1.82 -13.30
N GLU A 660 25.79 2.91 -12.74
CA GLU A 660 26.41 4.22 -12.92
C GLU A 660 27.81 4.26 -12.30
N GLU A 661 27.93 3.89 -11.03
CA GLU A 661 29.21 3.99 -10.34
C GLU A 661 29.58 2.78 -9.51
N GLN A 662 28.70 1.80 -9.33
CA GLN A 662 29.01 0.67 -8.49
C GLN A 662 30.03 -0.25 -9.16
N GLN A 663 31.07 -0.61 -8.42
CA GLN A 663 32.09 -1.51 -8.94
C GLN A 663 31.52 -2.92 -9.06
N PHE A 664 31.89 -3.62 -10.13
CA PHE A 664 31.33 -4.91 -10.46
C PHE A 664 32.43 -5.83 -10.95
N LEU A 665 32.44 -7.07 -10.47
CA LEU A 665 33.52 -8.01 -10.73
C LEU A 665 32.94 -9.40 -10.90
N ILE A 666 33.67 -10.24 -11.65
CA ILE A 666 33.28 -11.63 -11.85
C ILE A 666 34.49 -12.52 -11.63
N ILE A 667 34.31 -13.61 -10.92
CA ILE A 667 35.29 -14.68 -10.83
C ILE A 667 34.69 -15.88 -11.56
N HIS A 668 35.43 -16.44 -12.51
CA HIS A 668 34.91 -17.58 -13.23
C HIS A 668 36.05 -18.42 -13.81
N PRO A 669 36.13 -19.70 -13.44
CA PRO A 669 37.12 -20.56 -14.08
C PRO A 669 36.74 -20.86 -15.52
N THR A 670 37.74 -21.22 -16.32
CA THR A 670 37.50 -21.50 -17.73
C THR A 670 36.63 -22.74 -17.92
N ALA A 671 36.96 -23.83 -17.23
CA ALA A 671 36.31 -25.11 -17.43
C ALA A 671 35.18 -25.37 -16.46
N ASP A 672 34.45 -24.34 -16.05
CA ASP A 672 33.40 -24.49 -15.05
C ASP A 672 32.26 -25.31 -15.63
N GLU A 673 32.21 -26.59 -15.26
CA GLU A 673 31.16 -27.48 -15.73
C GLU A 673 29.83 -27.25 -15.03
N LYS A 674 29.83 -26.61 -13.87
CA LYS A 674 28.57 -26.35 -13.19
C LYS A 674 27.81 -25.21 -13.86
N ILE A 675 28.40 -24.02 -13.88
CA ILE A 675 27.85 -22.88 -14.60
C ILE A 675 28.89 -22.46 -15.65
N HIS A 676 28.54 -22.65 -16.91
CA HIS A 676 29.51 -22.48 -17.99
C HIS A 676 29.99 -21.03 -18.08
N PHE A 677 31.22 -20.88 -18.55
CA PHE A 677 31.77 -19.56 -18.79
C PHE A 677 30.99 -18.79 -19.84
N GLN A 678 30.19 -19.48 -20.64
CA GLN A 678 29.34 -18.80 -21.62
C GLN A 678 28.41 -17.81 -20.94
N HIS A 679 27.92 -18.15 -19.74
CA HIS A 679 27.06 -17.21 -19.00
C HIS A 679 27.79 -15.90 -18.76
N THR A 680 29.00 -15.98 -18.21
CA THR A 680 29.78 -14.78 -17.94
C THR A 680 30.11 -14.02 -19.22
N ALA A 681 30.44 -14.75 -20.29
CA ALA A 681 30.79 -14.08 -21.54
C ALA A 681 29.60 -13.33 -22.11
N GLU A 682 28.41 -13.92 -22.07
CA GLU A 682 27.23 -13.21 -22.54
C GLU A 682 26.91 -12.02 -21.65
N LEU A 683 27.12 -12.16 -20.34
CA LEU A 683 26.96 -11.02 -19.45
C LEU A 683 27.90 -9.89 -19.83
N ILE A 684 29.15 -10.22 -20.14
CA ILE A 684 30.11 -9.20 -20.55
C ILE A 684 29.69 -8.57 -21.86
N THR A 685 29.16 -9.38 -22.79
CA THR A 685 28.67 -8.83 -24.05
C THR A 685 27.58 -7.80 -23.82
N GLN A 686 26.60 -8.15 -22.97
CA GLN A 686 25.53 -7.20 -22.68
C GLN A 686 26.07 -5.96 -21.98
N LEU A 687 27.03 -6.14 -21.06
CA LEU A 687 27.61 -5.00 -20.37
C LEU A 687 28.32 -4.08 -21.36
N ILE A 688 29.01 -4.65 -22.35
CA ILE A 688 29.62 -3.85 -23.40
C ILE A 688 28.54 -3.08 -24.15
N ARG A 689 27.46 -3.76 -24.52
CA ARG A 689 26.31 -3.04 -25.07
C ARG A 689 25.66 -2.16 -24.01
N GLY A 690 25.72 -2.58 -22.75
CA GLY A 690 25.25 -1.75 -21.66
C GLY A 690 26.15 -0.58 -21.32
N LYS A 691 27.43 -0.66 -21.69
CA LYS A 691 28.39 0.43 -21.52
C LYS A 691 28.52 0.82 -20.04
N ALA A 692 28.96 -0.15 -19.24
CA ALA A 692 29.14 0.05 -17.81
C ALA A 692 30.48 -0.52 -17.38
N ASN A 693 31.05 0.08 -16.32
CA ASN A 693 32.34 -0.34 -15.82
C ASN A 693 32.24 -1.71 -15.15
N TYR A 694 33.29 -2.51 -15.30
CA TYR A 694 33.28 -3.87 -14.78
C TYR A 694 34.71 -4.38 -14.62
N SER A 695 34.82 -5.60 -14.10
CA SER A 695 36.08 -6.31 -13.97
C SER A 695 35.81 -7.79 -14.12
N LEU A 696 36.89 -8.59 -14.21
CA LEU A 696 36.74 -10.01 -14.48
C LEU A 696 38.06 -10.71 -14.22
N GLN A 697 37.97 -11.97 -13.79
CA GLN A 697 39.13 -12.82 -13.58
C GLN A 697 38.83 -14.22 -14.12
N ILE A 698 39.89 -14.96 -14.41
CA ILE A 698 39.81 -16.26 -15.08
C ILE A 698 40.71 -17.26 -14.36
N TYR A 699 40.22 -18.48 -14.22
CA TYR A 699 41.04 -19.62 -13.80
C TYR A 699 41.03 -20.60 -14.97
N PRO A 700 42.11 -20.62 -15.77
CA PRO A 700 42.07 -21.36 -17.03
C PRO A 700 42.27 -22.86 -16.83
N ASP A 701 41.27 -23.62 -17.29
CA ASP A 701 41.31 -25.09 -17.30
C ASP A 701 41.32 -25.67 -15.89
N GLU A 702 40.36 -25.27 -15.06
CA GLU A 702 40.09 -25.94 -13.80
C GLU A 702 38.59 -26.11 -13.62
N SER A 703 38.22 -27.11 -12.83
CA SER A 703 36.82 -27.38 -12.55
C SER A 703 36.21 -26.27 -11.70
N HIS A 704 34.92 -26.43 -11.38
CA HIS A 704 34.21 -25.38 -10.67
C HIS A 704 34.48 -25.44 -9.17
N TYR A 705 34.81 -26.62 -8.64
CA TYR A 705 34.80 -26.80 -7.19
C TYR A 705 36.14 -26.53 -6.53
N PHE A 706 37.19 -26.22 -7.30
CA PHE A 706 38.50 -25.86 -6.74
C PHE A 706 39.03 -26.95 -5.82
N THR A 707 39.28 -28.12 -6.42
CA THR A 707 39.72 -29.28 -5.66
C THR A 707 41.10 -29.11 -5.05
N SER A 708 41.91 -28.19 -5.57
CA SER A 708 43.23 -27.92 -5.02
C SER A 708 43.15 -26.78 -4.03
N SER A 709 43.78 -26.97 -2.86
CA SER A 709 43.73 -25.94 -1.83
C SER A 709 44.41 -24.66 -2.28
N SER A 710 45.44 -24.76 -3.10
CA SER A 710 46.15 -23.58 -3.57
C SER A 710 45.22 -22.66 -4.36
N LEU A 711 44.41 -23.24 -5.24
CA LEU A 711 43.46 -22.42 -5.98
C LEU A 711 42.44 -21.77 -5.04
N LYS A 712 41.99 -22.50 -4.03
CA LYS A 712 41.03 -21.94 -3.08
C LYS A 712 41.61 -20.77 -2.33
N GLN A 713 42.85 -20.89 -1.85
CA GLN A 713 43.45 -19.78 -1.11
C GLN A 713 43.74 -18.61 -2.04
N HIS A 714 44.10 -18.88 -3.29
CA HIS A 714 44.26 -17.78 -4.23
C HIS A 714 42.94 -17.05 -4.47
N LEU A 715 41.84 -17.81 -4.58
CA LEU A 715 40.54 -17.20 -4.71
C LEU A 715 40.20 -16.33 -3.51
N TYR A 716 40.47 -16.83 -2.31
CA TYR A 716 40.17 -16.07 -1.11
C TYR A 716 41.00 -14.81 -1.04
N ARG A 717 42.29 -14.91 -1.37
CA ARG A 717 43.15 -13.73 -1.39
C ARG A 717 42.65 -12.71 -2.41
N SER A 718 42.24 -13.19 -3.59
CA SER A 718 41.72 -12.27 -4.60
C SER A 718 40.46 -11.57 -4.11
N ILE A 719 39.57 -12.33 -3.46
CA ILE A 719 38.35 -11.74 -2.94
C ILE A 719 38.66 -10.65 -1.92
N ILE A 720 39.55 -10.95 -0.98
CA ILE A 720 39.84 -9.97 0.07
C ILE A 720 40.57 -8.77 -0.51
N ASN A 721 41.47 -9.00 -1.47
CA ASN A 721 42.16 -7.89 -2.13
C ASN A 721 41.16 -6.98 -2.84
N PHE A 722 40.14 -7.56 -3.46
CA PHE A 722 39.13 -6.72 -4.08
C PHE A 722 38.33 -5.95 -3.05
N PHE A 723 37.89 -6.63 -1.99
CA PHE A 723 36.94 -6.01 -1.06
C PHE A 723 37.61 -4.98 -0.15
N VAL A 724 38.91 -5.10 0.09
CA VAL A 724 39.59 -4.08 0.89
C VAL A 724 39.67 -2.74 0.18
N GLU A 725 39.87 -2.74 -1.15
CA GLU A 725 40.09 -1.49 -1.86
C GLU A 725 38.81 -0.69 -2.03
N CYS A 726 37.65 -1.34 -2.01
CA CYS A 726 36.38 -0.68 -2.27
C CYS A 726 35.77 -0.05 -1.02
N PHE A 727 36.42 -0.18 0.13
CA PHE A 727 35.88 0.34 1.39
C PHE A 727 36.78 1.37 2.05
N ARG A 728 38.10 1.17 2.02
CA ARG A 728 39.01 2.04 2.75
C ARG A 728 38.91 3.48 2.24
N ILE A 729 38.78 4.42 3.16
CA ILE A 729 38.58 5.82 2.82
C ILE A 729 39.19 6.71 3.90
N GLU B 1 50.67 40.07 -16.79
CA GLU B 1 49.45 40.86 -16.96
C GLU B 1 48.33 40.01 -17.56
N ASP B 2 47.96 40.31 -18.80
CA ASP B 2 46.92 39.56 -19.49
C ASP B 2 47.59 38.38 -20.20
N ASN B 3 47.52 37.21 -19.57
CA ASN B 3 48.13 36.00 -20.11
C ASN B 3 47.14 35.33 -21.06
N SER B 4 47.37 35.52 -22.35
CA SER B 4 46.52 34.92 -23.37
C SER B 4 46.71 33.41 -23.42
N LEU B 5 45.60 32.68 -23.44
CA LEU B 5 45.61 31.23 -23.52
C LEU B 5 44.42 30.79 -24.37
N SER B 6 44.21 29.48 -24.44
CA SER B 6 43.04 28.96 -25.15
C SER B 6 41.75 29.37 -24.46
N GLN B 7 41.66 29.13 -23.15
CA GLN B 7 40.55 29.62 -22.32
C GLN B 7 39.20 29.19 -22.87
N LYS B 8 39.12 27.94 -23.33
CA LYS B 8 37.88 27.42 -23.89
C LYS B 8 37.79 25.93 -23.55
N LYS B 9 36.83 25.25 -24.18
CA LYS B 9 36.52 23.87 -23.86
C LYS B 9 37.65 22.94 -24.32
N LYS B 10 37.65 21.75 -23.75
CA LYS B 10 38.66 20.72 -23.98
C LYS B 10 38.10 19.63 -24.88
N VAL B 11 38.93 18.62 -25.16
CA VAL B 11 38.59 17.54 -26.08
C VAL B 11 38.20 16.31 -25.28
N THR B 12 37.01 15.79 -25.53
CA THR B 12 36.52 14.57 -24.91
C THR B 12 36.58 13.42 -25.92
N VAL B 13 36.39 12.20 -25.40
CA VAL B 13 36.40 11.03 -26.27
C VAL B 13 35.21 11.04 -27.22
N GLU B 14 34.07 11.60 -26.78
CA GLU B 14 32.87 11.55 -27.59
C GLU B 14 33.04 12.26 -28.93
N ASP B 15 33.69 13.43 -28.93
CA ASP B 15 33.85 14.17 -30.18
C ASP B 15 34.81 13.49 -31.14
N LEU B 16 35.64 12.57 -30.65
CA LEU B 16 36.55 11.84 -31.55
C LEU B 16 35.78 11.02 -32.57
N PHE B 17 34.63 10.49 -32.19
CA PHE B 17 33.81 9.68 -33.09
C PHE B 17 32.78 10.51 -33.84
N SER B 18 32.74 11.82 -33.62
CA SER B 18 31.88 12.69 -34.40
C SER B 18 32.36 12.76 -35.84
N GLU B 19 31.41 12.99 -36.75
CA GLU B 19 31.75 13.14 -38.16
C GLU B 19 32.61 14.36 -38.41
N ASP B 20 32.64 15.32 -37.47
CA ASP B 20 33.43 16.53 -37.66
C ASP B 20 34.91 16.20 -37.80
N PHE B 21 35.42 15.29 -36.98
CA PHE B 21 36.80 14.85 -37.13
C PHE B 21 37.00 13.92 -38.30
N LYS B 22 35.94 13.29 -38.80
CA LYS B 22 36.09 12.30 -39.86
C LYS B 22 36.66 12.94 -41.13
N ILE B 23 37.67 12.29 -41.68
CA ILE B 23 38.35 12.80 -42.88
C ILE B 23 37.66 12.23 -44.11
N HIS B 24 37.10 13.12 -44.93
CA HIS B 24 36.49 12.71 -46.20
C HIS B 24 37.57 12.73 -47.29
N ASP B 25 38.54 11.85 -47.12
CA ASP B 25 39.65 11.77 -48.07
C ASP B 25 39.16 11.15 -49.37
N PRO B 26 39.13 11.90 -50.48
CA PRO B 26 38.65 11.31 -51.74
C PRO B 26 39.48 10.14 -52.21
N GLU B 27 40.79 10.18 -52.02
CA GLU B 27 41.71 9.12 -52.46
C GLU B 27 41.53 8.83 -53.94
N ALA B 28 41.56 9.88 -54.76
CA ALA B 28 41.39 9.72 -56.19
C ALA B 28 42.57 8.98 -56.81
N LYS B 29 42.35 8.43 -57.99
CA LYS B 29 43.35 7.66 -58.71
C LYS B 29 43.29 8.00 -60.20
N TRP B 30 44.46 8.20 -60.79
CA TRP B 30 44.56 8.61 -62.18
C TRP B 30 44.08 7.51 -63.11
N ILE B 31 42.90 7.69 -63.69
CA ILE B 31 42.40 6.82 -64.75
C ILE B 31 43.21 6.99 -66.03
N SER B 32 43.54 8.23 -66.37
CA SER B 32 44.38 8.52 -67.52
C SER B 32 45.51 9.45 -67.10
N ASP B 33 46.26 9.97 -68.07
CA ASP B 33 47.33 10.92 -67.80
C ASP B 33 46.81 12.34 -67.60
N THR B 34 45.52 12.57 -67.81
CA THR B 34 44.95 13.91 -67.73
C THR B 34 43.96 14.10 -66.61
N GLU B 35 43.41 13.02 -66.03
CA GLU B 35 42.39 13.15 -65.01
C GLU B 35 42.40 11.92 -64.13
N PHE B 36 41.78 12.03 -62.97
CA PHE B 36 41.64 10.95 -62.02
C PHE B 36 40.16 10.62 -61.81
N ILE B 37 39.92 9.64 -60.95
CA ILE B 37 38.55 9.22 -60.66
C ILE B 37 37.79 10.30 -59.89
N TYR B 38 38.48 10.99 -58.97
CA TYR B 38 37.87 12.02 -58.13
C TYR B 38 36.69 11.43 -57.33
N ARG B 39 37.05 10.55 -56.40
CA ARG B 39 36.07 9.76 -55.67
C ARG B 39 35.25 10.67 -54.74
N GLU B 40 34.37 10.01 -53.97
CA GLU B 40 33.37 10.72 -53.18
C GLU B 40 34.01 11.72 -52.22
N GLN B 41 33.43 12.91 -52.16
CA GLN B 41 33.80 13.92 -51.17
C GLN B 41 32.73 14.04 -50.08
N LYS B 42 31.48 14.27 -50.47
CA LYS B 42 30.36 14.30 -49.54
C LYS B 42 29.14 13.61 -50.14
N GLY B 43 29.34 12.45 -50.74
CA GLY B 43 28.24 11.75 -51.39
C GLY B 43 28.53 11.25 -52.78
N THR B 44 27.83 11.81 -53.77
CA THR B 44 27.89 11.32 -55.14
C THR B 44 29.32 11.32 -55.68
N VAL B 45 29.53 10.52 -56.72
CA VAL B 45 30.85 10.32 -57.31
C VAL B 45 30.96 11.16 -58.57
N ARG B 46 31.86 12.13 -58.54
CA ARG B 46 32.14 12.97 -59.69
C ARG B 46 33.41 12.46 -60.38
N LEU B 47 33.82 13.16 -61.44
CA LEU B 47 35.03 12.80 -62.19
C LEU B 47 35.71 14.09 -62.62
N TRP B 48 36.67 14.54 -61.80
CA TRP B 48 37.37 15.79 -62.08
C TRP B 48 38.36 15.60 -63.21
N ASN B 49 38.50 16.63 -64.04
CA ASN B 49 39.51 16.67 -65.09
C ASN B 49 40.51 17.78 -64.78
N VAL B 50 41.79 17.42 -64.70
CA VAL B 50 42.81 18.38 -64.28
C VAL B 50 43.07 19.41 -65.37
N GLU B 51 42.92 19.03 -66.64
CA GLU B 51 43.32 19.87 -67.76
C GLU B 51 42.65 21.25 -67.69
N THR B 52 41.32 21.30 -67.81
CA THR B 52 40.59 22.57 -67.69
C THR B 52 39.42 22.39 -66.71
N ASN B 53 39.73 22.49 -65.42
CA ASN B 53 38.76 22.73 -64.34
C ASN B 53 37.40 22.08 -64.61
N THR B 54 37.43 20.81 -65.00
CA THR B 54 36.23 20.08 -65.39
C THR B 54 35.94 19.02 -64.33
N SER B 55 34.70 19.03 -63.84
CA SER B 55 34.25 18.08 -62.81
C SER B 55 32.96 17.43 -63.29
N THR B 56 33.10 16.37 -64.08
CA THR B 56 31.94 15.66 -64.57
C THR B 56 31.37 14.75 -63.48
N VAL B 57 30.09 14.42 -63.62
CA VAL B 57 29.38 13.57 -62.67
C VAL B 57 29.21 12.20 -63.30
N LEU B 58 29.60 11.15 -62.57
CA LEU B 58 29.51 9.79 -63.05
C LEU B 58 28.51 8.96 -62.26
N ILE B 59 28.57 8.99 -60.93
CA ILE B 59 27.65 8.24 -60.09
C ILE B 59 26.90 9.21 -59.20
N GLU B 60 25.63 8.93 -58.95
CA GLU B 60 24.75 9.76 -58.14
C GLU B 60 24.57 9.11 -56.77
N GLY B 61 23.66 9.66 -55.97
CA GLY B 61 23.40 9.13 -54.65
C GLY B 61 22.55 7.88 -54.67
N LYS B 62 22.66 7.11 -55.75
CA LYS B 62 21.98 5.83 -55.89
C LYS B 62 22.68 4.71 -55.16
N LYS B 63 23.90 4.94 -54.67
CA LYS B 63 24.60 3.92 -53.90
C LYS B 63 23.86 3.57 -52.63
N ILE B 64 23.02 4.48 -52.13
CA ILE B 64 22.24 4.20 -50.93
C ILE B 64 21.27 3.06 -51.19
N GLU B 65 20.71 2.98 -52.40
CA GLU B 65 19.72 1.96 -52.70
C GLU B 65 20.37 0.59 -52.92
N SER B 66 21.69 0.57 -53.17
CA SER B 66 22.39 -0.69 -53.38
C SER B 66 22.78 -1.34 -52.06
N LEU B 67 21.81 -1.48 -51.16
CA LEU B 67 22.02 -2.05 -49.84
C LEU B 67 23.23 -1.43 -49.14
N ARG B 68 23.35 -0.11 -49.28
CA ARG B 68 24.45 0.66 -48.70
C ARG B 68 25.80 0.08 -49.13
N ALA B 69 26.04 0.13 -50.44
CA ALA B 69 27.27 -0.43 -51.02
C ALA B 69 28.50 0.26 -50.44
N ILE B 70 29.31 -0.50 -49.69
CA ILE B 70 30.47 0.08 -49.02
C ILE B 70 31.52 0.49 -50.03
N ARG B 71 31.87 -0.40 -50.96
CA ARG B 71 32.93 -0.15 -51.91
C ARG B 71 32.37 -0.05 -53.32
N TYR B 72 32.98 0.79 -54.14
CA TYR B 72 32.63 0.89 -55.55
C TYR B 72 33.89 1.09 -56.37
N GLU B 73 33.84 0.62 -57.62
CA GLU B 73 34.95 0.77 -58.54
C GLU B 73 34.41 0.89 -59.96
N ILE B 74 35.17 1.57 -60.81
CA ILE B 74 34.76 1.89 -62.17
C ILE B 74 35.60 1.06 -63.14
N SER B 75 34.93 0.48 -64.13
CA SER B 75 35.63 -0.31 -65.14
C SER B 75 36.53 0.59 -65.98
N PRO B 76 37.60 0.03 -66.57
CA PRO B 76 38.53 0.86 -67.34
C PRO B 76 37.89 1.57 -68.53
N ASP B 77 36.79 1.04 -69.06
CA ASP B 77 36.06 1.70 -70.13
C ASP B 77 35.03 2.68 -69.59
N ARG B 78 35.07 2.98 -68.29
CA ARG B 78 34.15 3.88 -67.58
C ARG B 78 32.71 3.76 -68.07
N GLU B 79 32.26 2.53 -68.28
CA GLU B 79 30.89 2.26 -68.68
C GLU B 79 30.13 1.37 -67.70
N TYR B 80 30.82 0.58 -66.90
CA TYR B 80 30.20 -0.27 -65.89
C TYR B 80 30.87 -0.04 -64.55
N ALA B 81 30.07 -0.16 -63.49
CA ALA B 81 30.56 0.05 -62.13
C ALA B 81 30.22 -1.15 -61.27
N LEU B 82 31.18 -1.57 -60.46
CA LEU B 82 31.00 -2.63 -59.48
C LEU B 82 30.78 -2.01 -58.11
N PHE B 83 29.76 -2.46 -57.41
CA PHE B 83 29.45 -2.02 -56.06
C PHE B 83 29.41 -3.25 -55.16
N SER B 84 30.32 -3.32 -54.20
CA SER B 84 30.41 -4.44 -53.27
C SER B 84 29.95 -3.98 -51.90
N TYR B 85 29.07 -4.76 -51.30
CA TYR B 85 28.51 -4.46 -49.99
C TYR B 85 28.43 -5.72 -49.15
N ASN B 86 28.83 -5.61 -47.88
CA ASN B 86 28.81 -6.71 -46.94
C ASN B 86 28.54 -6.15 -45.55
N VAL B 87 28.82 -6.95 -44.52
CA VAL B 87 28.60 -6.57 -43.14
C VAL B 87 29.90 -6.33 -42.39
N GLU B 88 30.92 -7.17 -42.62
CA GLU B 88 32.16 -7.04 -41.86
C GLU B 88 33.26 -7.85 -42.51
N PRO B 89 34.52 -7.40 -42.44
CA PRO B 89 35.64 -8.24 -42.88
C PRO B 89 35.82 -9.44 -41.98
N ILE B 90 36.85 -10.23 -42.31
CA ILE B 90 37.13 -11.47 -41.58
C ILE B 90 38.43 -11.36 -40.80
N TYR B 91 39.57 -11.25 -41.51
CA TYR B 91 40.87 -11.29 -40.85
C TYR B 91 41.40 -9.89 -40.53
N GLN B 92 41.77 -9.13 -41.57
CA GLN B 92 42.01 -7.70 -41.45
C GLN B 92 41.11 -6.92 -42.39
N HIS B 93 41.06 -7.31 -43.66
CA HIS B 93 40.16 -6.72 -44.64
C HIS B 93 39.69 -7.84 -45.56
N SER B 94 38.55 -8.43 -45.22
CA SER B 94 37.88 -9.38 -46.10
C SER B 94 36.66 -8.66 -46.66
N TYR B 95 36.90 -7.89 -47.71
CA TYR B 95 35.90 -7.14 -48.44
C TYR B 95 35.08 -8.04 -49.35
N THR B 96 34.55 -9.12 -48.78
CA THR B 96 33.68 -10.04 -49.49
C THR B 96 32.27 -9.45 -49.51
N GLY B 97 31.28 -10.28 -49.83
CA GLY B 97 29.91 -9.86 -49.76
C GLY B 97 29.15 -10.03 -51.07
N TYR B 98 28.26 -9.09 -51.35
CA TYR B 98 27.49 -9.08 -52.60
C TYR B 98 28.07 -8.05 -53.54
N TYR B 99 28.31 -8.46 -54.78
CA TYR B 99 28.82 -7.59 -55.83
C TYR B 99 27.73 -7.36 -56.87
N VAL B 100 27.47 -6.09 -57.18
CA VAL B 100 26.40 -5.71 -58.09
C VAL B 100 26.97 -4.83 -59.19
N LEU B 101 26.45 -5.02 -60.40
CA LEU B 101 26.89 -4.26 -61.57
C LEU B 101 25.86 -3.20 -61.94
N SER B 102 26.33 -2.00 -62.21
CA SER B 102 25.46 -0.90 -62.60
C SER B 102 26.03 -0.20 -63.83
N LYS B 103 25.15 0.41 -64.61
CA LYS B 103 25.58 1.15 -65.79
C LYS B 103 26.19 2.49 -65.38
N ILE B 104 26.96 3.07 -66.30
CA ILE B 104 27.64 4.33 -66.01
C ILE B 104 26.68 5.47 -65.69
N PRO B 105 25.56 5.69 -66.43
CA PRO B 105 24.71 6.83 -66.07
C PRO B 105 24.05 6.64 -64.70
N HIS B 106 23.27 5.57 -64.57
CA HIS B 106 22.61 5.17 -63.34
C HIS B 106 21.80 3.91 -63.60
N GLY B 107 21.37 3.26 -62.52
CA GLY B 107 20.35 2.24 -62.60
C GLY B 107 20.82 0.87 -63.03
N ASP B 108 19.84 -0.05 -63.08
CA ASP B 108 19.98 -1.45 -63.46
C ASP B 108 21.02 -2.14 -62.58
N PRO B 109 20.70 -2.42 -61.31
CA PRO B 109 21.61 -3.21 -60.48
C PRO B 109 21.38 -4.70 -60.62
N GLN B 110 22.42 -5.44 -61.03
CA GLN B 110 22.34 -6.89 -61.14
C GLN B 110 23.40 -7.53 -60.25
N SER B 111 22.98 -8.48 -59.42
CA SER B 111 23.87 -9.14 -58.48
C SER B 111 24.71 -10.17 -59.23
N LEU B 112 26.04 -9.99 -59.20
CA LEU B 112 26.94 -10.94 -59.84
C LEU B 112 26.89 -12.27 -59.09
N ASP B 113 26.51 -13.32 -59.80
CA ASP B 113 26.37 -14.64 -59.18
C ASP B 113 27.19 -15.66 -59.93
N PRO B 114 27.77 -16.64 -59.21
CA PRO B 114 28.41 -17.75 -59.90
C PRO B 114 27.36 -18.59 -60.62
N PRO B 115 27.78 -19.38 -61.62
CA PRO B 115 26.79 -20.13 -62.40
C PRO B 115 26.02 -21.13 -61.55
N GLU B 116 24.75 -21.31 -61.88
CA GLU B 116 23.83 -22.20 -61.17
C GLU B 116 23.65 -21.82 -59.71
N VAL B 117 23.96 -20.58 -59.35
CA VAL B 117 23.82 -20.10 -57.98
C VAL B 117 23.00 -18.82 -57.99
N SER B 118 22.11 -18.70 -57.01
CA SER B 118 21.32 -17.49 -56.83
C SER B 118 22.20 -16.40 -56.22
N ASN B 119 21.58 -15.31 -55.76
CA ASN B 119 22.34 -14.24 -55.13
C ASN B 119 23.07 -14.77 -53.89
N ALA B 120 24.39 -14.85 -53.96
CA ALA B 120 25.19 -15.46 -52.93
C ALA B 120 26.39 -14.59 -52.62
N LYS B 121 27.02 -14.85 -51.46
CA LYS B 121 28.18 -14.10 -51.04
C LYS B 121 29.31 -14.28 -52.03
N LEU B 122 30.02 -13.20 -52.33
CA LEU B 122 31.11 -13.21 -53.29
C LEU B 122 32.33 -12.51 -52.69
N GLN B 123 33.49 -13.14 -52.81
CA GLN B 123 34.68 -12.64 -52.13
C GLN B 123 35.25 -11.41 -52.84
N TYR B 124 35.41 -11.47 -54.15
CA TYR B 124 36.00 -10.37 -54.91
C TYR B 124 35.70 -10.58 -56.39
N ALA B 125 35.37 -9.49 -57.08
CA ALA B 125 35.22 -9.52 -58.54
C ALA B 125 36.25 -8.64 -59.23
N GLY B 126 36.27 -7.35 -58.95
CA GLY B 126 37.26 -6.46 -59.51
C GLY B 126 37.10 -6.24 -61.01
N TRP B 127 38.04 -5.47 -61.55
CA TRP B 127 38.02 -5.06 -62.94
C TRP B 127 39.33 -5.43 -63.63
N GLY B 128 39.25 -5.64 -64.93
CA GLY B 128 40.43 -5.89 -65.73
C GLY B 128 41.11 -4.61 -66.14
N PRO B 129 42.26 -4.74 -66.80
CA PRO B 129 42.98 -3.55 -67.26
C PRO B 129 42.31 -2.86 -68.43
N LYS B 130 41.41 -3.54 -69.13
CA LYS B 130 40.81 -2.97 -70.34
C LYS B 130 39.42 -3.58 -70.53
N GLY B 131 38.52 -2.75 -71.06
CA GLY B 131 37.18 -3.20 -71.37
C GLY B 131 36.35 -3.51 -70.13
N GLN B 132 35.26 -4.24 -70.38
CA GLN B 132 34.37 -4.67 -69.32
C GLN B 132 34.65 -6.10 -68.87
N GLN B 133 35.76 -6.69 -69.33
CA GLN B 133 36.15 -8.01 -68.87
C GLN B 133 36.53 -7.97 -67.40
N LEU B 134 36.24 -9.06 -66.70
CA LEU B 134 36.50 -9.13 -65.27
C LEU B 134 36.59 -10.59 -64.84
N ILE B 135 36.93 -10.79 -63.57
CA ILE B 135 36.91 -12.10 -62.95
C ILE B 135 36.10 -11.99 -61.67
N PHE B 136 35.96 -13.13 -60.99
CA PHE B 136 35.41 -13.14 -59.64
C PHE B 136 35.76 -14.47 -58.97
N ILE B 137 35.94 -14.41 -57.65
CA ILE B 137 36.37 -15.56 -56.87
C ILE B 137 35.23 -15.96 -55.94
N PHE B 138 34.86 -17.23 -56.00
CA PHE B 138 33.88 -17.81 -55.09
C PHE B 138 34.38 -19.16 -54.60
N GLU B 139 34.39 -19.35 -53.28
CA GLU B 139 34.85 -20.59 -52.65
C GLU B 139 36.23 -20.98 -53.17
N ASN B 140 37.15 -20.02 -53.16
CA ASN B 140 38.50 -20.23 -53.68
C ASN B 140 38.48 -20.76 -55.11
N ASN B 141 37.62 -20.18 -55.94
CA ASN B 141 37.49 -20.56 -57.34
C ASN B 141 37.46 -19.30 -58.18
N ILE B 142 38.32 -19.24 -59.19
CA ILE B 142 38.46 -18.07 -60.04
C ILE B 142 37.69 -18.32 -61.34
N TYR B 143 36.72 -17.46 -61.61
CA TYR B 143 35.93 -17.52 -62.83
C TYR B 143 36.10 -16.20 -63.58
N TYR B 144 35.99 -16.27 -64.91
CA TYR B 144 36.22 -15.11 -65.76
C TYR B 144 34.99 -14.83 -66.61
N CYS B 145 34.68 -13.55 -66.80
CA CYS B 145 33.59 -13.11 -67.66
C CYS B 145 34.13 -12.03 -68.58
N ALA B 146 34.11 -12.29 -69.89
CA ALA B 146 34.68 -11.35 -70.84
C ALA B 146 33.83 -10.09 -70.96
N HIS B 147 32.53 -10.21 -70.70
CA HIS B 147 31.60 -9.09 -70.82
C HIS B 147 30.62 -9.10 -69.65
N VAL B 148 29.75 -8.09 -69.63
CA VAL B 148 28.74 -8.00 -68.58
C VAL B 148 27.77 -9.17 -68.66
N GLY B 149 27.32 -9.51 -69.86
CA GLY B 149 26.43 -10.64 -70.05
C GLY B 149 27.11 -11.96 -70.22
N LYS B 150 28.44 -11.98 -70.28
CA LYS B 150 29.17 -13.22 -70.46
C LYS B 150 28.97 -14.15 -69.27
N GLN B 151 28.67 -15.41 -69.57
CA GLN B 151 28.50 -16.40 -68.52
C GLN B 151 29.85 -16.70 -67.85
N ALA B 152 29.79 -16.97 -66.55
CA ALA B 152 31.00 -17.26 -65.79
C ALA B 152 31.70 -18.50 -66.32
N ILE B 153 33.00 -18.40 -66.50
CA ILE B 153 33.83 -19.48 -67.04
C ILE B 153 34.56 -20.15 -65.89
N ARG B 154 34.46 -21.48 -65.82
CA ARG B 154 35.15 -22.23 -64.78
C ARG B 154 36.65 -22.21 -65.07
N VAL B 155 37.29 -21.07 -64.84
CA VAL B 155 38.70 -20.93 -65.19
C VAL B 155 39.56 -21.80 -64.29
N VAL B 156 39.33 -21.74 -62.98
CA VAL B 156 39.98 -22.67 -62.07
C VAL B 156 39.09 -22.82 -60.84
N SER B 157 39.03 -24.05 -60.32
CA SER B 157 38.21 -24.32 -59.14
C SER B 157 38.89 -25.28 -58.18
N THR B 158 40.21 -25.47 -58.30
CA THR B 158 40.93 -26.39 -57.43
C THR B 158 40.97 -25.92 -55.98
N GLY B 159 40.68 -24.66 -55.70
CA GLY B 159 40.71 -24.17 -54.34
C GLY B 159 39.58 -24.73 -53.50
N LYS B 160 39.82 -24.81 -52.20
CA LYS B 160 38.87 -25.38 -51.26
C LYS B 160 38.77 -24.48 -50.03
N GLU B 161 37.70 -24.67 -49.27
CA GLU B 161 37.43 -23.83 -48.11
C GLU B 161 38.49 -24.09 -47.04
N GLY B 162 39.43 -23.16 -46.92
CA GLY B 162 40.43 -23.21 -45.87
C GLY B 162 41.57 -24.18 -46.09
N VAL B 163 41.59 -24.91 -47.19
CA VAL B 163 42.64 -25.87 -47.49
C VAL B 163 43.45 -25.45 -48.70
N ILE B 164 42.79 -25.11 -49.80
CA ILE B 164 43.45 -24.64 -51.02
C ILE B 164 42.90 -23.27 -51.35
N TYR B 165 43.80 -22.30 -51.48
CA TYR B 165 43.44 -20.93 -51.83
C TYR B 165 44.05 -20.59 -53.18
N ASN B 166 43.33 -19.80 -53.97
CA ASN B 166 43.85 -19.31 -55.25
C ASN B 166 43.28 -17.93 -55.55
N GLY B 167 44.19 -16.97 -55.77
CA GLY B 167 43.80 -15.60 -56.00
C GLY B 167 43.61 -14.77 -54.75
N LEU B 168 43.51 -15.41 -53.58
CA LEU B 168 43.36 -14.71 -52.32
C LEU B 168 44.35 -15.30 -51.32
N SER B 169 44.75 -14.48 -50.35
CA SER B 169 45.71 -14.88 -49.34
C SER B 169 45.01 -15.57 -48.16
N ASP B 170 45.73 -16.47 -47.51
CA ASP B 170 45.25 -17.10 -46.29
C ASP B 170 45.43 -16.11 -45.14
N TRP B 171 45.31 -16.59 -43.91
CA TRP B 171 45.63 -15.72 -42.77
C TRP B 171 47.10 -15.31 -42.79
N LEU B 172 48.00 -16.27 -43.05
CA LEU B 172 49.43 -15.98 -42.93
C LEU B 172 49.87 -14.91 -43.93
N TYR B 173 49.55 -15.10 -45.20
CA TYR B 173 50.00 -14.14 -46.21
C TYR B 173 49.30 -12.79 -46.05
N GLU B 174 48.02 -12.79 -45.70
CA GLU B 174 47.29 -11.54 -45.59
C GLU B 174 47.65 -10.79 -44.32
N GLU B 175 48.23 -11.47 -43.33
CA GLU B 175 48.52 -10.85 -42.05
C GLU B 175 50.00 -10.77 -41.70
N GLU B 176 50.89 -11.40 -42.46
CA GLU B 176 52.30 -11.40 -42.12
C GLU B 176 53.17 -10.76 -43.18
N ILE B 177 53.09 -11.21 -44.44
CA ILE B 177 54.03 -10.81 -45.48
C ILE B 177 53.32 -10.06 -46.62
N LEU B 178 52.34 -10.68 -47.26
CA LEU B 178 51.68 -10.04 -48.39
C LEU B 178 50.81 -8.87 -47.94
N LYS B 179 50.24 -8.96 -46.74
CA LYS B 179 49.44 -7.90 -46.12
C LYS B 179 48.23 -7.52 -46.95
N THR B 180 47.89 -8.29 -47.98
CA THR B 180 46.80 -7.96 -48.89
C THR B 180 45.84 -9.13 -49.00
N HIS B 181 44.55 -8.81 -49.12
CA HIS B 181 43.52 -9.83 -49.26
C HIS B 181 43.48 -10.42 -50.65
N ILE B 182 43.84 -9.64 -51.67
CA ILE B 182 43.83 -10.07 -53.06
C ILE B 182 45.22 -10.54 -53.45
N ALA B 183 45.30 -11.70 -54.08
CA ALA B 183 46.59 -12.28 -54.46
C ALA B 183 46.59 -12.77 -55.91
N HIS B 184 46.04 -11.98 -56.83
CA HIS B 184 46.14 -12.27 -58.25
C HIS B 184 46.40 -10.99 -59.01
N TRP B 185 47.08 -11.11 -60.14
CA TRP B 185 47.58 -9.96 -60.89
C TRP B 185 47.31 -10.14 -62.38
N TRP B 186 46.66 -9.14 -62.96
CA TRP B 186 46.32 -9.14 -64.38
C TRP B 186 47.53 -8.76 -65.22
N SER B 187 47.66 -9.41 -66.38
CA SER B 187 48.69 -9.04 -67.33
C SER B 187 48.37 -7.68 -67.93
N PRO B 188 49.39 -6.97 -68.42
CA PRO B 188 49.13 -5.64 -69.01
C PRO B 188 48.16 -5.65 -70.17
N ASP B 189 48.11 -6.74 -70.95
CA ASP B 189 47.23 -6.83 -72.09
C ASP B 189 45.83 -7.31 -71.73
N GLY B 190 45.56 -7.56 -70.47
CA GLY B 190 44.27 -8.10 -70.07
C GLY B 190 44.00 -9.46 -70.68
N THR B 191 45.02 -10.29 -70.83
CA THR B 191 44.90 -11.60 -71.44
C THR B 191 45.45 -12.72 -70.57
N ARG B 192 46.37 -12.43 -69.66
CA ARG B 192 46.93 -13.41 -68.76
C ARG B 192 46.71 -12.98 -67.32
N LEU B 193 46.67 -13.96 -66.42
CA LEU B 193 46.40 -13.72 -65.01
C LEU B 193 47.30 -14.62 -64.17
N ALA B 194 48.00 -14.04 -63.21
CA ALA B 194 48.89 -14.78 -62.32
C ALA B 194 48.22 -14.92 -60.97
N TYR B 195 48.09 -16.15 -60.49
CA TYR B 195 47.45 -16.43 -59.22
C TYR B 195 48.30 -17.40 -58.40
N ALA B 196 48.25 -17.23 -57.08
CA ALA B 196 49.02 -18.03 -56.15
C ALA B 196 48.12 -19.11 -55.54
N ALA B 197 48.56 -20.35 -55.65
CA ALA B 197 47.85 -21.48 -55.03
C ALA B 197 48.54 -21.82 -53.71
N ILE B 198 47.79 -21.71 -52.62
CA ILE B 198 48.29 -22.01 -51.29
C ILE B 198 47.63 -23.29 -50.81
N ASN B 199 48.44 -24.28 -50.47
CA ASN B 199 47.98 -25.54 -49.91
C ASN B 199 48.13 -25.48 -48.39
N ASP B 200 47.00 -25.56 -47.70
CA ASP B 200 46.94 -25.51 -46.25
C ASP B 200 46.55 -26.84 -45.64
N SER B 201 46.56 -27.92 -46.42
CA SER B 201 46.14 -29.22 -45.91
C SER B 201 47.04 -29.70 -44.79
N ARG B 202 48.35 -29.44 -44.91
CA ARG B 202 49.30 -29.87 -43.90
C ARG B 202 49.33 -28.97 -42.67
N VAL B 203 48.76 -27.77 -42.75
CA VAL B 203 48.86 -26.81 -41.66
C VAL B 203 47.94 -27.23 -40.52
N PRO B 204 48.42 -27.23 -39.28
CA PRO B 204 47.53 -27.50 -38.15
C PRO B 204 46.43 -26.46 -38.05
N ILE B 205 45.25 -26.91 -37.62
CA ILE B 205 44.05 -26.08 -37.58
C ILE B 205 43.62 -25.90 -36.13
N MET B 206 43.51 -24.64 -35.71
CA MET B 206 43.04 -24.29 -34.37
C MET B 206 41.64 -23.72 -34.43
N GLU B 207 40.91 -23.90 -33.33
CA GLU B 207 39.51 -23.54 -33.25
C GLU B 207 39.33 -22.48 -32.15
N LEU B 208 38.56 -21.48 -32.45
CA LEU B 208 38.28 -20.39 -31.53
C LEU B 208 36.94 -20.59 -30.84
N PRO B 209 36.88 -20.46 -29.53
CA PRO B 209 35.61 -20.68 -28.81
C PRO B 209 34.58 -19.61 -29.15
N THR B 210 33.32 -19.99 -29.01
CA THR B 210 32.20 -19.10 -29.24
C THR B 210 31.34 -19.07 -27.98
N TYR B 211 30.86 -17.88 -27.62
CA TYR B 211 30.08 -17.71 -26.40
C TYR B 211 28.87 -16.81 -26.63
N THR B 212 28.49 -16.60 -27.90
CA THR B 212 27.35 -15.76 -28.23
C THR B 212 26.41 -16.38 -29.24
N GLY B 213 26.86 -17.37 -30.02
CA GLY B 213 26.07 -17.92 -31.10
C GLY B 213 24.74 -18.51 -30.70
N SER B 214 24.75 -19.62 -29.98
CA SER B 214 23.52 -20.35 -29.68
C SER B 214 23.63 -20.97 -28.29
N ILE B 215 22.64 -21.78 -27.93
CA ILE B 215 22.68 -22.48 -26.65
C ILE B 215 23.80 -23.52 -26.64
N TYR B 216 24.20 -24.01 -27.82
CA TYR B 216 25.34 -24.90 -27.97
C TYR B 216 26.26 -24.29 -29.02
N PRO B 217 26.98 -23.23 -28.69
CA PRO B 217 27.87 -22.61 -29.67
C PRO B 217 29.01 -23.54 -30.04
N THR B 218 29.48 -23.37 -31.27
CA THR B 218 30.55 -24.21 -31.81
C THR B 218 31.79 -23.38 -32.04
N VAL B 219 32.95 -24.06 -31.96
CA VAL B 219 34.22 -23.40 -32.20
C VAL B 219 34.40 -23.15 -33.70
N LYS B 220 35.27 -22.19 -34.03
CA LYS B 220 35.53 -21.86 -35.42
C LYS B 220 36.95 -22.29 -35.77
N PRO B 221 37.13 -23.30 -36.62
CA PRO B 221 38.48 -23.76 -36.95
C PRO B 221 39.05 -23.11 -38.20
N TYR B 222 40.32 -22.73 -38.12
CA TYR B 222 41.09 -22.27 -39.27
C TYR B 222 42.55 -22.68 -39.04
N HIS B 223 43.28 -22.82 -40.15
CA HIS B 223 44.66 -23.28 -40.08
C HIS B 223 45.58 -22.13 -39.64
N TYR B 224 46.39 -22.40 -38.63
CA TYR B 224 47.28 -21.39 -38.04
C TYR B 224 48.64 -22.02 -37.79
N PRO B 225 49.62 -21.82 -38.66
CA PRO B 225 50.95 -22.42 -38.45
C PRO B 225 51.69 -21.72 -37.31
N LYS B 226 51.82 -22.42 -36.19
CA LYS B 226 52.54 -21.89 -35.05
C LYS B 226 54.05 -21.98 -35.29
N ALA B 227 54.83 -21.41 -34.37
CA ALA B 227 56.28 -21.49 -34.46
C ALA B 227 56.74 -22.94 -34.28
N GLY B 228 57.69 -23.36 -35.10
CA GLY B 228 58.19 -24.72 -35.06
C GLY B 228 57.42 -25.71 -35.90
N SER B 229 56.30 -25.30 -36.51
CA SER B 229 55.53 -26.18 -37.37
C SER B 229 55.97 -25.99 -38.81
N GLU B 230 55.30 -26.68 -39.73
CA GLU B 230 55.58 -26.56 -41.15
C GLU B 230 54.78 -25.40 -41.73
N ASN B 231 55.37 -24.67 -42.66
CA ASN B 231 54.69 -23.53 -43.26
C ASN B 231 53.84 -23.99 -44.44
N PRO B 232 52.71 -23.31 -44.69
CA PRO B 232 51.81 -23.75 -45.77
C PRO B 232 52.50 -23.73 -47.13
N SER B 233 52.12 -24.69 -47.96
CA SER B 233 52.73 -24.82 -49.27
C SER B 233 52.25 -23.70 -50.20
N ILE B 234 53.15 -23.23 -51.05
CA ILE B 234 52.85 -22.15 -51.98
C ILE B 234 53.32 -22.52 -53.37
N SER B 235 52.54 -22.16 -54.38
CA SER B 235 52.93 -22.30 -55.77
C SER B 235 52.35 -21.12 -56.54
N LEU B 236 52.97 -20.81 -57.67
CA LEU B 236 52.52 -19.74 -58.55
C LEU B 236 52.06 -20.34 -59.87
N HIS B 237 50.96 -19.82 -60.40
CA HIS B 237 50.40 -20.32 -61.65
C HIS B 237 49.98 -19.16 -62.52
N VAL B 238 50.03 -19.38 -63.83
CA VAL B 238 49.64 -18.40 -64.83
C VAL B 238 48.58 -19.02 -65.72
N ILE B 239 47.47 -18.30 -65.92
CA ILE B 239 46.36 -18.78 -66.73
C ILE B 239 46.03 -17.72 -67.78
N GLY B 240 45.33 -18.15 -68.82
CA GLY B 240 44.90 -17.27 -69.88
C GLY B 240 43.48 -16.78 -69.65
N LEU B 241 43.22 -15.54 -70.06
CA LEU B 241 41.90 -14.96 -69.95
C LEU B 241 41.05 -15.18 -71.20
N ASN B 242 41.56 -15.93 -72.17
CA ASN B 242 40.82 -16.23 -73.39
C ASN B 242 41.35 -17.52 -73.98
N GLY B 243 40.55 -18.11 -74.88
CA GLY B 243 40.93 -19.33 -75.55
C GLY B 243 41.04 -20.51 -74.61
N PRO B 244 42.14 -21.25 -74.71
CA PRO B 244 42.29 -22.46 -73.89
C PRO B 244 42.38 -22.19 -72.39
N THR B 245 42.72 -20.96 -71.99
CA THR B 245 42.95 -20.62 -70.58
C THR B 245 43.95 -21.58 -69.93
N HIS B 246 45.04 -21.81 -70.66
CA HIS B 246 46.05 -22.77 -70.23
C HIS B 246 46.72 -22.31 -68.94
N ASP B 247 46.86 -23.23 -67.99
CA ASP B 247 47.48 -22.96 -66.72
C ASP B 247 48.97 -23.27 -66.80
N LEU B 248 49.80 -22.33 -66.37
CA LEU B 248 51.24 -22.49 -66.35
C LEU B 248 51.77 -22.18 -64.96
N GLU B 249 52.35 -23.19 -64.32
CA GLU B 249 52.95 -23.02 -63.00
C GLU B 249 54.37 -22.51 -63.15
N MET B 250 54.80 -21.69 -62.19
CA MET B 250 56.13 -21.10 -62.26
C MET B 250 57.10 -21.89 -61.40
N MET B 251 58.20 -22.33 -61.99
CA MET B 251 59.19 -23.12 -61.27
C MET B 251 59.97 -22.24 -60.30
N PRO B 252 59.99 -22.56 -59.02
CA PRO B 252 60.75 -21.77 -58.05
C PRO B 252 62.22 -22.10 -58.12
N PRO B 253 63.09 -21.25 -57.56
CA PRO B 253 64.51 -21.61 -57.45
C PRO B 253 64.70 -22.81 -56.54
N ASP B 254 65.78 -23.56 -56.79
CA ASP B 254 66.03 -24.79 -56.08
C ASP B 254 67.40 -24.80 -55.41
N ASP B 255 67.74 -23.72 -54.71
CA ASP B 255 69.01 -23.65 -54.02
C ASP B 255 69.09 -24.71 -52.93
N PRO B 256 70.30 -25.26 -52.70
CA PRO B 256 70.43 -26.30 -51.66
C PRO B 256 70.05 -25.84 -50.27
N ARG B 257 70.19 -24.56 -49.97
CA ARG B 257 69.83 -24.01 -48.67
C ARG B 257 68.43 -23.42 -48.64
N MET B 258 67.68 -23.55 -49.73
CA MET B 258 66.40 -22.88 -49.91
C MET B 258 65.31 -23.89 -50.28
N ARG B 259 65.21 -24.94 -49.47
CA ARG B 259 64.21 -25.99 -49.73
C ARG B 259 62.79 -25.43 -49.66
N GLU B 260 62.50 -24.63 -48.65
CA GLU B 260 61.17 -24.05 -48.46
C GLU B 260 61.19 -22.59 -48.84
N TYR B 261 60.19 -22.17 -49.61
CA TYR B 261 60.17 -20.84 -50.21
C TYR B 261 58.83 -20.17 -49.96
N TYR B 262 58.86 -18.84 -49.95
CA TYR B 262 57.66 -18.02 -49.95
C TYR B 262 57.78 -16.98 -51.06
N ILE B 263 56.65 -16.70 -51.69
CA ILE B 263 56.57 -15.68 -52.73
C ILE B 263 56.21 -14.36 -52.07
N THR B 264 57.17 -13.44 -52.01
CA THR B 264 56.95 -12.16 -51.34
C THR B 264 56.57 -11.04 -52.30
N MET B 265 56.78 -11.23 -53.61
CA MET B 265 56.42 -10.21 -54.58
C MET B 265 56.32 -10.86 -55.97
N VAL B 266 55.32 -10.44 -56.72
CA VAL B 266 55.21 -10.75 -58.15
C VAL B 266 54.78 -9.48 -58.86
N LYS B 267 55.35 -9.25 -60.05
CA LYS B 267 54.96 -8.11 -60.86
C LYS B 267 55.11 -8.47 -62.32
N TRP B 268 54.21 -7.93 -63.14
CA TRP B 268 54.17 -8.18 -64.58
C TRP B 268 55.21 -7.29 -65.24
N ALA B 269 56.37 -7.88 -65.57
CA ALA B 269 57.35 -7.14 -66.35
C ALA B 269 56.80 -6.80 -67.73
N THR B 270 56.16 -7.76 -68.38
CA THR B 270 55.44 -7.56 -69.63
C THR B 270 54.16 -8.36 -69.55
N SER B 271 53.50 -8.54 -70.70
CA SER B 271 52.35 -9.43 -70.77
C SER B 271 52.74 -10.90 -70.70
N THR B 272 54.03 -11.21 -70.79
CA THR B 272 54.53 -12.58 -70.70
C THR B 272 55.63 -12.77 -69.67
N LYS B 273 56.30 -11.71 -69.24
CA LYS B 273 57.38 -11.80 -68.27
C LYS B 273 56.91 -11.30 -66.91
N VAL B 274 57.26 -12.05 -65.87
CA VAL B 274 56.86 -11.73 -64.51
C VAL B 274 58.10 -11.78 -63.62
N ALA B 275 58.23 -10.79 -62.75
CA ALA B 275 59.33 -10.73 -61.79
C ALA B 275 58.81 -11.18 -60.43
N VAL B 276 59.43 -12.22 -59.87
CA VAL B 276 58.96 -12.85 -58.64
C VAL B 276 60.10 -12.84 -57.62
N THR B 277 59.78 -12.48 -56.38
CA THR B 277 60.73 -12.52 -55.29
C THR B 277 60.44 -13.76 -54.43
N TRP B 278 61.44 -14.61 -54.29
CA TRP B 278 61.33 -15.83 -53.50
C TRP B 278 62.26 -15.75 -52.30
N LEU B 279 61.72 -16.04 -51.12
CA LEU B 279 62.47 -15.94 -49.87
C LEU B 279 62.48 -17.31 -49.20
N ASN B 280 63.66 -17.73 -48.75
CA ASN B 280 63.77 -19.04 -48.12
C ASN B 280 63.05 -19.06 -46.77
N ARG B 281 62.84 -20.27 -46.24
CA ARG B 281 62.18 -20.40 -44.95
C ARG B 281 62.97 -19.71 -43.86
N ALA B 282 64.30 -19.82 -43.90
CA ALA B 282 65.14 -19.09 -42.95
C ALA B 282 65.07 -17.59 -43.16
N GLN B 283 64.50 -17.13 -44.29
CA GLN B 283 64.28 -15.71 -44.57
C GLN B 283 65.60 -14.95 -44.67
N ASN B 284 66.71 -15.69 -44.78
CA ASN B 284 68.03 -15.10 -44.95
C ASN B 284 68.53 -15.16 -46.39
N VAL B 285 67.71 -15.63 -47.33
CA VAL B 285 68.09 -15.74 -48.73
C VAL B 285 66.90 -15.32 -49.58
N SER B 286 67.07 -14.26 -50.38
CA SER B 286 66.04 -13.78 -51.28
C SER B 286 66.57 -13.77 -52.71
N ILE B 287 65.71 -14.13 -53.66
CA ILE B 287 66.08 -14.21 -55.07
C ILE B 287 64.99 -13.57 -55.91
N LEU B 288 65.38 -12.62 -56.75
CA LEU B 288 64.51 -12.04 -57.76
C LEU B 288 64.70 -12.81 -59.06
N THR B 289 63.60 -13.34 -59.61
CA THR B 289 63.64 -14.23 -60.76
C THR B 289 62.66 -13.76 -61.82
N LEU B 290 63.10 -13.80 -63.08
CA LEU B 290 62.24 -13.51 -64.22
C LEU B 290 61.69 -14.81 -64.79
N CYS B 291 60.37 -14.89 -64.90
CA CYS B 291 59.70 -16.09 -65.40
C CYS B 291 58.88 -15.71 -66.61
N ASP B 292 58.71 -16.68 -67.51
CA ASP B 292 57.92 -16.50 -68.72
C ASP B 292 56.52 -17.06 -68.49
N ALA B 293 55.51 -16.21 -68.65
CA ALA B 293 54.13 -16.66 -68.43
C ALA B 293 53.72 -17.74 -69.42
N THR B 294 54.11 -17.59 -70.68
CA THR B 294 53.75 -18.54 -71.73
C THR B 294 54.65 -19.77 -71.75
N THR B 295 55.75 -19.76 -71.01
CA THR B 295 56.69 -20.87 -71.02
C THR B 295 56.89 -21.50 -69.66
N GLY B 296 56.93 -20.70 -68.59
CA GLY B 296 57.22 -21.20 -67.27
C GLY B 296 58.68 -21.25 -66.91
N VAL B 297 59.58 -20.96 -67.86
CA VAL B 297 61.00 -20.96 -67.60
C VAL B 297 61.35 -19.74 -66.75
N CYS B 298 61.94 -19.97 -65.60
CA CYS B 298 62.28 -18.91 -64.65
C CYS B 298 63.78 -18.66 -64.67
N THR B 299 64.17 -17.43 -64.97
CA THR B 299 65.57 -17.03 -65.01
C THR B 299 65.85 -16.07 -63.87
N LYS B 300 66.81 -16.43 -63.01
CA LYS B 300 67.18 -15.56 -61.91
C LYS B 300 67.77 -14.26 -62.42
N LYS B 301 67.32 -13.14 -61.84
CA LYS B 301 67.85 -11.84 -62.19
C LYS B 301 68.61 -11.17 -61.05
N HIS B 302 68.42 -11.58 -59.80
CA HIS B 302 69.12 -10.97 -58.69
C HIS B 302 69.06 -11.91 -57.50
N GLU B 303 70.04 -11.78 -56.61
CA GLU B 303 70.07 -12.59 -55.39
C GLU B 303 70.73 -11.80 -54.28
N ASP B 304 70.22 -11.97 -53.05
CA ASP B 304 70.76 -11.33 -51.88
C ASP B 304 70.61 -12.26 -50.68
N GLU B 305 71.45 -12.04 -49.67
CA GLU B 305 71.38 -12.82 -48.44
C GLU B 305 71.93 -12.00 -47.30
N SER B 306 71.39 -12.23 -46.10
CA SER B 306 71.82 -11.55 -44.89
C SER B 306 71.94 -12.58 -43.76
N GLU B 307 72.76 -12.23 -42.76
CA GLU B 307 72.97 -13.15 -41.64
C GLU B 307 71.68 -13.37 -40.86
N ALA B 308 70.99 -12.29 -40.51
CA ALA B 308 69.79 -12.41 -39.69
C ALA B 308 68.57 -12.77 -40.53
N TRP B 309 68.18 -11.88 -41.43
CA TRP B 309 67.01 -12.09 -42.28
C TRP B 309 66.99 -11.04 -43.37
N LEU B 310 66.02 -11.16 -44.26
CA LEU B 310 65.78 -10.17 -45.30
C LEU B 310 64.57 -9.32 -44.94
N HIS B 311 64.75 -8.01 -44.93
CA HIS B 311 63.71 -7.07 -44.55
C HIS B 311 63.17 -6.36 -45.78
N ARG B 312 61.88 -6.03 -45.74
CA ARG B 312 61.20 -5.33 -46.82
C ARG B 312 61.30 -6.12 -48.12
N GLN B 313 60.67 -7.28 -48.12
CA GLN B 313 60.62 -8.16 -49.30
C GLN B 313 59.37 -7.95 -50.14
N ASN B 314 58.54 -6.97 -49.80
CA ASN B 314 57.28 -6.73 -50.49
C ASN B 314 57.35 -5.64 -51.55
N GLU B 315 58.54 -5.10 -51.81
CA GLU B 315 58.67 -3.95 -52.71
C GLU B 315 58.54 -4.38 -54.17
N GLU B 316 58.04 -3.46 -55.00
CA GLU B 316 57.84 -3.70 -56.41
C GLU B 316 58.76 -2.80 -57.23
N PRO B 317 59.71 -3.35 -57.99
CA PRO B 317 60.56 -2.50 -58.82
C PRO B 317 59.78 -1.84 -59.95
N VAL B 318 60.25 -0.67 -60.36
CA VAL B 318 59.63 0.12 -61.41
C VAL B 318 60.12 -0.42 -62.75
N PHE B 319 59.26 -1.13 -63.47
CA PHE B 319 59.60 -1.68 -64.77
C PHE B 319 59.07 -0.78 -65.88
N SER B 320 59.90 -0.59 -66.90
CA SER B 320 59.53 0.24 -68.03
C SER B 320 58.45 -0.44 -68.87
N LYS B 321 57.85 0.34 -69.77
CA LYS B 321 56.79 -0.17 -70.62
C LYS B 321 57.29 -1.28 -71.54
N ASP B 322 58.54 -1.17 -72.00
CA ASP B 322 59.12 -2.14 -72.93
C ASP B 322 59.90 -3.24 -72.24
N GLY B 323 59.90 -3.29 -70.92
CA GLY B 323 60.68 -4.29 -70.21
C GLY B 323 62.16 -4.00 -70.17
N ARG B 324 62.55 -2.74 -70.32
CA ARG B 324 63.95 -2.34 -70.29
C ARG B 324 64.39 -2.26 -68.82
N LYS B 325 65.55 -1.67 -68.56
CA LYS B 325 66.13 -1.62 -67.23
C LYS B 325 65.13 -1.09 -66.22
N PHE B 326 65.05 -1.76 -65.07
CA PHE B 326 64.12 -1.43 -64.01
C PHE B 326 64.84 -0.78 -62.83
N PHE B 327 64.03 -0.29 -61.89
CA PHE B 327 64.51 0.45 -60.73
C PHE B 327 64.05 -0.28 -59.48
N PHE B 328 64.94 -1.09 -58.91
CA PHE B 328 64.69 -1.82 -57.69
C PHE B 328 65.14 -0.96 -56.50
N ILE B 329 64.94 -1.48 -55.30
CA ILE B 329 65.45 -0.87 -54.08
C ILE B 329 65.96 -1.98 -53.18
N ARG B 330 67.13 -1.76 -52.58
CA ARG B 330 67.73 -2.79 -51.73
C ARG B 330 68.72 -2.15 -50.78
N ALA B 331 69.26 -2.97 -49.89
CA ALA B 331 70.18 -2.50 -48.85
C ALA B 331 71.58 -2.42 -49.43
N ILE B 332 72.09 -1.20 -49.58
CA ILE B 332 73.48 -0.96 -49.97
C ILE B 332 74.26 -0.66 -48.70
N PRO B 333 75.57 -0.96 -48.65
CA PRO B 333 76.30 -0.80 -47.38
C PRO B 333 76.24 0.60 -46.81
N GLN B 334 76.22 1.63 -47.66
CA GLN B 334 76.07 3.03 -47.22
C GLN B 334 77.15 3.38 -46.18
N GLY B 335 78.36 2.92 -46.43
CA GLY B 335 79.45 3.18 -45.51
C GLY B 335 79.17 2.60 -44.14
N GLY B 336 79.39 3.41 -43.10
CA GLY B 336 79.16 3.00 -41.74
C GLY B 336 77.70 3.11 -41.34
N ARG B 337 77.45 2.85 -40.06
CA ARG B 337 76.11 2.89 -39.47
C ARG B 337 75.15 1.94 -40.18
N GLY B 338 75.66 0.77 -40.57
CA GLY B 338 74.83 -0.25 -41.19
C GLY B 338 74.41 0.12 -42.60
N LYS B 339 73.93 -0.91 -43.31
CA LYS B 339 73.47 -0.73 -44.69
C LYS B 339 72.09 -0.09 -44.72
N PHE B 340 71.90 0.82 -45.66
CA PHE B 340 70.67 1.57 -45.80
C PHE B 340 69.95 1.15 -47.08
N TYR B 341 68.63 1.31 -47.09
CA TYR B 341 67.82 0.95 -48.25
C TYR B 341 67.83 2.08 -49.26
N HIS B 342 68.45 1.84 -50.42
CA HIS B 342 68.54 2.84 -51.47
C HIS B 342 68.11 2.23 -52.79
N ILE B 343 67.81 3.11 -53.74
CA ILE B 343 67.34 2.72 -55.05
C ILE B 343 68.52 2.27 -55.91
N THR B 344 68.31 1.21 -56.69
CA THR B 344 69.31 0.66 -57.58
C THR B 344 68.69 0.49 -58.96
N VAL B 345 69.50 0.69 -60.00
CA VAL B 345 69.06 0.54 -61.38
C VAL B 345 69.70 -0.72 -61.94
N SER B 346 68.87 -1.62 -62.48
CA SER B 346 69.35 -2.88 -63.02
C SER B 346 68.90 -3.02 -64.47
N SER B 347 69.80 -3.52 -65.31
CA SER B 347 69.50 -3.66 -66.73
C SER B 347 68.35 -4.63 -66.95
N SER B 348 67.82 -4.62 -68.18
CA SER B 348 66.67 -5.46 -68.51
C SER B 348 67.00 -6.94 -68.33
N GLN B 349 68.14 -7.37 -68.84
CA GLN B 349 68.59 -8.76 -68.71
C GLN B 349 70.04 -8.75 -68.25
N PRO B 350 70.28 -8.57 -66.96
CA PRO B 350 71.66 -8.53 -66.45
C PRO B 350 72.38 -9.85 -66.72
N ASN B 351 73.67 -9.74 -67.05
CA ASN B 351 74.49 -10.92 -67.32
C ASN B 351 74.87 -11.60 -66.01
N SER B 352 75.15 -12.89 -66.10
CA SER B 352 75.57 -13.65 -64.93
C SER B 352 76.99 -13.30 -64.49
N SER B 353 77.76 -12.63 -65.36
CA SER B 353 79.13 -12.26 -64.99
C SER B 353 79.14 -11.24 -63.84
N ASN B 354 78.28 -10.24 -63.91
CA ASN B 354 78.24 -9.21 -62.88
C ASN B 354 76.88 -8.52 -62.92
N ASP B 355 76.58 -7.80 -61.84
CA ASP B 355 75.35 -7.05 -61.74
C ASP B 355 75.57 -5.59 -62.15
N ASN B 356 74.48 -4.94 -62.53
CA ASN B 356 74.50 -3.55 -62.98
C ASN B 356 74.11 -2.59 -61.86
N ILE B 357 74.45 -2.94 -60.61
CA ILE B 357 74.00 -2.16 -59.47
C ILE B 357 74.52 -0.74 -59.55
N GLN B 358 73.64 0.23 -59.28
CA GLN B 358 74.01 1.64 -59.30
C GLN B 358 73.01 2.39 -58.45
N SER B 359 73.47 2.94 -57.32
CA SER B 359 72.59 3.67 -56.41
C SER B 359 72.22 5.01 -57.02
N ILE B 360 70.91 5.24 -57.19
CA ILE B 360 70.45 6.52 -57.72
C ILE B 360 70.82 7.65 -56.77
N THR B 361 70.60 7.44 -55.47
CA THR B 361 70.92 8.42 -54.44
C THR B 361 71.88 7.81 -53.44
N SER B 362 72.25 8.61 -52.44
CA SER B 362 73.11 8.17 -51.36
C SER B 362 72.89 9.04 -50.15
N GLY B 363 73.16 8.49 -48.97
CA GLY B 363 72.99 9.23 -47.73
C GLY B 363 72.45 8.37 -46.61
N ASP B 364 72.60 8.84 -45.37
CA ASP B 364 72.12 8.11 -44.20
C ASP B 364 70.61 8.27 -44.05
N TRP B 365 69.90 7.76 -45.05
CA TRP B 365 68.45 7.76 -45.07
C TRP B 365 67.99 6.62 -45.96
N ASP B 366 66.67 6.49 -46.10
CA ASP B 366 66.09 5.40 -46.87
C ASP B 366 64.92 5.90 -47.72
N VAL B 367 64.63 5.15 -48.77
CA VAL B 367 63.49 5.40 -49.64
C VAL B 367 62.36 4.48 -49.19
N THR B 368 61.30 5.07 -48.65
CA THR B 368 60.18 4.24 -48.19
C THR B 368 59.50 3.56 -49.36
N LYS B 369 59.34 4.26 -50.48
CA LYS B 369 58.73 3.69 -51.67
C LYS B 369 59.18 4.50 -52.88
N ILE B 370 59.25 3.83 -54.03
CA ILE B 370 59.58 4.49 -55.28
C ILE B 370 58.28 4.66 -56.08
N LEU B 371 57.90 5.91 -56.35
CA LEU B 371 56.62 6.14 -57.00
C LEU B 371 56.62 5.61 -58.43
N ALA B 372 57.46 6.17 -59.29
CA ALA B 372 57.42 5.79 -60.70
C ALA B 372 58.63 6.36 -61.42
N TYR B 373 58.73 6.02 -62.71
CA TYR B 373 59.79 6.52 -63.58
C TYR B 373 59.19 7.03 -64.87
N ASP B 374 59.74 8.12 -65.39
CA ASP B 374 59.34 8.71 -66.65
C ASP B 374 60.28 8.23 -67.75
N GLU B 375 59.73 7.50 -68.72
CA GLU B 375 60.51 7.14 -69.91
C GLU B 375 60.89 8.36 -70.73
N LYS B 376 60.13 9.46 -70.60
CA LYS B 376 60.37 10.68 -71.37
C LYS B 376 61.41 11.55 -70.65
N GLY B 377 62.64 11.02 -70.60
CA GLY B 377 63.77 11.74 -70.04
C GLY B 377 64.32 11.06 -68.80
N ASN B 378 64.70 11.87 -67.81
CA ASN B 378 65.36 11.41 -66.59
C ASN B 378 64.55 11.90 -65.39
N LYS B 379 63.58 11.09 -64.96
CA LYS B 379 62.73 11.44 -63.84
C LYS B 379 62.35 10.18 -63.08
N ILE B 380 62.84 10.06 -61.85
CA ILE B 380 62.45 8.98 -60.95
C ILE B 380 61.85 9.62 -59.70
N TYR B 381 60.58 9.31 -59.43
CA TYR B 381 59.84 9.88 -58.31
C TYR B 381 59.68 8.84 -57.22
N PHE B 382 59.95 9.23 -55.98
CA PHE B 382 59.90 8.32 -54.86
C PHE B 382 59.56 9.10 -53.59
N LEU B 383 59.22 8.36 -52.54
CA LEU B 383 59.01 8.92 -51.21
C LEU B 383 60.15 8.47 -50.32
N SER B 384 60.71 9.40 -49.54
CA SER B 384 61.89 9.08 -48.75
C SER B 384 61.88 9.88 -47.46
N THR B 385 62.69 9.40 -46.51
CA THR B 385 62.92 10.07 -45.22
C THR B 385 64.22 10.87 -45.25
N GLU B 386 64.52 11.47 -46.40
CA GLU B 386 65.80 12.17 -46.57
C GLU B 386 65.93 13.33 -45.58
N ASP B 387 64.88 14.13 -45.42
CA ASP B 387 64.94 15.26 -44.50
C ASP B 387 65.08 14.79 -43.06
N LEU B 388 64.32 13.77 -42.68
CA LEU B 388 64.32 13.23 -41.33
C LEU B 388 63.76 11.82 -41.38
N PRO B 389 64.25 10.90 -40.54
CA PRO B 389 63.64 9.57 -40.49
C PRO B 389 62.20 9.58 -40.03
N ARG B 390 61.76 10.63 -39.34
CA ARG B 390 60.40 10.74 -38.87
C ARG B 390 59.47 11.44 -39.85
N ARG B 391 59.97 11.86 -41.01
CA ARG B 391 59.17 12.57 -41.99
C ARG B 391 59.25 11.86 -43.34
N ARG B 392 58.15 11.88 -44.08
CA ARG B 392 58.07 11.31 -45.42
C ARG B 392 57.87 12.45 -46.41
N GLN B 393 58.82 12.58 -47.34
CA GLN B 393 58.81 13.66 -48.31
C GLN B 393 59.01 13.10 -49.71
N LEU B 394 58.39 13.75 -50.68
CA LEU B 394 58.49 13.32 -52.07
C LEU B 394 59.74 13.91 -52.71
N TYR B 395 60.55 13.05 -53.34
CA TYR B 395 61.77 13.47 -54.00
C TYR B 395 61.78 12.90 -55.42
N SER B 396 62.54 13.58 -56.29
CA SER B 396 62.73 13.15 -57.67
C SER B 396 64.20 13.27 -58.01
N ALA B 397 64.74 12.25 -58.64
CA ALA B 397 66.11 12.23 -59.12
C ALA B 397 66.13 11.94 -60.62
N ASN B 398 67.34 11.88 -61.18
CA ASN B 398 67.52 11.66 -62.61
C ASN B 398 68.16 10.30 -62.86
N THR B 399 67.55 9.52 -63.74
CA THR B 399 68.07 8.19 -64.06
C THR B 399 69.41 8.26 -64.77
N VAL B 400 69.73 9.40 -65.39
CA VAL B 400 71.01 9.55 -66.07
C VAL B 400 72.13 9.67 -65.04
N GLY B 401 73.36 9.59 -65.52
CA GLY B 401 74.54 9.50 -64.66
C GLY B 401 74.72 10.62 -63.65
N ASN B 402 74.08 11.76 -63.87
CA ASN B 402 74.21 12.86 -62.92
C ASN B 402 73.64 12.49 -61.56
N PHE B 403 72.47 11.82 -61.54
CA PHE B 403 71.81 11.39 -60.30
C PHE B 403 71.57 12.59 -59.38
N ASN B 404 71.14 13.69 -59.97
CA ASN B 404 70.84 14.91 -59.22
C ASN B 404 69.42 14.82 -58.66
N ARG B 405 69.30 15.03 -57.34
CA ARG B 405 68.02 14.93 -56.67
C ARG B 405 67.31 16.28 -56.68
N GLN B 406 66.07 16.29 -57.14
CA GLN B 406 65.24 17.49 -57.17
C GLN B 406 64.12 17.36 -56.16
N CYS B 407 63.94 18.41 -55.35
CA CYS B 407 62.81 18.47 -54.41
C CYS B 407 61.51 18.64 -55.16
N LEU B 408 60.43 18.13 -54.58
CA LEU B 408 59.11 18.59 -54.98
C LEU B 408 58.37 19.24 -53.80
N SER B 409 58.40 18.62 -52.62
CA SER B 409 57.70 19.23 -51.50
C SER B 409 58.63 20.05 -50.61
N CYS B 410 59.52 19.38 -49.85
CA CYS B 410 60.44 20.03 -48.90
C CYS B 410 59.82 21.27 -48.26
N ASP B 411 58.70 21.06 -47.56
CA ASP B 411 57.87 22.11 -46.98
C ASP B 411 57.23 22.97 -48.07
N LEU B 412 56.50 22.30 -48.97
CA LEU B 412 55.67 23.01 -49.93
C LEU B 412 54.59 23.80 -49.22
N VAL B 413 53.99 23.22 -48.18
CA VAL B 413 53.10 23.92 -47.27
C VAL B 413 53.65 23.75 -45.86
N GLU B 414 53.74 24.85 -45.12
CA GLU B 414 54.41 24.82 -43.82
C GLU B 414 53.68 23.93 -42.83
N ASN B 415 52.35 23.85 -42.93
CA ASN B 415 51.57 23.10 -41.94
C ASN B 415 51.91 21.60 -41.98
N CYS B 416 52.07 21.05 -43.19
CA CYS B 416 52.23 19.61 -43.37
C CYS B 416 53.66 19.26 -43.75
N THR B 417 54.18 18.20 -43.14
CA THR B 417 55.51 17.68 -43.41
C THR B 417 55.49 16.27 -43.98
N TYR B 418 54.55 15.43 -43.54
CA TYR B 418 54.36 14.13 -44.16
C TYR B 418 53.81 14.31 -45.57
N PHE B 419 54.10 13.35 -46.44
CA PHE B 419 53.72 13.48 -47.84
C PHE B 419 53.55 12.12 -48.48
N SER B 420 52.67 12.08 -49.48
CA SER B 420 52.55 10.93 -50.38
C SER B 420 52.01 11.45 -51.71
N ALA B 421 52.27 10.72 -52.77
CA ALA B 421 51.90 11.20 -54.10
C ALA B 421 51.55 10.04 -55.01
N SER B 422 50.80 10.35 -56.05
CA SER B 422 50.37 9.38 -57.06
C SER B 422 50.31 10.09 -58.40
N PHE B 423 51.17 9.69 -59.33
CA PHE B 423 51.31 10.37 -60.60
C PHE B 423 50.36 9.81 -61.65
N SER B 424 50.15 10.60 -62.70
CA SER B 424 49.29 10.21 -63.80
C SER B 424 50.04 9.24 -64.72
N HIS B 425 49.41 8.85 -65.84
CA HIS B 425 50.03 7.92 -66.76
C HIS B 425 51.29 8.51 -67.41
N SER B 426 51.22 9.75 -67.86
CA SER B 426 52.32 10.39 -68.57
C SER B 426 53.17 11.26 -67.66
N MET B 427 53.09 11.03 -66.35
CA MET B 427 53.88 11.74 -65.34
C MET B 427 53.60 13.23 -65.33
N ASP B 428 52.57 13.69 -66.05
CA ASP B 428 52.33 15.12 -66.21
C ASP B 428 51.90 15.75 -64.89
N PHE B 429 50.91 15.16 -64.23
CA PHE B 429 50.38 15.68 -62.97
C PHE B 429 50.47 14.59 -61.93
N PHE B 430 50.21 14.96 -60.68
CA PHE B 430 50.21 14.00 -59.59
C PHE B 430 49.38 14.52 -58.43
N LEU B 431 48.60 13.63 -57.84
CA LEU B 431 47.93 13.91 -56.58
C LEU B 431 48.93 13.86 -55.45
N LEU B 432 48.77 14.76 -54.49
CA LEU B 432 49.66 14.87 -53.34
C LEU B 432 48.83 15.01 -52.08
N LYS B 433 49.29 14.37 -51.01
CA LYS B 433 48.61 14.36 -49.73
C LYS B 433 49.59 14.58 -48.60
N CYS B 434 49.18 15.41 -47.64
CA CYS B 434 50.03 15.79 -46.51
C CYS B 434 49.85 14.85 -45.32
N GLU B 435 48.61 14.72 -44.84
CA GLU B 435 48.24 13.85 -43.72
C GLU B 435 49.21 13.95 -42.54
N GLY B 436 49.72 15.15 -42.27
CA GLY B 436 50.55 15.36 -41.10
C GLY B 436 51.64 16.40 -41.31
N PRO B 437 51.95 17.15 -40.24
CA PRO B 437 51.26 17.06 -38.95
C PRO B 437 49.99 17.90 -38.94
N GLY B 438 49.68 18.52 -40.06
CA GLY B 438 48.47 19.29 -40.22
C GLY B 438 47.31 18.42 -40.67
N VAL B 439 46.18 19.07 -40.91
CA VAL B 439 45.00 18.35 -41.41
C VAL B 439 45.34 17.73 -42.76
N PRO B 440 44.89 16.49 -43.03
CA PRO B 440 45.20 15.88 -44.32
C PRO B 440 44.81 16.78 -45.49
N MET B 441 45.76 16.99 -46.39
CA MET B 441 45.66 17.99 -47.45
C MET B 441 45.79 17.29 -48.79
N VAL B 442 44.69 17.23 -49.54
CA VAL B 442 44.64 16.54 -50.82
C VAL B 442 44.65 17.60 -51.91
N THR B 443 45.64 17.53 -52.80
CA THR B 443 45.87 18.57 -53.78
C THR B 443 46.39 17.93 -55.07
N VAL B 444 46.27 18.67 -56.17
CA VAL B 444 46.84 18.27 -57.45
C VAL B 444 47.99 19.20 -57.78
N HIS B 445 49.15 18.62 -58.09
CA HIS B 445 50.32 19.40 -58.51
C HIS B 445 50.83 18.84 -59.82
N ASN B 446 51.82 19.53 -60.39
CA ASN B 446 52.42 19.14 -61.65
C ASN B 446 53.94 19.15 -61.54
N THR B 447 54.56 18.14 -62.16
CA THR B 447 56.00 17.94 -62.05
C THR B 447 56.83 19.09 -62.61
N THR B 448 56.30 19.82 -63.58
CA THR B 448 57.06 20.92 -64.20
C THR B 448 56.90 22.22 -63.42
N ASP B 449 55.67 22.64 -63.19
CA ASP B 449 55.42 23.89 -62.49
C ASP B 449 55.64 23.77 -60.98
N LYS B 450 55.37 22.59 -60.42
CA LYS B 450 55.42 22.38 -58.96
C LYS B 450 54.53 23.37 -58.24
N LYS B 451 53.38 23.67 -58.83
CA LYS B 451 52.44 24.65 -58.30
C LYS B 451 51.07 24.01 -58.17
N LYS B 452 50.34 24.40 -57.12
CA LYS B 452 48.97 23.95 -56.90
C LYS B 452 48.04 24.67 -57.86
N MET B 453 47.45 23.94 -58.81
CA MET B 453 46.39 24.53 -59.63
C MET B 453 45.15 24.84 -58.79
N PHE B 454 44.78 23.92 -57.90
CA PHE B 454 43.58 24.10 -57.09
C PHE B 454 43.63 23.16 -55.89
N ASP B 455 42.66 23.32 -55.00
CA ASP B 455 42.51 22.48 -53.81
C ASP B 455 41.53 21.36 -54.12
N LEU B 456 42.02 20.12 -54.06
CA LEU B 456 41.11 18.98 -54.23
C LEU B 456 40.27 18.77 -52.97
N GLU B 457 40.89 18.87 -51.80
CA GLU B 457 40.18 18.71 -50.53
C GLU B 457 41.11 19.14 -49.40
N THR B 458 40.55 19.81 -48.40
CA THR B 458 41.32 20.27 -47.25
C THR B 458 40.69 19.96 -45.91
N ASN B 459 39.39 19.63 -45.89
CA ASN B 459 38.67 19.32 -44.64
C ASN B 459 38.77 20.48 -43.65
N GLU B 460 38.23 21.63 -44.07
CA GLU B 460 38.23 22.82 -43.21
C GLU B 460 37.40 22.60 -41.96
N HIS B 461 36.45 21.65 -41.98
CA HIS B 461 35.74 21.30 -40.77
C HIS B 461 36.68 20.74 -39.72
N VAL B 462 37.65 19.91 -40.14
CA VAL B 462 38.70 19.48 -39.22
C VAL B 462 39.50 20.67 -38.73
N LYS B 463 39.73 21.65 -39.60
CA LYS B 463 40.46 22.85 -39.21
C LYS B 463 39.75 23.57 -38.06
N LYS B 464 38.46 23.86 -38.24
CA LYS B 464 37.78 24.59 -37.16
C LYS B 464 37.60 23.72 -35.92
N ALA B 465 37.49 22.41 -36.10
CA ALA B 465 37.39 21.52 -34.95
C ALA B 465 38.66 21.56 -34.11
N ILE B 466 39.82 21.40 -34.75
CA ILE B 466 41.08 21.45 -34.01
C ILE B 466 41.36 22.84 -33.48
N ASN B 467 40.84 23.89 -34.13
CA ASN B 467 41.01 25.24 -33.60
C ASN B 467 39.96 25.60 -32.56
N ASP B 468 38.97 24.73 -32.34
CA ASP B 468 37.88 25.01 -31.40
C ASP B 468 38.20 24.56 -29.98
N ARG B 469 39.21 23.72 -29.77
CA ARG B 469 39.55 23.26 -28.43
C ARG B 469 41.02 23.43 -28.12
N GLN B 470 41.43 22.91 -26.96
CA GLN B 470 42.82 23.01 -26.51
C GLN B 470 43.64 21.96 -27.27
N MET B 471 44.13 22.33 -28.44
CA MET B 471 44.98 21.42 -29.20
C MET B 471 46.27 21.17 -28.44
N PRO B 472 46.61 19.91 -28.16
CA PRO B 472 47.80 19.61 -27.36
C PRO B 472 49.08 20.02 -28.09
N LYS B 473 50.06 20.50 -27.33
CA LYS B 473 51.33 20.91 -27.90
C LYS B 473 52.17 19.70 -28.28
N VAL B 474 52.70 19.71 -29.51
CA VAL B 474 53.52 18.63 -30.03
C VAL B 474 54.96 19.11 -30.08
N GLU B 475 55.87 18.32 -29.51
CA GLU B 475 57.28 18.65 -29.51
C GLU B 475 58.10 17.37 -29.45
N TYR B 476 59.40 17.50 -29.71
CA TYR B 476 60.31 16.37 -29.79
C TYR B 476 61.52 16.63 -28.91
N ARG B 477 61.91 15.62 -28.13
CA ARG B 477 63.16 15.66 -27.37
C ARG B 477 63.88 14.34 -27.63
N ASP B 478 64.58 14.28 -28.77
CA ASP B 478 65.21 13.03 -29.17
C ASP B 478 66.42 12.74 -28.29
N ILE B 479 66.66 11.45 -28.06
CA ILE B 479 67.73 11.01 -27.18
C ILE B 479 68.79 10.35 -28.04
N GLU B 480 69.91 9.97 -27.41
CA GLU B 480 71.04 9.38 -28.12
C GLU B 480 71.63 8.25 -27.29
N ILE B 481 71.68 7.06 -27.87
CA ILE B 481 72.18 5.86 -27.19
C ILE B 481 73.06 5.09 -28.16
N ASP B 482 74.20 4.60 -27.68
CA ASP B 482 75.18 3.86 -28.48
C ASP B 482 75.62 4.78 -29.61
N ASP B 483 75.73 4.30 -30.86
CA ASP B 483 75.96 5.16 -32.01
C ASP B 483 74.67 5.48 -32.76
N TYR B 484 73.55 5.55 -32.03
CA TYR B 484 72.25 5.78 -32.63
C TYR B 484 71.58 6.99 -31.98
N ASN B 485 70.85 7.74 -32.81
CA ASN B 485 69.97 8.80 -32.34
C ASN B 485 68.55 8.25 -32.28
N LEU B 486 68.03 8.09 -31.08
CA LEU B 486 66.74 7.47 -30.87
C LEU B 486 65.66 8.53 -30.84
N PRO B 487 64.71 8.50 -31.78
CA PRO B 487 63.65 9.51 -31.79
C PRO B 487 62.59 9.26 -30.74
N MET B 488 61.90 10.33 -30.38
CA MET B 488 60.78 10.27 -29.45
C MET B 488 60.02 11.58 -29.51
N GLN B 489 58.81 11.56 -28.96
CA GLN B 489 58.00 12.77 -28.87
C GLN B 489 57.35 12.83 -27.50
N ILE B 490 57.02 14.05 -27.08
CA ILE B 490 56.32 14.30 -25.83
C ILE B 490 55.23 15.33 -26.10
N LEU B 491 54.09 15.17 -25.43
CA LEU B 491 52.92 16.00 -25.67
C LEU B 491 52.63 16.87 -24.44
N LYS B 492 52.13 18.07 -24.69
CA LYS B 492 51.71 19.00 -23.65
C LYS B 492 50.27 19.43 -23.92
N PRO B 493 49.50 19.70 -22.87
CA PRO B 493 48.06 19.95 -23.07
C PRO B 493 47.72 21.38 -23.48
N ALA B 494 48.72 22.15 -23.89
CA ALA B 494 48.63 23.55 -24.32
C ALA B 494 48.32 24.50 -23.17
N THR B 495 48.10 23.99 -21.95
CA THR B 495 48.05 24.80 -20.75
C THR B 495 49.23 24.49 -19.84
N PHE B 496 50.32 24.01 -20.44
CA PHE B 496 51.45 23.49 -19.67
C PHE B 496 52.10 24.59 -18.84
N THR B 497 52.39 24.25 -17.59
CA THR B 497 53.18 25.10 -16.70
C THR B 497 54.28 24.26 -16.09
N ASP B 498 55.52 24.74 -16.18
CA ASP B 498 56.66 23.98 -15.70
C ASP B 498 56.61 23.78 -14.19
N THR B 499 55.94 24.69 -13.47
CA THR B 499 55.86 24.57 -12.01
C THR B 499 55.00 23.39 -11.59
N THR B 500 53.83 23.23 -12.20
CA THR B 500 52.90 22.20 -11.80
C THR B 500 53.40 20.82 -12.23
N HIS B 501 52.91 19.79 -11.55
CA HIS B 501 53.34 18.42 -11.77
C HIS B 501 52.29 17.69 -12.60
N TYR B 502 52.74 16.92 -13.59
CA TYR B 502 51.86 16.16 -14.45
C TYR B 502 52.25 14.68 -14.44
N PRO B 503 51.28 13.78 -14.32
CA PRO B 503 51.60 12.35 -14.37
C PRO B 503 52.04 11.93 -15.77
N LEU B 504 52.85 10.88 -15.82
CA LEU B 504 53.45 10.40 -17.06
C LEU B 504 52.75 9.15 -17.57
N LEU B 505 52.58 9.07 -18.89
CA LEU B 505 52.14 7.87 -19.57
C LEU B 505 53.17 7.51 -20.62
N LEU B 506 53.50 6.22 -20.73
CA LEU B 506 54.33 5.72 -21.82
C LEU B 506 53.47 4.85 -22.73
N VAL B 507 53.67 5.00 -24.04
CA VAL B 507 53.01 4.17 -25.04
C VAL B 507 54.10 3.52 -25.89
N VAL B 508 54.04 2.20 -26.01
CA VAL B 508 55.09 1.44 -26.68
C VAL B 508 54.48 0.58 -27.77
N ASP B 509 55.11 0.61 -28.94
CA ASP B 509 54.82 -0.33 -30.02
C ASP B 509 55.98 -1.28 -30.24
N GLY B 510 57.17 -0.76 -30.57
CA GLY B 510 58.36 -1.57 -30.63
C GLY B 510 58.31 -2.73 -31.59
N THR B 511 57.39 -2.72 -32.53
CA THR B 511 57.29 -3.81 -33.49
C THR B 511 58.53 -3.82 -34.37
N PRO B 512 59.26 -4.93 -34.46
CA PRO B 512 60.46 -4.96 -35.31
C PRO B 512 60.10 -4.69 -36.76
N GLY B 513 60.62 -3.59 -37.29
CA GLY B 513 60.31 -3.14 -38.63
C GLY B 513 59.27 -2.04 -38.71
N SER B 514 58.88 -1.46 -37.59
CA SER B 514 57.88 -0.40 -37.54
C SER B 514 58.47 0.87 -36.93
N GLN B 515 57.70 1.94 -37.00
CA GLN B 515 58.10 3.22 -36.42
C GLN B 515 56.89 3.85 -35.75
N SER B 516 57.04 4.21 -34.47
CA SER B 516 55.97 4.87 -33.73
C SER B 516 56.12 6.38 -33.66
N VAL B 517 57.29 6.92 -34.01
CA VAL B 517 57.53 8.36 -34.00
C VAL B 517 57.58 8.81 -35.45
N ALA B 518 56.44 9.27 -35.96
CA ALA B 518 56.34 9.76 -37.32
C ALA B 518 55.48 11.02 -37.34
N GLU B 519 55.73 11.86 -38.35
CA GLU B 519 55.01 13.13 -38.46
C GLU B 519 53.76 12.98 -39.32
N LYS B 520 52.94 12.01 -38.93
CA LYS B 520 51.64 11.79 -39.55
C LYS B 520 50.57 12.24 -38.57
N PHE B 521 49.60 13.01 -39.07
CA PHE B 521 48.53 13.54 -38.23
C PHE B 521 47.65 12.38 -37.78
N GLU B 522 47.51 12.22 -36.47
CA GLU B 522 46.64 11.19 -35.91
C GLU B 522 46.10 11.67 -34.57
N VAL B 523 44.87 11.30 -34.29
CA VAL B 523 44.23 11.60 -33.01
C VAL B 523 43.69 10.30 -32.43
N SER B 524 43.95 10.07 -31.15
CA SER B 524 43.58 8.81 -30.51
C SER B 524 43.26 9.12 -29.06
N TRP B 525 43.19 8.07 -28.23
CA TRP B 525 42.92 8.26 -26.82
C TRP B 525 43.99 9.13 -26.16
N GLU B 526 45.21 9.09 -26.70
CA GLU B 526 46.30 9.89 -26.14
C GLU B 526 45.91 11.36 -26.06
N THR B 527 45.47 11.92 -27.18
CA THR B 527 44.97 13.29 -27.17
C THR B 527 43.75 13.41 -26.27
N VAL B 528 42.96 12.34 -26.16
CA VAL B 528 41.73 12.41 -25.37
C VAL B 528 42.05 12.74 -23.91
N MET B 529 43.01 12.03 -23.31
CA MET B 529 43.28 12.39 -21.92
C MET B 529 44.34 13.48 -21.78
N VAL B 530 45.17 13.72 -22.80
CA VAL B 530 46.10 14.84 -22.72
C VAL B 530 45.34 16.16 -22.68
N SER B 531 44.37 16.31 -23.58
CA SER B 531 43.59 17.54 -23.63
C SER B 531 42.66 17.67 -22.42
N SER B 532 42.08 16.55 -21.98
CA SER B 532 41.07 16.61 -20.93
C SER B 532 41.64 16.25 -19.56
N HIS B 533 42.24 15.07 -19.43
CA HIS B 533 42.67 14.59 -18.14
C HIS B 533 44.07 15.03 -17.75
N GLY B 534 44.74 15.80 -18.62
CA GLY B 534 46.03 16.37 -18.27
C GLY B 534 47.13 15.36 -18.05
N ALA B 535 47.53 14.67 -19.12
CA ALA B 535 48.62 13.72 -19.06
C ALA B 535 49.67 14.09 -20.09
N VAL B 536 50.89 13.58 -19.88
CA VAL B 536 51.98 13.73 -20.84
C VAL B 536 52.38 12.35 -21.31
N VAL B 537 52.35 12.13 -22.62
CA VAL B 537 52.52 10.82 -23.22
C VAL B 537 53.87 10.75 -23.91
N VAL B 538 54.51 9.59 -23.81
CA VAL B 538 55.83 9.35 -24.38
C VAL B 538 55.72 8.27 -25.44
N LYS B 539 56.10 8.61 -26.66
CA LYS B 539 56.27 7.63 -27.74
C LYS B 539 57.76 7.51 -28.03
N CYS B 540 58.28 6.29 -27.94
CA CYS B 540 59.70 6.03 -28.17
C CYS B 540 59.86 4.92 -29.20
N ASP B 541 60.90 5.03 -30.01
CA ASP B 541 61.23 4.03 -31.03
C ASP B 541 62.65 3.55 -30.75
N GLY B 542 62.78 2.55 -29.88
CA GLY B 542 64.07 2.00 -29.53
C GLY B 542 64.69 1.23 -30.68
N ARG B 543 65.70 0.43 -30.33
CA ARG B 543 66.37 -0.38 -31.33
C ARG B 543 65.41 -1.42 -31.91
N GLY B 544 65.65 -1.77 -33.17
CA GLY B 544 64.74 -2.58 -33.94
C GLY B 544 63.73 -1.80 -34.75
N SER B 545 63.66 -0.49 -34.56
CA SER B 545 62.80 0.34 -35.38
C SER B 545 63.34 0.38 -36.81
N GLY B 546 62.41 0.30 -37.76
CA GLY B 546 62.80 0.34 -39.16
C GLY B 546 63.11 1.75 -39.64
N PHE B 547 63.54 1.83 -40.90
CA PHE B 547 63.86 3.09 -41.57
C PHE B 547 64.99 3.86 -40.90
N GLN B 548 65.77 3.20 -40.05
CA GLN B 548 66.90 3.84 -39.39
C GLN B 548 68.10 2.90 -39.35
N GLY B 549 68.29 2.11 -40.41
CA GLY B 549 69.46 1.27 -40.52
C GLY B 549 69.22 -0.21 -40.30
N THR B 550 69.77 -1.03 -41.19
CA THR B 550 69.66 -2.48 -41.03
C THR B 550 70.38 -2.95 -39.78
N LYS B 551 71.50 -2.30 -39.42
CA LYS B 551 72.17 -2.64 -38.18
C LYS B 551 71.27 -2.38 -36.97
N LEU B 552 70.58 -1.23 -36.96
CA LEU B 552 69.64 -0.96 -35.89
C LEU B 552 68.49 -1.96 -35.89
N LEU B 553 68.04 -2.37 -37.08
CA LEU B 553 66.98 -3.38 -37.16
C LEU B 553 67.43 -4.71 -36.56
N HIS B 554 68.67 -5.12 -36.85
CA HIS B 554 69.15 -6.43 -36.44
C HIS B 554 69.83 -6.43 -35.08
N GLU B 555 69.94 -5.28 -34.41
CA GLU B 555 70.47 -5.28 -33.06
C GLU B 555 69.66 -6.19 -32.13
N VAL B 556 68.33 -6.14 -32.22
CA VAL B 556 67.49 -6.90 -31.30
C VAL B 556 67.34 -8.36 -31.74
N ARG B 557 67.87 -8.72 -32.91
CA ARG B 557 67.79 -10.10 -33.39
C ARG B 557 68.41 -11.05 -32.37
N ARG B 558 67.69 -12.14 -32.08
CA ARG B 558 68.04 -13.12 -31.05
C ARG B 558 68.14 -12.50 -29.66
N ARG B 559 67.56 -11.31 -29.47
CA ARG B 559 67.51 -10.66 -28.16
C ARG B 559 66.16 -10.00 -27.93
N LEU B 560 65.10 -10.58 -28.47
CA LEU B 560 63.78 -9.97 -28.40
C LEU B 560 63.36 -9.76 -26.96
N GLY B 561 62.75 -8.61 -26.69
CA GLY B 561 62.31 -8.26 -25.36
C GLY B 561 63.41 -7.89 -24.39
N LEU B 562 64.58 -7.50 -24.89
CA LEU B 562 65.71 -7.17 -24.03
C LEU B 562 66.22 -5.76 -24.26
N LEU B 563 66.53 -5.41 -25.51
CA LEU B 563 67.22 -4.14 -25.77
C LEU B 563 66.27 -2.96 -25.74
N GLU B 564 65.14 -3.05 -26.45
CA GLU B 564 64.16 -1.97 -26.44
C GLU B 564 63.63 -1.75 -25.03
N GLU B 565 63.61 -2.81 -24.22
CA GLU B 565 63.23 -2.68 -22.82
C GLU B 565 64.14 -1.68 -22.10
N LYS B 566 65.45 -1.82 -22.32
CA LYS B 566 66.41 -0.84 -21.83
C LYS B 566 66.18 0.53 -22.46
N ASP B 567 65.82 0.55 -23.74
CA ASP B 567 65.60 1.83 -24.42
C ASP B 567 64.49 2.62 -23.75
N GLN B 568 63.36 1.96 -23.48
CA GLN B 568 62.25 2.66 -22.83
C GLN B 568 62.54 2.97 -21.37
N MET B 569 63.27 2.11 -20.64
CA MET B 569 63.59 2.54 -19.28
C MET B 569 64.46 3.79 -19.30
N GLU B 570 65.37 3.88 -20.28
CA GLU B 570 66.23 5.05 -20.38
C GLU B 570 65.40 6.29 -20.73
N ALA B 571 64.44 6.15 -21.65
CA ALA B 571 63.58 7.28 -21.99
C ALA B 571 62.79 7.74 -20.76
N VAL B 572 62.25 6.79 -19.99
CA VAL B 572 61.50 7.14 -18.78
C VAL B 572 62.41 7.87 -17.80
N ARG B 573 63.64 7.39 -17.64
CA ARG B 573 64.56 8.05 -16.73
C ARG B 573 64.89 9.47 -17.19
N THR B 574 65.13 9.65 -18.49
CA THR B 574 65.46 10.97 -19.01
C THR B 574 64.32 11.95 -18.79
N MET B 575 63.08 11.53 -19.05
CA MET B 575 61.98 12.44 -18.83
C MET B 575 61.61 12.56 -17.35
N LEU B 576 62.07 11.63 -16.52
CA LEU B 576 61.74 11.70 -15.10
C LEU B 576 62.50 12.81 -14.38
N LYS B 577 63.60 13.30 -14.96
CA LYS B 577 64.33 14.40 -14.33
C LYS B 577 63.54 15.71 -14.39
N GLU B 578 62.51 15.76 -15.22
CA GLU B 578 61.71 16.97 -15.33
C GLU B 578 61.04 17.29 -14.00
N GLN B 579 61.07 18.58 -13.64
CA GLN B 579 60.43 19.00 -12.40
C GLN B 579 58.92 19.08 -12.54
N TYR B 580 58.43 19.21 -13.77
CA TYR B 580 56.99 19.32 -14.03
C TYR B 580 56.31 17.98 -14.15
N ILE B 581 57.03 16.88 -13.98
CA ILE B 581 56.47 15.54 -14.17
C ILE B 581 56.39 14.87 -12.80
N ASP B 582 55.37 14.03 -12.62
CA ASP B 582 55.16 13.31 -11.37
C ASP B 582 55.86 11.96 -11.45
N ARG B 583 56.53 11.57 -10.36
CA ARG B 583 57.19 10.27 -10.32
C ARG B 583 56.26 9.19 -9.78
N THR B 584 55.37 9.55 -8.85
CA THR B 584 54.51 8.54 -8.23
C THR B 584 53.47 8.01 -9.21
N ARG B 585 52.94 8.89 -10.08
CA ARG B 585 51.87 8.52 -11.00
C ARG B 585 52.47 8.35 -12.39
N VAL B 586 53.00 7.16 -12.65
CA VAL B 586 53.60 6.81 -13.94
C VAL B 586 52.91 5.54 -14.44
N ALA B 587 52.49 5.56 -15.70
CA ALA B 587 51.75 4.46 -16.28
C ALA B 587 52.36 4.05 -17.60
N VAL B 588 52.07 2.81 -18.01
CA VAL B 588 52.54 2.26 -19.27
C VAL B 588 51.38 1.57 -19.97
N PHE B 589 51.33 1.71 -21.29
CA PHE B 589 50.32 1.05 -22.11
C PHE B 589 50.99 0.42 -23.31
N GLY B 590 50.38 -0.63 -23.83
CA GLY B 590 50.84 -1.25 -25.05
C GLY B 590 49.72 -2.02 -25.71
N LYS B 591 49.95 -2.44 -26.94
CA LYS B 591 48.99 -3.27 -27.66
C LYS B 591 49.73 -4.07 -28.72
N ASP B 592 49.06 -5.10 -29.23
CA ASP B 592 49.60 -6.00 -30.25
C ASP B 592 50.94 -6.52 -29.71
N TYR B 593 51.99 -6.61 -30.53
CA TYR B 593 53.28 -7.04 -30.02
C TYR B 593 53.77 -6.11 -28.92
N GLY B 594 53.57 -4.81 -29.08
CA GLY B 594 53.94 -3.87 -28.04
C GLY B 594 53.26 -4.15 -26.73
N GLY B 595 52.05 -4.72 -26.78
CA GLY B 595 51.40 -5.14 -25.55
C GLY B 595 52.27 -6.08 -24.75
N TYR B 596 52.89 -7.05 -25.42
CA TYR B 596 53.88 -7.89 -24.77
C TYR B 596 54.96 -7.04 -24.11
N LEU B 597 55.53 -6.11 -24.88
CA LEU B 597 56.51 -5.19 -24.31
C LEU B 597 55.92 -4.43 -23.13
N SER B 598 54.64 -4.05 -23.22
CA SER B 598 54.03 -3.32 -22.11
C SER B 598 54.00 -4.17 -20.84
N THR B 599 53.88 -5.48 -20.99
CA THR B 599 53.93 -6.36 -19.82
C THR B 599 55.34 -6.48 -19.25
N TYR B 600 56.37 -6.25 -20.06
CA TYR B 600 57.74 -6.50 -19.67
C TYR B 600 58.38 -5.25 -19.05
N ILE B 601 57.60 -4.19 -18.86
CA ILE B 601 58.09 -2.87 -18.47
C ILE B 601 57.53 -2.55 -17.09
N LEU B 602 57.43 -3.55 -16.22
CA LEU B 602 56.93 -3.37 -14.86
C LEU B 602 58.07 -3.62 -13.87
N PRO B 603 59.07 -2.73 -13.82
CA PRO B 603 60.26 -3.00 -13.00
C PRO B 603 60.19 -2.38 -11.62
N ALA B 604 61.18 -2.68 -10.80
CA ALA B 604 61.46 -1.96 -9.55
C ALA B 604 62.84 -1.34 -9.73
N LYS B 605 62.87 -0.04 -10.03
CA LYS B 605 64.12 0.64 -10.33
C LYS B 605 65.04 0.60 -9.13
N GLY B 606 66.13 -0.16 -9.24
CA GLY B 606 66.99 -0.38 -8.10
C GLY B 606 66.25 -1.10 -6.98
N GLU B 607 66.50 -0.64 -5.75
CA GLU B 607 65.77 -1.13 -4.59
C GLU B 607 65.18 -0.03 -3.73
N ASN B 608 65.80 1.15 -3.69
CA ASN B 608 65.27 2.29 -2.96
C ASN B 608 64.35 3.14 -3.81
N GLN B 609 64.75 3.45 -5.04
CA GLN B 609 63.94 4.24 -5.96
C GLN B 609 63.06 3.36 -6.83
N GLY B 610 62.33 2.44 -6.21
CA GLY B 610 61.52 1.49 -6.92
C GLY B 610 60.14 2.04 -7.23
N GLN B 611 59.21 1.12 -7.48
CA GLN B 611 57.82 1.45 -7.81
C GLN B 611 57.76 2.38 -9.02
N THR B 612 58.36 1.92 -10.12
CA THR B 612 58.49 2.77 -11.30
C THR B 612 57.13 3.12 -11.90
N PHE B 613 56.22 2.16 -11.97
CA PHE B 613 54.92 2.36 -12.60
C PHE B 613 53.79 2.12 -11.59
N THR B 614 52.80 3.00 -11.62
CA THR B 614 51.62 2.87 -10.77
C THR B 614 50.60 1.90 -11.36
N CYS B 615 50.11 2.19 -12.56
CA CYS B 615 49.14 1.34 -13.23
C CYS B 615 49.67 0.95 -14.60
N GLY B 616 49.45 -0.32 -14.96
CA GLY B 616 49.89 -0.82 -16.25
C GLY B 616 48.74 -1.47 -16.99
N SER B 617 48.93 -1.64 -18.29
CA SER B 617 47.92 -2.24 -19.14
C SER B 617 48.57 -2.84 -20.37
N ALA B 618 47.83 -3.72 -21.05
CA ALA B 618 48.30 -4.36 -22.26
C ALA B 618 47.10 -4.94 -23.00
N LEU B 619 47.14 -4.88 -24.32
CA LEU B 619 46.04 -5.36 -25.15
C LEU B 619 46.58 -6.42 -26.11
N SER B 620 45.95 -7.59 -26.08
CA SER B 620 46.35 -8.73 -26.91
C SER B 620 47.85 -9.00 -26.86
N PRO B 621 48.42 -9.21 -25.67
CA PRO B 621 49.87 -9.40 -25.60
C PRO B 621 50.29 -10.76 -26.13
N ILE B 622 51.58 -10.88 -26.40
CA ILE B 622 52.20 -12.15 -26.79
C ILE B 622 53.11 -12.59 -25.66
N THR B 623 52.87 -13.78 -25.13
CA THR B 623 53.66 -14.28 -24.01
C THR B 623 54.71 -15.29 -24.44
N ASP B 624 54.37 -16.21 -25.35
CA ASP B 624 55.36 -17.15 -25.87
C ASP B 624 55.29 -17.08 -27.39
N PHE B 625 56.40 -16.65 -27.99
CA PHE B 625 56.47 -16.55 -29.44
C PHE B 625 56.32 -17.90 -30.12
N LYS B 626 56.52 -18.99 -29.38
CA LYS B 626 56.18 -20.31 -29.89
C LYS B 626 54.69 -20.42 -30.21
N LEU B 627 53.85 -19.79 -29.39
CA LEU B 627 52.41 -19.82 -29.57
C LEU B 627 51.91 -18.75 -30.54
N TYR B 628 52.77 -18.23 -31.39
CA TYR B 628 52.38 -17.21 -32.36
C TYR B 628 52.76 -17.72 -33.75
N ALA B 629 52.57 -16.89 -34.76
CA ALA B 629 52.80 -17.31 -36.14
C ALA B 629 54.26 -17.70 -36.36
N SER B 630 54.48 -18.71 -37.19
CA SER B 630 55.83 -19.18 -37.47
C SER B 630 56.64 -18.13 -38.22
N ALA B 631 56.02 -17.43 -39.17
CA ALA B 631 56.74 -16.49 -40.01
C ALA B 631 57.29 -15.31 -39.23
N PHE B 632 56.86 -15.11 -38.00
CA PHE B 632 57.36 -14.05 -37.12
C PHE B 632 58.44 -14.56 -36.17
N SER B 633 58.14 -15.64 -35.44
CA SER B 633 59.10 -16.20 -34.49
C SER B 633 60.34 -16.70 -35.21
N GLU B 634 60.16 -17.40 -36.33
CA GLU B 634 61.31 -17.84 -37.11
C GLU B 634 62.08 -16.66 -37.66
N ARG B 635 61.37 -15.62 -38.11
CA ARG B 635 62.03 -14.45 -38.68
C ARG B 635 62.93 -13.77 -37.66
N TYR B 636 62.44 -13.59 -36.43
CA TYR B 636 63.14 -12.75 -35.47
C TYR B 636 63.95 -13.52 -34.44
N LEU B 637 63.82 -14.85 -34.40
CA LEU B 637 64.59 -15.65 -33.45
C LEU B 637 65.16 -16.93 -34.05
N GLY B 638 64.91 -17.22 -35.32
CA GLY B 638 65.33 -18.46 -35.92
C GLY B 638 64.24 -19.51 -35.90
N LEU B 639 64.40 -20.51 -36.77
CA LEU B 639 63.39 -21.56 -36.89
C LEU B 639 63.28 -22.35 -35.60
N HIS B 640 62.05 -22.59 -35.17
CA HIS B 640 61.79 -23.39 -33.99
C HIS B 640 61.56 -24.85 -34.37
N GLY B 641 61.34 -25.68 -33.36
CA GLY B 641 61.28 -27.12 -33.54
C GLY B 641 62.60 -27.84 -33.40
N LEU B 642 63.70 -27.09 -33.31
CA LEU B 642 65.02 -27.67 -33.10
C LEU B 642 65.68 -27.14 -31.83
N ASP B 643 64.89 -26.74 -30.84
CA ASP B 643 65.39 -26.19 -29.58
C ASP B 643 66.26 -24.96 -29.84
N ASN B 644 65.61 -23.91 -30.35
CA ASN B 644 66.28 -22.68 -30.75
C ASN B 644 66.99 -21.97 -29.60
N ARG B 645 66.63 -22.29 -28.36
CA ARG B 645 67.26 -21.68 -27.17
C ARG B 645 67.05 -20.17 -27.15
N ALA B 646 65.94 -19.71 -27.72
CA ALA B 646 65.64 -18.29 -27.79
C ALA B 646 64.24 -17.94 -27.32
N TYR B 647 63.32 -18.90 -27.27
CA TYR B 647 61.94 -18.62 -26.87
C TYR B 647 61.69 -18.83 -25.39
N GLU B 648 62.68 -19.34 -24.64
CA GLU B 648 62.47 -19.59 -23.23
C GLU B 648 62.58 -18.32 -22.40
N MET B 649 63.75 -17.68 -22.42
CA MET B 649 63.96 -16.47 -21.63
C MET B 649 63.12 -15.30 -22.12
N THR B 650 62.70 -15.32 -23.39
CA THR B 650 61.87 -14.24 -23.91
C THR B 650 60.44 -14.31 -23.41
N LYS B 651 60.04 -15.43 -22.82
CA LYS B 651 58.71 -15.50 -22.21
C LYS B 651 58.64 -14.57 -21.02
N VAL B 652 57.61 -13.71 -21.01
CA VAL B 652 57.51 -12.65 -20.02
C VAL B 652 57.28 -13.16 -18.61
N ALA B 653 56.88 -14.43 -18.46
CA ALA B 653 56.55 -14.96 -17.15
C ALA B 653 57.73 -14.82 -16.18
N HIS B 654 58.93 -15.18 -16.63
CA HIS B 654 60.11 -15.11 -15.77
C HIS B 654 60.33 -13.71 -15.22
N ARG B 655 59.82 -12.70 -15.89
CA ARG B 655 59.97 -11.31 -15.49
C ARG B 655 58.80 -10.78 -14.68
N VAL B 656 57.65 -11.46 -14.72
CA VAL B 656 56.46 -10.96 -14.04
C VAL B 656 56.37 -11.52 -12.62
N SER B 657 57.48 -12.03 -12.09
CA SER B 657 57.47 -12.60 -10.75
C SER B 657 57.12 -11.55 -9.70
N ALA B 658 57.78 -10.39 -9.74
CA ALA B 658 57.64 -9.42 -8.66
C ALA B 658 56.23 -8.86 -8.52
N LEU B 659 55.81 -8.04 -9.48
CA LEU B 659 54.48 -7.42 -9.52
C LEU B 659 53.99 -7.04 -8.12
N GLU B 660 54.77 -6.17 -7.48
CA GLU B 660 54.50 -5.83 -6.08
C GLU B 660 53.14 -5.15 -5.93
N GLU B 661 53.01 -3.93 -6.46
CA GLU B 661 51.79 -3.16 -6.28
C GLU B 661 51.27 -2.55 -7.57
N GLN B 662 51.83 -2.90 -8.72
CA GLN B 662 51.39 -2.32 -9.98
C GLN B 662 49.99 -2.80 -10.35
N GLN B 663 49.12 -1.86 -10.70
CA GLN B 663 47.77 -2.16 -11.14
C GLN B 663 47.79 -2.52 -12.61
N PHE B 664 47.58 -3.80 -12.91
CA PHE B 664 47.80 -4.35 -14.24
C PHE B 664 46.47 -4.81 -14.82
N LEU B 665 46.20 -4.42 -16.06
CA LEU B 665 44.94 -4.72 -16.72
C LEU B 665 45.22 -5.33 -18.08
N ILE B 666 44.38 -6.27 -18.50
CA ILE B 666 44.50 -6.93 -19.78
C ILE B 666 43.20 -6.74 -20.56
N ILE B 667 43.31 -6.27 -21.79
CA ILE B 667 42.20 -6.22 -22.72
C ILE B 667 42.46 -7.25 -23.80
N HIS B 668 41.53 -8.16 -24.00
CA HIS B 668 41.71 -9.16 -25.04
C HIS B 668 40.36 -9.68 -25.54
N PRO B 669 40.04 -9.48 -26.81
CA PRO B 669 38.84 -10.10 -27.37
C PRO B 669 38.97 -11.61 -27.41
N THR B 670 37.84 -12.29 -27.27
CA THR B 670 37.85 -13.74 -27.20
C THR B 670 38.30 -14.36 -28.52
N ALA B 671 37.79 -13.86 -29.64
CA ALA B 671 37.96 -14.49 -30.94
C ALA B 671 39.11 -13.89 -31.75
N ASP B 672 40.20 -13.49 -31.09
CA ASP B 672 41.35 -12.97 -31.81
C ASP B 672 41.96 -14.08 -32.66
N GLU B 673 42.33 -13.73 -33.89
CA GLU B 673 43.01 -14.64 -34.81
C GLU B 673 44.50 -14.36 -34.93
N LYS B 674 44.89 -13.09 -34.92
CA LYS B 674 46.31 -12.75 -35.01
C LYS B 674 47.06 -13.20 -33.76
N ILE B 675 46.54 -12.85 -32.59
CA ILE B 675 47.20 -13.13 -31.31
C ILE B 675 46.21 -13.92 -30.47
N HIS B 676 46.34 -15.25 -30.49
CA HIS B 676 45.34 -16.11 -29.88
C HIS B 676 45.21 -15.84 -28.38
N PHE B 677 44.03 -16.18 -27.85
CA PHE B 677 43.74 -16.03 -26.43
C PHE B 677 44.63 -16.89 -25.55
N GLN B 678 45.29 -17.90 -26.14
CA GLN B 678 46.13 -18.80 -25.35
C GLN B 678 47.27 -18.05 -24.68
N HIS B 679 47.77 -17.00 -25.33
CA HIS B 679 48.81 -16.18 -24.70
C HIS B 679 48.31 -15.57 -23.41
N THR B 680 47.12 -14.96 -23.46
CA THR B 680 46.55 -14.37 -22.26
C THR B 680 46.27 -15.43 -21.21
N ALA B 681 45.79 -16.59 -21.62
CA ALA B 681 45.51 -17.65 -20.66
C ALA B 681 46.78 -18.11 -19.95
N GLU B 682 47.87 -18.28 -20.72
CA GLU B 682 49.14 -18.67 -20.12
C GLU B 682 49.64 -17.61 -19.16
N LEU B 683 49.51 -16.33 -19.56
CA LEU B 683 49.94 -15.26 -18.66
C LEU B 683 49.11 -15.25 -17.39
N ILE B 684 47.81 -15.54 -17.50
CA ILE B 684 46.96 -15.59 -16.31
C ILE B 684 47.37 -16.74 -15.40
N THR B 685 47.69 -17.90 -15.99
CA THR B 685 48.18 -19.00 -15.17
C THR B 685 49.45 -18.61 -14.44
N GLN B 686 50.36 -17.92 -15.12
CA GLN B 686 51.58 -17.46 -14.48
C GLN B 686 51.28 -16.48 -13.35
N LEU B 687 50.34 -15.56 -13.58
CA LEU B 687 49.98 -14.61 -12.54
C LEU B 687 49.42 -15.32 -11.31
N ILE B 688 48.57 -16.33 -11.54
CA ILE B 688 48.01 -17.09 -10.43
C ILE B 688 49.13 -17.80 -9.67
N ARG B 689 50.07 -18.41 -10.40
CA ARG B 689 51.20 -19.04 -9.74
C ARG B 689 52.06 -18.03 -9.00
N GLY B 690 52.09 -16.79 -9.46
CA GLY B 690 52.88 -15.75 -8.84
C GLY B 690 52.16 -14.89 -7.83
N LYS B 691 50.92 -15.23 -7.48
CA LYS B 691 50.14 -14.46 -6.50
C LYS B 691 50.02 -13.00 -6.90
N ALA B 692 49.87 -12.76 -8.19
CA ALA B 692 49.89 -11.41 -8.74
C ALA B 692 48.53 -10.74 -8.60
N ASN B 693 48.52 -9.44 -8.88
CA ASN B 693 47.30 -8.63 -8.88
C ASN B 693 47.04 -8.13 -10.29
N TYR B 694 45.81 -8.32 -10.77
CA TYR B 694 45.44 -7.87 -12.10
C TYR B 694 43.92 -7.72 -12.17
N SER B 695 43.45 -7.26 -13.33
CA SER B 695 42.03 -7.13 -13.61
C SER B 695 41.82 -7.31 -15.11
N LEU B 696 41.31 -8.46 -15.51
CA LEU B 696 41.14 -8.81 -16.91
C LEU B 696 39.82 -8.24 -17.44
N GLN B 697 39.84 -7.82 -18.70
CA GLN B 697 38.65 -7.44 -19.43
C GLN B 697 38.67 -8.11 -20.80
N ILE B 698 37.52 -8.59 -21.24
CA ILE B 698 37.44 -9.47 -22.41
C ILE B 698 36.35 -8.96 -23.34
N TYR B 699 36.54 -9.19 -24.64
CA TYR B 699 35.53 -8.89 -25.65
C TYR B 699 35.07 -10.19 -26.29
N PRO B 700 33.89 -10.71 -25.91
CA PRO B 700 33.49 -12.05 -26.33
C PRO B 700 33.21 -12.12 -27.83
N ASP B 701 33.88 -13.05 -28.49
CA ASP B 701 33.64 -13.36 -29.90
C ASP B 701 33.81 -12.12 -30.78
N GLU B 702 35.04 -11.61 -30.80
CA GLU B 702 35.37 -10.43 -31.59
C GLU B 702 36.67 -10.67 -32.34
N SER B 703 36.74 -10.12 -33.55
CA SER B 703 37.94 -10.25 -34.36
C SER B 703 39.07 -9.43 -33.75
N HIS B 704 40.30 -9.73 -34.18
CA HIS B 704 41.46 -9.08 -33.61
C HIS B 704 41.51 -7.61 -33.93
N TYR B 705 41.36 -7.25 -35.21
CA TYR B 705 41.61 -5.88 -35.62
C TYR B 705 40.46 -4.95 -35.29
N PHE B 706 39.31 -5.48 -34.88
CA PHE B 706 38.36 -4.74 -34.06
C PHE B 706 37.87 -3.47 -34.77
N THR B 707 37.11 -3.70 -35.83
CA THR B 707 36.73 -2.66 -36.78
C THR B 707 35.32 -2.13 -36.55
N SER B 708 34.85 -2.05 -35.31
CA SER B 708 33.53 -1.53 -35.00
C SER B 708 33.67 -0.20 -34.28
N SER B 709 32.98 0.83 -34.78
CA SER B 709 33.16 2.19 -34.26
C SER B 709 32.61 2.32 -32.84
N SER B 710 31.38 1.85 -32.61
CA SER B 710 30.80 1.94 -31.28
C SER B 710 31.59 1.10 -30.27
N LEU B 711 31.98 -0.11 -30.68
CA LEU B 711 32.84 -0.92 -29.83
C LEU B 711 34.17 -0.22 -29.58
N LYS B 712 34.70 0.47 -30.58
CA LYS B 712 35.96 1.20 -30.38
C LYS B 712 35.79 2.32 -29.36
N GLN B 713 34.65 3.00 -29.42
CA GLN B 713 34.36 4.02 -28.41
C GLN B 713 34.28 3.40 -27.03
N HIS B 714 33.63 2.24 -26.91
CA HIS B 714 33.57 1.56 -25.63
C HIS B 714 34.95 1.19 -25.13
N LEU B 715 35.81 0.69 -26.02
CA LEU B 715 37.15 0.29 -25.64
C LEU B 715 37.96 1.48 -25.16
N TYR B 716 37.93 2.59 -25.90
CA TYR B 716 38.69 3.76 -25.48
C TYR B 716 38.15 4.36 -24.18
N ARG B 717 36.82 4.32 -24.01
CA ARG B 717 36.24 4.78 -22.76
C ARG B 717 36.70 3.93 -21.59
N SER B 718 36.74 2.61 -21.77
CA SER B 718 37.25 1.73 -20.72
C SER B 718 38.71 2.04 -20.42
N ILE B 719 39.51 2.25 -21.47
CA ILE B 719 40.92 2.55 -21.27
C ILE B 719 41.10 3.82 -20.44
N ILE B 720 40.39 4.89 -20.82
CA ILE B 720 40.57 6.16 -20.12
C ILE B 720 40.03 6.06 -18.70
N ASN B 721 38.93 5.33 -18.51
CA ASN B 721 38.38 5.16 -17.16
C ASN B 721 39.36 4.41 -16.28
N PHE B 722 40.04 3.40 -16.82
CA PHE B 722 41.08 2.72 -16.06
C PHE B 722 42.23 3.67 -15.75
N PHE B 723 42.68 4.44 -16.73
CA PHE B 723 43.85 5.28 -16.54
C PHE B 723 43.56 6.48 -15.65
N VAL B 724 42.36 7.05 -15.73
CA VAL B 724 42.03 8.18 -14.87
C VAL B 724 41.98 7.74 -13.41
N GLU B 725 41.69 6.46 -13.15
CA GLU B 725 41.59 5.99 -11.78
C GLU B 725 42.95 5.93 -11.10
N CYS B 726 43.99 5.61 -11.86
CA CYS B 726 45.33 5.52 -11.28
C CYS B 726 46.07 6.85 -11.27
N PHE B 727 45.69 7.79 -12.15
CA PHE B 727 46.31 9.12 -12.10
C PHE B 727 45.66 10.00 -11.03
N ARG B 728 44.40 9.72 -10.68
CA ARG B 728 43.76 10.48 -9.63
C ARG B 728 44.36 10.11 -8.28
N ILE B 729 44.43 11.10 -7.39
CA ILE B 729 45.05 10.90 -6.09
C ILE B 729 44.46 11.86 -5.07
N GLU C 1 -2.20 67.64 8.63
CA GLU C 1 -3.37 66.90 8.18
C GLU C 1 -4.05 66.17 9.34
N ASP C 2 -3.26 65.50 10.18
CA ASP C 2 -3.73 64.93 11.44
C ASP C 2 -4.94 64.02 11.28
N ASN C 3 -5.04 63.30 10.17
CA ASN C 3 -6.18 62.45 9.91
C ASN C 3 -5.76 61.27 9.04
N SER C 4 -6.56 60.20 9.09
CA SER C 4 -6.31 59.00 8.31
C SER C 4 -7.60 58.19 8.26
N LEU C 5 -7.56 57.09 7.51
CA LEU C 5 -8.70 56.19 7.38
C LEU C 5 -8.26 54.76 7.69
N SER C 6 -9.10 54.06 8.45
CA SER C 6 -8.81 52.68 8.85
C SER C 6 -9.45 51.70 7.87
N GLN C 7 -9.46 50.43 8.26
CA GLN C 7 -10.03 49.37 7.42
C GLN C 7 -11.54 49.52 7.32
N LYS C 8 -12.10 49.05 6.21
CA LYS C 8 -13.51 49.22 5.91
C LYS C 8 -14.36 48.21 6.66
N LYS C 9 -15.64 48.15 6.30
CA LYS C 9 -16.61 47.31 7.00
C LYS C 9 -16.43 45.84 6.64
N LYS C 10 -16.67 44.98 7.64
CA LYS C 10 -16.70 43.54 7.46
C LYS C 10 -18.15 43.06 7.45
N VAL C 11 -18.32 41.76 7.23
CA VAL C 11 -19.66 41.19 7.09
C VAL C 11 -20.06 40.52 8.40
N THR C 12 -21.26 40.85 8.88
CA THR C 12 -21.82 40.26 10.09
C THR C 12 -23.16 39.62 9.77
N VAL C 13 -23.78 39.04 10.80
CA VAL C 13 -25.05 38.32 10.62
C VAL C 13 -26.13 39.25 10.11
N GLU C 14 -26.24 40.45 10.70
CA GLU C 14 -27.22 41.43 10.24
C GLU C 14 -26.99 41.81 8.78
N ASP C 15 -25.75 41.81 8.32
CA ASP C 15 -25.45 42.16 6.94
C ASP C 15 -26.07 41.16 5.97
N LEU C 16 -26.02 39.87 6.29
CA LEU C 16 -26.67 38.88 5.43
C LEU C 16 -28.15 39.17 5.26
N PHE C 17 -28.82 39.55 6.35
CA PHE C 17 -30.24 39.82 6.34
C PHE C 17 -30.55 41.30 6.16
N SER C 18 -29.53 42.12 5.92
CA SER C 18 -29.75 43.53 5.64
C SER C 18 -30.40 43.70 4.27
N GLU C 19 -31.16 44.79 4.13
CA GLU C 19 -31.87 45.05 2.89
C GLU C 19 -30.92 45.23 1.72
N ASP C 20 -29.73 45.79 1.96
CA ASP C 20 -28.80 46.06 0.87
C ASP C 20 -28.30 44.78 0.22
N PHE C 21 -28.15 43.71 1.01
CA PHE C 21 -27.66 42.45 0.48
C PHE C 21 -28.72 41.66 -0.28
N LYS C 22 -29.97 42.12 -0.27
CA LYS C 22 -31.03 41.42 -0.98
C LYS C 22 -30.76 41.41 -2.49
N ILE C 23 -31.04 40.28 -3.11
CA ILE C 23 -30.82 40.11 -4.55
C ILE C 23 -32.12 40.46 -5.28
N HIS C 24 -31.99 41.30 -6.31
CA HIS C 24 -33.14 41.67 -7.14
C HIS C 24 -33.23 40.73 -8.33
N ASP C 25 -34.40 40.12 -8.52
CA ASP C 25 -34.64 39.23 -9.63
C ASP C 25 -35.87 39.69 -10.40
N PRO C 26 -35.76 39.93 -11.71
CA PRO C 26 -36.95 40.23 -12.50
C PRO C 26 -37.64 38.98 -13.02
N GLU C 27 -36.91 37.88 -13.11
CA GLU C 27 -37.39 36.58 -13.56
C GLU C 27 -38.33 36.70 -14.77
N ALA C 28 -37.94 37.55 -15.71
CA ALA C 28 -38.78 37.80 -16.89
C ALA C 28 -38.90 36.55 -17.73
N LYS C 29 -40.12 36.26 -18.18
CA LYS C 29 -40.45 35.08 -18.94
C LYS C 29 -41.13 35.49 -20.25
N TRP C 30 -40.65 34.92 -21.35
CA TRP C 30 -41.17 35.27 -22.67
C TRP C 30 -42.65 34.91 -22.80
N ILE C 31 -43.43 35.86 -23.29
CA ILE C 31 -44.79 35.60 -23.73
C ILE C 31 -44.82 35.24 -25.21
N SER C 32 -43.96 35.89 -25.99
CA SER C 32 -43.75 35.58 -27.40
C SER C 32 -42.27 35.83 -27.69
N ASP C 33 -41.93 35.86 -28.97
CA ASP C 33 -40.57 36.23 -29.35
C ASP C 33 -40.29 37.71 -29.18
N THR C 34 -41.33 38.55 -29.07
CA THR C 34 -41.16 39.99 -29.00
C THR C 34 -41.22 40.56 -27.59
N GLU C 35 -42.07 40.03 -26.72
CA GLU C 35 -42.25 40.59 -25.40
C GLU C 35 -42.22 39.48 -24.36
N PHE C 36 -41.83 39.86 -23.13
CA PHE C 36 -41.82 38.97 -22.00
C PHE C 36 -42.63 39.58 -20.86
N ILE C 37 -42.88 38.80 -19.82
CA ILE C 37 -43.71 39.27 -18.72
C ILE C 37 -43.03 40.41 -17.97
N TYR C 38 -41.71 40.33 -17.82
CA TYR C 38 -40.92 41.35 -17.12
C TYR C 38 -41.44 41.57 -15.71
N ARG C 39 -41.30 40.52 -14.89
CA ARG C 39 -41.91 40.47 -13.58
C ARG C 39 -41.20 41.45 -12.65
N GLU C 40 -41.60 41.45 -11.37
CA GLU C 40 -41.18 42.47 -10.40
C GLU C 40 -39.66 42.58 -10.32
N GLN C 41 -39.18 43.82 -10.37
CA GLN C 41 -37.78 44.13 -10.08
C GLN C 41 -37.64 44.94 -8.79
N LYS C 42 -38.32 46.07 -8.70
CA LYS C 42 -38.32 46.89 -7.50
C LYS C 42 -39.69 47.53 -7.28
N GLY C 43 -40.75 46.76 -7.48
CA GLY C 43 -42.09 47.31 -7.34
C GLY C 43 -42.99 47.04 -8.53
N THR C 44 -43.35 48.10 -9.26
CA THR C 44 -44.27 47.97 -10.38
C THR C 44 -43.69 47.05 -11.45
N VAL C 45 -44.59 46.50 -12.27
CA VAL C 45 -44.23 45.55 -13.32
C VAL C 45 -44.62 46.13 -14.67
N ARG C 46 -43.65 46.25 -15.56
CA ARG C 46 -43.88 46.68 -16.92
C ARG C 46 -44.03 45.45 -17.82
N LEU C 47 -44.32 45.70 -19.10
CA LEU C 47 -44.39 44.66 -20.12
C LEU C 47 -43.39 45.06 -21.20
N TRP C 48 -42.13 44.68 -21.00
CA TRP C 48 -41.07 45.13 -21.89
C TRP C 48 -41.10 44.34 -23.19
N ASN C 49 -40.87 45.05 -24.30
CA ASN C 49 -40.77 44.44 -25.62
C ASN C 49 -39.35 44.64 -26.14
N VAL C 50 -38.75 43.56 -26.62
CA VAL C 50 -37.36 43.62 -27.05
C VAL C 50 -37.20 44.48 -28.31
N GLU C 51 -38.19 44.40 -29.21
CA GLU C 51 -38.06 44.99 -30.54
C GLU C 51 -37.70 46.46 -30.49
N THR C 52 -38.60 47.31 -29.99
CA THR C 52 -38.31 48.73 -29.81
C THR C 52 -38.77 49.17 -28.41
N ASN C 53 -37.93 48.90 -27.41
CA ASN C 53 -37.96 49.53 -26.09
C ASN C 53 -39.38 49.90 -25.63
N THR C 54 -40.26 48.91 -25.68
CA THR C 54 -41.67 49.10 -25.35
C THR C 54 -41.97 48.36 -24.05
N SER C 55 -42.02 49.11 -22.95
CA SER C 55 -42.33 48.57 -21.62
C SER C 55 -43.72 49.03 -21.25
N THR C 56 -44.73 48.21 -21.58
CA THR C 56 -46.11 48.56 -21.32
C THR C 56 -46.40 48.45 -19.83
N VAL C 57 -47.02 49.48 -19.27
CA VAL C 57 -47.37 49.50 -17.85
C VAL C 57 -48.52 48.53 -17.63
N LEU C 58 -48.25 47.46 -16.88
CA LEU C 58 -49.25 46.43 -16.62
C LEU C 58 -49.62 46.29 -15.15
N ILE C 59 -48.64 46.30 -14.25
CA ILE C 59 -48.90 46.18 -12.82
C ILE C 59 -48.26 47.39 -12.13
N GLU C 60 -49.00 47.96 -11.18
CA GLU C 60 -48.58 49.16 -10.46
C GLU C 60 -48.62 48.87 -8.96
N GLY C 61 -48.47 49.92 -8.16
CA GLY C 61 -48.38 49.74 -6.72
C GLY C 61 -49.70 49.45 -6.04
N LYS C 62 -50.55 48.64 -6.69
CA LYS C 62 -51.77 48.14 -6.08
C LYS C 62 -51.64 46.71 -5.59
N LYS C 63 -50.51 46.06 -5.86
CA LYS C 63 -50.26 44.74 -5.29
C LYS C 63 -50.25 44.77 -3.77
N ILE C 64 -49.84 45.91 -3.19
CA ILE C 64 -49.84 46.05 -1.73
C ILE C 64 -51.27 46.04 -1.19
N GLU C 65 -52.22 46.55 -1.97
CA GLU C 65 -53.59 46.70 -1.48
C GLU C 65 -54.20 45.36 -1.11
N SER C 66 -53.94 44.32 -1.90
CA SER C 66 -54.54 43.02 -1.64
C SER C 66 -53.79 42.25 -0.56
N LEU C 67 -53.59 42.89 0.59
CA LEU C 67 -53.00 42.26 1.77
C LEU C 67 -51.63 41.65 1.45
N ARG C 68 -50.89 42.30 0.57
CA ARG C 68 -49.51 41.91 0.23
C ARG C 68 -49.44 40.45 -0.21
N ALA C 69 -50.08 40.20 -1.35
CA ALA C 69 -50.04 38.87 -1.95
C ALA C 69 -48.62 38.51 -2.35
N ILE C 70 -48.12 37.39 -1.81
CA ILE C 70 -46.74 36.99 -2.06
C ILE C 70 -46.54 36.66 -3.53
N ARG C 71 -47.46 35.90 -4.11
CA ARG C 71 -47.34 35.44 -5.49
C ARG C 71 -48.50 35.97 -6.30
N TYR C 72 -48.27 36.14 -7.60
CA TYR C 72 -49.31 36.61 -8.51
C TYR C 72 -48.98 36.18 -9.92
N GLU C 73 -50.02 36.05 -10.74
CA GLU C 73 -49.89 35.62 -12.11
C GLU C 73 -50.83 36.42 -13.00
N ILE C 74 -50.59 36.34 -14.31
CA ILE C 74 -51.37 37.05 -15.30
C ILE C 74 -52.03 36.02 -16.22
N SER C 75 -53.30 36.24 -16.53
CA SER C 75 -54.01 35.35 -17.44
C SER C 75 -53.38 35.39 -18.83
N PRO C 76 -53.42 34.28 -19.57
CA PRO C 76 -52.71 34.22 -20.86
C PRO C 76 -53.23 35.21 -21.88
N ASP C 77 -54.44 35.72 -21.73
CA ASP C 77 -54.94 36.79 -22.58
C ASP C 77 -54.56 38.17 -22.06
N ARG C 78 -53.80 38.24 -20.96
CA ARG C 78 -53.37 39.51 -20.38
C ARG C 78 -54.55 40.41 -20.06
N GLU C 79 -55.62 39.82 -19.54
CA GLU C 79 -56.81 40.57 -19.13
C GLU C 79 -57.19 40.35 -17.67
N TYR C 80 -56.73 39.29 -17.03
CA TYR C 80 -57.03 39.01 -15.63
C TYR C 80 -55.74 38.75 -14.87
N ALA C 81 -55.68 39.25 -13.64
CA ALA C 81 -54.54 39.07 -12.77
C ALA C 81 -54.99 38.38 -11.48
N LEU C 82 -54.22 37.38 -11.06
CA LEU C 82 -54.54 36.58 -9.89
C LEU C 82 -53.50 36.86 -8.80
N PHE C 83 -53.98 37.25 -7.63
CA PHE C 83 -53.16 37.48 -6.45
C PHE C 83 -53.36 36.33 -5.47
N SER C 84 -52.29 35.94 -4.78
CA SER C 84 -52.35 34.94 -3.72
C SER C 84 -51.87 35.58 -2.43
N TYR C 85 -52.81 35.98 -1.58
CA TYR C 85 -52.50 36.63 -0.32
C TYR C 85 -52.77 35.68 0.83
N ASN C 86 -52.23 36.03 1.99
CA ASN C 86 -52.32 35.21 3.21
C ASN C 86 -51.83 33.80 2.94
N VAL C 87 -50.76 33.69 2.15
CA VAL C 87 -50.20 32.41 1.75
C VAL C 87 -49.10 32.05 2.74
N GLU C 88 -49.17 30.84 3.28
CA GLU C 88 -48.13 30.33 4.16
C GLU C 88 -47.58 29.03 3.58
N PRO C 89 -46.29 28.76 3.77
CA PRO C 89 -45.71 27.52 3.24
C PRO C 89 -45.82 26.40 4.26
N ILE C 90 -46.39 25.28 3.84
CA ILE C 90 -46.47 24.09 4.66
C ILE C 90 -45.24 23.22 4.50
N TYR C 91 -44.99 22.73 3.29
CA TYR C 91 -43.81 21.95 2.97
C TYR C 91 -42.72 22.90 2.47
N GLN C 92 -41.70 22.32 1.80
CA GLN C 92 -40.67 23.15 1.18
C GLN C 92 -41.29 24.24 0.31
N HIS C 93 -42.33 23.91 -0.44
CA HIS C 93 -43.05 24.89 -1.24
C HIS C 93 -44.48 24.41 -1.44
N SER C 94 -45.39 24.91 -0.62
CA SER C 94 -46.82 24.60 -0.72
C SER C 94 -47.58 25.92 -0.62
N TYR C 95 -47.89 26.50 -1.77
CA TYR C 95 -48.45 27.85 -1.83
C TYR C 95 -49.94 27.86 -1.48
N THR C 96 -50.24 27.45 -0.25
CA THR C 96 -51.61 27.43 0.22
C THR C 96 -51.98 28.81 0.77
N GLY C 97 -53.14 29.29 0.33
CA GLY C 97 -53.57 30.64 0.70
C GLY C 97 -54.84 31.03 -0.02
N TYR C 98 -55.08 32.33 -0.10
CA TYR C 98 -56.29 32.86 -0.70
C TYR C 98 -55.98 33.48 -2.07
N TYR C 99 -56.76 33.09 -3.08
CA TYR C 99 -56.60 33.58 -4.44
C TYR C 99 -57.73 34.53 -4.77
N VAL C 100 -57.37 35.71 -5.30
CA VAL C 100 -58.33 36.73 -5.70
C VAL C 100 -58.02 37.18 -7.12
N LEU C 101 -59.06 37.28 -7.94
CA LEU C 101 -58.93 37.68 -9.33
C LEU C 101 -59.30 39.15 -9.49
N SER C 102 -58.67 39.81 -10.45
CA SER C 102 -58.89 41.23 -10.69
C SER C 102 -58.65 41.55 -12.15
N LYS C 103 -59.19 42.69 -12.58
CA LYS C 103 -59.00 43.15 -13.95
C LYS C 103 -57.53 43.50 -14.18
N ILE C 104 -57.12 43.47 -15.46
CA ILE C 104 -55.71 43.68 -15.77
C ILE C 104 -55.19 45.07 -15.39
N PRO C 105 -55.91 46.20 -15.65
CA PRO C 105 -55.28 47.50 -15.38
C PRO C 105 -55.02 47.73 -13.90
N HIS C 106 -56.08 47.70 -13.10
CA HIS C 106 -56.03 47.84 -11.65
C HIS C 106 -57.44 47.74 -11.10
N GLY C 107 -57.54 47.44 -9.81
CA GLY C 107 -58.81 47.44 -9.13
C GLY C 107 -59.69 46.25 -9.47
N ASP C 108 -60.90 46.28 -8.89
CA ASP C 108 -61.95 45.28 -9.09
C ASP C 108 -61.48 43.89 -8.67
N PRO C 109 -61.24 43.64 -7.38
CA PRO C 109 -60.86 42.29 -6.95
C PRO C 109 -62.04 41.34 -6.96
N GLN C 110 -61.74 40.05 -7.03
CA GLN C 110 -62.78 39.02 -7.03
C GLN C 110 -62.21 37.76 -6.42
N SER C 111 -62.76 37.35 -5.28
CA SER C 111 -62.27 36.16 -4.59
C SER C 111 -62.58 34.91 -5.40
N LEU C 112 -61.61 34.01 -5.48
CA LEU C 112 -61.76 32.73 -6.17
C LEU C 112 -62.19 31.69 -5.15
N ASP C 113 -63.44 31.22 -5.27
CA ASP C 113 -63.97 30.25 -4.33
C ASP C 113 -64.70 29.14 -5.07
N PRO C 114 -64.64 27.91 -4.55
CA PRO C 114 -65.50 26.86 -5.09
C PRO C 114 -66.95 27.11 -4.76
N PRO C 115 -67.88 26.51 -5.49
CA PRO C 115 -69.30 26.81 -5.25
C PRO C 115 -69.74 26.41 -3.85
N GLU C 116 -70.67 27.20 -3.30
CA GLU C 116 -71.25 27.00 -1.98
C GLU C 116 -70.19 27.06 -0.87
N VAL C 117 -69.06 27.71 -1.14
CA VAL C 117 -67.97 27.84 -0.18
C VAL C 117 -67.64 29.31 0.00
N SER C 118 -67.53 29.73 1.25
CA SER C 118 -67.14 31.11 1.58
C SER C 118 -65.63 31.24 1.44
N ASN C 119 -65.07 32.31 2.02
CA ASN C 119 -63.63 32.53 1.97
C ASN C 119 -62.88 31.36 2.59
N ALA C 120 -62.13 30.63 1.77
CA ALA C 120 -61.38 29.48 2.22
C ALA C 120 -60.04 29.44 1.48
N LYS C 121 -59.05 28.84 2.13
CA LYS C 121 -57.72 28.74 1.55
C LYS C 121 -57.72 27.78 0.37
N LEU C 122 -56.92 28.11 -0.64
CA LEU C 122 -56.74 27.28 -1.82
C LEU C 122 -55.27 26.93 -1.98
N GLN C 123 -55.00 25.65 -2.25
CA GLN C 123 -53.62 25.18 -2.29
C GLN C 123 -52.90 25.64 -3.56
N TYR C 124 -53.61 25.65 -4.70
CA TYR C 124 -52.98 26.08 -5.93
C TYR C 124 -54.06 26.34 -6.98
N ALA C 125 -53.83 27.37 -7.81
CA ALA C 125 -54.77 27.68 -8.89
C ALA C 125 -54.14 27.55 -10.27
N GLY C 126 -53.08 28.29 -10.57
CA GLY C 126 -52.47 28.23 -11.89
C GLY C 126 -53.31 28.92 -12.95
N TRP C 127 -52.83 28.83 -14.20
CA TRP C 127 -53.51 29.41 -15.35
C TRP C 127 -53.46 28.45 -16.52
N GLY C 128 -54.41 28.63 -17.44
CA GLY C 128 -54.42 27.91 -18.69
C GLY C 128 -53.54 28.57 -19.73
N PRO C 129 -53.43 27.93 -20.90
CA PRO C 129 -52.57 28.47 -21.95
C PRO C 129 -53.23 29.56 -22.78
N LYS C 130 -54.56 29.61 -22.76
CA LYS C 130 -55.29 30.53 -23.61
C LYS C 130 -56.49 31.09 -22.88
N GLY C 131 -56.96 32.25 -23.35
CA GLY C 131 -58.16 32.86 -22.82
C GLY C 131 -58.06 33.18 -21.34
N GLN C 132 -59.20 33.04 -20.65
CA GLN C 132 -59.25 33.21 -19.20
C GLN C 132 -59.55 31.90 -18.48
N GLN C 133 -59.32 30.78 -19.13
CA GLN C 133 -59.54 29.49 -18.48
C GLN C 133 -58.47 29.26 -17.41
N LEU C 134 -58.89 28.67 -16.30
CA LEU C 134 -58.01 28.41 -15.17
C LEU C 134 -58.59 27.27 -14.36
N ILE C 135 -57.81 26.82 -13.38
CA ILE C 135 -58.27 25.80 -12.45
C ILE C 135 -57.90 26.23 -11.03
N PHE C 136 -58.35 25.44 -10.08
CA PHE C 136 -57.95 25.61 -8.68
C PHE C 136 -58.24 24.31 -7.94
N ILE C 137 -57.37 24.01 -6.97
CA ILE C 137 -57.45 22.77 -6.22
C ILE C 137 -57.87 23.10 -4.79
N PHE C 138 -58.97 22.51 -4.36
CA PHE C 138 -59.49 22.63 -3.00
C PHE C 138 -59.75 21.25 -2.45
N GLU C 139 -59.24 20.98 -1.24
CA GLU C 139 -59.36 19.67 -0.61
C GLU C 139 -58.87 18.57 -1.54
N ASN C 140 -57.74 18.82 -2.21
CA ASN C 140 -57.17 17.89 -3.18
C ASN C 140 -58.19 17.56 -4.27
N ASN C 141 -58.91 18.57 -4.74
CA ASN C 141 -59.94 18.39 -5.76
C ASN C 141 -59.77 19.47 -6.81
N ILE C 142 -59.80 19.07 -8.08
CA ILE C 142 -59.51 19.97 -9.19
C ILE C 142 -60.83 20.50 -9.74
N TYR C 143 -61.00 21.82 -9.70
CA TYR C 143 -62.16 22.50 -10.24
C TYR C 143 -61.69 23.46 -11.33
N TYR C 144 -62.32 23.38 -12.50
CA TYR C 144 -61.88 24.14 -13.66
C TYR C 144 -62.96 25.13 -14.08
N CYS C 145 -62.53 26.30 -14.51
CA CYS C 145 -63.41 27.36 -14.99
C CYS C 145 -62.90 27.81 -16.35
N ALA C 146 -63.73 27.63 -17.39
CA ALA C 146 -63.36 28.13 -18.70
C ALA C 146 -63.30 29.65 -18.72
N HIS C 147 -64.05 30.30 -17.83
CA HIS C 147 -64.10 31.75 -17.74
C HIS C 147 -64.00 32.17 -16.28
N VAL C 148 -63.61 33.42 -16.07
CA VAL C 148 -63.58 33.97 -14.71
C VAL C 148 -64.99 34.02 -14.14
N GLY C 149 -65.95 34.50 -14.93
CA GLY C 149 -67.34 34.47 -14.51
C GLY C 149 -67.97 33.11 -14.55
N LYS C 150 -67.32 32.14 -15.20
CA LYS C 150 -67.83 30.77 -15.24
C LYS C 150 -67.87 30.19 -13.84
N GLN C 151 -69.00 29.56 -13.51
CA GLN C 151 -69.14 28.91 -12.21
C GLN C 151 -68.18 27.73 -12.11
N ALA C 152 -67.61 27.55 -10.92
CA ALA C 152 -66.66 26.46 -10.71
C ALA C 152 -67.36 25.12 -10.82
N ILE C 153 -66.71 24.18 -11.50
CA ILE C 153 -67.29 22.89 -11.83
C ILE C 153 -66.53 21.81 -11.08
N ARG C 154 -67.25 20.84 -10.53
CA ARG C 154 -66.65 19.71 -9.85
C ARG C 154 -66.01 18.81 -10.92
N VAL C 155 -64.89 19.26 -11.49
CA VAL C 155 -64.26 18.52 -12.56
C VAL C 155 -63.72 17.19 -12.06
N VAL C 156 -63.05 17.20 -10.90
CA VAL C 156 -62.78 15.97 -10.18
C VAL C 156 -62.68 16.30 -8.69
N SER C 157 -63.31 15.46 -7.87
CA SER C 157 -63.35 15.71 -6.44
C SER C 157 -63.09 14.44 -5.62
N THR C 158 -62.49 13.42 -6.23
CA THR C 158 -62.21 12.18 -5.51
C THR C 158 -61.09 12.32 -4.50
N GLY C 159 -60.38 13.45 -4.49
CA GLY C 159 -59.25 13.60 -3.60
C GLY C 159 -59.64 13.64 -2.14
N LYS C 160 -58.74 13.11 -1.31
CA LYS C 160 -58.91 13.08 0.14
C LYS C 160 -57.74 13.79 0.80
N GLU C 161 -57.99 14.33 1.99
CA GLU C 161 -56.97 15.07 2.71
C GLU C 161 -55.83 14.16 3.14
N GLY C 162 -54.68 14.29 2.46
CA GLY C 162 -53.52 13.51 2.80
C GLY C 162 -53.55 12.07 2.33
N VAL C 163 -54.58 11.65 1.60
CA VAL C 163 -54.67 10.28 1.12
C VAL C 163 -54.69 10.27 -0.39
N ILE C 164 -55.56 11.07 -0.99
CA ILE C 164 -55.70 11.16 -2.44
C ILE C 164 -55.35 12.57 -2.87
N TYR C 165 -54.25 12.69 -3.62
CA TYR C 165 -53.80 13.96 -4.17
C TYR C 165 -54.01 13.96 -5.68
N ASN C 166 -54.72 14.95 -6.19
CA ASN C 166 -54.83 15.14 -7.63
C ASN C 166 -54.41 16.56 -7.97
N GLY C 167 -53.47 16.69 -8.90
CA GLY C 167 -52.95 17.98 -9.29
C GLY C 167 -51.87 18.53 -8.39
N LEU C 168 -51.55 17.86 -7.29
CA LEU C 168 -50.51 18.31 -6.37
C LEU C 168 -49.73 17.10 -5.88
N SER C 169 -48.44 17.32 -5.64
CA SER C 169 -47.55 16.26 -5.17
C SER C 169 -47.74 16.00 -3.68
N ASP C 170 -47.42 14.79 -3.27
CA ASP C 170 -47.39 14.45 -1.85
C ASP C 170 -46.06 14.93 -1.28
N TRP C 171 -45.73 14.48 -0.06
CA TRP C 171 -44.42 14.80 0.49
C TRP C 171 -43.31 14.18 -0.35
N LEU C 172 -43.45 12.91 -0.71
CA LEU C 172 -42.38 12.20 -1.40
C LEU C 172 -42.09 12.82 -2.76
N TYR C 173 -43.13 13.16 -3.51
CA TYR C 173 -42.92 13.72 -4.85
C TYR C 173 -42.42 15.16 -4.77
N GLU C 174 -42.99 15.97 -3.87
CA GLU C 174 -42.53 17.34 -3.74
C GLU C 174 -41.09 17.41 -3.25
N GLU C 175 -40.67 16.47 -2.43
CA GLU C 175 -39.34 16.49 -1.82
C GLU C 175 -38.30 15.70 -2.60
N GLU C 176 -38.53 14.43 -2.86
CA GLU C 176 -37.46 13.52 -3.25
C GLU C 176 -37.38 13.28 -4.74
N ILE C 177 -38.50 12.99 -5.41
CA ILE C 177 -38.48 12.52 -6.80
C ILE C 177 -38.96 13.60 -7.77
N LEU C 178 -40.20 14.07 -7.61
CA LEU C 178 -40.74 15.03 -8.57
C LEU C 178 -40.17 16.42 -8.34
N LYS C 179 -39.81 16.75 -7.10
CA LYS C 179 -39.19 18.02 -6.74
C LYS C 179 -40.04 19.23 -7.07
N THR C 180 -41.36 19.07 -7.15
CA THR C 180 -42.25 20.20 -7.38
C THR C 180 -43.61 19.87 -6.79
N HIS C 181 -44.29 20.90 -6.27
CA HIS C 181 -45.60 20.68 -5.67
C HIS C 181 -46.67 20.47 -6.72
N ILE C 182 -46.57 21.16 -7.85
CA ILE C 182 -47.60 21.06 -8.89
C ILE C 182 -47.54 19.69 -9.53
N ALA C 183 -48.73 19.15 -9.85
CA ALA C 183 -48.82 17.84 -10.48
C ALA C 183 -49.88 17.82 -11.58
N HIS C 184 -50.10 18.94 -12.25
CA HIS C 184 -51.00 19.00 -13.39
C HIS C 184 -50.31 19.74 -14.53
N TRP C 185 -50.46 19.21 -15.74
CA TRP C 185 -49.86 19.77 -16.93
C TRP C 185 -50.94 20.05 -17.95
N TRP C 186 -50.90 21.25 -18.53
CA TRP C 186 -51.86 21.63 -19.55
C TRP C 186 -51.42 21.11 -20.91
N SER C 187 -52.41 20.71 -21.71
CA SER C 187 -52.14 20.35 -23.09
C SER C 187 -51.71 21.58 -23.88
N PRO C 188 -50.93 21.40 -24.94
CA PRO C 188 -50.49 22.56 -25.72
C PRO C 188 -51.64 23.39 -26.27
N ASP C 189 -52.75 22.76 -26.63
CA ASP C 189 -53.94 23.49 -27.05
C ASP C 189 -54.78 23.96 -25.87
N GLY C 190 -54.43 23.56 -24.65
CA GLY C 190 -55.24 23.89 -23.49
C GLY C 190 -56.63 23.26 -23.54
N THR C 191 -56.72 22.03 -24.03
CA THR C 191 -57.99 21.33 -24.14
C THR C 191 -58.13 20.20 -23.12
N ARG C 192 -57.02 19.61 -22.69
CA ARG C 192 -57.04 18.54 -21.70
C ARG C 192 -55.92 18.76 -20.69
N LEU C 193 -56.14 18.25 -19.49
CA LEU C 193 -55.20 18.39 -18.38
C LEU C 193 -54.76 17.02 -17.89
N ALA C 194 -53.46 16.85 -17.70
CA ALA C 194 -52.88 15.59 -17.24
C ALA C 194 -52.45 15.76 -15.79
N TYR C 195 -53.07 14.98 -14.90
CA TYR C 195 -52.77 15.05 -13.48
C TYR C 195 -52.55 13.66 -12.91
N ALA C 196 -51.70 13.59 -11.89
CA ALA C 196 -51.34 12.34 -11.23
C ALA C 196 -52.15 12.21 -9.94
N ALA C 197 -52.91 11.13 -9.84
CA ALA C 197 -53.63 10.79 -8.62
C ALA C 197 -52.73 9.92 -7.75
N ILE C 198 -52.36 10.45 -6.59
CA ILE C 198 -51.52 9.75 -5.62
C ILE C 198 -52.42 9.25 -4.50
N ASN C 199 -52.44 7.94 -4.31
CA ASN C 199 -53.23 7.28 -3.28
C ASN C 199 -52.33 6.91 -2.12
N ASP C 200 -52.73 7.35 -0.91
CA ASP C 200 -52.00 7.09 0.32
C ASP C 200 -52.77 6.16 1.25
N SER C 201 -53.77 5.45 0.74
CA SER C 201 -54.56 4.55 1.58
C SER C 201 -53.67 3.45 2.17
N ARG C 202 -52.76 2.90 1.37
CA ARG C 202 -51.87 1.83 1.80
C ARG C 202 -50.48 2.34 2.18
N VAL C 203 -50.39 3.52 2.76
CA VAL C 203 -49.11 4.15 3.10
C VAL C 203 -49.05 4.31 4.61
N PRO C 204 -47.93 3.95 5.25
CA PRO C 204 -47.84 4.12 6.71
C PRO C 204 -47.91 5.58 7.10
N ILE C 205 -48.29 5.82 8.35
CA ILE C 205 -48.55 7.15 8.89
C ILE C 205 -47.63 7.41 10.07
N MET C 206 -47.13 8.64 10.16
CA MET C 206 -46.36 9.08 11.32
C MET C 206 -46.95 10.37 11.86
N GLU C 207 -46.96 10.48 13.19
CA GLU C 207 -47.53 11.61 13.89
C GLU C 207 -46.40 12.51 14.38
N LEU C 208 -46.40 13.75 13.93
CA LEU C 208 -45.41 14.71 14.40
C LEU C 208 -45.87 15.33 15.71
N PRO C 209 -45.00 15.42 16.71
CA PRO C 209 -45.42 15.97 18.00
C PRO C 209 -45.66 17.46 17.93
N THR C 210 -46.57 17.93 18.79
CA THR C 210 -46.86 19.35 18.93
C THR C 210 -46.70 19.74 20.39
N TYR C 211 -45.88 20.76 20.63
CA TYR C 211 -45.62 21.21 21.99
C TYR C 211 -46.06 22.64 22.25
N THR C 212 -46.81 23.26 21.34
CA THR C 212 -47.21 24.65 21.49
C THR C 212 -48.68 24.89 21.13
N GLY C 213 -49.37 23.90 20.57
CA GLY C 213 -50.69 24.15 20.01
C GLY C 213 -51.68 24.68 21.03
N SER C 214 -51.74 24.04 22.20
CA SER C 214 -52.74 24.42 23.19
C SER C 214 -52.31 23.87 24.55
N ILE C 215 -53.23 23.93 25.51
CA ILE C 215 -52.99 23.32 26.82
C ILE C 215 -52.84 21.80 26.67
N TYR C 216 -53.56 21.23 25.71
CA TYR C 216 -53.49 19.80 25.45
C TYR C 216 -53.15 19.57 23.98
N PRO C 217 -51.94 19.91 23.54
CA PRO C 217 -51.61 19.78 22.12
C PRO C 217 -51.59 18.33 21.69
N THR C 218 -51.94 18.11 20.42
CA THR C 218 -52.03 16.77 19.85
C THR C 218 -51.12 16.67 18.64
N VAL C 219 -50.70 15.44 18.33
CA VAL C 219 -49.80 15.20 17.21
C VAL C 219 -50.55 15.43 15.90
N LYS C 220 -49.82 15.90 14.89
CA LYS C 220 -50.38 16.06 13.55
C LYS C 220 -49.95 14.89 12.69
N PRO C 221 -50.87 14.11 12.11
CA PRO C 221 -50.47 12.93 11.35
C PRO C 221 -50.27 13.22 9.88
N TYR C 222 -49.24 12.60 9.31
CA TYR C 222 -49.01 12.67 7.87
C TYR C 222 -48.33 11.38 7.43
N HIS C 223 -48.48 11.06 6.15
CA HIS C 223 -48.02 9.77 5.62
C HIS C 223 -46.57 9.90 5.17
N TYR C 224 -45.66 9.31 5.93
CA TYR C 224 -44.23 9.30 5.61
C TYR C 224 -43.82 7.85 5.40
N PRO C 225 -43.77 7.39 4.15
CA PRO C 225 -43.36 6.01 3.89
C PRO C 225 -41.86 5.84 4.12
N LYS C 226 -41.51 5.01 5.11
CA LYS C 226 -40.12 4.79 5.44
C LYS C 226 -39.44 3.90 4.41
N ALA C 227 -38.19 3.56 4.67
CA ALA C 227 -37.45 2.69 3.76
C ALA C 227 -38.03 1.28 3.77
N GLY C 228 -38.39 0.78 2.60
CA GLY C 228 -38.96 -0.54 2.48
C GLY C 228 -40.43 -0.65 2.81
N SER C 229 -41.08 0.44 3.20
CA SER C 229 -42.50 0.43 3.50
C SER C 229 -43.30 0.60 2.21
N GLU C 230 -44.62 0.60 2.32
CA GLU C 230 -45.49 0.68 1.15
C GLU C 230 -45.58 2.12 0.67
N ASN C 231 -45.07 2.38 -0.53
CA ASN C 231 -45.04 3.71 -1.10
C ASN C 231 -46.42 4.13 -1.59
N PRO C 232 -46.66 5.44 -1.72
CA PRO C 232 -47.92 5.90 -2.33
C PRO C 232 -48.06 5.40 -3.76
N SER C 233 -49.28 5.04 -4.11
CA SER C 233 -49.56 4.47 -5.43
C SER C 233 -50.00 5.57 -6.37
N ILE C 234 -49.31 5.70 -7.51
CA ILE C 234 -49.56 6.77 -8.45
C ILE C 234 -50.27 6.22 -9.67
N SER C 235 -51.34 6.90 -10.08
CA SER C 235 -51.99 6.67 -11.37
C SER C 235 -51.99 8.00 -12.11
N LEU C 236 -52.14 7.93 -13.43
CA LEU C 236 -52.13 9.13 -14.25
C LEU C 236 -53.49 9.26 -14.93
N HIS C 237 -53.95 10.50 -15.12
CA HIS C 237 -55.27 10.76 -15.66
C HIS C 237 -55.23 11.98 -16.56
N VAL C 238 -56.12 11.99 -17.55
CA VAL C 238 -56.33 13.13 -18.43
C VAL C 238 -57.81 13.48 -18.42
N ILE C 239 -58.11 14.74 -18.14
CA ILE C 239 -59.47 15.25 -18.11
C ILE C 239 -59.63 16.27 -19.23
N GLY C 240 -60.67 16.11 -20.05
CA GLY C 240 -60.99 17.10 -21.05
C GLY C 240 -61.51 18.37 -20.42
N LEU C 241 -61.40 19.47 -21.17
CA LEU C 241 -61.90 20.76 -20.72
C LEU C 241 -63.15 21.19 -21.49
N ASN C 242 -63.79 20.27 -22.19
CA ASN C 242 -65.00 20.57 -22.94
C ASN C 242 -65.87 19.32 -23.02
N GLY C 243 -67.16 19.54 -23.24
CA GLY C 243 -68.11 18.47 -23.32
C GLY C 243 -68.25 17.71 -22.01
N PRO C 244 -68.40 16.38 -22.10
CA PRO C 244 -68.50 15.58 -20.87
C PRO C 244 -67.27 15.63 -19.99
N THR C 245 -66.11 15.97 -20.56
CA THR C 245 -64.84 16.05 -19.81
C THR C 245 -64.53 14.71 -19.13
N HIS C 246 -64.80 13.63 -19.85
CA HIS C 246 -64.56 12.30 -19.32
C HIS C 246 -63.06 12.06 -19.13
N ASP C 247 -62.71 11.48 -17.99
CA ASP C 247 -61.32 11.20 -17.66
C ASP C 247 -60.87 9.90 -18.31
N LEU C 248 -59.58 9.84 -18.64
CA LEU C 248 -58.95 8.64 -19.16
C LEU C 248 -57.59 8.46 -18.50
N GLU C 249 -57.24 7.21 -18.24
CA GLU C 249 -55.97 6.86 -17.60
C GLU C 249 -55.09 6.12 -18.59
N MET C 250 -53.77 6.28 -18.43
CA MET C 250 -52.78 5.63 -19.27
C MET C 250 -52.15 4.49 -18.50
N MET C 251 -52.21 3.29 -19.08
CA MET C 251 -51.66 2.11 -18.44
C MET C 251 -50.14 2.18 -18.44
N PRO C 252 -49.47 1.88 -17.33
CA PRO C 252 -48.01 1.90 -17.31
C PRO C 252 -47.44 0.63 -17.92
N PRO C 253 -46.14 0.58 -18.19
CA PRO C 253 -45.53 -0.67 -18.66
C PRO C 253 -45.63 -1.77 -17.61
N ASP C 254 -45.71 -3.01 -18.09
CA ASP C 254 -45.94 -4.19 -17.24
C ASP C 254 -44.71 -5.07 -17.13
N ASP C 255 -43.52 -4.48 -17.01
CA ASP C 255 -42.31 -5.27 -16.88
C ASP C 255 -42.34 -6.08 -15.58
N PRO C 256 -41.90 -7.34 -15.60
CA PRO C 256 -41.94 -8.16 -14.38
C PRO C 256 -41.06 -7.63 -13.26
N ARG C 257 -39.94 -6.99 -13.58
CA ARG C 257 -39.05 -6.42 -12.58
C ARG C 257 -39.50 -5.06 -12.10
N MET C 258 -40.65 -4.57 -12.59
CA MET C 258 -41.13 -3.22 -12.37
C MET C 258 -42.55 -3.25 -11.82
N ARG C 259 -42.74 -4.06 -10.77
CA ARG C 259 -44.08 -4.20 -10.19
C ARG C 259 -44.57 -2.90 -9.56
N GLU C 260 -43.69 -2.19 -8.87
CA GLU C 260 -44.02 -0.91 -8.27
C GLU C 260 -43.31 0.20 -9.03
N TYR C 261 -44.07 1.22 -9.42
CA TYR C 261 -43.57 2.24 -10.34
C TYR C 261 -44.00 3.62 -9.89
N TYR C 262 -43.26 4.62 -10.36
CA TYR C 262 -43.54 6.02 -10.10
C TYR C 262 -43.47 6.79 -11.41
N ILE C 263 -44.21 7.90 -11.47
CA ILE C 263 -44.19 8.79 -12.63
C ILE C 263 -43.15 9.88 -12.35
N THR C 264 -41.94 9.67 -12.86
CA THR C 264 -40.87 10.63 -12.57
C THR C 264 -41.01 11.90 -13.38
N MET C 265 -41.51 11.80 -14.60
CA MET C 265 -41.59 12.95 -15.48
C MET C 265 -42.70 12.73 -16.50
N VAL C 266 -43.46 13.78 -16.77
CA VAL C 266 -44.51 13.75 -17.77
C VAL C 266 -44.54 15.10 -18.47
N LYS C 267 -44.71 15.08 -19.79
CA LYS C 267 -44.77 16.30 -20.59
C LYS C 267 -45.61 16.05 -21.82
N TRP C 268 -46.51 16.98 -22.13
CA TRP C 268 -47.33 16.90 -23.33
C TRP C 268 -46.44 16.99 -24.56
N ALA C 269 -46.24 15.85 -25.23
CA ALA C 269 -45.50 15.87 -26.49
C ALA C 269 -46.26 16.66 -27.55
N THR C 270 -47.55 16.38 -27.69
CA THR C 270 -48.43 17.11 -28.58
C THR C 270 -49.72 17.41 -27.83
N SER C 271 -50.72 17.90 -28.55
CA SER C 271 -52.02 18.15 -27.94
C SER C 271 -52.81 16.86 -27.72
N THR C 272 -52.35 15.74 -28.28
CA THR C 272 -53.04 14.46 -28.16
C THR C 272 -52.11 13.32 -27.75
N LYS C 273 -50.80 13.45 -27.96
CA LYS C 273 -49.83 12.44 -27.54
C LYS C 273 -48.94 13.04 -26.46
N VAL C 274 -48.77 12.29 -25.36
CA VAL C 274 -48.06 12.77 -24.19
C VAL C 274 -46.99 11.76 -23.81
N ALA C 275 -45.82 12.25 -23.41
CA ALA C 275 -44.70 11.41 -23.00
C ALA C 275 -44.64 11.32 -21.49
N VAL C 276 -44.57 10.10 -20.97
CA VAL C 276 -44.56 9.83 -19.54
C VAL C 276 -43.38 8.91 -19.23
N THR C 277 -42.66 9.21 -18.15
CA THR C 277 -41.53 8.41 -17.71
C THR C 277 -41.91 7.65 -16.44
N TRP C 278 -41.87 6.32 -16.52
CA TRP C 278 -42.22 5.44 -15.42
C TRP C 278 -40.96 4.73 -14.94
N LEU C 279 -40.71 4.79 -13.63
CA LEU C 279 -39.51 4.20 -13.04
C LEU C 279 -39.89 3.18 -11.98
N ASN C 280 -39.19 2.05 -11.97
CA ASN C 280 -39.47 1.01 -10.99
C ASN C 280 -39.17 1.50 -9.58
N ARG C 281 -39.72 0.79 -8.59
CA ARG C 281 -39.43 1.13 -7.20
C ARG C 281 -37.95 0.96 -6.89
N ALA C 282 -37.30 -0.04 -7.52
CA ALA C 282 -35.86 -0.18 -7.37
C ALA C 282 -35.10 0.98 -8.00
N GLN C 283 -35.77 1.79 -8.82
CA GLN C 283 -35.19 3.02 -9.38
C GLN C 283 -33.99 2.70 -10.28
N ASN C 284 -33.93 1.46 -10.76
CA ASN C 284 -32.89 1.03 -11.69
C ASN C 284 -33.45 0.65 -13.06
N VAL C 285 -34.74 0.83 -13.30
CA VAL C 285 -35.36 0.55 -14.59
C VAL C 285 -36.33 1.68 -14.89
N SER C 286 -36.01 2.49 -15.91
CA SER C 286 -36.85 3.60 -16.32
C SER C 286 -37.31 3.38 -17.75
N ILE C 287 -38.55 3.75 -18.05
CA ILE C 287 -39.13 3.59 -19.38
C ILE C 287 -39.86 4.86 -19.76
N LEU C 288 -39.51 5.41 -20.92
CA LEU C 288 -40.21 6.56 -21.51
C LEU C 288 -41.22 6.03 -22.51
N THR C 289 -42.49 6.44 -22.36
CA THR C 289 -43.59 5.91 -23.13
C THR C 289 -44.44 7.04 -23.66
N LEU C 290 -44.85 6.95 -24.93
CA LEU C 290 -45.75 7.90 -25.54
C LEU C 290 -47.15 7.31 -25.56
N CYS C 291 -48.13 8.07 -25.07
CA CYS C 291 -49.49 7.57 -24.93
C CYS C 291 -50.48 8.58 -25.51
N ASP C 292 -51.57 8.06 -26.08
CA ASP C 292 -52.64 8.89 -26.58
C ASP C 292 -53.40 9.52 -25.41
N ALA C 293 -53.66 10.82 -25.50
CA ALA C 293 -54.35 11.51 -24.41
C ALA C 293 -55.84 11.16 -24.40
N THR C 294 -56.47 11.13 -25.57
CA THR C 294 -57.90 10.87 -25.65
C THR C 294 -58.25 9.40 -25.61
N THR C 295 -57.26 8.52 -25.57
CA THR C 295 -57.50 7.08 -25.52
C THR C 295 -56.81 6.40 -24.35
N GLY C 296 -55.60 6.85 -23.98
CA GLY C 296 -54.86 6.25 -22.90
C GLY C 296 -53.96 5.11 -23.30
N VAL C 297 -53.99 4.69 -24.57
CA VAL C 297 -53.13 3.60 -25.01
C VAL C 297 -51.68 4.08 -25.02
N CYS C 298 -50.81 3.32 -24.36
CA CYS C 298 -49.42 3.68 -24.19
C CYS C 298 -48.55 2.82 -25.09
N THR C 299 -47.64 3.45 -25.82
CA THR C 299 -46.69 2.76 -26.69
C THR C 299 -45.29 3.02 -26.17
N LYS C 300 -44.62 1.98 -25.70
CA LYS C 300 -43.28 2.12 -25.15
C LYS C 300 -42.32 2.66 -26.19
N LYS C 301 -41.46 3.59 -25.77
CA LYS C 301 -40.50 4.23 -26.67
C LYS C 301 -39.05 3.95 -26.30
N HIS C 302 -38.64 4.25 -25.08
CA HIS C 302 -37.24 4.13 -24.69
C HIS C 302 -37.13 3.49 -23.32
N GLU C 303 -35.98 2.85 -23.07
CA GLU C 303 -35.72 2.23 -21.78
C GLU C 303 -34.29 2.54 -21.36
N ASP C 304 -34.08 2.54 -20.04
CA ASP C 304 -32.76 2.77 -19.47
C ASP C 304 -32.63 1.97 -18.18
N GLU C 305 -31.54 1.22 -18.07
CA GLU C 305 -31.32 0.37 -16.90
C GLU C 305 -29.85 0.45 -16.50
N SER C 306 -29.61 0.54 -15.20
CA SER C 306 -28.26 0.55 -14.66
C SER C 306 -28.24 -0.35 -13.42
N GLU C 307 -27.04 -0.87 -13.13
CA GLU C 307 -26.90 -1.81 -12.02
C GLU C 307 -27.15 -1.14 -10.68
N ALA C 308 -26.82 0.15 -10.56
CA ALA C 308 -27.00 0.86 -9.30
C ALA C 308 -28.35 1.58 -9.24
N TRP C 309 -28.59 2.51 -10.16
CA TRP C 309 -29.83 3.26 -10.23
C TRP C 309 -29.82 4.12 -11.48
N LEU C 310 -30.90 4.88 -11.67
CA LEU C 310 -30.98 5.89 -12.72
C LEU C 310 -31.01 7.28 -12.09
N HIS C 311 -30.49 8.26 -12.83
CA HIS C 311 -30.31 9.61 -12.32
C HIS C 311 -30.90 10.63 -13.27
N ARG C 312 -31.49 11.68 -12.70
CA ARG C 312 -32.07 12.78 -13.47
C ARG C 312 -33.23 12.30 -14.35
N GLN C 313 -34.11 11.51 -13.76
CA GLN C 313 -35.34 11.08 -14.41
C GLN C 313 -36.32 12.22 -14.61
N ASN C 314 -36.07 13.36 -13.97
CA ASN C 314 -36.90 14.55 -14.09
C ASN C 314 -36.67 15.31 -15.39
N GLU C 315 -35.68 14.90 -16.18
CA GLU C 315 -35.32 15.65 -17.38
C GLU C 315 -36.50 15.73 -18.34
N GLU C 316 -36.88 16.95 -18.70
CA GLU C 316 -38.01 17.19 -19.58
C GLU C 316 -37.58 17.04 -21.03
N PRO C 317 -38.28 16.25 -21.84
CA PRO C 317 -37.86 16.06 -23.22
C PRO C 317 -38.16 17.29 -24.06
N VAL C 318 -37.52 17.36 -25.22
CA VAL C 318 -37.75 18.43 -26.18
C VAL C 318 -38.42 17.82 -27.41
N PHE C 319 -39.67 18.19 -27.65
CA PHE C 319 -40.44 17.70 -28.77
C PHE C 319 -40.55 18.77 -29.85
N SER C 320 -41.01 18.35 -31.02
CA SER C 320 -41.15 19.23 -32.16
C SER C 320 -42.61 19.69 -32.32
N LYS C 321 -42.83 20.52 -33.34
CA LYS C 321 -44.19 20.99 -33.61
C LYS C 321 -45.07 19.89 -34.18
N ASP C 322 -44.47 18.96 -34.92
CA ASP C 322 -45.21 17.86 -35.54
C ASP C 322 -45.06 16.55 -34.78
N GLY C 323 -44.43 16.57 -33.62
CA GLY C 323 -44.20 15.34 -32.86
C GLY C 323 -43.26 14.37 -33.55
N ARG C 324 -42.20 14.88 -34.16
CA ARG C 324 -41.20 14.03 -34.80
C ARG C 324 -40.14 13.63 -33.77
N LYS C 325 -38.99 13.17 -34.27
CA LYS C 325 -37.85 12.84 -33.41
C LYS C 325 -37.65 13.87 -32.31
N PHE C 326 -37.45 13.38 -31.09
CA PHE C 326 -37.28 14.22 -29.91
C PHE C 326 -35.88 14.05 -29.34
N PHE C 327 -35.57 14.92 -28.38
CA PHE C 327 -34.23 15.02 -27.81
C PHE C 327 -34.26 14.50 -26.37
N PHE C 328 -33.25 13.71 -26.02
CA PHE C 328 -33.17 13.03 -24.74
C PHE C 328 -31.76 13.20 -24.19
N ILE C 329 -31.61 13.04 -22.87
CA ILE C 329 -30.30 13.06 -22.23
C ILE C 329 -30.04 11.66 -21.68
N ARG C 330 -29.01 11.00 -22.18
CA ARG C 330 -28.72 9.64 -21.79
C ARG C 330 -27.25 9.52 -21.39
N ALA C 331 -26.99 8.65 -20.42
CA ALA C 331 -25.63 8.35 -19.97
C ALA C 331 -25.05 7.31 -20.92
N ILE C 332 -24.58 7.77 -22.07
CA ILE C 332 -23.98 6.89 -23.07
C ILE C 332 -22.58 6.50 -22.57
N PRO C 333 -22.08 5.31 -22.92
CA PRO C 333 -20.80 4.87 -22.34
C PRO C 333 -19.65 5.83 -22.58
N GLN C 334 -19.61 6.49 -23.74
CA GLN C 334 -18.62 7.52 -24.04
C GLN C 334 -17.19 6.99 -23.85
N GLY C 335 -16.97 5.75 -24.26
CA GLY C 335 -15.64 5.17 -24.15
C GLY C 335 -15.19 5.07 -22.71
N GLY C 336 -14.01 5.61 -22.42
CA GLY C 336 -13.42 5.53 -21.11
C GLY C 336 -13.92 6.59 -20.16
N ARG C 337 -13.40 6.54 -18.93
CA ARG C 337 -13.78 7.46 -17.86
C ARG C 337 -15.28 7.41 -17.59
N GLY C 338 -15.86 6.21 -17.73
CA GLY C 338 -17.26 6.01 -17.42
C GLY C 338 -18.23 6.61 -18.41
N LYS C 339 -19.52 6.32 -18.24
CA LYS C 339 -20.55 6.88 -19.09
C LYS C 339 -20.81 8.34 -18.74
N PHE C 340 -21.27 9.10 -19.74
CA PHE C 340 -21.50 10.52 -19.59
C PHE C 340 -22.84 10.90 -20.21
N TYR C 341 -23.42 11.99 -19.70
CA TYR C 341 -24.70 12.47 -20.17
C TYR C 341 -24.52 13.20 -21.50
N HIS C 342 -25.32 12.82 -22.49
CA HIS C 342 -25.25 13.47 -23.80
C HIS C 342 -26.61 13.41 -24.47
N ILE C 343 -26.80 14.30 -25.44
CA ILE C 343 -28.06 14.44 -26.15
C ILE C 343 -28.20 13.33 -27.18
N THR C 344 -29.39 12.73 -27.25
CA THR C 344 -29.71 11.67 -28.18
C THR C 344 -30.99 12.02 -28.92
N VAL C 345 -31.00 11.75 -30.22
CA VAL C 345 -32.17 11.96 -31.08
C VAL C 345 -32.89 10.63 -31.23
N SER C 346 -34.19 10.62 -30.90
CA SER C 346 -35.01 9.44 -31.05
C SER C 346 -36.13 9.72 -32.04
N SER C 347 -36.27 8.87 -33.05
CA SER C 347 -37.25 9.08 -34.10
C SER C 347 -38.66 9.12 -33.53
N SER C 348 -39.59 9.63 -34.35
CA SER C 348 -40.97 9.79 -33.90
C SER C 348 -41.59 8.44 -33.53
N GLN C 349 -41.40 7.43 -34.38
CA GLN C 349 -41.91 6.08 -34.13
C GLN C 349 -40.78 5.08 -34.38
N PRO C 350 -39.87 4.92 -33.42
CA PRO C 350 -38.80 3.93 -33.58
C PRO C 350 -39.37 2.52 -33.68
N ASN C 351 -38.68 1.66 -34.43
CA ASN C 351 -39.15 0.30 -34.62
C ASN C 351 -39.05 -0.50 -33.33
N SER C 352 -39.90 -1.52 -33.22
CA SER C 352 -39.92 -2.35 -32.02
C SER C 352 -38.64 -3.18 -31.87
N SER C 353 -38.02 -3.59 -32.97
CA SER C 353 -36.79 -4.36 -32.88
C SER C 353 -35.65 -3.51 -32.31
N ASN C 354 -35.32 -2.42 -33.00
CA ASN C 354 -34.28 -1.51 -32.55
C ASN C 354 -34.76 -0.08 -32.72
N ASP C 355 -34.20 0.81 -31.89
CA ASP C 355 -34.57 2.21 -31.92
C ASP C 355 -33.72 2.97 -32.94
N ASN C 356 -33.80 4.30 -32.86
CA ASN C 356 -33.02 5.20 -33.71
C ASN C 356 -32.05 6.02 -32.88
N ILE C 357 -31.36 5.37 -31.95
CA ILE C 357 -30.43 6.06 -31.05
C ILE C 357 -29.33 6.74 -31.85
N GLN C 358 -29.03 7.98 -31.48
CA GLN C 358 -27.98 8.74 -32.15
C GLN C 358 -27.56 9.87 -31.24
N SER C 359 -26.32 9.84 -30.75
CA SER C 359 -25.82 10.86 -29.85
C SER C 359 -25.39 12.10 -30.63
N ILE C 360 -25.63 13.26 -30.03
CA ILE C 360 -25.24 14.54 -30.63
C ILE C 360 -23.96 15.07 -30.01
N THR C 361 -23.98 15.34 -28.71
CA THR C 361 -22.83 15.85 -28.00
C THR C 361 -21.91 14.70 -27.58
N SER C 362 -20.63 15.00 -27.46
CA SER C 362 -19.63 13.99 -27.09
C SER C 362 -18.51 14.65 -26.31
N GLY C 363 -17.84 13.85 -25.48
CA GLY C 363 -16.72 14.30 -24.68
C GLY C 363 -16.89 13.91 -23.23
N ASP C 364 -15.85 14.20 -22.45
CA ASP C 364 -15.85 13.93 -21.02
C ASP C 364 -16.53 15.07 -20.26
N TRP C 365 -17.79 15.29 -20.60
CA TRP C 365 -18.60 16.32 -20.00
C TRP C 365 -20.07 15.99 -20.21
N ASP C 366 -20.94 16.75 -19.56
CA ASP C 366 -22.37 16.46 -19.55
C ASP C 366 -23.19 17.71 -19.81
N VAL C 367 -24.38 17.51 -20.35
CA VAL C 367 -25.36 18.57 -20.53
C VAL C 367 -26.27 18.60 -19.31
N THR C 368 -26.26 19.71 -18.58
CA THR C 368 -27.10 19.81 -17.39
C THR C 368 -28.58 19.77 -17.75
N LYS C 369 -28.96 20.54 -18.78
CA LYS C 369 -30.35 20.54 -19.23
C LYS C 369 -30.41 21.20 -20.60
N ILE C 370 -31.25 20.65 -21.47
CA ILE C 370 -31.39 21.17 -22.83
C ILE C 370 -32.35 22.35 -22.81
N LEU C 371 -31.85 23.51 -23.23
CA LEU C 371 -32.69 24.71 -23.25
C LEU C 371 -33.87 24.52 -24.22
N ALA C 372 -33.58 24.32 -25.50
CA ALA C 372 -34.66 24.20 -26.48
C ALA C 372 -34.09 23.71 -27.81
N TYR C 373 -34.99 23.51 -28.77
CA TYR C 373 -34.65 23.04 -30.11
C TYR C 373 -35.48 23.80 -31.13
N ASP C 374 -34.85 24.20 -32.24
CA ASP C 374 -35.48 25.02 -33.26
C ASP C 374 -35.75 24.17 -34.50
N GLU C 375 -37.00 24.17 -34.94
CA GLU C 375 -37.38 23.47 -36.16
C GLU C 375 -36.93 24.21 -37.42
N LYS C 376 -36.79 25.53 -37.37
CA LYS C 376 -36.42 26.34 -38.54
C LYS C 376 -34.90 26.30 -38.69
N GLY C 377 -34.39 25.13 -39.05
CA GLY C 377 -32.96 24.94 -39.22
C GLY C 377 -32.39 23.92 -38.27
N ASN C 378 -31.24 24.23 -37.67
CA ASN C 378 -30.57 23.32 -36.74
C ASN C 378 -29.97 24.15 -35.61
N LYS C 379 -30.71 24.26 -34.52
CA LYS C 379 -30.26 25.02 -33.35
C LYS C 379 -30.85 24.39 -32.10
N ILE C 380 -30.03 23.65 -31.37
CA ILE C 380 -30.42 23.09 -30.07
C ILE C 380 -29.56 23.76 -29.02
N TYR C 381 -30.19 24.49 -28.10
CA TYR C 381 -29.50 25.23 -27.06
C TYR C 381 -29.61 24.46 -25.75
N PHE C 382 -28.52 24.48 -24.99
CA PHE C 382 -28.47 23.79 -23.71
C PHE C 382 -27.35 24.39 -22.87
N LEU C 383 -27.31 24.01 -21.60
CA LEU C 383 -26.25 24.39 -20.68
C LEU C 383 -25.41 23.17 -20.36
N SER C 384 -24.09 23.35 -20.25
CA SER C 384 -23.20 22.22 -20.02
C SER C 384 -21.97 22.68 -19.26
N THR C 385 -21.29 21.71 -18.65
CA THR C 385 -20.06 21.93 -17.90
C THR C 385 -18.83 21.57 -18.73
N GLU C 386 -18.88 21.83 -20.04
CA GLU C 386 -17.75 21.49 -20.90
C GLU C 386 -16.51 22.28 -20.53
N ASP C 387 -16.67 23.57 -20.19
CA ASP C 387 -15.54 24.36 -19.74
C ASP C 387 -14.95 23.80 -18.46
N LEU C 388 -15.73 23.82 -17.38
CA LEU C 388 -15.31 23.27 -16.09
C LEU C 388 -16.53 22.68 -15.41
N PRO C 389 -16.33 21.66 -14.56
CA PRO C 389 -17.47 21.12 -13.80
C PRO C 389 -18.09 22.12 -12.85
N ARG C 390 -17.36 23.17 -12.49
CA ARG C 390 -17.89 24.22 -11.61
C ARG C 390 -18.36 25.45 -12.37
N ARG C 391 -18.55 25.34 -13.69
CA ARG C 391 -19.09 26.43 -14.51
C ARG C 391 -20.15 25.89 -15.44
N ARG C 392 -21.10 26.75 -15.79
CA ARG C 392 -22.17 26.41 -16.74
C ARG C 392 -22.06 27.33 -17.94
N GLN C 393 -21.97 26.74 -19.13
CA GLN C 393 -21.82 27.50 -20.37
C GLN C 393 -22.91 27.10 -21.35
N LEU C 394 -23.37 28.07 -22.13
CA LEU C 394 -24.43 27.83 -23.11
C LEU C 394 -23.82 27.32 -24.41
N TYR C 395 -24.31 26.17 -24.87
CA TYR C 395 -23.84 25.57 -26.11
C TYR C 395 -25.03 25.30 -27.02
N SER C 396 -24.88 25.67 -28.29
CA SER C 396 -25.86 25.40 -29.32
C SER C 396 -25.27 24.46 -30.35
N ALA C 397 -25.92 23.34 -30.57
CA ALA C 397 -25.50 22.33 -31.55
C ALA C 397 -26.52 22.27 -32.68
N ASN C 398 -26.22 21.43 -33.66
CA ASN C 398 -27.06 21.27 -34.85
C ASN C 398 -27.54 19.84 -34.97
N THR C 399 -28.83 19.68 -35.27
CA THR C 399 -29.41 18.36 -35.46
C THR C 399 -28.89 17.69 -36.73
N VAL C 400 -28.38 18.46 -37.68
CA VAL C 400 -27.80 17.89 -38.88
C VAL C 400 -26.54 17.08 -38.51
N GLY C 401 -26.24 16.08 -39.33
CA GLY C 401 -25.14 15.16 -39.10
C GLY C 401 -23.79 15.79 -38.78
N ASN C 402 -23.63 17.09 -39.10
CA ASN C 402 -22.39 17.78 -38.78
C ASN C 402 -22.19 17.85 -37.26
N PHE C 403 -23.25 18.17 -36.52
CA PHE C 403 -23.19 18.28 -35.06
C PHE C 403 -22.16 19.30 -34.61
N ASN C 404 -22.35 20.55 -35.01
CA ASN C 404 -21.44 21.63 -34.61
C ASN C 404 -21.97 22.32 -33.37
N ARG C 405 -21.30 22.09 -32.24
CA ARG C 405 -21.69 22.67 -30.97
C ARG C 405 -21.00 24.02 -30.78
N GLN C 406 -21.80 25.09 -30.77
CA GLN C 406 -21.28 26.45 -30.66
C GLN C 406 -21.49 26.98 -29.26
N CYS C 407 -20.40 27.44 -28.64
CA CYS C 407 -20.48 28.15 -27.37
C CYS C 407 -20.89 29.60 -27.64
N LEU C 408 -22.02 30.01 -27.07
CA LEU C 408 -22.51 31.37 -27.25
C LEU C 408 -22.10 32.28 -26.10
N SER C 409 -22.23 31.79 -24.86
CA SER C 409 -21.87 32.61 -23.71
C SER C 409 -20.36 32.74 -23.58
N CYS C 410 -19.68 31.61 -23.36
CA CYS C 410 -18.23 31.57 -23.20
C CYS C 410 -17.75 32.61 -22.21
N ASP C 411 -17.43 33.81 -22.70
CA ASP C 411 -16.91 34.90 -21.89
C ASP C 411 -17.60 36.22 -22.26
N LEU C 412 -18.92 36.20 -22.32
CA LEU C 412 -19.66 37.42 -22.68
C LEU C 412 -19.37 38.55 -21.70
N VAL C 413 -19.33 38.24 -20.42
CA VAL C 413 -18.94 39.20 -19.38
C VAL C 413 -17.85 38.56 -18.55
N GLU C 414 -16.83 39.35 -18.19
CA GLU C 414 -15.68 38.81 -17.47
C GLU C 414 -16.07 38.25 -16.11
N ASN C 415 -16.95 38.94 -15.39
CA ASN C 415 -17.40 38.44 -14.09
C ASN C 415 -18.70 37.64 -14.22
N CYS C 416 -18.72 36.69 -15.15
CA CYS C 416 -19.90 35.85 -15.40
C CYS C 416 -19.42 34.52 -15.97
N THR C 417 -19.35 33.51 -15.11
CA THR C 417 -19.01 32.15 -15.56
C THR C 417 -20.22 31.24 -15.55
N TYR C 418 -20.95 31.18 -14.44
CA TYR C 418 -22.24 30.51 -14.42
C TYR C 418 -23.23 31.28 -15.29
N PHE C 419 -24.18 30.55 -15.88
CA PHE C 419 -25.10 31.15 -16.83
C PHE C 419 -26.46 30.47 -16.75
N SER C 420 -27.50 31.24 -17.03
CA SER C 420 -28.87 30.74 -17.10
C SER C 420 -29.58 31.47 -18.23
N ALA C 421 -29.87 30.76 -19.31
CA ALA C 421 -30.44 31.36 -20.50
C ALA C 421 -31.83 30.80 -20.76
N SER C 422 -32.78 31.70 -21.01
CA SER C 422 -34.17 31.34 -21.32
C SER C 422 -34.55 31.97 -22.64
N PHE C 423 -34.84 31.15 -23.64
CA PHE C 423 -35.11 31.61 -24.99
C PHE C 423 -36.61 31.79 -25.22
N SER C 424 -36.95 32.62 -26.19
CA SER C 424 -38.33 32.89 -26.54
C SER C 424 -38.88 31.76 -27.42
N HIS C 425 -40.07 31.99 -27.97
CA HIS C 425 -40.68 30.99 -28.85
C HIS C 425 -39.85 30.78 -30.11
N SER C 426 -39.41 31.87 -30.74
CA SER C 426 -38.60 31.80 -31.95
C SER C 426 -37.11 32.02 -31.68
N MET C 427 -36.72 32.16 -30.42
CA MET C 427 -35.32 32.14 -30.00
C MET C 427 -34.52 33.33 -30.51
N ASP C 428 -35.16 34.26 -31.22
CA ASP C 428 -34.44 35.41 -31.73
C ASP C 428 -33.85 36.23 -30.58
N PHE C 429 -34.51 36.22 -29.43
CA PHE C 429 -33.99 36.86 -28.23
C PHE C 429 -34.16 35.93 -27.04
N PHE C 430 -33.19 36.00 -26.13
CA PHE C 430 -33.20 35.21 -24.91
C PHE C 430 -32.73 36.08 -23.76
N LEU C 431 -32.98 35.59 -22.54
CA LEU C 431 -32.63 36.28 -21.31
C LEU C 431 -31.56 35.50 -20.59
N LEU C 432 -30.46 36.18 -20.25
CA LEU C 432 -29.27 35.56 -19.68
C LEU C 432 -29.00 36.12 -18.29
N LYS C 433 -28.74 35.22 -17.35
CA LYS C 433 -28.40 35.58 -15.98
C LYS C 433 -27.07 34.96 -15.60
N CYS C 434 -26.30 35.69 -14.79
CA CYS C 434 -24.95 35.27 -14.43
C CYS C 434 -24.93 34.42 -13.16
N GLU C 435 -25.45 34.96 -12.06
CA GLU C 435 -25.45 34.28 -10.76
C GLU C 435 -24.04 33.89 -10.34
N GLY C 436 -23.09 34.80 -10.51
CA GLY C 436 -21.74 34.57 -10.08
C GLY C 436 -20.71 34.75 -11.18
N PRO C 437 -19.42 34.75 -10.81
CA PRO C 437 -18.96 34.59 -9.43
C PRO C 437 -19.02 35.89 -8.64
N GLY C 438 -19.46 36.96 -9.29
CA GLY C 438 -19.71 38.23 -8.66
C GLY C 438 -21.19 38.49 -8.49
N VAL C 439 -21.56 39.77 -8.45
CA VAL C 439 -22.98 40.13 -8.36
C VAL C 439 -23.70 39.60 -9.60
N PRO C 440 -24.90 39.04 -9.47
CA PRO C 440 -25.63 38.59 -10.66
C PRO C 440 -26.33 39.73 -11.37
N MET C 441 -26.44 39.61 -12.69
CA MET C 441 -27.22 40.53 -13.50
C MET C 441 -28.10 39.72 -14.45
N VAL C 442 -29.18 40.35 -14.92
CA VAL C 442 -30.07 39.78 -15.92
C VAL C 442 -30.01 40.70 -17.14
N THR C 443 -29.82 40.11 -18.32
CA THR C 443 -29.61 40.88 -19.53
C THR C 443 -30.37 40.22 -20.67
N VAL C 444 -30.67 41.01 -21.70
CA VAL C 444 -31.33 40.54 -22.91
C VAL C 444 -30.27 40.41 -24.00
N HIS C 445 -30.25 39.26 -24.67
CA HIS C 445 -29.32 39.03 -25.76
C HIS C 445 -30.04 38.34 -26.91
N ASN C 446 -29.36 38.26 -28.05
CA ASN C 446 -29.88 37.59 -29.24
C ASN C 446 -28.90 36.51 -29.67
N THR C 447 -29.42 35.34 -30.01
CA THR C 447 -28.55 34.22 -30.39
C THR C 447 -27.77 34.50 -31.66
N THR C 448 -28.26 35.40 -32.53
CA THR C 448 -27.57 35.69 -33.78
C THR C 448 -26.37 36.60 -33.55
N ASP C 449 -26.62 37.79 -33.00
CA ASP C 449 -25.58 38.79 -32.83
C ASP C 449 -24.83 38.67 -31.50
N LYS C 450 -25.39 37.96 -30.53
CA LYS C 450 -24.84 37.92 -29.17
C LYS C 450 -24.67 39.34 -28.64
N LYS C 451 -25.65 40.19 -28.95
CA LYS C 451 -25.57 41.62 -28.69
C LYS C 451 -26.47 42.01 -27.53
N LYS C 452 -25.91 42.74 -26.58
CA LYS C 452 -26.67 43.28 -25.45
C LYS C 452 -27.34 44.57 -25.89
N MET C 453 -28.62 44.47 -26.26
CA MET C 453 -29.37 45.67 -26.60
C MET C 453 -29.53 46.57 -25.37
N PHE C 454 -29.84 45.95 -24.22
CA PHE C 454 -29.93 46.68 -22.96
C PHE C 454 -29.84 45.66 -21.83
N ASP C 455 -29.63 46.17 -20.62
CA ASP C 455 -29.54 45.34 -19.43
C ASP C 455 -30.88 45.36 -18.70
N LEU C 456 -31.39 44.18 -18.38
CA LEU C 456 -32.68 44.10 -17.69
C LEU C 456 -32.54 44.50 -16.23
N GLU C 457 -31.47 44.04 -15.57
CA GLU C 457 -31.19 44.38 -14.18
C GLU C 457 -29.73 44.08 -13.90
N THR C 458 -29.16 44.78 -12.92
CA THR C 458 -27.76 44.61 -12.57
C THR C 458 -27.52 44.41 -11.08
N ASN C 459 -28.55 44.51 -10.25
CA ASN C 459 -28.43 44.37 -8.80
C ASN C 459 -27.43 45.39 -8.24
N GLU C 460 -27.76 46.66 -8.45
CA GLU C 460 -26.89 47.76 -8.03
C GLU C 460 -26.74 47.78 -6.51
N HIS C 461 -27.81 47.48 -5.79
CA HIS C 461 -27.72 47.38 -4.33
C HIS C 461 -26.70 46.34 -3.92
N VAL C 462 -26.69 45.19 -4.60
CA VAL C 462 -25.74 44.14 -4.27
C VAL C 462 -24.31 44.59 -4.57
N LYS C 463 -24.13 45.28 -5.70
CA LYS C 463 -22.79 45.76 -6.05
C LYS C 463 -22.28 46.76 -5.01
N LYS C 464 -23.13 47.70 -4.60
CA LYS C 464 -22.69 48.69 -3.61
C LYS C 464 -22.44 48.03 -2.26
N ALA C 465 -23.25 47.03 -1.90
CA ALA C 465 -23.05 46.34 -0.63
C ALA C 465 -21.74 45.57 -0.62
N ILE C 466 -21.46 44.84 -1.71
CA ILE C 466 -20.20 44.11 -1.79
C ILE C 466 -19.01 45.05 -1.88
N ASN C 467 -19.19 46.26 -2.43
CA ASN C 467 -18.12 47.24 -2.43
C ASN C 467 -17.90 47.83 -1.04
N ASP C 468 -18.94 47.93 -0.23
CA ASP C 468 -18.84 48.51 1.10
C ASP C 468 -18.37 47.52 2.17
N ARG C 469 -18.16 46.25 1.81
CA ARG C 469 -17.81 45.23 2.78
C ARG C 469 -16.65 44.40 2.28
N GLN C 470 -15.99 43.72 3.22
CA GLN C 470 -14.86 42.85 2.90
C GLN C 470 -15.37 41.61 2.19
N MET C 471 -15.36 41.64 0.87
CA MET C 471 -15.74 40.46 0.11
C MET C 471 -14.70 39.35 0.30
N PRO C 472 -15.15 38.14 0.62
CA PRO C 472 -14.20 37.03 0.75
C PRO C 472 -13.52 36.72 -0.58
N LYS C 473 -12.28 36.25 -0.48
CA LYS C 473 -11.47 35.93 -1.65
C LYS C 473 -11.74 34.48 -2.06
N VAL C 474 -12.15 34.29 -3.30
CA VAL C 474 -12.56 32.97 -3.80
C VAL C 474 -11.41 32.38 -4.61
N GLU C 475 -11.01 31.16 -4.26
CA GLU C 475 -9.99 30.43 -5.00
C GLU C 475 -10.26 28.94 -4.90
N TYR C 476 -9.69 28.18 -5.83
CA TYR C 476 -9.94 26.75 -5.94
C TYR C 476 -8.62 25.99 -5.90
N ARG C 477 -8.63 24.83 -5.23
CA ARG C 477 -7.48 23.93 -5.18
C ARG C 477 -8.04 22.51 -5.31
N ASP C 478 -8.17 22.05 -6.55
CA ASP C 478 -8.77 20.75 -6.81
C ASP C 478 -7.82 19.62 -6.43
N ILE C 479 -8.40 18.46 -6.17
CA ILE C 479 -7.65 17.27 -5.77
C ILE C 479 -7.92 16.16 -6.77
N GLU C 480 -7.08 15.13 -6.72
CA GLU C 480 -7.24 13.95 -7.58
C GLU C 480 -7.09 12.69 -6.75
N ILE C 481 -7.99 11.74 -6.98
CA ILE C 481 -7.90 10.43 -6.32
C ILE C 481 -8.48 9.39 -7.26
N ASP C 482 -7.78 8.27 -7.39
CA ASP C 482 -8.15 7.19 -8.32
C ASP C 482 -8.29 7.81 -9.71
N ASP C 483 -9.42 7.64 -10.40
CA ASP C 483 -9.65 8.25 -11.69
C ASP C 483 -10.62 9.43 -11.61
N TYR C 484 -10.81 9.98 -10.42
CA TYR C 484 -11.77 11.04 -10.18
C TYR C 484 -11.08 12.32 -9.71
N ASN C 485 -11.46 13.43 -10.34
CA ASN C 485 -11.00 14.75 -9.93
C ASN C 485 -12.08 15.38 -9.07
N LEU C 486 -11.68 15.86 -7.88
CA LEU C 486 -12.61 16.41 -6.91
C LEU C 486 -12.23 17.84 -6.60
N PRO C 487 -12.88 18.83 -7.20
CA PRO C 487 -12.53 20.23 -6.92
C PRO C 487 -12.82 20.60 -5.47
N MET C 488 -12.00 21.51 -4.96
CA MET C 488 -12.15 22.03 -3.61
C MET C 488 -11.87 23.52 -3.62
N GLN C 489 -12.67 24.29 -2.89
CA GLN C 489 -12.51 25.73 -2.82
C GLN C 489 -12.20 26.15 -1.39
N ILE C 490 -11.13 26.92 -1.23
CA ILE C 490 -10.77 27.53 0.04
C ILE C 490 -11.01 29.03 -0.08
N LEU C 491 -11.49 29.64 0.99
CA LEU C 491 -11.90 31.04 0.98
C LEU C 491 -11.00 31.84 1.92
N LYS C 492 -10.77 33.11 1.56
CA LYS C 492 -9.97 34.03 2.35
C LYS C 492 -10.74 35.33 2.54
N PRO C 493 -10.52 36.01 3.67
CA PRO C 493 -11.27 37.24 3.96
C PRO C 493 -10.76 38.47 3.22
N ALA C 494 -9.94 38.29 2.18
CA ALA C 494 -9.27 39.35 1.42
C ALA C 494 -8.21 40.08 2.23
N THR C 495 -7.86 39.57 3.41
CA THR C 495 -6.78 40.11 4.24
C THR C 495 -5.92 38.98 4.79
N PHE C 496 -5.64 37.99 3.95
CA PHE C 496 -4.87 36.83 4.38
C PHE C 496 -3.43 37.21 4.67
N THR C 497 -2.87 36.59 5.71
CA THR C 497 -1.47 36.77 6.08
C THR C 497 -0.86 35.41 6.38
N ASP C 498 0.47 35.42 6.58
CA ASP C 498 1.17 34.21 7.00
C ASP C 498 1.59 34.28 8.47
N THR C 499 1.70 35.50 9.01
CA THR C 499 2.10 35.65 10.41
C THR C 499 1.07 35.04 11.35
N THR C 500 -0.21 35.23 11.04
CA THR C 500 -1.28 34.67 11.87
C THR C 500 -1.63 33.26 11.39
N HIS C 501 -2.31 32.52 12.27
CA HIS C 501 -2.80 31.19 11.97
C HIS C 501 -4.31 31.25 11.76
N TYR C 502 -4.77 30.55 10.73
CA TYR C 502 -6.18 30.60 10.36
C TYR C 502 -6.89 29.29 10.71
N PRO C 503 -7.88 29.33 11.60
CA PRO C 503 -8.59 28.11 11.96
C PRO C 503 -9.38 27.54 10.79
N LEU C 504 -9.51 26.22 10.78
CA LEU C 504 -10.09 25.50 9.66
C LEU C 504 -11.45 24.91 10.04
N LEU C 505 -12.41 25.05 9.13
CA LEU C 505 -13.71 24.40 9.25
C LEU C 505 -14.00 23.71 7.93
N LEU C 506 -14.47 22.46 8.00
CA LEU C 506 -14.95 21.74 6.83
C LEU C 506 -16.45 21.88 6.74
N VAL C 507 -16.96 22.07 5.52
CA VAL C 507 -18.40 22.11 5.27
C VAL C 507 -18.71 21.06 4.23
N VAL C 508 -19.65 20.16 4.54
CA VAL C 508 -20.02 19.08 3.64
C VAL C 508 -21.53 18.90 3.64
N ASP C 509 -22.10 18.72 2.45
CA ASP C 509 -23.45 18.23 2.29
C ASP C 509 -23.48 16.89 1.57
N GLY C 510 -22.75 16.77 0.46
CA GLY C 510 -22.49 15.48 -0.16
C GLY C 510 -23.72 14.71 -0.60
N THR C 511 -24.79 15.40 -0.95
CA THR C 511 -25.97 14.72 -1.45
C THR C 511 -25.65 14.11 -2.81
N PRO C 512 -25.82 12.80 -2.99
CA PRO C 512 -25.56 12.21 -4.32
C PRO C 512 -26.44 12.84 -5.38
N GLY C 513 -25.84 13.08 -6.55
CA GLY C 513 -26.52 13.78 -7.61
C GLY C 513 -26.53 15.29 -7.48
N SER C 514 -25.71 15.86 -6.60
CA SER C 514 -25.66 17.29 -6.37
C SER C 514 -24.22 17.79 -6.47
N GLN C 515 -24.08 19.11 -6.60
CA GLN C 515 -22.80 19.77 -6.72
C GLN C 515 -22.62 20.76 -5.58
N SER C 516 -21.50 20.64 -4.86
CA SER C 516 -21.23 21.48 -3.71
C SER C 516 -20.11 22.48 -3.91
N VAL C 517 -19.25 22.28 -4.91
CA VAL C 517 -18.17 23.21 -5.22
C VAL C 517 -18.46 23.79 -6.59
N ALA C 518 -18.73 25.09 -6.63
CA ALA C 518 -19.07 25.76 -7.88
C ALA C 518 -18.84 27.25 -7.73
N GLU C 519 -18.82 27.94 -8.87
CA GLU C 519 -18.54 29.38 -8.91
C GLU C 519 -19.79 30.23 -8.77
N LYS C 520 -20.85 29.70 -8.17
CA LYS C 520 -22.04 30.50 -7.92
C LYS C 520 -21.74 31.55 -6.85
N PHE C 521 -22.45 32.68 -6.91
CA PHE C 521 -22.35 33.71 -5.90
C PHE C 521 -23.37 33.42 -4.80
N GLU C 522 -22.90 33.35 -3.57
CA GLU C 522 -23.77 33.06 -2.44
C GLU C 522 -23.26 33.78 -1.20
N VAL C 523 -24.19 34.15 -0.33
CA VAL C 523 -23.89 34.74 0.97
C VAL C 523 -24.54 33.87 2.04
N SER C 524 -23.77 33.51 3.06
CA SER C 524 -24.25 32.61 4.10
C SER C 524 -23.41 32.83 5.34
N TRP C 525 -23.57 31.91 6.32
CA TRP C 525 -22.79 32.00 7.55
C TRP C 525 -21.30 31.92 7.27
N GLU C 526 -20.90 31.16 6.25
CA GLU C 526 -19.48 31.05 5.92
C GLU C 526 -18.90 32.40 5.57
N THR C 527 -19.65 33.21 4.80
CA THR C 527 -19.19 34.54 4.44
C THR C 527 -18.89 35.38 5.68
N VAL C 528 -19.81 35.38 6.65
CA VAL C 528 -19.61 36.17 7.86
C VAL C 528 -18.44 35.64 8.67
N MET C 529 -18.41 34.33 8.89
CA MET C 529 -17.39 33.77 9.79
C MET C 529 -15.99 33.91 9.21
N VAL C 530 -15.85 33.83 7.89
CA VAL C 530 -14.59 34.21 7.27
C VAL C 530 -14.35 35.71 7.46
N SER C 531 -15.38 36.52 7.23
CA SER C 531 -15.23 37.97 7.32
C SER C 531 -15.03 38.43 8.76
N SER C 532 -15.87 37.95 9.67
CA SER C 532 -15.84 38.45 11.04
C SER C 532 -14.63 37.93 11.81
N HIS C 533 -14.28 36.66 11.62
CA HIS C 533 -13.28 36.02 12.45
C HIS C 533 -12.25 35.21 11.68
N GLY C 534 -12.29 35.22 10.36
CA GLY C 534 -11.17 34.70 9.57
C GLY C 534 -10.85 33.24 9.76
N ALA C 535 -11.85 32.37 9.69
CA ALA C 535 -11.63 30.93 9.72
C ALA C 535 -11.91 30.38 8.32
N VAL C 536 -10.98 29.57 7.82
CA VAL C 536 -11.03 29.14 6.42
C VAL C 536 -11.99 27.95 6.27
N VAL C 537 -12.89 28.05 5.29
CA VAL C 537 -13.88 27.02 5.02
C VAL C 537 -13.40 26.14 3.88
N VAL C 538 -13.53 24.83 4.05
CA VAL C 538 -13.11 23.85 3.06
C VAL C 538 -14.35 23.12 2.56
N LYS C 539 -14.61 23.22 1.26
CA LYS C 539 -15.71 22.53 0.60
C LYS C 539 -15.17 21.74 -0.58
N CYS C 540 -15.42 20.43 -0.59
CA CYS C 540 -14.89 19.57 -1.63
C CYS C 540 -15.96 18.60 -2.09
N ASP C 541 -15.99 18.33 -3.39
CA ASP C 541 -16.91 17.38 -4.00
C ASP C 541 -16.24 16.01 -4.04
N GLY C 542 -16.32 15.26 -2.94
CA GLY C 542 -15.79 13.92 -2.88
C GLY C 542 -16.59 12.96 -3.74
N ARG C 543 -16.39 11.68 -3.49
CA ARG C 543 -17.12 10.65 -4.22
C ARG C 543 -18.61 10.72 -3.88
N GLY C 544 -19.45 10.53 -4.91
CA GLY C 544 -20.88 10.70 -4.80
C GLY C 544 -21.40 11.98 -5.42
N SER C 545 -20.54 12.93 -5.74
CA SER C 545 -20.98 14.16 -6.39
C SER C 545 -21.30 13.90 -7.85
N GLY C 546 -22.36 14.55 -8.35
CA GLY C 546 -22.76 14.37 -9.72
C GLY C 546 -22.05 15.31 -10.68
N PHE C 547 -22.47 15.24 -11.94
CA PHE C 547 -21.95 16.08 -13.03
C PHE C 547 -20.46 15.87 -13.27
N GLN C 548 -19.90 14.76 -12.78
CA GLN C 548 -18.49 14.46 -12.97
C GLN C 548 -18.28 12.98 -13.27
N GLY C 549 -19.25 12.34 -13.90
CA GLY C 549 -19.16 10.93 -14.21
C GLY C 549 -20.19 10.09 -13.51
N THR C 550 -21.04 9.41 -14.29
CA THR C 550 -22.01 8.49 -13.69
C THR C 550 -21.31 7.37 -12.95
N LYS C 551 -20.06 7.06 -13.34
CA LYS C 551 -19.25 6.13 -12.56
C LYS C 551 -19.00 6.66 -11.17
N LEU C 552 -18.66 7.95 -11.05
CA LEU C 552 -18.47 8.56 -9.74
C LEU C 552 -19.78 8.61 -8.98
N LEU C 553 -20.89 8.83 -9.69
CA LEU C 553 -22.20 8.85 -9.04
C LEU C 553 -22.54 7.48 -8.45
N HIS C 554 -22.32 6.41 -9.21
CA HIS C 554 -22.66 5.06 -8.78
C HIS C 554 -21.59 4.42 -7.91
N GLU C 555 -20.43 5.07 -7.75
CA GLU C 555 -19.36 4.49 -6.93
C GLU C 555 -19.80 4.24 -5.50
N VAL C 556 -20.64 5.10 -4.94
CA VAL C 556 -21.03 5.00 -3.55
C VAL C 556 -22.34 4.22 -3.43
N ARG C 557 -22.70 3.48 -4.48
CA ARG C 557 -23.87 2.63 -4.42
C ARG C 557 -23.75 1.62 -3.29
N ARG C 558 -24.70 1.66 -2.36
CA ARG C 558 -24.73 0.83 -1.15
C ARG C 558 -23.50 1.03 -0.28
N ARG C 559 -22.65 2.01 -0.60
CA ARG C 559 -21.40 2.27 0.10
C ARG C 559 -21.39 3.70 0.64
N LEU C 560 -22.53 4.12 1.18
CA LEU C 560 -22.71 5.52 1.57
C LEU C 560 -21.84 5.85 2.78
N GLY C 561 -21.35 7.08 2.82
CA GLY C 561 -20.56 7.55 3.94
C GLY C 561 -19.26 6.80 4.14
N LEU C 562 -18.74 6.17 3.10
CA LEU C 562 -17.54 5.35 3.19
C LEU C 562 -16.41 5.85 2.31
N LEU C 563 -16.71 6.39 1.13
CA LEU C 563 -15.70 6.89 0.22
C LEU C 563 -15.58 8.40 0.23
N GLU C 564 -16.72 9.10 0.36
CA GLU C 564 -16.67 10.56 0.46
C GLU C 564 -15.90 10.99 1.71
N GLU C 565 -16.05 10.25 2.80
CA GLU C 565 -15.30 10.57 4.01
C GLU C 565 -13.80 10.36 3.81
N LYS C 566 -13.40 9.32 3.07
CA LYS C 566 -11.99 9.17 2.70
C LYS C 566 -11.50 10.37 1.89
N ASP C 567 -12.27 10.77 0.89
CA ASP C 567 -11.88 11.92 0.08
C ASP C 567 -11.81 13.19 0.94
N GLN C 568 -12.67 13.29 1.96
CA GLN C 568 -12.69 14.48 2.79
C GLN C 568 -11.47 14.54 3.70
N MET C 569 -11.07 13.42 4.30
CA MET C 569 -9.83 13.50 5.07
C MET C 569 -8.62 13.69 4.16
N GLU C 570 -8.69 13.18 2.93
CA GLU C 570 -7.61 13.46 1.99
C GLU C 570 -7.49 14.95 1.71
N ALA C 571 -8.63 15.62 1.47
CA ALA C 571 -8.62 17.06 1.26
C ALA C 571 -8.15 17.79 2.51
N VAL C 572 -8.57 17.32 3.68
CA VAL C 572 -8.16 17.96 4.93
C VAL C 572 -6.65 17.86 5.12
N ARG C 573 -6.07 16.69 4.86
CA ARG C 573 -4.63 16.55 5.01
C ARG C 573 -3.88 17.38 3.98
N THR C 574 -4.40 17.45 2.75
CA THR C 574 -3.74 18.26 1.74
C THR C 574 -3.76 19.75 2.11
N MET C 575 -4.89 20.22 2.65
CA MET C 575 -4.99 21.64 3.00
C MET C 575 -4.23 21.98 4.28
N LEU C 576 -4.22 21.07 5.25
CA LEU C 576 -3.61 21.36 6.55
C LEU C 576 -2.11 21.41 6.49
N LYS C 577 -1.49 20.84 5.45
CA LYS C 577 -0.03 20.87 5.34
C LYS C 577 0.52 22.30 5.28
N GLU C 578 -0.32 23.26 4.89
CA GLU C 578 0.07 24.66 4.97
C GLU C 578 0.25 25.07 6.42
N GLN C 579 1.34 25.79 6.70
CA GLN C 579 1.66 26.18 8.07
C GLN C 579 0.66 27.15 8.66
N TYR C 580 0.10 28.06 7.85
CA TYR C 580 -0.80 29.09 8.35
C TYR C 580 -2.14 28.55 8.83
N ILE C 581 -2.32 27.23 8.85
CA ILE C 581 -3.49 26.59 9.44
C ILE C 581 -3.01 25.75 10.62
N ASP C 582 -3.56 26.01 11.80
CA ASP C 582 -3.07 25.39 13.02
C ASP C 582 -3.70 24.03 13.25
N ARG C 583 -3.10 23.27 14.18
CA ARG C 583 -3.58 21.94 14.52
C ARG C 583 -4.68 21.95 15.56
N THR C 584 -4.61 22.88 16.52
CA THR C 584 -5.57 22.88 17.62
C THR C 584 -6.98 23.17 17.13
N ARG C 585 -7.13 24.10 16.19
CA ARG C 585 -8.44 24.55 15.74
C ARG C 585 -8.81 23.83 14.45
N VAL C 586 -9.55 22.73 14.58
CA VAL C 586 -10.14 22.01 13.46
C VAL C 586 -11.61 21.78 13.77
N ALA C 587 -12.48 22.16 12.84
CA ALA C 587 -13.91 22.03 13.06
C ALA C 587 -14.58 21.45 11.83
N VAL C 588 -15.73 20.82 12.04
CA VAL C 588 -16.52 20.23 10.98
C VAL C 588 -17.94 20.78 11.08
N PHE C 589 -18.66 20.76 9.96
CA PHE C 589 -20.03 21.23 9.93
C PHE C 589 -20.76 20.51 8.81
N GLY C 590 -22.09 20.49 8.91
CA GLY C 590 -22.91 19.90 7.87
C GLY C 590 -24.38 20.11 8.18
N LYS C 591 -25.21 19.73 7.22
CA LYS C 591 -26.66 19.78 7.40
C LYS C 591 -27.29 18.64 6.61
N ASP C 592 -28.44 18.20 7.09
CA ASP C 592 -29.22 17.12 6.47
C ASP C 592 -28.29 15.91 6.34
N TYR C 593 -28.23 15.25 5.18
CA TYR C 593 -27.30 14.14 5.00
C TYR C 593 -25.87 14.56 5.30
N GLY C 594 -25.48 15.75 4.84
CA GLY C 594 -24.16 16.25 5.15
C GLY C 594 -23.90 16.37 6.63
N GLY C 595 -24.92 16.75 7.40
CA GLY C 595 -24.78 16.74 8.84
C GLY C 595 -24.34 15.37 9.34
N TYR C 596 -24.98 14.31 8.82
CA TYR C 596 -24.51 12.97 9.14
C TYR C 596 -23.07 12.78 8.71
N LEU C 597 -22.75 13.21 7.48
CA LEU C 597 -21.35 13.19 7.06
C LEU C 597 -20.49 14.00 8.02
N SER C 598 -21.02 15.13 8.48
CA SER C 598 -20.31 15.91 9.49
C SER C 598 -20.06 15.11 10.76
N THR C 599 -21.03 14.30 11.18
CA THR C 599 -20.84 13.41 12.33
C THR C 599 -19.81 12.33 12.07
N TYR C 600 -19.51 12.05 10.81
CA TYR C 600 -18.63 10.95 10.44
C TYR C 600 -17.19 11.41 10.24
N ILE C 601 -16.88 12.65 10.58
CA ILE C 601 -15.55 13.20 10.41
C ILE C 601 -14.97 13.54 11.78
N LEU C 602 -15.30 12.71 12.78
CA LEU C 602 -14.71 12.84 14.12
C LEU C 602 -14.08 11.52 14.54
N PRO C 603 -13.03 11.07 13.85
CA PRO C 603 -12.31 9.88 14.31
C PRO C 603 -11.16 10.22 15.24
N ALA C 604 -10.41 9.22 15.66
CA ALA C 604 -9.14 9.41 16.36
C ALA C 604 -8.06 8.99 15.38
N LYS C 605 -7.44 9.97 14.72
CA LYS C 605 -6.45 9.69 13.69
C LYS C 605 -5.22 9.07 14.36
N GLY C 606 -5.14 7.75 14.34
CA GLY C 606 -4.13 7.09 15.12
C GLY C 606 -4.39 7.29 16.60
N GLU C 607 -3.34 7.23 17.39
CA GLU C 607 -3.45 7.51 18.81
C GLU C 607 -2.43 8.53 19.30
N ASN C 608 -1.23 8.56 18.72
CA ASN C 608 -0.29 9.64 19.04
C ASN C 608 -0.81 10.99 18.57
N GLN C 609 -1.20 11.08 17.30
CA GLN C 609 -1.68 12.34 16.72
C GLN C 609 -3.21 12.33 16.75
N GLY C 610 -3.75 12.28 17.97
CA GLY C 610 -5.18 12.30 18.18
C GLY C 610 -5.74 13.71 18.03
N GLN C 611 -6.97 13.87 18.51
CA GLN C 611 -7.67 15.15 18.49
C GLN C 611 -7.76 15.70 17.07
N THR C 612 -8.43 14.92 16.21
CA THR C 612 -8.57 15.30 14.80
C THR C 612 -9.34 16.61 14.67
N PHE C 613 -10.38 16.80 15.47
CA PHE C 613 -11.20 18.00 15.41
C PHE C 613 -11.38 18.56 16.82
N THR C 614 -11.91 19.78 16.88
CA THR C 614 -12.15 20.45 18.15
C THR C 614 -13.63 20.63 18.43
N CYS C 615 -14.36 21.27 17.52
CA CYS C 615 -15.79 21.48 17.67
C CYS C 615 -16.51 21.04 16.40
N GLY C 616 -17.52 20.19 16.58
CA GLY C 616 -18.29 19.68 15.46
C GLY C 616 -19.76 19.88 15.69
N SER C 617 -20.51 19.83 14.58
CA SER C 617 -21.95 20.07 14.64
C SER C 617 -22.64 19.43 13.45
N ALA C 618 -23.97 19.43 13.50
CA ALA C 618 -24.80 18.92 12.43
C ALA C 618 -26.17 19.57 12.55
N LEU C 619 -26.91 19.57 11.45
CA LEU C 619 -28.27 20.12 11.42
C LEU C 619 -29.20 19.00 10.99
N SER C 620 -29.91 18.42 11.95
CA SER C 620 -30.85 17.33 11.74
C SER C 620 -30.21 16.19 10.95
N PRO C 621 -29.16 15.56 11.46
CA PRO C 621 -28.50 14.50 10.71
C PRO C 621 -29.31 13.21 10.72
N ILE C 622 -28.84 12.24 9.93
CA ILE C 622 -29.45 10.92 9.82
C ILE C 622 -28.41 9.87 10.16
N THR C 623 -28.75 8.96 11.07
CA THR C 623 -27.82 7.92 11.47
C THR C 623 -28.21 6.52 11.01
N ASP C 624 -29.46 6.30 10.64
CA ASP C 624 -29.88 5.00 10.13
C ASP C 624 -30.97 5.24 9.10
N PHE C 625 -30.73 4.83 7.86
CA PHE C 625 -31.61 5.17 6.76
C PHE C 625 -32.91 4.38 6.76
N LYS C 626 -33.03 3.34 7.57
CA LYS C 626 -34.33 2.69 7.74
C LYS C 626 -35.36 3.69 8.25
N LEU C 627 -34.91 4.67 9.03
CA LEU C 627 -35.76 5.75 9.52
C LEU C 627 -35.91 6.87 8.50
N TYR C 628 -35.62 6.61 7.24
CA TYR C 628 -35.78 7.59 6.16
C TYR C 628 -36.76 7.07 5.13
N ALA C 629 -37.15 7.95 4.21
CA ALA C 629 -38.10 7.59 3.16
C ALA C 629 -37.50 6.56 2.22
N SER C 630 -38.37 5.75 1.61
CA SER C 630 -37.92 4.72 0.69
C SER C 630 -37.28 5.33 -0.55
N ALA C 631 -37.85 6.41 -1.07
CA ALA C 631 -37.38 6.98 -2.33
C ALA C 631 -35.93 7.43 -2.27
N PHE C 632 -35.40 7.66 -1.07
CA PHE C 632 -33.99 8.03 -0.92
C PHE C 632 -33.13 6.85 -0.49
N SER C 633 -33.62 6.04 0.47
CA SER C 633 -32.82 4.94 0.97
C SER C 633 -32.67 3.82 -0.05
N GLU C 634 -33.78 3.42 -0.70
CA GLU C 634 -33.74 2.32 -1.65
C GLU C 634 -32.96 2.66 -2.91
N ARG C 635 -32.93 3.94 -3.30
CA ARG C 635 -32.23 4.30 -4.53
C ARG C 635 -30.74 4.00 -4.44
N TYR C 636 -30.15 4.19 -3.25
CA TYR C 636 -28.72 4.00 -3.07
C TYR C 636 -28.36 2.72 -2.33
N LEU C 637 -29.30 2.12 -1.60
CA LEU C 637 -29.01 0.96 -0.78
C LEU C 637 -29.86 -0.26 -1.13
N GLY C 638 -30.87 -0.10 -1.99
CA GLY C 638 -31.76 -1.19 -2.32
C GLY C 638 -32.97 -1.24 -1.40
N LEU C 639 -33.96 -2.02 -1.82
CA LEU C 639 -35.19 -2.14 -1.05
C LEU C 639 -34.94 -2.84 0.28
N HIS C 640 -35.61 -2.35 1.31
CA HIS C 640 -35.44 -2.85 2.67
C HIS C 640 -36.56 -3.85 3.00
N GLY C 641 -36.41 -4.51 4.14
CA GLY C 641 -37.34 -5.52 4.59
C GLY C 641 -36.87 -6.96 4.40
N LEU C 642 -35.67 -7.16 3.85
CA LEU C 642 -35.11 -8.48 3.63
C LEU C 642 -33.67 -8.53 4.14
N ASP C 643 -33.38 -7.75 5.18
CA ASP C 643 -32.04 -7.67 5.75
C ASP C 643 -31.01 -7.33 4.68
N ASN C 644 -31.17 -6.14 4.10
CA ASN C 644 -30.33 -5.73 2.98
C ASN C 644 -28.85 -5.67 3.34
N ARG C 645 -28.51 -5.48 4.62
CA ARG C 645 -27.14 -5.52 5.12
C ARG C 645 -26.30 -4.36 4.59
N ALA C 646 -26.87 -3.52 3.73
CA ALA C 646 -26.23 -2.29 3.30
C ALA C 646 -26.75 -1.07 4.06
N TYR C 647 -27.70 -1.26 4.97
CA TYR C 647 -28.22 -0.20 5.82
C TYR C 647 -27.58 -0.16 7.19
N GLU C 648 -27.41 -1.30 7.84
CA GLU C 648 -26.99 -1.33 9.23
C GLU C 648 -25.50 -1.05 9.40
N MET C 649 -24.73 -1.13 8.31
CA MET C 649 -23.32 -0.79 8.39
C MET C 649 -23.06 0.70 8.25
N THR C 650 -24.09 1.48 7.93
CA THR C 650 -23.96 2.92 7.71
C THR C 650 -24.07 3.74 8.98
N LYS C 651 -24.41 3.11 10.11
CA LYS C 651 -24.66 3.86 11.34
C LYS C 651 -23.37 4.50 11.86
N VAL C 652 -23.46 5.79 12.19
CA VAL C 652 -22.32 6.54 12.69
C VAL C 652 -22.05 6.26 14.16
N ALA C 653 -22.95 5.56 14.84
CA ALA C 653 -22.84 5.38 16.29
C ALA C 653 -21.50 4.77 16.68
N HIS C 654 -21.13 3.65 16.05
CA HIS C 654 -19.87 3.00 16.37
C HIS C 654 -18.67 3.89 16.12
N ARG C 655 -18.80 4.86 15.21
CA ARG C 655 -17.71 5.77 14.89
C ARG C 655 -17.64 6.96 15.84
N VAL C 656 -18.64 7.15 16.69
CA VAL C 656 -18.63 8.29 17.60
C VAL C 656 -18.65 7.77 19.03
N SER C 657 -18.30 6.50 19.21
CA SER C 657 -18.25 5.92 20.54
C SER C 657 -17.15 6.56 21.38
N ALA C 658 -15.98 6.79 20.80
CA ALA C 658 -14.86 7.35 21.53
C ALA C 658 -15.14 8.76 22.04
N LEU C 659 -15.23 9.72 21.12
CA LEU C 659 -15.53 11.12 21.40
C LEU C 659 -14.91 11.59 22.71
N GLU C 660 -13.59 11.42 22.79
CA GLU C 660 -12.89 11.66 24.05
C GLU C 660 -13.01 13.12 24.49
N GLU C 661 -12.65 14.06 23.61
CA GLU C 661 -12.66 15.46 23.96
C GLU C 661 -13.27 16.38 22.93
N GLN C 662 -13.60 15.89 21.73
CA GLN C 662 -14.16 16.76 20.70
C GLN C 662 -15.59 17.18 21.06
N GLN C 663 -15.83 18.49 21.02
CA GLN C 663 -17.16 19.02 21.34
C GLN C 663 -18.15 18.62 20.26
N PHE C 664 -19.40 18.38 20.68
CA PHE C 664 -20.45 17.94 19.78
C PHE C 664 -21.70 18.78 20.00
N LEU C 665 -22.29 19.25 18.91
CA LEU C 665 -23.53 20.01 18.96
C LEU C 665 -24.46 19.52 17.86
N ILE C 666 -25.76 19.57 18.12
CA ILE C 666 -26.76 19.17 17.15
C ILE C 666 -27.87 20.21 17.13
N ILE C 667 -28.28 20.61 15.93
CA ILE C 667 -29.42 21.50 15.73
C ILE C 667 -30.51 20.67 15.06
N HIS C 668 -31.72 20.71 15.62
CA HIS C 668 -32.81 19.99 15.00
C HIS C 668 -34.15 20.60 15.39
N PRO C 669 -34.95 21.06 14.43
CA PRO C 669 -36.30 21.51 14.77
C PRO C 669 -37.19 20.35 15.15
N THR C 670 -38.23 20.66 15.93
CA THR C 670 -39.14 19.62 16.41
C THR C 670 -39.89 18.94 15.26
N ALA C 671 -40.45 19.73 14.35
CA ALA C 671 -41.33 19.22 13.31
C ALA C 671 -40.60 18.99 11.99
N ASP C 672 -39.33 18.59 12.04
CA ASP C 672 -38.55 18.43 10.82
C ASP C 672 -39.10 17.26 10.00
N GLU C 673 -39.85 17.58 8.95
CA GLU C 673 -40.43 16.56 8.09
C GLU C 673 -39.41 15.95 7.13
N LYS C 674 -38.30 16.63 6.88
CA LYS C 674 -37.28 16.08 5.99
C LYS C 674 -36.52 14.96 6.68
N ILE C 675 -35.82 15.29 7.76
CA ILE C 675 -35.14 14.31 8.59
C ILE C 675 -35.75 14.38 9.99
N HIS C 676 -36.44 13.33 10.39
CA HIS C 676 -37.23 13.37 11.61
C HIS C 676 -36.34 13.53 12.84
N PHE C 677 -36.90 14.17 13.87
CA PHE C 677 -36.20 14.33 15.13
C PHE C 677 -35.88 12.99 15.78
N GLN C 678 -36.56 11.92 15.36
CA GLN C 678 -36.27 10.59 15.88
C GLN C 678 -34.81 10.21 15.63
N HIS C 679 -34.25 10.62 14.49
CA HIS C 679 -32.85 10.34 14.21
C HIS C 679 -31.96 10.94 15.29
N THR C 680 -32.15 12.22 15.59
CA THR C 680 -31.36 12.88 16.60
C THR C 680 -31.57 12.26 17.97
N ALA C 681 -32.83 11.91 18.28
CA ALA C 681 -33.12 11.34 19.59
C ALA C 681 -32.42 9.99 19.76
N GLU C 682 -32.44 9.15 18.73
CA GLU C 682 -31.74 7.87 18.82
C GLU C 682 -30.24 8.07 18.90
N LEU C 683 -29.72 9.08 18.19
CA LEU C 683 -28.31 9.42 18.33
C LEU C 683 -27.98 9.78 19.77
N ILE C 684 -28.84 10.59 20.40
CA ILE C 684 -28.61 10.97 21.79
C ILE C 684 -28.68 9.76 22.70
N THR C 685 -29.61 8.84 22.42
CA THR C 685 -29.71 7.61 23.20
C THR C 685 -28.41 6.82 23.14
N GLN C 686 -27.87 6.64 21.93
CA GLN C 686 -26.62 5.91 21.80
C GLN C 686 -25.48 6.65 22.48
N LEU C 687 -25.45 7.99 22.36
CA LEU C 687 -24.42 8.78 23.02
C LEU C 687 -24.48 8.62 24.54
N ILE C 688 -25.69 8.56 25.09
CA ILE C 688 -25.86 8.29 26.51
C ILE C 688 -25.30 6.92 26.84
N ARG C 689 -25.63 5.91 26.02
CA ARG C 689 -24.99 4.62 26.18
C ARG C 689 -23.51 4.71 25.81
N GLY C 690 -23.16 5.59 24.87
CA GLY C 690 -21.77 5.85 24.56
C GLY C 690 -21.02 6.64 25.59
N LYS C 691 -21.73 7.40 26.43
CA LYS C 691 -21.14 8.17 27.53
C LYS C 691 -20.10 9.16 27.02
N ALA C 692 -20.55 10.08 26.17
CA ALA C 692 -19.69 11.10 25.60
C ALA C 692 -20.36 12.46 25.72
N ASN C 693 -19.54 13.50 25.81
CA ASN C 693 -20.04 14.86 25.96
C ASN C 693 -20.69 15.33 24.66
N TYR C 694 -21.76 16.12 24.80
CA TYR C 694 -22.52 16.56 23.64
C TYR C 694 -23.33 17.81 24.01
N SER C 695 -24.02 18.34 23.00
CA SER C 695 -24.95 19.45 23.16
C SER C 695 -26.09 19.28 22.17
N LEU C 696 -27.11 20.13 22.29
CA LEU C 696 -28.29 19.97 21.47
C LEU C 696 -29.17 21.22 21.60
N GLN C 697 -29.85 21.55 20.50
CA GLN C 697 -30.82 22.65 20.48
C GLN C 697 -32.06 22.22 19.74
N ILE C 698 -33.17 22.90 20.00
CA ILE C 698 -34.49 22.54 19.49
C ILE C 698 -35.19 23.78 18.95
N TYR C 699 -35.88 23.62 17.83
CA TYR C 699 -36.81 24.61 17.33
C TYR C 699 -38.20 23.98 17.36
N PRO C 700 -39.01 24.34 18.35
CA PRO C 700 -40.27 23.60 18.58
C PRO C 700 -41.35 23.98 17.59
N ASP C 701 -41.81 22.98 16.84
CA ASP C 701 -42.95 23.11 15.92
C ASP C 701 -42.66 24.07 14.77
N GLU C 702 -41.56 23.83 14.05
CA GLU C 702 -41.30 24.48 12.78
C GLU C 702 -40.82 23.46 11.76
N SER C 703 -41.04 23.77 10.48
CA SER C 703 -40.61 22.90 9.41
C SER C 703 -39.09 22.86 9.31
N HIS C 704 -38.59 22.09 8.34
CA HIS C 704 -37.16 21.91 8.22
C HIS C 704 -36.49 23.07 7.50
N TYR C 705 -37.22 23.78 6.66
CA TYR C 705 -36.59 24.70 5.72
C TYR C 705 -36.50 26.13 6.24
N PHE C 706 -37.03 26.42 7.43
CA PHE C 706 -36.91 27.73 8.05
C PHE C 706 -37.45 28.84 7.14
N THR C 707 -38.75 28.74 6.86
CA THR C 707 -39.39 29.68 5.94
C THR C 707 -39.42 31.11 6.46
N SER C 708 -39.26 31.31 7.76
CA SER C 708 -39.23 32.65 8.34
C SER C 708 -37.80 33.12 8.46
N SER C 709 -37.53 34.36 8.03
CA SER C 709 -36.17 34.88 8.07
C SER C 709 -35.65 34.99 9.50
N SER C 710 -36.53 35.27 10.46
CA SER C 710 -36.10 35.41 11.85
C SER C 710 -35.50 34.11 12.35
N LEU C 711 -36.13 32.98 12.05
CA LEU C 711 -35.58 31.69 12.47
C LEU C 711 -34.22 31.45 11.81
N LYS C 712 -34.09 31.81 10.54
CA LYS C 712 -32.82 31.61 9.84
C LYS C 712 -31.70 32.42 10.46
N GLN C 713 -31.98 33.69 10.78
CA GLN C 713 -30.93 34.52 11.37
C GLN C 713 -30.61 34.04 12.79
N HIS C 714 -31.61 33.57 13.53
CA HIS C 714 -31.31 33.00 14.84
C HIS C 714 -30.43 31.76 14.71
N LEU C 715 -30.72 30.92 13.72
CA LEU C 715 -29.87 29.75 13.47
C LEU C 715 -28.44 30.16 13.16
N TYR C 716 -28.28 31.14 12.29
CA TYR C 716 -26.93 31.58 11.92
C TYR C 716 -26.20 32.16 13.12
N ARG C 717 -26.89 32.98 13.93
CA ARG C 717 -26.27 33.54 15.12
C ARG C 717 -25.87 32.44 16.09
N SER C 718 -26.73 31.43 16.28
CA SER C 718 -26.40 30.35 17.19
C SER C 718 -25.19 29.56 16.69
N ILE C 719 -25.14 29.31 15.38
CA ILE C 719 -24.00 28.59 14.82
C ILE C 719 -22.71 29.36 15.07
N ILE C 720 -22.71 30.67 14.78
CA ILE C 720 -21.50 31.46 14.96
C ILE C 720 -21.13 31.54 16.43
N ASN C 721 -22.12 31.71 17.31
CA ASN C 721 -21.85 31.75 18.74
C ASN C 721 -21.21 30.46 19.22
N PHE C 722 -21.66 29.32 18.70
CA PHE C 722 -21.00 28.08 19.06
C PHE C 722 -19.58 28.03 18.52
N PHE C 723 -19.38 28.41 17.26
CA PHE C 723 -18.08 28.23 16.64
C PHE C 723 -17.04 29.21 17.13
N VAL C 724 -17.45 30.38 17.62
CA VAL C 724 -16.48 31.33 18.16
C VAL C 724 -15.89 30.85 19.49
N GLU C 725 -16.68 30.15 20.32
CA GLU C 725 -16.20 29.77 21.63
C GLU C 725 -15.22 28.60 21.58
N CYS C 726 -15.28 27.78 20.54
CA CYS C 726 -14.48 26.57 20.47
C CYS C 726 -13.08 26.80 19.93
N PHE C 727 -12.74 28.03 19.55
CA PHE C 727 -11.45 28.31 18.93
C PHE C 727 -10.64 29.36 19.68
N ARG C 728 -11.29 30.39 20.24
CA ARG C 728 -10.56 31.48 20.85
C ARG C 728 -9.68 30.99 21.99
N ILE C 729 -8.42 31.41 21.98
CA ILE C 729 -7.44 30.90 22.93
C ILE C 729 -6.37 31.96 23.17
N GLU D 1 4.09 24.49 61.96
CA GLU D 1 5.03 23.38 61.90
C GLU D 1 4.44 22.22 61.10
N ASP D 2 4.14 21.12 61.78
CA ASP D 2 3.55 19.95 61.12
C ASP D 2 2.03 20.13 61.14
N ASN D 3 1.49 20.60 60.01
CA ASN D 3 0.07 20.84 59.87
C ASN D 3 -0.61 19.54 59.44
N SER D 4 -1.26 18.89 60.41
CA SER D 4 -1.96 17.65 60.13
C SER D 4 -3.21 17.91 59.30
N LEU D 5 -3.38 17.11 58.25
CA LEU D 5 -4.53 17.20 57.36
C LEU D 5 -4.92 15.79 56.92
N SER D 6 -5.86 15.71 55.99
CA SER D 6 -6.25 14.42 55.45
C SER D 6 -5.11 13.80 54.65
N GLN D 7 -4.54 14.55 53.71
CA GLN D 7 -3.33 14.15 52.99
C GLN D 7 -3.48 12.78 52.34
N LYS D 8 -4.65 12.53 51.76
CA LYS D 8 -4.92 11.24 51.13
C LYS D 8 -5.82 11.46 49.92
N LYS D 9 -6.38 10.37 49.40
CA LYS D 9 -7.10 10.43 48.13
C LYS D 9 -8.44 11.15 48.29
N LYS D 10 -9.01 11.51 47.16
CA LYS D 10 -10.20 12.35 47.04
C LYS D 10 -11.40 11.51 46.62
N VAL D 11 -12.58 12.13 46.65
CA VAL D 11 -13.84 11.46 46.33
C VAL D 11 -14.21 11.77 44.90
N THR D 12 -14.39 10.73 44.09
CA THR D 12 -14.84 10.87 42.72
C THR D 12 -16.28 10.41 42.59
N VAL D 13 -16.90 10.74 41.46
CA VAL D 13 -18.29 10.36 41.24
C VAL D 13 -18.41 8.85 41.09
N GLU D 14 -17.36 8.18 40.58
CA GLU D 14 -17.43 6.75 40.35
C GLU D 14 -17.68 5.97 41.62
N ASP D 15 -16.99 6.33 42.71
CA ASP D 15 -17.14 5.59 43.96
C ASP D 15 -18.51 5.77 44.59
N LEU D 16 -19.26 6.81 44.20
CA LEU D 16 -20.60 7.01 44.73
C LEU D 16 -21.51 5.86 44.35
N PHE D 17 -21.30 5.25 43.19
CA PHE D 17 -22.10 4.13 42.73
C PHE D 17 -21.54 2.79 43.17
N SER D 18 -20.41 2.77 43.86
CA SER D 18 -19.86 1.53 44.37
C SER D 18 -20.75 0.97 45.48
N GLU D 19 -20.73 -0.36 45.62
CA GLU D 19 -21.48 -1.02 46.67
C GLU D 19 -20.94 -0.65 48.05
N ASP D 20 -19.71 -0.15 48.14
CA ASP D 20 -19.13 0.23 49.42
C ASP D 20 -19.96 1.31 50.10
N PHE D 21 -20.41 2.31 49.33
CA PHE D 21 -21.30 3.33 49.88
C PHE D 21 -22.73 2.82 50.08
N LYS D 22 -23.11 1.74 49.40
CA LYS D 22 -24.49 1.28 49.45
C LYS D 22 -24.87 0.88 50.88
N ILE D 23 -26.02 1.35 51.33
CA ILE D 23 -26.51 1.10 52.67
C ILE D 23 -27.32 -0.20 52.66
N HIS D 24 -26.87 -1.19 53.41
CA HIS D 24 -27.59 -2.45 53.54
C HIS D 24 -28.57 -2.36 54.71
N ASP D 25 -29.45 -1.38 54.60
CA ASP D 25 -30.47 -1.18 55.62
C ASP D 25 -31.46 -2.33 55.56
N PRO D 26 -31.70 -3.06 56.66
CA PRO D 26 -32.69 -4.14 56.60
C PRO D 26 -34.12 -3.65 56.62
N GLU D 27 -34.39 -2.52 57.28
CA GLU D 27 -35.74 -1.99 57.42
C GLU D 27 -36.69 -3.04 58.00
N ALA D 28 -36.31 -3.61 59.14
CA ALA D 28 -37.11 -4.65 59.76
C ALA D 28 -38.44 -4.08 60.24
N LYS D 29 -39.41 -4.97 60.43
CA LYS D 29 -40.75 -4.60 60.86
C LYS D 29 -41.26 -5.63 61.85
N TRP D 30 -41.86 -5.14 62.94
CA TRP D 30 -42.32 -5.99 64.01
C TRP D 30 -43.50 -6.84 63.58
N ILE D 31 -43.25 -8.13 63.36
CA ILE D 31 -44.31 -9.10 63.14
C ILE D 31 -45.16 -9.30 64.39
N SER D 32 -44.51 -9.36 65.55
CA SER D 32 -45.20 -9.48 66.82
C SER D 32 -44.66 -8.45 67.80
N ASP D 33 -45.04 -8.54 69.06
CA ASP D 33 -44.55 -7.65 70.10
C ASP D 33 -43.18 -8.06 70.62
N THR D 34 -42.66 -9.19 70.18
CA THR D 34 -41.38 -9.71 70.68
C THR D 34 -40.29 -9.77 69.63
N GLU D 35 -40.62 -9.75 68.35
CA GLU D 35 -39.61 -9.89 67.31
C GLU D 35 -40.09 -9.21 66.04
N PHE D 36 -39.15 -8.95 65.14
CA PHE D 36 -39.43 -8.34 63.85
C PHE D 36 -39.05 -9.30 62.73
N ILE D 37 -39.24 -8.83 61.49
CA ILE D 37 -38.93 -9.64 60.32
C ILE D 37 -37.41 -9.83 60.18
N TYR D 38 -36.63 -8.80 60.47
CA TYR D 38 -35.17 -8.83 60.32
C TYR D 38 -34.79 -9.18 58.88
N ARG D 39 -35.10 -8.24 57.99
CA ARG D 39 -34.96 -8.46 56.55
C ARG D 39 -33.49 -8.60 56.17
N GLU D 40 -33.26 -8.74 54.86
CA GLU D 40 -31.95 -9.07 54.32
C GLU D 40 -30.90 -8.06 54.76
N GLN D 41 -29.74 -8.58 55.16
CA GLN D 41 -28.57 -7.76 55.47
C GLN D 41 -27.52 -7.89 54.37
N LYS D 42 -27.09 -9.11 54.05
CA LYS D 42 -26.18 -9.36 52.95
C LYS D 42 -26.58 -10.60 52.19
N GLY D 43 -27.87 -10.72 51.88
CA GLY D 43 -28.35 -11.90 51.17
C GLY D 43 -29.59 -12.53 51.78
N THR D 44 -29.44 -13.75 52.29
CA THR D 44 -30.57 -14.53 52.78
C THR D 44 -31.34 -13.79 53.86
N VAL D 45 -32.58 -14.21 54.06
CA VAL D 45 -33.50 -13.57 55.00
C VAL D 45 -33.48 -14.36 56.30
N ARG D 46 -33.22 -13.68 57.41
CA ARG D 46 -33.29 -14.27 58.72
C ARG D 46 -34.50 -13.71 59.47
N LEU D 47 -34.68 -14.14 60.72
CA LEU D 47 -35.79 -13.67 61.55
C LEU D 47 -35.27 -13.55 62.98
N TRP D 48 -34.83 -12.34 63.33
CA TRP D 48 -34.26 -12.10 64.65
C TRP D 48 -35.36 -12.04 65.70
N ASN D 49 -35.06 -12.55 66.88
CA ASN D 49 -35.95 -12.46 68.03
C ASN D 49 -35.28 -11.60 69.10
N VAL D 50 -35.96 -10.53 69.52
CA VAL D 50 -35.37 -9.59 70.45
C VAL D 50 -35.24 -10.18 71.85
N GLU D 51 -36.16 -11.07 72.23
CA GLU D 51 -36.24 -11.55 73.61
C GLU D 51 -34.92 -12.14 74.08
N THR D 52 -34.48 -13.24 73.45
CA THR D 52 -33.19 -13.86 73.79
C THR D 52 -32.40 -14.12 72.51
N ASN D 53 -31.73 -13.07 72.01
CA ASN D 53 -30.64 -13.16 71.03
C ASN D 53 -30.82 -14.30 70.04
N THR D 54 -32.01 -14.41 69.48
CA THR D 54 -32.36 -15.50 68.58
C THR D 54 -32.49 -14.97 67.16
N SER D 55 -31.79 -15.59 66.23
CA SER D 55 -31.81 -15.19 64.81
C SER D 55 -32.12 -16.43 63.98
N THR D 56 -33.42 -16.71 63.81
CA THR D 56 -33.83 -17.85 63.01
C THR D 56 -33.74 -17.52 61.53
N VAL D 57 -33.68 -18.56 60.71
CA VAL D 57 -33.58 -18.43 59.26
C VAL D 57 -34.89 -18.88 58.65
N LEU D 58 -35.49 -18.03 57.81
CA LEU D 58 -36.75 -18.33 57.15
C LEU D 58 -36.61 -18.48 55.65
N ILE D 59 -35.87 -17.58 55.00
CA ILE D 59 -35.64 -17.64 53.56
C ILE D 59 -34.14 -17.76 53.32
N GLU D 60 -33.78 -18.39 52.20
CA GLU D 60 -32.39 -18.65 51.83
C GLU D 60 -32.08 -17.90 50.54
N GLY D 61 -30.91 -18.20 49.97
CA GLY D 61 -30.49 -17.55 48.74
C GLY D 61 -31.19 -18.10 47.52
N LYS D 62 -32.40 -18.61 47.70
CA LYS D 62 -33.24 -19.10 46.61
C LYS D 62 -33.95 -17.98 45.88
N LYS D 63 -33.92 -16.75 46.41
CA LYS D 63 -34.54 -15.63 45.73
C LYS D 63 -33.87 -15.35 44.39
N ILE D 64 -32.61 -15.76 44.24
CA ILE D 64 -31.90 -15.58 42.97
C ILE D 64 -32.59 -16.37 41.87
N GLU D 65 -33.10 -17.56 42.20
CA GLU D 65 -33.71 -18.41 41.18
C GLU D 65 -35.10 -17.93 40.81
N SER D 66 -35.71 -17.08 41.64
CA SER D 66 -37.04 -16.56 41.35
C SER D 66 -36.98 -15.37 40.41
N LEU D 67 -36.24 -15.50 39.31
CA LEU D 67 -36.06 -14.44 38.32
C LEU D 67 -35.66 -13.13 38.99
N ARG D 68 -34.77 -13.24 39.99
CA ARG D 68 -34.26 -12.09 40.73
C ARG D 68 -35.41 -11.26 41.33
N ALA D 69 -36.16 -11.89 42.21
CA ALA D 69 -37.31 -11.24 42.84
C ALA D 69 -36.86 -10.05 43.67
N ILE D 70 -37.24 -8.84 43.24
CA ILE D 70 -36.80 -7.62 43.91
C ILE D 70 -37.41 -7.51 45.29
N ARG D 71 -38.72 -7.70 45.39
CA ARG D 71 -39.46 -7.52 46.64
C ARG D 71 -40.00 -8.85 47.12
N TYR D 72 -39.96 -9.05 48.43
CA TYR D 72 -40.56 -10.23 49.06
C TYR D 72 -41.31 -9.80 50.31
N GLU D 73 -42.34 -10.57 50.66
CA GLU D 73 -43.12 -10.32 51.86
C GLU D 73 -43.60 -11.64 52.42
N ILE D 74 -43.73 -11.69 53.75
CA ILE D 74 -44.08 -12.91 54.47
C ILE D 74 -45.52 -12.80 54.94
N SER D 75 -46.28 -13.87 54.75
CA SER D 75 -47.66 -13.90 55.20
C SER D 75 -47.74 -13.81 56.73
N PRO D 76 -48.84 -13.31 57.27
CA PRO D 76 -48.92 -13.13 58.73
C PRO D 76 -48.81 -14.42 59.51
N ASP D 77 -49.11 -15.57 58.89
CA ASP D 77 -48.93 -16.86 59.53
C ASP D 77 -47.52 -17.42 59.31
N ARG D 78 -46.60 -16.59 58.78
CA ARG D 78 -45.22 -16.94 58.47
C ARG D 78 -45.08 -18.34 57.89
N GLU D 79 -45.99 -18.71 56.99
CA GLU D 79 -45.94 -19.99 56.32
C GLU D 79 -45.86 -19.88 54.81
N TYR D 80 -46.28 -18.76 54.23
CA TYR D 80 -46.22 -18.54 52.80
C TYR D 80 -45.54 -17.21 52.53
N ALA D 81 -44.81 -17.14 51.41
CA ALA D 81 -44.06 -15.96 51.04
C ALA D 81 -44.42 -15.53 49.62
N LEU D 82 -44.56 -14.23 49.43
CA LEU D 82 -44.76 -13.63 48.13
C LEU D 82 -43.45 -13.04 47.64
N PHE D 83 -43.10 -13.34 46.39
CA PHE D 83 -41.91 -12.79 45.75
C PHE D 83 -42.32 -12.16 44.44
N SER D 84 -42.07 -10.87 44.30
CA SER D 84 -42.44 -10.11 43.11
C SER D 84 -41.19 -9.69 42.37
N TYR D 85 -41.24 -9.77 41.04
CA TYR D 85 -40.12 -9.40 40.19
C TYR D 85 -40.63 -8.79 38.90
N ASN D 86 -40.00 -7.68 38.51
CA ASN D 86 -40.36 -6.96 37.29
C ASN D 86 -39.10 -6.31 36.73
N VAL D 87 -39.28 -5.36 35.81
CA VAL D 87 -38.18 -4.68 35.16
C VAL D 87 -38.05 -3.22 35.61
N GLU D 88 -39.17 -2.53 35.79
CA GLU D 88 -39.11 -1.11 36.12
C GLU D 88 -40.47 -0.60 36.55
N PRO D 89 -40.53 0.37 37.48
CA PRO D 89 -41.79 1.02 37.79
C PRO D 89 -42.32 1.84 36.62
N ILE D 90 -43.46 2.49 36.85
CA ILE D 90 -44.13 3.27 35.80
C ILE D 90 -44.09 4.75 36.14
N TYR D 91 -44.77 5.16 37.21
CA TYR D 91 -44.90 6.58 37.54
C TYR D 91 -43.84 7.05 38.53
N GLN D 92 -43.95 6.61 39.78
CA GLN D 92 -42.87 6.75 40.75
C GLN D 92 -42.45 5.38 41.28
N HIS D 93 -43.41 4.58 41.71
CA HIS D 93 -43.16 3.21 42.16
C HIS D 93 -44.33 2.35 41.71
N SER D 94 -44.20 1.74 40.54
CA SER D 94 -45.16 0.75 40.06
C SER D 94 -44.48 -0.60 40.19
N TYR D 95 -44.54 -1.15 41.39
CA TYR D 95 -44.00 -2.45 41.73
C TYR D 95 -44.88 -3.59 41.24
N THR D 96 -45.20 -3.56 39.95
CA THR D 96 -45.99 -4.59 39.30
C THR D 96 -45.06 -5.74 38.93
N GLY D 97 -45.54 -6.62 38.06
CA GLY D 97 -44.71 -7.70 37.56
C GLY D 97 -45.32 -9.07 37.77
N TYR D 98 -44.47 -10.06 38.02
CA TYR D 98 -44.91 -11.42 38.30
C TYR D 98 -44.82 -11.67 39.79
N TYR D 99 -45.89 -12.21 40.37
CA TYR D 99 -45.95 -12.54 41.78
C TYR D 99 -45.93 -14.05 41.93
N VAL D 100 -44.97 -14.56 42.71
CA VAL D 100 -44.77 -16.00 42.85
C VAL D 100 -44.81 -16.36 44.34
N LEU D 101 -45.43 -17.50 44.63
CA LEU D 101 -45.57 -17.97 46.00
C LEU D 101 -44.64 -19.15 46.26
N SER D 102 -43.92 -19.07 47.38
CA SER D 102 -43.04 -20.15 47.82
C SER D 102 -43.30 -20.44 49.28
N LYS D 103 -43.14 -21.70 49.66
CA LYS D 103 -43.41 -22.12 51.03
C LYS D 103 -42.36 -21.57 51.98
N ILE D 104 -42.69 -21.60 53.27
CA ILE D 104 -41.80 -21.01 54.28
C ILE D 104 -40.42 -21.66 54.32
N PRO D 105 -40.27 -23.03 54.27
CA PRO D 105 -38.91 -23.56 54.35
C PRO D 105 -38.08 -23.20 53.13
N HIS D 106 -38.54 -23.60 51.95
CA HIS D 106 -37.93 -23.27 50.67
C HIS D 106 -38.75 -23.94 49.58
N GLY D 107 -38.52 -23.51 48.33
CA GLY D 107 -38.98 -24.24 47.17
C GLY D 107 -40.44 -24.03 46.79
N ASP D 108 -40.81 -24.71 45.71
CA ASP D 108 -42.14 -24.72 45.11
C ASP D 108 -42.57 -23.30 44.76
N PRO D 109 -42.00 -22.70 43.71
CA PRO D 109 -42.49 -21.40 43.27
C PRO D 109 -43.65 -21.52 42.28
N GLN D 110 -44.79 -20.91 42.60
CA GLN D 110 -45.95 -20.91 41.70
C GLN D 110 -46.33 -19.48 41.37
N SER D 111 -46.47 -19.19 40.07
CA SER D 111 -46.79 -17.86 39.60
C SER D 111 -48.28 -17.58 39.81
N LEU D 112 -48.58 -16.59 40.63
CA LEU D 112 -49.97 -16.20 40.87
C LEU D 112 -50.56 -15.63 39.58
N ASP D 113 -51.62 -16.27 39.09
CA ASP D 113 -52.24 -15.88 37.84
C ASP D 113 -53.72 -15.62 38.05
N PRO D 114 -54.28 -14.64 37.34
CA PRO D 114 -55.73 -14.48 37.34
C PRO D 114 -56.40 -15.65 36.66
N PRO D 115 -57.68 -15.90 36.93
CA PRO D 115 -58.34 -17.09 36.37
C PRO D 115 -58.38 -17.03 34.85
N GLU D 116 -58.24 -18.21 34.24
CA GLU D 116 -58.23 -18.38 32.78
C GLU D 116 -57.09 -17.61 32.11
N VAL D 117 -56.05 -17.27 32.85
CA VAL D 117 -54.90 -16.55 32.33
C VAL D 117 -53.64 -17.30 32.70
N SER D 118 -52.70 -17.38 31.76
CA SER D 118 -51.40 -17.99 32.00
C SER D 118 -50.55 -17.02 32.83
N ASN D 119 -49.25 -17.30 32.93
CA ASN D 119 -48.35 -16.43 33.67
C ASN D 119 -48.34 -15.04 33.04
N ALA D 120 -48.91 -14.06 33.73
CA ALA D 120 -49.10 -12.72 33.19
C ALA D 120 -48.69 -11.69 34.22
N LYS D 121 -48.50 -10.46 33.75
CA LYS D 121 -48.09 -9.37 34.61
C LYS D 121 -49.15 -9.11 35.66
N LEU D 122 -48.72 -8.85 36.89
CA LEU D 122 -49.64 -8.63 38.01
C LEU D 122 -49.20 -7.38 38.77
N GLN D 123 -50.16 -6.50 39.04
CA GLN D 123 -49.84 -5.20 39.64
C GLN D 123 -49.45 -5.34 41.11
N TYR D 124 -50.25 -6.05 41.89
CA TYR D 124 -50.03 -6.18 43.33
C TYR D 124 -50.86 -7.33 43.86
N ALA D 125 -50.28 -8.12 44.76
CA ALA D 125 -51.04 -9.15 45.47
C ALA D 125 -51.11 -8.87 46.97
N GLY D 126 -49.98 -8.80 47.65
CA GLY D 126 -49.96 -8.47 49.07
C GLY D 126 -50.51 -9.57 49.96
N TRP D 127 -50.55 -9.27 51.25
CA TRP D 127 -50.97 -10.21 52.28
C TRP D 127 -52.08 -9.62 53.12
N GLY D 128 -52.90 -10.49 53.70
CA GLY D 128 -53.93 -10.08 54.61
C GLY D 128 -53.41 -9.90 56.02
N PRO D 129 -54.28 -9.43 56.91
CA PRO D 129 -53.87 -9.26 58.31
C PRO D 129 -53.71 -10.58 59.05
N LYS D 130 -54.27 -11.66 58.52
CA LYS D 130 -54.26 -12.94 59.23
C LYS D 130 -54.32 -14.08 58.23
N GLY D 131 -53.67 -15.19 58.58
CA GLY D 131 -53.72 -16.38 57.78
C GLY D 131 -52.99 -16.23 56.44
N GLN D 132 -53.34 -17.13 55.52
CA GLN D 132 -52.80 -17.11 54.17
C GLN D 132 -53.74 -16.46 53.17
N GLN D 133 -54.79 -15.80 53.66
CA GLN D 133 -55.70 -15.09 52.77
C GLN D 133 -55.00 -13.88 52.14
N LEU D 134 -55.36 -13.59 50.90
CA LEU D 134 -54.73 -12.51 50.17
C LEU D 134 -55.66 -12.05 49.06
N ILE D 135 -55.27 -10.95 48.40
CA ILE D 135 -55.94 -10.47 47.22
C ILE D 135 -54.90 -10.30 46.12
N PHE D 136 -55.36 -9.91 44.94
CA PHE D 136 -54.45 -9.50 43.87
C PHE D 136 -55.25 -8.75 42.81
N ILE D 137 -54.59 -7.75 42.21
CA ILE D 137 -55.22 -6.84 41.26
C ILE D 137 -54.59 -7.05 39.89
N PHE D 138 -55.44 -7.23 38.89
CA PHE D 138 -55.01 -7.30 37.49
C PHE D 138 -55.97 -6.50 36.63
N GLU D 139 -55.43 -5.55 35.88
CA GLU D 139 -56.25 -4.65 35.04
C GLU D 139 -57.32 -3.95 35.86
N ASN D 140 -56.92 -3.40 37.00
CA ASN D 140 -57.82 -2.68 37.89
C ASN D 140 -59.01 -3.55 38.30
N ASN D 141 -58.73 -4.78 38.69
CA ASN D 141 -59.77 -5.71 39.11
C ASN D 141 -59.32 -6.42 40.37
N ILE D 142 -60.05 -6.22 41.46
CA ILE D 142 -59.71 -6.77 42.77
C ILE D 142 -60.18 -8.22 42.81
N TYR D 143 -59.24 -9.14 42.93
CA TYR D 143 -59.53 -10.56 43.10
C TYR D 143 -59.03 -11.00 44.46
N TYR D 144 -59.83 -11.82 45.14
CA TYR D 144 -59.53 -12.29 46.48
C TYR D 144 -59.31 -13.80 46.47
N CYS D 145 -58.35 -14.27 47.27
CA CYS D 145 -58.08 -15.69 47.43
C CYS D 145 -57.99 -16.00 48.92
N ALA D 146 -58.90 -16.84 49.40
CA ALA D 146 -58.94 -17.15 50.83
C ALA D 146 -57.74 -17.98 51.25
N HIS D 147 -57.26 -18.87 50.38
CA HIS D 147 -56.14 -19.75 50.67
C HIS D 147 -55.16 -19.74 49.51
N VAL D 148 -54.07 -20.50 49.67
CA VAL D 148 -53.08 -20.61 48.62
C VAL D 148 -53.66 -21.28 47.38
N GLY D 149 -54.41 -22.37 47.58
CA GLY D 149 -55.05 -23.05 46.47
C GLY D 149 -56.40 -22.51 46.09
N LYS D 150 -56.91 -21.52 46.81
CA LYS D 150 -58.22 -20.97 46.52
C LYS D 150 -58.22 -20.27 45.17
N GLN D 151 -59.24 -20.55 44.37
CA GLN D 151 -59.37 -19.91 43.06
C GLN D 151 -59.69 -18.43 43.24
N ALA D 152 -59.19 -17.63 42.31
CA ALA D 152 -59.40 -16.19 42.35
C ALA D 152 -60.88 -15.86 42.26
N ILE D 153 -61.33 -14.92 43.10
CA ILE D 153 -62.73 -14.55 43.21
C ILE D 153 -62.94 -13.23 42.47
N ARG D 154 -63.94 -13.20 41.61
CA ARG D 154 -64.35 -11.98 40.92
C ARG D 154 -65.05 -11.06 41.92
N VAL D 155 -64.29 -10.48 42.84
CA VAL D 155 -64.88 -9.61 43.86
C VAL D 155 -65.39 -8.33 43.21
N VAL D 156 -64.57 -7.70 42.39
CA VAL D 156 -64.97 -6.51 41.63
C VAL D 156 -64.05 -6.39 40.42
N SER D 157 -64.62 -5.97 39.29
CA SER D 157 -63.84 -5.81 38.06
C SER D 157 -64.25 -4.56 37.29
N THR D 158 -64.92 -3.60 37.94
CA THR D 158 -65.38 -2.40 37.23
C THR D 158 -64.23 -1.52 36.76
N GLY D 159 -63.02 -1.72 37.26
CA GLY D 159 -61.91 -0.91 36.83
C GLY D 159 -61.51 -1.17 35.39
N LYS D 160 -60.97 -0.14 34.76
CA LYS D 160 -60.59 -0.19 33.36
C LYS D 160 -59.21 0.43 33.19
N GLU D 161 -58.56 0.10 32.09
CA GLU D 161 -57.21 0.57 31.81
C GLU D 161 -57.22 2.08 31.62
N GLY D 162 -56.74 2.81 32.62
CA GLY D 162 -56.59 4.24 32.52
C GLY D 162 -57.86 5.04 32.66
N VAL D 163 -59.02 4.39 32.85
CA VAL D 163 -60.30 5.07 32.96
C VAL D 163 -60.89 4.91 34.36
N ILE D 164 -60.94 3.68 34.86
CA ILE D 164 -61.45 3.39 36.19
C ILE D 164 -60.37 2.66 36.96
N TYR D 165 -59.99 3.23 38.11
CA TYR D 165 -59.00 2.62 39.00
C TYR D 165 -59.68 2.25 40.31
N ASN D 166 -59.36 1.06 40.82
CA ASN D 166 -59.88 0.60 42.10
C ASN D 166 -58.83 -0.22 42.84
N GLY D 167 -58.49 0.24 44.05
CA GLY D 167 -57.44 -0.35 44.83
C GLY D 167 -56.06 0.18 44.55
N LEU D 168 -55.86 0.86 43.42
CA LEU D 168 -54.59 1.47 43.07
C LEU D 168 -54.84 2.92 42.66
N SER D 169 -53.85 3.76 42.91
CA SER D 169 -53.95 5.19 42.61
C SER D 169 -53.62 5.44 41.14
N ASP D 170 -54.22 6.50 40.60
CA ASP D 170 -53.87 6.97 39.27
C ASP D 170 -52.55 7.75 39.39
N TRP D 171 -52.20 8.50 38.36
CA TRP D 171 -51.04 9.37 38.49
C TRP D 171 -51.26 10.43 39.57
N LEU D 172 -52.38 11.16 39.48
CA LEU D 172 -52.59 12.31 40.36
C LEU D 172 -52.53 11.92 41.82
N TYR D 173 -53.24 10.86 42.20
CA TYR D 173 -53.20 10.43 43.59
C TYR D 173 -51.83 9.87 43.97
N GLU D 174 -51.16 9.18 43.04
CA GLU D 174 -49.89 8.57 43.39
C GLU D 174 -48.75 9.58 43.39
N GLU D 175 -48.94 10.73 42.74
CA GLU D 175 -47.86 11.69 42.59
C GLU D 175 -48.12 13.04 43.22
N GLU D 176 -49.32 13.30 43.72
CA GLU D 176 -49.64 14.60 44.29
C GLU D 176 -50.02 14.52 45.76
N ILE D 177 -51.00 13.69 46.12
CA ILE D 177 -51.59 13.71 47.45
C ILE D 177 -51.37 12.39 48.20
N LEU D 178 -51.84 11.28 47.64
CA LEU D 178 -51.71 10.00 48.35
C LEU D 178 -50.28 9.51 48.36
N LYS D 179 -49.50 9.83 47.33
CA LYS D 179 -48.08 9.52 47.24
C LYS D 179 -47.80 8.02 47.27
N THR D 180 -48.83 7.19 47.16
CA THR D 180 -48.68 5.75 47.28
C THR D 180 -49.33 5.04 46.09
N HIS D 181 -48.71 3.95 45.67
CA HIS D 181 -49.21 3.16 44.56
C HIS D 181 -50.39 2.28 44.95
N ILE D 182 -50.46 1.87 46.21
CA ILE D 182 -51.52 1.00 46.71
C ILE D 182 -52.58 1.86 47.40
N ALA D 183 -53.85 1.62 47.07
CA ALA D 183 -54.94 2.42 47.61
C ALA D 183 -56.08 1.55 48.11
N HIS D 184 -55.78 0.49 48.86
CA HIS D 184 -56.81 -0.31 49.53
C HIS D 184 -56.31 -0.69 50.91
N TRP D 185 -57.24 -0.84 51.85
CA TRP D 185 -56.92 -1.00 53.25
C TRP D 185 -57.77 -2.12 53.85
N TRP D 186 -57.09 -3.18 54.31
CA TRP D 186 -57.74 -4.33 54.90
C TRP D 186 -58.34 -3.97 56.26
N SER D 187 -59.49 -4.56 56.55
CA SER D 187 -60.09 -4.41 57.86
C SER D 187 -59.26 -5.16 58.90
N PRO D 188 -59.33 -4.75 60.17
CA PRO D 188 -58.55 -5.43 61.21
C PRO D 188 -58.83 -6.91 61.32
N ASP D 189 -60.06 -7.34 61.06
CA ASP D 189 -60.43 -8.75 61.19
C ASP D 189 -60.13 -9.56 59.94
N GLY D 190 -59.56 -8.95 58.90
CA GLY D 190 -59.33 -9.65 57.66
C GLY D 190 -60.61 -10.15 57.01
N THR D 191 -61.69 -9.39 57.14
CA THR D 191 -62.99 -9.76 56.60
C THR D 191 -63.58 -8.72 55.67
N ARG D 192 -63.22 -7.44 55.84
CA ARG D 192 -63.69 -6.37 54.99
C ARG D 192 -62.51 -5.68 54.33
N LEU D 193 -62.76 -5.07 53.18
CA LEU D 193 -61.72 -4.38 52.43
C LEU D 193 -62.28 -3.05 51.92
N ALA D 194 -61.51 -1.98 52.10
CA ALA D 194 -61.90 -0.65 51.66
C ALA D 194 -61.07 -0.26 50.45
N TYR D 195 -61.74 0.02 49.33
CA TYR D 195 -61.08 0.39 48.10
C TYR D 195 -61.75 1.61 47.49
N ALA D 196 -60.95 2.46 46.86
CA ALA D 196 -61.42 3.70 46.27
C ALA D 196 -61.49 3.54 44.75
N ALA D 197 -62.62 3.94 44.18
CA ALA D 197 -62.80 3.90 42.73
C ALA D 197 -62.64 5.30 42.17
N ILE D 198 -61.79 5.44 41.16
CA ILE D 198 -61.50 6.73 40.53
C ILE D 198 -61.99 6.66 39.10
N ASN D 199 -62.82 7.62 38.70
CA ASN D 199 -63.33 7.70 37.34
C ASN D 199 -62.50 8.70 36.56
N ASP D 200 -61.69 8.20 35.63
CA ASP D 200 -60.82 9.04 34.80
C ASP D 200 -61.37 9.22 33.39
N SER D 201 -62.63 8.84 33.16
CA SER D 201 -63.22 9.01 31.82
C SER D 201 -63.29 10.47 31.43
N ARG D 202 -63.65 11.35 32.37
CA ARG D 202 -63.78 12.76 32.09
C ARG D 202 -62.44 13.49 32.02
N VAL D 203 -61.38 12.89 32.52
CA VAL D 203 -60.09 13.58 32.61
C VAL D 203 -59.49 13.70 31.21
N PRO D 204 -59.03 14.88 30.79
CA PRO D 204 -58.37 15.00 29.50
C PRO D 204 -57.11 14.17 29.45
N ILE D 205 -56.82 13.62 28.27
CA ILE D 205 -55.74 12.68 28.06
C ILE D 205 -54.60 13.40 27.34
N MET D 206 -53.36 13.02 27.68
CA MET D 206 -52.18 13.53 27.00
C MET D 206 -51.29 12.37 26.56
N GLU D 207 -50.65 12.55 25.41
CA GLU D 207 -49.85 11.52 24.78
C GLU D 207 -48.38 11.94 24.80
N LEU D 208 -47.49 10.97 25.04
CA LEU D 208 -46.07 11.28 25.14
C LEU D 208 -45.32 10.70 23.94
N PRO D 209 -44.53 11.51 23.25
CA PRO D 209 -43.83 11.03 22.06
C PRO D 209 -42.80 9.95 22.39
N THR D 210 -42.57 9.09 21.40
CA THR D 210 -41.61 8.01 21.50
C THR D 210 -40.61 8.13 20.36
N TYR D 211 -39.33 7.89 20.65
CA TYR D 211 -38.28 8.04 19.66
C TYR D 211 -37.29 6.89 19.70
N THR D 212 -37.67 5.78 20.33
CA THR D 212 -36.80 4.61 20.42
C THR D 212 -37.53 3.30 20.13
N GLY D 213 -38.86 3.28 20.14
CA GLY D 213 -39.61 2.05 19.98
C GLY D 213 -39.38 1.31 18.67
N SER D 214 -39.83 1.89 17.56
CA SER D 214 -39.78 1.19 16.28
C SER D 214 -39.56 2.22 15.17
N ILE D 215 -39.64 1.75 13.92
CA ILE D 215 -39.50 2.65 12.78
C ILE D 215 -40.68 3.62 12.73
N TYR D 216 -41.82 3.22 13.28
CA TYR D 216 -43.00 4.08 13.41
C TYR D 216 -43.42 4.06 14.86
N PRO D 217 -42.69 4.76 15.75
CA PRO D 217 -43.06 4.76 17.16
C PRO D 217 -44.38 5.49 17.38
N THR D 218 -45.09 5.06 18.41
CA THR D 218 -46.40 5.61 18.74
C THR D 218 -46.31 6.43 20.02
N VAL D 219 -47.24 7.38 20.15
CA VAL D 219 -47.29 8.19 21.36
C VAL D 219 -47.82 7.36 22.53
N LYS D 220 -47.61 7.87 23.74
CA LYS D 220 -48.05 7.18 24.94
C LYS D 220 -49.13 8.01 25.63
N PRO D 221 -50.41 7.67 25.47
CA PRO D 221 -51.47 8.52 26.03
C PRO D 221 -51.87 8.14 27.45
N TYR D 222 -52.05 9.17 28.28
CA TYR D 222 -52.61 8.98 29.62
C TYR D 222 -53.30 10.26 30.04
N HIS D 223 -54.19 10.14 31.02
CA HIS D 223 -54.98 11.27 31.48
C HIS D 223 -54.19 12.11 32.46
N TYR D 224 -54.09 13.41 32.19
CA TYR D 224 -53.33 14.34 33.02
C TYR D 224 -54.15 15.60 33.21
N PRO D 225 -54.82 15.76 34.35
CA PRO D 225 -55.64 16.95 34.57
C PRO D 225 -54.77 18.18 34.80
N LYS D 226 -54.72 19.05 33.79
CA LYS D 226 -53.95 20.28 33.88
C LYS D 226 -54.70 21.29 34.75
N ALA D 227 -54.02 22.39 35.08
CA ALA D 227 -54.65 23.47 35.83
C ALA D 227 -55.78 24.08 35.02
N GLY D 228 -56.92 24.30 35.68
CA GLY D 228 -58.09 24.83 35.01
C GLY D 228 -59.03 23.78 34.44
N SER D 229 -58.64 22.51 34.44
CA SER D 229 -59.50 21.45 33.97
C SER D 229 -60.28 20.86 35.16
N GLU D 230 -61.05 19.81 34.90
CA GLU D 230 -61.83 19.15 35.93
C GLU D 230 -60.98 18.06 36.56
N ASN D 231 -61.08 17.91 37.88
CA ASN D 231 -60.31 16.89 38.57
C ASN D 231 -61.02 15.55 38.52
N PRO D 232 -60.28 14.44 38.50
CA PRO D 232 -60.91 13.13 38.37
C PRO D 232 -61.86 12.83 39.53
N SER D 233 -62.96 12.15 39.19
CA SER D 233 -63.94 11.78 40.18
C SER D 233 -63.43 10.64 41.05
N ILE D 234 -63.75 10.70 42.33
CA ILE D 234 -63.31 9.72 43.31
C ILE D 234 -64.54 9.18 44.05
N SER D 235 -64.59 7.86 44.23
CA SER D 235 -65.63 7.23 45.02
C SER D 235 -65.00 6.14 45.88
N LEU D 236 -65.44 6.08 47.13
CA LEU D 236 -64.93 5.13 48.11
C LEU D 236 -65.93 4.00 48.28
N HIS D 237 -65.43 2.76 48.25
CA HIS D 237 -66.28 1.59 48.35
C HIS D 237 -65.68 0.61 49.35
N VAL D 238 -66.57 -0.12 50.02
CA VAL D 238 -66.18 -1.13 51.01
C VAL D 238 -66.76 -2.46 50.58
N ILE D 239 -65.91 -3.48 50.54
CA ILE D 239 -66.31 -4.83 50.16
C ILE D 239 -65.86 -5.81 51.23
N GLY D 240 -66.59 -6.92 51.33
CA GLY D 240 -66.26 -7.98 52.26
C GLY D 240 -65.35 -9.00 51.62
N LEU D 241 -64.56 -9.68 52.46
CA LEU D 241 -63.63 -10.70 52.00
C LEU D 241 -64.21 -12.10 52.06
N ASN D 242 -65.49 -12.25 52.41
CA ASN D 242 -66.11 -13.55 52.48
C ASN D 242 -67.62 -13.39 52.29
N GLY D 243 -68.28 -14.51 52.00
CA GLY D 243 -69.71 -14.53 51.83
C GLY D 243 -70.16 -13.77 50.60
N PRO D 244 -71.16 -12.91 50.77
CA PRO D 244 -71.70 -12.16 49.62
C PRO D 244 -70.70 -11.19 49.00
N THR D 245 -69.66 -10.79 49.74
CA THR D 245 -68.71 -9.78 49.28
C THR D 245 -69.44 -8.51 48.87
N HIS D 246 -70.38 -8.10 49.71
CA HIS D 246 -71.23 -6.96 49.42
C HIS D 246 -70.42 -5.67 49.35
N ASP D 247 -70.69 -4.87 48.32
CA ASP D 247 -70.02 -3.61 48.10
C ASP D 247 -70.82 -2.48 48.75
N LEU D 248 -70.14 -1.65 49.53
CA LEU D 248 -70.76 -0.51 50.20
C LEU D 248 -69.94 0.73 49.90
N GLU D 249 -70.58 1.69 49.22
CA GLU D 249 -69.95 2.98 48.91
C GLU D 249 -70.18 3.91 50.08
N MET D 250 -69.20 4.77 50.36
CA MET D 250 -69.28 5.67 51.49
C MET D 250 -69.75 7.04 51.04
N MET D 251 -70.82 7.54 51.68
CA MET D 251 -71.38 8.84 51.31
C MET D 251 -70.44 9.97 51.73
N PRO D 252 -70.02 10.83 50.82
CA PRO D 252 -69.16 11.95 51.19
C PRO D 252 -69.97 13.07 51.83
N PRO D 253 -69.31 14.01 52.49
CA PRO D 253 -70.02 15.20 52.97
C PRO D 253 -70.50 16.05 51.80
N ASP D 254 -71.59 16.78 52.04
CA ASP D 254 -72.22 17.55 50.97
C ASP D 254 -72.35 19.02 51.34
N ASP D 255 -71.27 19.62 51.82
CA ASP D 255 -71.29 21.04 52.16
C ASP D 255 -71.56 21.88 50.92
N PRO D 256 -72.26 23.01 51.07
CA PRO D 256 -72.54 23.85 49.89
C PRO D 256 -71.30 24.40 49.22
N ARG D 257 -70.20 24.56 49.96
CA ARG D 257 -68.95 25.06 49.40
C ARG D 257 -67.99 23.94 49.01
N MET D 258 -68.44 22.69 49.08
CA MET D 258 -67.57 21.53 48.91
C MET D 258 -68.18 20.55 47.90
N ARG D 259 -68.52 21.08 46.72
CA ARG D 259 -69.10 20.25 45.67
C ARG D 259 -68.15 19.15 45.23
N GLU D 260 -66.88 19.48 45.02
CA GLU D 260 -65.86 18.54 44.59
C GLU D 260 -64.96 18.19 45.77
N TYR D 261 -64.70 16.90 45.96
CA TYR D 261 -64.02 16.41 47.14
C TYR D 261 -62.88 15.50 46.76
N TYR D 262 -61.86 15.43 47.62
CA TYR D 262 -60.79 14.46 47.52
C TYR D 262 -60.67 13.71 48.85
N ILE D 263 -60.34 12.43 48.75
CA ILE D 263 -60.09 11.60 49.91
C ILE D 263 -58.59 11.57 50.17
N THR D 264 -58.16 12.22 51.25
CA THR D 264 -56.74 12.31 51.59
C THR D 264 -56.30 11.31 52.64
N MET D 265 -57.23 10.72 53.38
CA MET D 265 -56.89 9.72 54.39
C MET D 265 -58.09 8.82 54.64
N VAL D 266 -57.82 7.53 54.74
CA VAL D 266 -58.79 6.54 55.22
C VAL D 266 -58.07 5.60 56.18
N LYS D 267 -58.69 5.33 57.32
CA LYS D 267 -58.12 4.41 58.29
C LYS D 267 -59.23 3.64 58.97
N TRP D 268 -58.94 2.37 59.26
CA TRP D 268 -59.91 1.47 59.88
C TRP D 268 -59.94 1.76 61.37
N ALA D 269 -60.97 2.49 61.82
CA ALA D 269 -61.17 2.68 63.25
C ALA D 269 -61.44 1.34 63.94
N THR D 270 -62.31 0.53 63.35
CA THR D 270 -62.56 -0.83 63.79
C THR D 270 -62.69 -1.71 62.54
N SER D 271 -63.21 -2.92 62.72
CA SER D 271 -63.51 -3.77 61.58
C SER D 271 -64.76 -3.32 60.84
N THR D 272 -65.53 -2.38 61.40
CA THR D 272 -66.70 -1.83 60.74
C THR D 272 -66.69 -0.32 60.64
N LYS D 273 -65.89 0.38 61.42
CA LYS D 273 -65.81 1.84 61.38
C LYS D 273 -64.53 2.27 60.70
N VAL D 274 -64.65 3.21 59.77
CA VAL D 274 -63.51 3.74 59.03
C VAL D 274 -63.53 5.25 59.15
N ALA D 275 -62.36 5.83 59.42
CA ALA D 275 -62.20 7.28 59.53
C ALA D 275 -61.66 7.81 58.21
N VAL D 276 -62.40 8.74 57.60
CA VAL D 276 -62.08 9.26 56.28
C VAL D 276 -61.91 10.78 56.37
N THR D 277 -60.87 11.29 55.73
CA THR D 277 -60.64 12.72 55.61
C THR D 277 -61.11 13.15 54.22
N TRP D 278 -61.88 14.22 54.16
CA TRP D 278 -62.39 14.74 52.90
C TRP D 278 -61.96 16.19 52.73
N LEU D 279 -61.43 16.52 51.56
CA LEU D 279 -60.93 17.86 51.25
C LEU D 279 -61.61 18.36 49.98
N ASN D 280 -62.05 19.61 50.01
CA ASN D 280 -62.73 20.20 48.87
C ASN D 280 -61.75 20.48 47.74
N ARG D 281 -62.31 20.81 46.56
CA ARG D 281 -61.47 21.14 45.42
C ARG D 281 -60.62 22.38 45.70
N ALA D 282 -61.20 23.38 46.35
CA ALA D 282 -60.44 24.56 46.74
C ALA D 282 -59.38 24.26 47.78
N GLN D 283 -59.43 23.07 48.41
CA GLN D 283 -58.43 22.62 49.37
C GLN D 283 -58.37 23.52 50.60
N ASN D 284 -59.36 24.41 50.75
CA ASN D 284 -59.46 25.28 51.90
C ASN D 284 -60.45 24.76 52.94
N VAL D 285 -61.05 23.59 52.71
CA VAL D 285 -62.03 23.01 53.64
C VAL D 285 -61.74 21.52 53.74
N SER D 286 -61.37 21.07 54.94
CA SER D 286 -61.13 19.66 55.21
C SER D 286 -62.06 19.17 56.30
N ILE D 287 -62.61 17.98 56.11
CA ILE D 287 -63.57 17.40 57.04
C ILE D 287 -63.14 15.97 57.37
N LEU D 288 -63.09 15.65 58.65
CA LEU D 288 -62.85 14.30 59.13
C LEU D 288 -64.18 13.63 59.39
N THR D 289 -64.38 12.45 58.80
CA THR D 289 -65.66 11.76 58.88
C THR D 289 -65.47 10.31 59.27
N LEU D 290 -66.34 9.82 60.15
CA LEU D 290 -66.41 8.42 60.50
C LEU D 290 -67.52 7.75 59.71
N CYS D 291 -67.19 6.64 59.04
CA CYS D 291 -68.14 5.92 58.22
C CYS D 291 -68.27 4.49 58.73
N ASP D 292 -69.44 3.91 58.50
CA ASP D 292 -69.71 2.53 58.88
C ASP D 292 -69.57 1.63 57.65
N ALA D 293 -68.68 0.65 57.75
CA ALA D 293 -68.43 -0.24 56.61
C ALA D 293 -69.66 -1.07 56.27
N THR D 294 -70.37 -1.56 57.28
CA THR D 294 -71.54 -2.41 57.08
C THR D 294 -72.82 -1.62 56.81
N THR D 295 -72.79 -0.30 56.96
CA THR D 295 -73.98 0.51 56.79
C THR D 295 -73.82 1.59 55.73
N GLY D 296 -72.64 2.20 55.62
CA GLY D 296 -72.44 3.30 54.71
C GLY D 296 -72.79 4.66 55.28
N VAL D 297 -73.35 4.72 56.49
CA VAL D 297 -73.69 5.98 57.11
C VAL D 297 -72.41 6.64 57.62
N CYS D 298 -72.11 7.82 57.09
CA CYS D 298 -70.91 8.56 57.45
C CYS D 298 -71.25 9.70 58.40
N THR D 299 -70.60 9.72 59.56
CA THR D 299 -70.80 10.75 60.56
C THR D 299 -69.54 11.61 60.66
N LYS D 300 -69.70 12.91 60.49
CA LYS D 300 -68.58 13.82 60.62
C LYS D 300 -68.03 13.80 62.04
N LYS D 301 -66.71 13.71 62.15
CA LYS D 301 -66.05 13.72 63.45
C LYS D 301 -65.21 14.97 63.71
N HIS D 302 -64.71 15.63 62.66
CA HIS D 302 -63.90 16.83 62.84
C HIS D 302 -63.87 17.59 61.52
N GLU D 303 -63.79 18.91 61.62
CA GLU D 303 -63.73 19.76 60.44
C GLU D 303 -62.81 20.94 60.72
N ASP D 304 -62.06 21.33 59.69
CA ASP D 304 -61.16 22.48 59.77
C ASP D 304 -61.14 23.17 58.41
N GLU D 305 -60.82 24.46 58.43
CA GLU D 305 -60.73 25.23 57.20
C GLU D 305 -59.69 26.33 57.38
N SER D 306 -59.06 26.71 56.27
CA SER D 306 -58.06 27.76 56.25
C SER D 306 -58.28 28.66 55.05
N GLU D 307 -57.78 29.89 55.14
CA GLU D 307 -57.95 30.85 54.04
C GLU D 307 -57.27 30.37 52.77
N ALA D 308 -55.99 29.99 52.88
CA ALA D 308 -55.24 29.61 51.68
C ALA D 308 -55.53 28.17 51.29
N TRP D 309 -55.17 27.22 52.14
CA TRP D 309 -55.37 25.80 51.84
C TRP D 309 -55.13 25.01 53.12
N LEU D 310 -55.35 23.70 53.02
CA LEU D 310 -55.08 22.77 54.10
C LEU D 310 -53.82 21.98 53.81
N HIS D 311 -52.87 22.00 54.73
CA HIS D 311 -51.59 21.36 54.56
C HIS D 311 -51.52 20.09 55.40
N ARG D 312 -50.77 19.11 54.90
CA ARG D 312 -50.58 17.83 55.58
C ARG D 312 -51.92 17.15 55.87
N GLN D 313 -52.60 16.78 54.79
CA GLN D 313 -53.88 16.10 54.87
C GLN D 313 -53.75 14.58 54.81
N ASN D 314 -52.53 14.06 54.79
CA ASN D 314 -52.28 12.63 54.68
C ASN D 314 -52.05 11.95 56.02
N GLU D 315 -52.20 12.67 57.13
CA GLU D 315 -51.86 12.11 58.44
C GLU D 315 -52.92 11.11 58.89
N GLU D 316 -52.46 10.11 59.64
CA GLU D 316 -53.34 9.06 60.17
C GLU D 316 -53.41 9.15 61.69
N PRO D 317 -54.56 9.45 62.28
CA PRO D 317 -54.66 9.49 63.73
C PRO D 317 -54.48 8.12 64.34
N VAL D 318 -53.96 8.10 65.57
CA VAL D 318 -53.70 6.87 66.31
C VAL D 318 -54.99 6.45 66.98
N PHE D 319 -55.62 5.40 66.47
CA PHE D 319 -56.86 4.88 67.01
C PHE D 319 -56.59 3.68 67.93
N SER D 320 -57.28 3.66 69.06
CA SER D 320 -57.12 2.59 70.02
C SER D 320 -57.71 1.28 69.48
N LYS D 321 -57.38 0.18 70.17
CA LYS D 321 -57.85 -1.12 69.74
C LYS D 321 -59.37 -1.24 69.84
N ASP D 322 -59.96 -0.58 70.82
CA ASP D 322 -61.40 -0.65 71.05
C ASP D 322 -62.17 0.48 70.38
N GLY D 323 -61.51 1.31 69.59
CA GLY D 323 -62.19 2.44 68.97
C GLY D 323 -62.49 3.58 69.92
N ARG D 324 -61.73 3.69 71.01
CA ARG D 324 -61.94 4.75 71.99
C ARG D 324 -61.28 6.03 71.45
N LYS D 325 -61.07 7.02 72.30
CA LYS D 325 -60.51 8.30 71.88
C LYS D 325 -59.20 8.09 71.14
N PHE D 326 -59.03 8.83 70.04
CA PHE D 326 -57.85 8.74 69.20
C PHE D 326 -56.92 9.92 69.44
N PHE D 327 -55.81 9.91 68.71
CA PHE D 327 -54.77 10.94 68.84
C PHE D 327 -54.53 11.53 67.46
N PHE D 328 -55.00 12.75 67.25
CA PHE D 328 -54.88 13.45 65.99
C PHE D 328 -53.78 14.51 66.08
N ILE D 329 -53.43 15.06 64.93
CA ILE D 329 -52.50 16.18 64.84
C ILE D 329 -53.05 17.19 63.85
N ARG D 330 -52.99 18.47 64.23
CA ARG D 330 -53.52 19.52 63.38
C ARG D 330 -52.84 20.84 63.76
N ALA D 331 -53.22 21.90 63.06
CA ALA D 331 -52.64 23.21 63.26
C ALA D 331 -53.35 23.91 64.42
N ILE D 332 -52.67 24.02 65.56
CA ILE D 332 -53.17 24.79 66.69
C ILE D 332 -52.56 26.18 66.59
N PRO D 333 -53.24 27.23 67.08
CA PRO D 333 -52.73 28.59 66.87
C PRO D 333 -51.32 28.81 67.41
N GLN D 334 -50.95 28.16 68.51
CA GLN D 334 -49.60 28.20 69.05
C GLN D 334 -49.15 29.65 69.27
N GLY D 335 -50.06 30.47 69.77
CA GLY D 335 -49.74 31.87 70.02
C GLY D 335 -49.34 32.57 68.74
N GLY D 336 -48.24 33.33 68.81
CA GLY D 336 -47.74 34.07 67.67
C GLY D 336 -46.94 33.21 66.73
N ARG D 337 -46.36 33.87 65.72
CA ARG D 337 -45.55 33.22 64.69
C ARG D 337 -46.33 32.13 63.96
N GLY D 338 -47.61 32.39 63.72
CA GLY D 338 -48.46 31.47 62.99
C GLY D 338 -48.78 30.21 63.77
N LYS D 339 -49.76 29.48 63.25
CA LYS D 339 -50.21 28.25 63.88
C LYS D 339 -49.25 27.10 63.58
N PHE D 340 -49.04 26.25 64.58
CA PHE D 340 -48.13 25.13 64.47
C PHE D 340 -48.90 23.81 64.56
N TYR D 341 -48.28 22.75 64.10
CA TYR D 341 -48.91 21.43 64.11
C TYR D 341 -48.55 20.71 65.41
N HIS D 342 -49.57 20.45 66.24
CA HIS D 342 -49.36 19.77 67.51
C HIS D 342 -50.41 18.67 67.65
N ILE D 343 -50.06 17.65 68.41
CA ILE D 343 -50.91 16.47 68.59
C ILE D 343 -52.18 16.87 69.35
N THR D 344 -53.32 16.42 68.85
CA THR D 344 -54.61 16.71 69.46
C THR D 344 -55.34 15.41 69.77
N VAL D 345 -55.91 15.33 70.97
CA VAL D 345 -56.65 14.16 71.42
C VAL D 345 -58.13 14.48 71.35
N SER D 346 -58.90 13.62 70.69
CA SER D 346 -60.34 13.77 70.59
C SER D 346 -61.02 12.48 71.03
N SER D 347 -62.19 12.61 71.63
CA SER D 347 -62.92 11.45 72.14
C SER D 347 -63.35 10.54 70.99
N SER D 348 -63.81 9.34 71.35
CA SER D 348 -64.22 8.37 70.34
C SER D 348 -65.39 8.89 69.51
N GLN D 349 -66.40 9.46 70.16
CA GLN D 349 -67.57 10.01 69.49
C GLN D 349 -67.83 11.41 70.04
N PRO D 350 -67.07 12.40 69.57
CA PRO D 350 -67.26 13.76 70.08
C PRO D 350 -68.66 14.28 69.79
N ASN D 351 -69.21 15.03 70.74
CA ASN D 351 -70.54 15.60 70.59
C ASN D 351 -70.50 16.79 69.64
N SER D 352 -71.64 17.05 69.00
CA SER D 352 -71.74 18.19 68.10
C SER D 352 -71.72 19.52 68.85
N SER D 353 -71.92 19.51 70.16
CA SER D 353 -71.92 20.75 70.92
C SER D 353 -70.53 21.38 70.93
N ASN D 354 -69.49 20.58 71.15
CA ASN D 354 -68.13 21.10 71.22
C ASN D 354 -67.16 19.96 70.94
N ASP D 355 -65.92 20.33 70.61
CA ASP D 355 -64.86 19.37 70.37
C ASP D 355 -64.02 19.17 71.62
N ASN D 356 -63.37 18.02 71.69
CA ASN D 356 -62.54 17.63 72.83
C ASN D 356 -61.07 17.94 72.59
N ILE D 357 -60.78 19.01 71.83
CA ILE D 357 -59.41 19.29 71.43
C ILE D 357 -58.54 19.52 72.65
N GLN D 358 -57.35 18.92 72.64
CA GLN D 358 -56.40 19.07 73.74
C GLN D 358 -55.01 18.78 73.22
N SER D 359 -54.15 19.80 73.16
CA SER D 359 -52.80 19.64 72.66
C SER D 359 -51.98 18.85 73.67
N ILE D 360 -51.42 17.72 73.23
CA ILE D 360 -50.58 16.92 74.11
C ILE D 360 -49.33 17.70 74.50
N THR D 361 -48.71 18.36 73.53
CA THR D 361 -47.52 19.16 73.74
C THR D 361 -47.77 20.59 73.32
N SER D 362 -46.75 21.43 73.48
CA SER D 362 -46.80 22.82 73.06
C SER D 362 -45.38 23.32 72.82
N GLY D 363 -45.27 24.33 71.96
CA GLY D 363 -43.99 24.90 71.63
C GLY D 363 -43.87 25.29 70.18
N ASP D 364 -42.90 26.15 69.86
CA ASP D 364 -42.68 26.61 68.49
C ASP D 364 -41.97 25.53 67.67
N TRP D 365 -42.64 24.39 67.53
CA TRP D 365 -42.14 23.26 66.76
C TRP D 365 -43.34 22.46 66.30
N ASP D 366 -43.07 21.37 65.59
CA ASP D 366 -44.11 20.54 65.03
C ASP D 366 -43.77 19.06 65.20
N VAL D 367 -44.82 18.24 65.20
CA VAL D 367 -44.69 16.79 65.25
C VAL D 367 -44.71 16.27 63.82
N THR D 368 -43.57 15.76 63.34
CA THR D 368 -43.50 15.24 61.99
C THR D 368 -44.44 14.05 61.81
N LYS D 369 -44.47 13.14 62.78
CA LYS D 369 -45.35 11.99 62.71
C LYS D 369 -45.58 11.48 64.13
N ILE D 370 -46.70 10.80 64.33
CA ILE D 370 -47.01 10.17 65.61
C ILE D 370 -46.92 8.66 65.44
N LEU D 371 -46.00 8.04 66.19
CA LEU D 371 -45.73 6.62 66.00
C LEU D 371 -46.92 5.77 66.43
N ALA D 372 -47.24 5.79 67.72
CA ALA D 372 -48.31 4.97 68.27
C ALA D 372 -48.55 5.38 69.72
N TYR D 373 -49.64 4.86 70.27
CA TYR D 373 -50.01 5.11 71.66
C TYR D 373 -50.09 3.78 72.40
N ASP D 374 -49.61 3.77 73.64
CA ASP D 374 -49.68 2.60 74.50
C ASP D 374 -50.96 2.65 75.33
N GLU D 375 -51.87 1.70 75.06
CA GLU D 375 -53.06 1.58 75.88
C GLU D 375 -52.73 1.22 77.32
N LYS D 376 -51.58 0.58 77.56
CA LYS D 376 -51.18 0.15 78.89
C LYS D 376 -50.51 1.31 79.62
N GLY D 377 -51.32 2.33 79.94
CA GLY D 377 -50.87 3.47 80.70
C GLY D 377 -50.91 4.74 79.88
N ASN D 378 -49.89 5.58 80.04
CA ASN D 378 -49.80 6.89 79.41
C ASN D 378 -48.49 6.95 78.62
N LYS D 379 -48.52 6.50 77.37
CA LYS D 379 -47.34 6.52 76.51
C LYS D 379 -47.77 6.78 75.08
N ILE D 380 -47.49 7.98 74.58
CA ILE D 380 -47.72 8.33 73.19
C ILE D 380 -46.37 8.62 72.55
N TYR D 381 -46.09 7.96 71.43
CA TYR D 381 -44.79 8.04 70.77
C TYR D 381 -44.93 8.79 69.46
N PHE D 382 -44.00 9.70 69.20
CA PHE D 382 -44.09 10.56 68.01
C PHE D 382 -42.70 11.05 67.66
N LEU D 383 -42.53 11.42 66.40
CA LEU D 383 -41.32 12.06 65.90
C LEU D 383 -41.60 13.54 65.71
N SER D 384 -40.66 14.38 66.13
CA SER D 384 -40.88 15.82 66.12
C SER D 384 -39.57 16.55 65.90
N THR D 385 -39.70 17.82 65.52
CA THR D 385 -38.56 18.74 65.37
C THR D 385 -38.41 19.64 66.59
N GLU D 386 -38.66 19.08 67.78
CA GLU D 386 -38.65 19.88 69.00
C GLU D 386 -37.29 20.49 69.25
N ASP D 387 -36.21 19.71 69.09
CA ASP D 387 -34.87 20.24 69.33
C ASP D 387 -34.50 21.31 68.30
N LEU D 388 -34.81 21.06 67.03
CA LEU D 388 -34.51 21.98 65.95
C LEU D 388 -35.42 21.64 64.77
N PRO D 389 -35.83 22.64 63.99
CA PRO D 389 -36.62 22.33 62.79
C PRO D 389 -35.85 21.51 61.77
N ARG D 390 -34.53 21.50 61.82
CA ARG D 390 -33.71 20.74 60.89
C ARG D 390 -33.36 19.34 61.40
N ARG D 391 -33.85 18.95 62.57
CA ARG D 391 -33.54 17.65 63.14
C ARG D 391 -34.83 16.92 63.48
N ARG D 392 -34.80 15.59 63.30
CA ARG D 392 -35.91 14.72 63.65
C ARG D 392 -35.50 13.85 64.82
N GLN D 393 -36.20 13.99 65.94
CA GLN D 393 -35.90 13.27 67.16
C GLN D 393 -37.16 12.62 67.69
N LEU D 394 -37.00 11.48 68.36
CA LEU D 394 -38.14 10.75 68.89
C LEU D 394 -38.48 11.26 70.28
N TYR D 395 -39.74 11.64 70.48
CA TYR D 395 -40.22 12.16 71.75
C TYR D 395 -41.46 11.39 72.16
N SER D 396 -41.60 11.19 73.47
CA SER D 396 -42.75 10.51 74.05
C SER D 396 -43.36 11.37 75.14
N ALA D 397 -44.68 11.45 75.16
CA ALA D 397 -45.42 12.19 76.18
C ALA D 397 -46.40 11.26 76.87
N ASN D 398 -47.24 11.83 77.72
CA ASN D 398 -48.22 11.08 78.50
C ASN D 398 -49.62 11.54 78.13
N THR D 399 -50.50 10.58 77.81
CA THR D 399 -51.87 10.90 77.45
C THR D 399 -52.66 11.49 78.62
N VAL D 400 -52.22 11.24 79.85
CA VAL D 400 -52.91 11.78 81.01
C VAL D 400 -52.67 13.28 81.11
N GLY D 401 -53.41 13.93 81.99
CA GLY D 401 -53.44 15.38 82.08
C GLY D 401 -52.11 16.07 82.32
N ASN D 402 -51.11 15.33 82.83
CA ASN D 402 -49.81 15.93 83.05
C ASN D 402 -49.17 16.38 81.75
N PHE D 403 -49.28 15.57 80.70
CA PHE D 403 -48.70 15.87 79.39
C PHE D 403 -47.21 16.15 79.48
N ASN D 404 -46.51 15.35 80.29
CA ASN D 404 -45.08 15.48 80.47
C ASN D 404 -44.35 14.76 79.34
N ARG D 405 -43.45 15.47 78.67
CA ARG D 405 -42.71 14.93 77.55
C ARG D 405 -41.44 14.24 78.04
N GLN D 406 -41.25 13.01 77.62
CA GLN D 406 -40.06 12.23 77.95
C GLN D 406 -39.21 12.02 76.70
N CYS D 407 -37.92 12.30 76.82
CA CYS D 407 -36.97 12.03 75.74
C CYS D 407 -36.80 10.53 75.57
N LEU D 408 -36.47 10.12 74.34
CA LEU D 408 -35.89 8.81 74.13
C LEU D 408 -34.50 8.92 73.50
N SER D 409 -34.35 9.76 72.46
CA SER D 409 -33.03 9.87 71.85
C SER D 409 -32.25 11.07 72.39
N CYS D 410 -32.67 12.29 72.01
CA CYS D 410 -31.98 13.53 72.38
C CYS D 410 -30.47 13.35 72.48
N ASP D 411 -29.87 12.95 71.36
CA ASP D 411 -28.45 12.59 71.26
C ASP D 411 -28.16 11.33 72.07
N LEU D 412 -28.89 10.26 71.75
CA LEU D 412 -28.58 8.95 72.29
C LEU D 412 -27.21 8.49 71.81
N VAL D 413 -26.89 8.75 70.55
CA VAL D 413 -25.56 8.57 69.99
C VAL D 413 -25.13 9.90 69.40
N GLU D 414 -23.91 10.34 69.74
CA GLU D 414 -23.48 11.68 69.36
C GLU D 414 -23.37 11.84 67.85
N ASN D 415 -23.02 10.77 67.14
CA ASN D 415 -22.81 10.87 65.70
C ASN D 415 -24.09 11.24 64.96
N CYS D 416 -25.22 10.64 65.35
CA CYS D 416 -26.47 10.78 64.61
C CYS D 416 -27.46 11.66 65.37
N THR D 417 -28.12 12.55 64.64
CA THR D 417 -29.15 13.43 65.17
C THR D 417 -30.53 13.20 64.58
N TYR D 418 -30.59 12.82 63.30
CA TYR D 418 -31.85 12.41 62.71
C TYR D 418 -32.29 11.07 63.32
N PHE D 419 -33.60 10.86 63.38
CA PHE D 419 -34.11 9.66 64.05
C PHE D 419 -35.45 9.26 63.46
N SER D 420 -35.70 7.95 63.51
CA SER D 420 -36.99 7.37 63.18
C SER D 420 -37.11 6.04 63.92
N ALA D 421 -38.33 5.67 64.26
CA ALA D 421 -38.54 4.52 65.11
C ALA D 421 -39.78 3.76 64.69
N SER D 422 -39.83 2.49 65.08
CA SER D 422 -40.97 1.61 64.80
C SER D 422 -41.13 0.66 65.97
N PHE D 423 -42.25 0.77 66.67
CA PHE D 423 -42.49 0.02 67.89
C PHE D 423 -43.17 -1.32 67.60
N SER D 424 -43.04 -2.23 68.56
CA SER D 424 -43.64 -3.55 68.46
C SER D 424 -45.14 -3.46 68.76
N HIS D 425 -45.82 -4.61 68.79
CA HIS D 425 -47.25 -4.63 69.04
C HIS D 425 -47.59 -4.14 70.45
N SER D 426 -46.85 -4.60 71.46
CA SER D 426 -47.13 -4.27 72.85
C SER D 426 -46.27 -3.11 73.36
N MET D 427 -45.71 -2.33 72.44
CA MET D 427 -44.90 -1.15 72.75
C MET D 427 -43.64 -1.49 73.55
N ASP D 428 -43.34 -2.78 73.71
CA ASP D 428 -42.26 -3.20 74.58
C ASP D 428 -40.90 -2.77 74.03
N PHE D 429 -40.64 -3.09 72.77
CA PHE D 429 -39.39 -2.74 72.11
C PHE D 429 -39.70 -1.88 70.89
N PHE D 430 -38.66 -1.26 70.35
CA PHE D 430 -38.83 -0.46 69.14
C PHE D 430 -37.50 -0.38 68.40
N LEU D 431 -37.59 -0.56 67.09
CA LEU D 431 -36.45 -0.31 66.21
C LEU D 431 -36.19 1.19 66.14
N LEU D 432 -34.92 1.55 66.03
CA LEU D 432 -34.53 2.95 65.94
C LEU D 432 -33.44 3.10 64.89
N LYS D 433 -33.52 4.18 64.11
CA LYS D 433 -32.61 4.42 63.02
C LYS D 433 -32.18 5.88 62.99
N CYS D 434 -30.91 6.11 62.69
CA CYS D 434 -30.31 7.45 62.73
C CYS D 434 -30.33 8.13 61.37
N GLU D 435 -29.72 7.49 60.37
CA GLU D 435 -29.58 8.00 58.99
C GLU D 435 -29.22 9.49 58.94
N GLY D 436 -28.36 9.94 59.85
CA GLY D 436 -27.86 11.29 59.78
C GLY D 436 -27.58 11.92 61.14
N PRO D 437 -26.56 12.78 61.20
CA PRO D 437 -25.70 13.09 60.05
C PRO D 437 -24.57 12.09 59.88
N GLY D 438 -24.59 11.05 60.71
CA GLY D 438 -23.63 9.97 60.61
C GLY D 438 -24.12 8.87 59.68
N VAL D 439 -23.33 7.81 59.61
CA VAL D 439 -23.70 6.65 58.79
C VAL D 439 -25.02 6.10 59.29
N PRO D 440 -25.94 5.68 58.41
CA PRO D 440 -27.23 5.15 58.88
C PRO D 440 -27.04 4.01 59.86
N MET D 441 -27.77 4.09 60.97
CA MET D 441 -27.55 3.23 62.13
C MET D 441 -28.84 2.49 62.41
N VAL D 442 -28.79 1.15 62.40
CA VAL D 442 -29.95 0.31 62.64
C VAL D 442 -29.73 -0.42 63.96
N THR D 443 -30.64 -0.21 64.90
CA THR D 443 -30.44 -0.68 66.27
C THR D 443 -31.80 -0.93 66.90
N VAL D 444 -31.81 -1.80 67.92
CA VAL D 444 -33.00 -2.15 68.69
C VAL D 444 -32.88 -1.47 70.05
N HIS D 445 -33.96 -0.78 70.46
CA HIS D 445 -34.05 -0.19 71.79
C HIS D 445 -35.39 -0.57 72.40
N ASN D 446 -35.50 -0.36 73.71
CA ASN D 446 -36.70 -0.66 74.47
C ASN D 446 -37.16 0.58 75.23
N THR D 447 -38.48 0.74 75.33
CA THR D 447 -39.06 1.95 75.89
C THR D 447 -38.75 2.13 77.39
N THR D 448 -38.59 1.05 78.13
CA THR D 448 -38.35 1.14 79.57
C THR D 448 -36.88 1.40 79.89
N ASP D 449 -36.00 0.54 79.37
CA ASP D 449 -34.59 0.68 79.65
C ASP D 449 -33.95 1.82 78.87
N LYS D 450 -34.45 2.11 77.66
CA LYS D 450 -33.85 3.11 76.77
C LYS D 450 -32.37 2.80 76.52
N LYS D 451 -32.06 1.51 76.41
CA LYS D 451 -30.69 1.05 76.25
C LYS D 451 -30.63 0.14 75.02
N LYS D 452 -29.49 0.20 74.31
CA LYS D 452 -29.25 -0.67 73.17
C LYS D 452 -28.89 -2.08 73.67
N MET D 453 -29.77 -3.05 73.43
CA MET D 453 -29.42 -4.43 73.70
C MET D 453 -28.30 -4.89 72.77
N PHE D 454 -28.38 -4.54 71.49
CA PHE D 454 -27.39 -4.97 70.52
C PHE D 454 -27.48 -4.07 69.28
N ASP D 455 -26.54 -4.27 68.36
CA ASP D 455 -26.49 -3.57 67.09
C ASP D 455 -27.22 -4.41 66.05
N LEU D 456 -28.20 -3.80 65.38
CA LEU D 456 -28.87 -4.51 64.28
C LEU D 456 -28.10 -4.34 62.98
N GLU D 457 -27.69 -3.11 62.66
CA GLU D 457 -26.85 -2.84 61.49
C GLU D 457 -26.26 -1.45 61.62
N THR D 458 -24.97 -1.33 61.30
CA THR D 458 -24.28 -0.04 61.35
C THR D 458 -23.60 0.33 60.05
N ASN D 459 -23.45 -0.61 59.11
CA ASN D 459 -22.77 -0.38 57.84
C ASN D 459 -21.36 0.15 58.06
N GLU D 460 -20.54 -0.67 58.72
CA GLU D 460 -19.15 -0.31 58.95
C GLU D 460 -18.37 -0.17 57.65
N HIS D 461 -18.85 -0.78 56.56
CA HIS D 461 -18.26 -0.52 55.25
C HIS D 461 -18.38 0.95 54.88
N VAL D 462 -19.54 1.56 55.16
CA VAL D 462 -19.69 2.99 54.96
C VAL D 462 -18.82 3.75 55.95
N LYS D 463 -18.65 3.21 57.16
CA LYS D 463 -17.86 3.89 58.18
C LYS D 463 -16.41 4.07 57.72
N LYS D 464 -15.80 3.03 57.17
CA LYS D 464 -14.40 3.15 56.76
C LYS D 464 -14.27 3.96 55.47
N ALA D 465 -15.28 3.89 54.60
CA ALA D 465 -15.20 4.60 53.33
C ALA D 465 -15.18 6.10 53.53
N ILE D 466 -16.10 6.62 54.36
CA ILE D 466 -16.13 8.06 54.62
C ILE D 466 -14.87 8.53 55.31
N ASN D 467 -14.20 7.65 56.06
CA ASN D 467 -12.94 7.98 56.71
C ASN D 467 -11.73 7.74 55.82
N ASP D 468 -11.94 7.25 54.60
CA ASP D 468 -10.85 6.94 53.68
C ASP D 468 -10.50 8.09 52.75
N ARG D 469 -11.39 9.08 52.61
CA ARG D 469 -11.11 10.22 51.74
C ARG D 469 -11.35 11.54 52.45
N GLN D 470 -11.28 12.64 51.70
CA GLN D 470 -11.46 13.99 52.24
C GLN D 470 -12.96 14.23 52.41
N MET D 471 -13.50 13.80 53.54
CA MET D 471 -14.92 14.03 53.82
C MET D 471 -15.16 15.52 53.98
N PRO D 472 -16.08 16.10 53.20
CA PRO D 472 -16.29 17.56 53.25
C PRO D 472 -16.83 17.99 54.61
N LYS D 473 -16.43 19.20 55.04
CA LYS D 473 -16.87 19.72 56.31
C LYS D 473 -18.29 20.27 56.21
N VAL D 474 -19.12 19.90 57.17
CA VAL D 474 -20.52 20.31 57.24
C VAL D 474 -20.67 21.33 58.34
N GLU D 475 -21.27 22.47 58.03
CA GLU D 475 -21.51 23.52 59.01
C GLU D 475 -22.74 24.33 58.60
N TYR D 476 -23.19 25.17 59.53
CA TYR D 476 -24.42 25.95 59.34
C TYR D 476 -24.14 27.40 59.67
N ARG D 477 -24.60 28.31 58.81
CA ARG D 477 -24.58 29.74 59.08
C ARG D 477 -25.98 30.26 58.81
N ASP D 478 -26.87 30.10 59.79
CA ASP D 478 -28.28 30.42 59.56
C ASP D 478 -28.48 31.93 59.54
N ILE D 479 -29.39 32.36 58.66
CA ILE D 479 -29.71 33.76 58.49
C ILE D 479 -31.16 33.98 58.94
N GLU D 480 -31.49 35.24 59.23
CA GLU D 480 -32.81 35.61 59.72
C GLU D 480 -33.32 36.80 58.93
N ILE D 481 -34.57 36.70 58.46
CA ILE D 481 -35.22 37.76 57.70
C ILE D 481 -36.66 37.86 58.17
N ASP D 482 -37.15 39.08 58.35
CA ASP D 482 -38.49 39.35 58.88
C ASP D 482 -38.53 38.76 60.28
N ASP D 483 -39.62 38.11 60.70
CA ASP D 483 -39.69 37.43 61.99
C ASP D 483 -39.42 35.95 61.86
N TYR D 484 -38.65 35.55 60.84
CA TYR D 484 -38.32 34.16 60.61
C TYR D 484 -36.81 33.97 60.61
N ASN D 485 -36.36 32.85 61.18
CA ASN D 485 -34.99 32.40 61.07
C ASN D 485 -34.88 31.43 59.90
N LEU D 486 -34.03 31.75 58.94
CA LEU D 486 -34.00 31.02 57.67
C LEU D 486 -32.86 30.01 57.69
N PRO D 487 -33.14 28.72 57.74
CA PRO D 487 -32.08 27.71 57.80
C PRO D 487 -31.28 27.65 56.50
N MET D 488 -30.01 27.31 56.65
CA MET D 488 -29.13 27.11 55.52
C MET D 488 -27.91 26.33 55.99
N GLN D 489 -27.20 25.74 55.03
CA GLN D 489 -25.94 25.06 55.30
C GLN D 489 -24.92 25.45 54.25
N ILE D 490 -23.65 25.36 54.62
CA ILE D 490 -22.53 25.63 53.72
C ILE D 490 -21.50 24.53 53.93
N LEU D 491 -20.84 24.13 52.85
CA LEU D 491 -19.93 22.99 52.86
C LEU D 491 -18.51 23.45 52.60
N LYS D 492 -17.56 22.77 53.23
CA LYS D 492 -16.13 23.00 53.03
C LYS D 492 -15.46 21.68 52.66
N PRO D 493 -14.40 21.72 51.85
CA PRO D 493 -13.83 20.48 51.31
C PRO D 493 -12.86 19.78 52.26
N ALA D 494 -12.84 20.18 53.53
CA ALA D 494 -11.97 19.67 54.59
C ALA D 494 -10.51 20.06 54.39
N THR D 495 -10.17 20.73 53.29
CA THR D 495 -8.88 21.37 53.11
C THR D 495 -9.03 22.88 53.04
N PHE D 496 -10.10 23.40 53.65
CA PHE D 496 -10.47 24.79 53.49
C PHE D 496 -9.40 25.71 54.05
N THR D 497 -9.05 26.74 53.27
CA THR D 497 -8.20 27.82 53.71
C THR D 497 -8.91 29.13 53.42
N ASP D 498 -9.09 29.94 54.47
CA ASP D 498 -9.84 31.18 54.31
C ASP D 498 -9.16 32.15 53.34
N THR D 499 -7.84 32.08 53.23
CA THR D 499 -7.13 32.98 52.32
C THR D 499 -7.47 32.71 50.87
N THR D 500 -7.54 31.44 50.47
CA THR D 500 -7.79 31.10 49.08
C THR D 500 -9.24 31.34 48.71
N HIS D 501 -9.50 31.44 47.41
CA HIS D 501 -10.82 31.74 46.88
C HIS D 501 -11.47 30.48 46.33
N TYR D 502 -12.75 30.29 46.64
CA TYR D 502 -13.50 29.14 46.16
C TYR D 502 -14.75 29.59 45.41
N PRO D 503 -15.05 29.00 44.26
CA PRO D 503 -16.27 29.38 43.54
C PRO D 503 -17.51 28.86 44.24
N LEU D 504 -18.63 29.54 43.98
CA LEU D 504 -19.90 29.25 44.64
C LEU D 504 -20.82 28.41 43.77
N LEU D 505 -21.45 27.42 44.40
CA LEU D 505 -22.53 26.65 43.82
C LEU D 505 -23.77 26.84 44.68
N LEU D 506 -24.91 27.08 44.04
CA LEU D 506 -26.18 27.20 44.73
C LEU D 506 -27.11 26.07 44.31
N VAL D 507 -27.67 25.37 45.29
CA VAL D 507 -28.64 24.31 45.06
C VAL D 507 -29.94 24.75 45.71
N VAL D 508 -31.02 24.73 44.94
CA VAL D 508 -32.31 25.22 45.40
C VAL D 508 -33.39 24.18 45.13
N ASP D 509 -34.27 23.98 46.10
CA ASP D 509 -35.47 23.18 45.92
C ASP D 509 -36.72 24.03 46.05
N GLY D 510 -36.92 24.69 47.18
CA GLY D 510 -38.01 25.64 47.33
C GLY D 510 -39.40 25.09 47.12
N THR D 511 -39.55 23.77 47.18
CA THR D 511 -40.87 23.18 46.98
C THR D 511 -41.77 23.56 48.14
N PRO D 512 -42.94 24.16 47.88
CA PRO D 512 -43.84 24.54 48.98
C PRO D 512 -44.29 23.30 49.76
N GLY D 513 -43.92 23.27 51.04
CA GLY D 513 -44.19 22.14 51.90
C GLY D 513 -43.03 21.18 52.07
N SER D 514 -41.84 21.55 51.65
CA SER D 514 -40.65 20.71 51.75
C SER D 514 -39.56 21.43 52.53
N GLN D 515 -38.50 20.69 52.84
CA GLN D 515 -37.35 21.24 53.55
C GLN D 515 -36.07 20.69 52.93
N SER D 516 -35.17 21.59 52.54
CA SER D 516 -33.89 21.19 51.96
C SER D 516 -32.75 21.19 52.97
N VAL D 517 -32.94 21.79 54.14
CA VAL D 517 -31.92 21.85 55.18
C VAL D 517 -32.37 20.91 56.29
N ALA D 518 -31.88 19.67 56.24
CA ALA D 518 -32.21 18.68 57.26
C ALA D 518 -30.95 17.90 57.61
N GLU D 519 -30.92 17.36 58.83
CA GLU D 519 -29.75 16.64 59.31
C GLU D 519 -29.89 15.14 59.03
N LYS D 520 -30.15 14.83 57.77
CA LYS D 520 -30.18 13.47 57.28
C LYS D 520 -28.94 13.23 56.43
N PHE D 521 -28.28 12.09 56.66
CA PHE D 521 -27.05 11.79 55.94
C PHE D 521 -27.40 11.51 54.49
N GLU D 522 -26.78 12.26 53.58
CA GLU D 522 -26.98 12.08 52.16
C GLU D 522 -25.70 12.39 51.42
N VAL D 523 -25.42 11.62 50.37
CA VAL D 523 -24.29 11.86 49.49
C VAL D 523 -24.81 11.88 48.05
N SER D 524 -24.48 12.93 47.33
CA SER D 524 -24.94 13.10 45.96
C SER D 524 -23.87 13.89 45.20
N TRP D 525 -24.24 14.43 44.05
CA TRP D 525 -23.26 15.11 43.20
C TRP D 525 -22.61 16.27 43.94
N GLU D 526 -23.32 16.91 44.87
CA GLU D 526 -22.75 18.04 45.60
C GLU D 526 -21.53 17.61 46.40
N THR D 527 -21.59 16.43 47.03
CA THR D 527 -20.44 15.92 47.75
C THR D 527 -19.28 15.62 46.79
N VAL D 528 -19.58 15.42 45.50
CA VAL D 528 -18.54 15.00 44.57
C VAL D 528 -17.57 16.14 44.29
N MET D 529 -18.05 17.22 43.70
CA MET D 529 -17.12 18.28 43.28
C MET D 529 -16.56 19.05 44.47
N VAL D 530 -17.31 19.14 45.57
CA VAL D 530 -16.78 19.79 46.76
C VAL D 530 -15.53 19.08 47.24
N SER D 531 -15.59 17.75 47.30
CA SER D 531 -14.41 16.97 47.66
C SER D 531 -13.38 16.98 46.53
N SER D 532 -13.84 16.98 45.29
CA SER D 532 -12.94 16.83 44.15
C SER D 532 -12.58 18.17 43.50
N HIS D 533 -13.58 18.92 43.06
CA HIS D 533 -13.33 20.11 42.25
C HIS D 533 -13.29 21.38 43.07
N GLY D 534 -13.40 21.30 44.39
CA GLY D 534 -13.25 22.46 45.24
C GLY D 534 -14.36 23.49 45.08
N ALA D 535 -15.57 23.12 45.48
CA ALA D 535 -16.72 24.02 45.40
C ALA D 535 -17.35 24.14 46.77
N VAL D 536 -18.18 25.17 46.94
CA VAL D 536 -18.96 25.37 48.15
C VAL D 536 -20.42 25.44 47.75
N VAL D 537 -21.25 24.62 48.40
CA VAL D 537 -22.65 24.47 48.05
C VAL D 537 -23.49 25.13 49.13
N VAL D 538 -24.58 25.78 48.71
CA VAL D 538 -25.47 26.47 49.62
C VAL D 538 -26.86 25.87 49.46
N LYS D 539 -27.41 25.35 50.55
CA LYS D 539 -28.78 24.89 50.60
C LYS D 539 -29.58 25.85 51.46
N CYS D 540 -30.58 26.49 50.88
CA CYS D 540 -31.39 27.49 51.58
C CYS D 540 -32.85 27.07 51.53
N ASP D 541 -33.56 27.29 52.64
CA ASP D 541 -34.99 27.00 52.75
C ASP D 541 -35.70 28.31 53.03
N GLY D 542 -36.06 29.04 51.98
CA GLY D 542 -36.75 30.30 52.11
C GLY D 542 -38.18 30.13 52.59
N ARG D 543 -38.94 31.19 52.43
CA ARG D 543 -40.35 31.17 52.84
C ARG D 543 -41.11 30.15 52.02
N GLY D 544 -42.14 29.57 52.64
CA GLY D 544 -42.86 28.45 52.08
C GLY D 544 -42.33 27.09 52.49
N SER D 545 -41.17 27.04 53.15
CA SER D 545 -40.67 25.79 53.67
C SER D 545 -41.58 25.28 54.79
N GLY D 546 -41.82 23.98 54.78
CA GLY D 546 -42.66 23.37 55.80
C GLY D 546 -41.93 23.17 57.11
N PHE D 547 -42.68 22.68 58.09
CA PHE D 547 -42.18 22.36 59.43
C PHE D 547 -41.61 23.57 60.15
N GLN D 548 -41.96 24.78 59.72
CA GLN D 548 -41.52 26.00 60.39
C GLN D 548 -42.66 27.00 60.47
N GLY D 549 -43.88 26.52 60.73
CA GLY D 549 -45.01 27.39 60.92
C GLY D 549 -45.90 27.54 59.70
N THR D 550 -47.23 27.47 59.91
CA THR D 550 -48.16 27.67 58.82
C THR D 550 -48.06 29.07 58.23
N LYS D 551 -47.75 30.07 59.07
CA LYS D 551 -47.59 31.42 58.57
C LYS D 551 -46.47 31.50 57.53
N LEU D 552 -45.34 30.85 57.81
CA LEU D 552 -44.26 30.78 56.84
C LEU D 552 -44.70 30.04 55.58
N LEU D 553 -45.52 29.01 55.74
CA LEU D 553 -45.97 28.23 54.59
C LEU D 553 -46.81 29.07 53.64
N HIS D 554 -47.71 29.90 54.17
CA HIS D 554 -48.66 30.63 53.35
C HIS D 554 -48.16 32.00 52.93
N GLU D 555 -46.92 32.36 53.23
CA GLU D 555 -46.38 33.63 52.78
C GLU D 555 -46.36 33.70 51.25
N VAL D 556 -45.87 32.65 50.60
CA VAL D 556 -45.71 32.65 49.15
C VAL D 556 -47.01 32.40 48.42
N ARG D 557 -48.09 32.07 49.14
CA ARG D 557 -49.39 31.85 48.52
C ARG D 557 -49.80 33.06 47.69
N ARG D 558 -50.24 32.81 46.46
CA ARG D 558 -50.57 33.82 45.46
C ARG D 558 -49.38 34.72 45.12
N ARG D 559 -48.16 34.28 45.45
CA ARG D 559 -46.95 35.00 45.10
C ARG D 559 -45.85 34.04 44.67
N LEU D 560 -46.23 32.93 44.04
CA LEU D 560 -45.28 31.87 43.73
C LEU D 560 -44.14 32.38 42.86
N GLY D 561 -42.93 31.96 43.20
CA GLY D 561 -41.75 32.36 42.45
C GLY D 561 -41.30 33.78 42.67
N LEU D 562 -41.85 34.47 43.66
CA LEU D 562 -41.51 35.86 43.92
C LEU D 562 -40.79 36.04 45.26
N LEU D 563 -41.39 35.59 46.36
CA LEU D 563 -40.81 35.83 47.67
C LEU D 563 -39.54 35.02 47.88
N GLU D 564 -39.57 33.74 47.50
CA GLU D 564 -38.40 32.89 47.68
C GLU D 564 -37.23 33.40 46.86
N GLU D 565 -37.50 33.89 45.65
CA GLU D 565 -36.45 34.43 44.79
C GLU D 565 -35.65 35.51 45.53
N LYS D 566 -36.33 36.32 46.34
CA LYS D 566 -35.61 37.27 47.19
C LYS D 566 -34.79 36.57 48.26
N ASP D 567 -35.29 35.44 48.77
CA ASP D 567 -34.60 34.77 49.87
C ASP D 567 -33.23 34.27 49.44
N GLN D 568 -33.15 33.61 48.29
CA GLN D 568 -31.88 33.00 47.87
C GLN D 568 -30.83 34.06 47.54
N MET D 569 -31.22 35.16 46.88
CA MET D 569 -30.21 36.17 46.58
C MET D 569 -29.59 36.73 47.84
N GLU D 570 -30.40 36.98 48.87
CA GLU D 570 -29.85 37.44 50.14
C GLU D 570 -28.93 36.38 50.75
N ALA D 571 -29.33 35.12 50.66
CA ALA D 571 -28.46 34.03 51.12
C ALA D 571 -27.17 34.03 50.32
N VAL D 572 -27.25 34.24 49.01
CA VAL D 572 -26.04 34.42 48.21
C VAL D 572 -25.27 35.64 48.69
N ARG D 573 -25.96 36.76 48.89
CA ARG D 573 -25.28 37.99 49.30
C ARG D 573 -24.62 37.85 50.66
N THR D 574 -25.30 37.19 51.60
CA THR D 574 -24.78 37.09 52.96
C THR D 574 -23.38 36.46 52.98
N MET D 575 -23.23 35.31 52.34
CA MET D 575 -21.93 34.64 52.37
C MET D 575 -21.03 35.12 51.24
N LEU D 576 -21.57 35.86 50.26
CA LEU D 576 -20.71 36.49 49.26
C LEU D 576 -19.74 37.49 49.88
N LYS D 577 -20.04 38.01 51.07
CA LYS D 577 -19.13 38.93 51.73
C LYS D 577 -17.85 38.23 52.19
N GLU D 578 -17.85 36.90 52.19
CA GLU D 578 -16.65 36.16 52.58
C GLU D 578 -15.52 36.45 51.60
N GLN D 579 -14.29 36.44 52.12
CA GLN D 579 -13.13 36.68 51.27
C GLN D 579 -12.66 35.39 50.59
N TYR D 580 -13.14 34.24 51.06
CA TYR D 580 -12.78 32.97 50.43
C TYR D 580 -13.73 32.54 49.34
N ILE D 581 -14.79 33.29 49.03
CA ILE D 581 -15.70 32.96 47.95
C ILE D 581 -15.30 33.77 46.72
N ASP D 582 -15.39 33.13 45.55
CA ASP D 582 -15.10 33.79 44.29
C ASP D 582 -16.37 34.46 43.77
N ARG D 583 -16.28 35.76 43.51
CA ARG D 583 -17.45 36.49 43.02
C ARG D 583 -17.67 36.28 41.54
N THR D 584 -16.59 36.06 40.78
CA THR D 584 -16.73 35.92 39.32
C THR D 584 -17.30 34.56 38.94
N ARG D 585 -16.93 33.50 39.67
CA ARG D 585 -17.37 32.14 39.36
C ARG D 585 -18.48 31.76 40.32
N VAL D 586 -19.71 32.11 39.97
CA VAL D 586 -20.89 31.81 40.76
C VAL D 586 -21.87 31.05 39.90
N ALA D 587 -22.37 29.93 40.40
CA ALA D 587 -23.27 29.06 39.65
C ALA D 587 -24.51 28.75 40.49
N VAL D 588 -25.48 28.13 39.84
CA VAL D 588 -26.73 27.74 40.48
C VAL D 588 -27.26 26.48 39.83
N PHE D 589 -27.94 25.65 40.61
CA PHE D 589 -28.56 24.44 40.09
C PHE D 589 -29.97 24.32 40.67
N GLY D 590 -30.84 23.65 39.94
CA GLY D 590 -32.17 23.34 40.44
C GLY D 590 -32.71 22.14 39.69
N LYS D 591 -33.79 21.57 40.23
CA LYS D 591 -34.46 20.44 39.61
C LYS D 591 -35.90 20.37 40.10
N ASP D 592 -36.72 19.60 39.39
CA ASP D 592 -38.13 19.42 39.72
C ASP D 592 -38.76 20.81 39.81
N TYR D 593 -39.50 21.13 40.86
CA TYR D 593 -40.01 22.49 41.00
C TYR D 593 -38.87 23.48 41.15
N GLY D 594 -37.82 23.10 41.87
CA GLY D 594 -36.68 23.98 42.03
C GLY D 594 -36.01 24.31 40.72
N GLY D 595 -36.21 23.49 39.70
CA GLY D 595 -35.76 23.86 38.37
C GLY D 595 -36.39 25.17 37.90
N TYR D 596 -37.68 25.35 38.17
CA TYR D 596 -38.35 26.59 37.82
C TYR D 596 -37.70 27.77 38.52
N LEU D 597 -37.44 27.64 39.82
CA LEU D 597 -36.73 28.69 40.54
C LEU D 597 -35.33 28.87 40.00
N SER D 598 -34.63 27.78 39.69
CA SER D 598 -33.27 27.88 39.19
C SER D 598 -33.21 28.70 37.91
N THR D 599 -34.24 28.63 37.08
CA THR D 599 -34.34 29.51 35.92
C THR D 599 -34.65 30.95 36.30
N TYR D 600 -35.34 31.17 37.42
CA TYR D 600 -35.82 32.49 37.79
C TYR D 600 -34.78 33.28 38.56
N ILE D 601 -33.58 32.73 38.75
CA ILE D 601 -32.59 33.29 39.66
C ILE D 601 -31.34 33.69 38.89
N LEU D 602 -31.52 34.19 37.66
CA LEU D 602 -30.41 34.66 36.82
C LEU D 602 -30.47 36.18 36.70
N PRO D 603 -30.12 36.91 37.77
CA PRO D 603 -30.28 38.37 37.75
C PRO D 603 -29.03 39.12 37.32
N ALA D 604 -29.18 40.44 37.19
CA ALA D 604 -28.06 41.36 37.08
C ALA D 604 -28.14 42.26 38.31
N LYS D 605 -27.33 41.96 39.32
CA LYS D 605 -27.41 42.64 40.61
C LYS D 605 -27.12 44.13 40.41
N GLY D 606 -28.14 44.97 40.59
CA GLY D 606 -28.00 46.38 40.28
C GLY D 606 -27.68 46.57 38.80
N GLU D 607 -26.74 47.49 38.55
CA GLU D 607 -26.23 47.70 37.20
C GLU D 607 -24.71 47.69 37.12
N ASN D 608 -24.00 48.05 38.18
CA ASN D 608 -22.55 47.99 38.22
C ASN D 608 -22.04 46.64 38.71
N GLN D 609 -22.60 46.12 39.79
CA GLN D 609 -22.21 44.82 40.31
C GLN D 609 -23.08 43.70 39.74
N GLY D 610 -23.22 43.69 38.41
CA GLY D 610 -24.05 42.72 37.74
C GLY D 610 -23.33 41.40 37.55
N GLN D 611 -23.85 40.62 36.60
CA GLN D 611 -23.29 39.30 36.27
C GLN D 611 -23.23 38.41 37.51
N THR D 612 -24.40 38.23 38.15
CA THR D 612 -24.45 37.53 39.43
C THR D 612 -24.00 36.08 39.29
N PHE D 613 -24.44 35.40 38.23
CA PHE D 613 -24.14 33.99 38.03
C PHE D 613 -23.38 33.78 36.74
N THR D 614 -22.37 32.92 36.79
CA THR D 614 -21.58 32.56 35.61
C THR D 614 -22.29 31.52 34.74
N CYS D 615 -22.58 30.36 35.33
CA CYS D 615 -23.27 29.29 34.62
C CYS D 615 -24.48 28.85 35.44
N GLY D 616 -25.56 28.52 34.72
CA GLY D 616 -26.78 28.07 35.37
C GLY D 616 -27.26 26.78 34.75
N SER D 617 -28.18 26.13 35.45
CA SER D 617 -28.74 24.87 35.00
C SER D 617 -30.09 24.64 35.65
N ALA D 618 -30.86 23.72 35.07
CA ALA D 618 -32.17 23.37 35.59
C ALA D 618 -32.60 22.05 34.98
N LEU D 619 -33.26 21.22 35.77
CA LEU D 619 -33.69 19.89 35.36
C LEU D 619 -35.20 19.79 35.50
N SER D 620 -35.87 19.44 34.41
CA SER D 620 -37.32 19.33 34.35
C SER D 620 -38.03 20.55 34.96
N PRO D 621 -37.74 21.75 34.46
CA PRO D 621 -38.33 22.94 35.07
C PRO D 621 -39.81 23.06 34.75
N ILE D 622 -40.48 23.93 35.51
CA ILE D 622 -41.86 24.30 35.27
C ILE D 622 -41.89 25.76 34.83
N THR D 623 -42.56 26.04 33.72
CA THR D 623 -42.63 27.40 33.21
C THR D 623 -44.02 28.01 33.36
N ASP D 624 -45.07 27.26 33.05
CA ASP D 624 -46.43 27.74 33.25
C ASP D 624 -47.16 26.73 34.11
N PHE D 625 -47.54 27.15 35.32
CA PHE D 625 -48.26 26.26 36.23
C PHE D 625 -49.61 25.85 35.66
N LYS D 626 -50.11 26.57 34.66
CA LYS D 626 -51.29 26.10 33.94
C LYS D 626 -51.02 24.77 33.25
N LEU D 627 -49.81 24.60 32.71
CA LEU D 627 -49.40 23.38 32.04
C LEU D 627 -48.90 22.31 33.02
N TYR D 628 -49.25 22.44 34.29
CA TYR D 628 -48.86 21.47 35.31
C TYR D 628 -50.13 20.86 35.90
N ALA D 629 -49.97 19.99 36.88
CA ALA D 629 -51.12 19.33 37.50
C ALA D 629 -52.03 20.35 38.15
N SER D 630 -53.34 20.11 38.04
CA SER D 630 -54.32 21.01 38.64
C SER D 630 -54.19 21.05 40.15
N ALA D 631 -54.03 19.89 40.78
CA ALA D 631 -53.97 19.80 42.24
C ALA D 631 -52.80 20.56 42.83
N PHE D 632 -51.77 20.87 42.04
CA PHE D 632 -50.65 21.69 42.49
C PHE D 632 -50.92 23.18 42.28
N SER D 633 -51.28 23.57 41.05
CA SER D 633 -51.50 24.98 40.76
C SER D 633 -52.68 25.53 41.56
N GLU D 634 -53.78 24.77 41.64
CA GLU D 634 -54.92 25.21 42.41
C GLU D 634 -54.59 25.34 43.90
N ARG D 635 -53.74 24.44 44.40
CA ARG D 635 -53.40 24.45 45.82
C ARG D 635 -52.69 25.74 46.22
N TYR D 636 -51.76 26.21 45.39
CA TYR D 636 -50.91 27.33 45.77
C TYR D 636 -51.29 28.63 45.08
N LEU D 637 -52.15 28.60 44.07
CA LEU D 637 -52.54 29.81 43.37
C LEU D 637 -54.05 29.95 43.19
N GLY D 638 -54.83 28.93 43.52
CA GLY D 638 -56.27 28.99 43.34
C GLY D 638 -56.71 28.28 42.07
N LEU D 639 -58.01 28.00 42.00
CA LEU D 639 -58.57 27.30 40.86
C LEU D 639 -58.41 28.12 39.58
N HIS D 640 -57.94 27.46 38.53
CA HIS D 640 -57.79 28.10 37.23
C HIS D 640 -59.02 27.83 36.37
N GLY D 641 -59.02 28.43 35.18
CA GLY D 641 -60.18 28.41 34.32
C GLY D 641 -61.13 29.57 34.51
N LEU D 642 -60.92 30.37 35.55
CA LEU D 642 -61.71 31.57 35.80
C LEU D 642 -60.86 32.84 35.78
N ASP D 643 -59.74 32.82 35.06
CA ASP D 643 -58.81 33.95 34.99
C ASP D 643 -58.32 34.34 36.39
N ASN D 644 -57.55 33.42 36.99
CA ASN D 644 -57.08 33.57 38.36
C ASN D 644 -56.15 34.77 38.55
N ARG D 645 -55.61 35.32 37.46
CA ARG D 645 -54.72 36.49 37.53
C ARG D 645 -53.47 36.21 38.37
N ALA D 646 -53.05 34.94 38.39
CA ALA D 646 -51.90 34.53 39.16
C ALA D 646 -50.88 33.72 38.38
N TYR D 647 -51.27 33.13 37.25
CA TYR D 647 -50.36 32.30 36.46
C TYR D 647 -49.64 33.08 35.38
N GLU D 648 -49.99 34.35 35.17
CA GLU D 648 -49.38 35.13 34.09
C GLU D 648 -47.99 35.61 34.50
N MET D 649 -47.90 36.43 35.55
CA MET D 649 -46.61 36.97 35.97
C MET D 649 -45.68 35.90 36.52
N THR D 650 -46.23 34.78 37.00
CA THR D 650 -45.37 33.73 37.53
C THR D 650 -44.64 32.96 36.45
N LYS D 651 -45.05 33.11 35.18
CA LYS D 651 -44.33 32.48 34.09
C LYS D 651 -42.95 33.12 33.95
N VAL D 652 -41.92 32.27 33.95
CA VAL D 652 -40.53 32.74 33.96
C VAL D 652 -40.15 33.41 32.64
N ALA D 653 -40.98 33.30 31.61
CA ALA D 653 -40.65 33.86 30.30
C ALA D 653 -40.39 35.36 30.39
N HIS D 654 -41.13 36.06 31.25
CA HIS D 654 -40.93 37.49 31.40
C HIS D 654 -39.58 37.82 32.01
N ARG D 655 -39.13 37.01 32.96
CA ARG D 655 -37.91 37.26 33.72
C ARG D 655 -36.65 36.82 32.99
N VAL D 656 -36.77 35.98 31.97
CA VAL D 656 -35.62 35.46 31.24
C VAL D 656 -35.25 36.36 30.07
N SER D 657 -35.75 37.60 30.06
CA SER D 657 -35.49 38.49 28.95
C SER D 657 -33.99 38.80 28.83
N ALA D 658 -33.35 39.17 29.94
CA ALA D 658 -31.98 39.67 29.87
C ALA D 658 -30.98 38.62 29.38
N LEU D 659 -30.71 37.61 30.21
CA LEU D 659 -29.80 36.51 29.88
C LEU D 659 -28.60 36.98 29.07
N GLU D 660 -27.84 37.91 29.68
CA GLU D 660 -26.73 38.54 28.98
C GLU D 660 -25.66 37.54 28.59
N GLU D 661 -24.97 36.98 29.58
CA GLU D 661 -23.87 36.07 29.32
C GLU D 661 -23.91 34.80 30.16
N GLN D 662 -25.00 34.54 30.87
CA GLN D 662 -25.08 33.36 31.71
C GLN D 662 -25.16 32.10 30.87
N GLN D 663 -24.30 31.13 31.18
CA GLN D 663 -24.29 29.84 30.49
C GLN D 663 -25.37 28.95 31.10
N PHE D 664 -26.44 28.73 30.35
CA PHE D 664 -27.65 28.11 30.85
C PHE D 664 -27.87 26.77 30.17
N LEU D 665 -28.13 25.74 30.96
CA LEU D 665 -28.29 24.38 30.46
C LEU D 665 -29.58 23.80 30.99
N ILE D 666 -30.23 22.98 30.17
CA ILE D 666 -31.48 22.32 30.54
C ILE D 666 -31.30 20.81 30.37
N ILE D 667 -31.64 20.07 31.42
CA ILE D 667 -31.70 18.62 31.37
C ILE D 667 -33.18 18.23 31.45
N HIS D 668 -33.65 17.47 30.47
CA HIS D 668 -35.03 17.03 30.53
C HIS D 668 -35.23 15.74 29.76
N PRO D 669 -35.64 14.67 30.43
CA PRO D 669 -35.99 13.45 29.70
C PRO D 669 -37.23 13.67 28.85
N THR D 670 -37.28 12.95 27.73
CA THR D 670 -38.38 13.13 26.78
C THR D 670 -39.72 12.70 27.37
N ALA D 671 -39.75 11.55 28.05
CA ALA D 671 -41.00 10.92 28.46
C ALA D 671 -41.37 11.24 29.91
N ASP D 672 -41.11 12.45 30.37
CA ASP D 672 -41.51 12.83 31.72
C ASP D 672 -43.03 12.86 31.82
N GLU D 673 -43.55 12.34 32.93
CA GLU D 673 -44.97 12.35 33.23
C GLU D 673 -45.34 13.38 34.27
N LYS D 674 -44.50 13.57 35.29
CA LYS D 674 -44.79 14.57 36.32
C LYS D 674 -44.72 15.98 35.75
N ILE D 675 -43.65 16.29 35.02
CA ILE D 675 -43.42 17.62 34.47
C ILE D 675 -43.24 17.45 32.97
N HIS D 676 -44.32 17.61 32.22
CA HIS D 676 -44.30 17.31 30.79
C HIS D 676 -43.24 18.10 30.06
N PHE D 677 -42.77 17.54 28.95
CA PHE D 677 -41.74 18.17 28.14
C PHE D 677 -42.18 19.51 27.57
N GLN D 678 -43.48 19.79 27.54
CA GLN D 678 -43.96 21.04 26.97
C GLN D 678 -43.41 22.24 27.73
N HIS D 679 -43.20 22.09 29.04
CA HIS D 679 -42.64 23.17 29.83
C HIS D 679 -41.28 23.60 29.29
N THR D 680 -40.40 22.65 29.03
CA THR D 680 -39.13 22.98 28.40
C THR D 680 -39.34 23.54 27.01
N ALA D 681 -40.21 22.89 26.22
CA ALA D 681 -40.44 23.34 24.85
C ALA D 681 -40.99 24.76 24.82
N GLU D 682 -41.96 25.05 25.69
CA GLU D 682 -42.50 26.40 25.76
C GLU D 682 -41.42 27.41 26.13
N LEU D 683 -40.54 27.05 27.07
CA LEU D 683 -39.47 27.95 27.45
C LEU D 683 -38.50 28.17 26.30
N ILE D 684 -38.28 27.14 25.48
CA ILE D 684 -37.34 27.26 24.36
C ILE D 684 -37.81 28.33 23.39
N THR D 685 -39.11 28.35 23.07
CA THR D 685 -39.63 29.37 22.17
C THR D 685 -39.32 30.77 22.69
N GLN D 686 -39.40 30.95 24.02
CA GLN D 686 -39.06 32.24 24.60
C GLN D 686 -37.59 32.56 24.41
N LEU D 687 -36.72 31.55 24.56
CA LEU D 687 -35.29 31.77 24.39
C LEU D 687 -34.97 32.25 22.98
N ILE D 688 -35.61 31.63 21.97
CA ILE D 688 -35.40 32.03 20.60
C ILE D 688 -35.86 33.48 20.39
N ARG D 689 -37.03 33.80 20.92
CA ARG D 689 -37.54 35.17 20.80
C ARG D 689 -36.65 36.16 21.54
N GLY D 690 -36.05 35.73 22.67
CA GLY D 690 -35.17 36.57 23.44
C GLY D 690 -33.72 36.53 23.03
N LYS D 691 -33.39 35.83 21.95
CA LYS D 691 -32.00 35.74 21.45
C LYS D 691 -31.07 35.23 22.53
N ALA D 692 -31.55 34.29 23.34
CA ALA D 692 -30.83 33.80 24.49
C ALA D 692 -29.76 32.79 24.09
N ASN D 693 -28.85 32.52 25.03
CA ASN D 693 -27.82 31.52 24.88
C ASN D 693 -28.09 30.37 25.84
N TYR D 694 -28.09 29.14 25.32
CA TYR D 694 -28.34 27.97 26.15
C TYR D 694 -27.79 26.74 25.45
N SER D 695 -27.89 25.60 26.15
CA SER D 695 -27.48 24.31 25.62
C SER D 695 -28.36 23.23 26.24
N LEU D 696 -29.29 22.69 25.46
CA LEU D 696 -30.24 21.71 25.94
C LEU D 696 -29.63 20.32 25.87
N GLN D 697 -29.99 19.49 26.86
CA GLN D 697 -29.66 18.06 26.86
C GLN D 697 -30.91 17.28 27.20
N ILE D 698 -31.10 16.15 26.53
CA ILE D 698 -32.36 15.43 26.58
C ILE D 698 -32.09 13.95 26.85
N TYR D 699 -33.04 13.30 27.52
CA TYR D 699 -33.00 11.86 27.74
C TYR D 699 -34.18 11.23 27.02
N PRO D 700 -33.96 10.61 25.86
CA PRO D 700 -35.09 10.16 25.02
C PRO D 700 -35.85 9.02 25.67
N ASP D 701 -37.16 9.20 25.82
CA ASP D 701 -38.08 8.17 26.28
C ASP D 701 -37.66 7.62 27.65
N GLU D 702 -37.68 8.50 28.64
CA GLU D 702 -37.32 8.15 30.00
C GLU D 702 -38.36 8.69 30.96
N SER D 703 -38.62 7.93 32.02
CA SER D 703 -39.57 8.36 33.03
C SER D 703 -39.00 9.55 33.81
N HIS D 704 -39.90 10.25 34.51
CA HIS D 704 -39.50 11.46 35.21
C HIS D 704 -38.54 11.17 36.35
N TYR D 705 -38.88 10.21 37.22
CA TYR D 705 -38.12 10.02 38.43
C TYR D 705 -36.81 9.30 38.22
N PHE D 706 -36.60 8.73 37.03
CA PHE D 706 -35.26 8.36 36.56
C PHE D 706 -34.59 7.38 37.53
N THR D 707 -35.15 6.16 37.56
CA THR D 707 -34.79 5.16 38.57
C THR D 707 -33.80 4.13 38.04
N SER D 708 -32.88 4.53 37.16
CA SER D 708 -31.85 3.65 36.65
C SER D 708 -30.49 4.10 37.17
N SER D 709 -29.82 3.22 37.92
CA SER D 709 -28.54 3.58 38.51
C SER D 709 -27.47 3.79 37.45
N SER D 710 -27.44 2.92 36.43
CA SER D 710 -26.44 3.04 35.39
C SER D 710 -26.55 4.36 34.65
N LEU D 711 -27.78 4.75 34.29
CA LEU D 711 -27.99 6.05 33.66
C LEU D 711 -27.69 7.18 34.63
N LYS D 712 -27.92 6.96 35.92
CA LYS D 712 -27.72 8.02 36.90
C LYS D 712 -26.26 8.46 36.95
N GLN D 713 -25.34 7.54 36.68
CA GLN D 713 -23.93 7.93 36.59
C GLN D 713 -23.71 8.89 35.44
N HIS D 714 -24.35 8.64 34.30
CA HIS D 714 -24.24 9.54 33.16
C HIS D 714 -24.84 10.90 33.48
N LEU D 715 -25.98 10.92 34.18
CA LEU D 715 -26.64 12.18 34.49
C LEU D 715 -25.75 13.07 35.36
N TYR D 716 -25.25 12.53 36.47
CA TYR D 716 -24.41 13.34 37.36
C TYR D 716 -23.10 13.71 36.68
N ARG D 717 -22.53 12.78 35.91
CA ARG D 717 -21.28 13.08 35.21
C ARG D 717 -21.44 14.24 34.25
N SER D 718 -22.57 14.28 33.55
CA SER D 718 -22.86 15.42 32.68
C SER D 718 -22.96 16.71 33.50
N ILE D 719 -23.60 16.65 34.66
CA ILE D 719 -23.68 17.81 35.54
C ILE D 719 -22.28 18.25 35.96
N ILE D 720 -21.45 17.28 36.37
CA ILE D 720 -20.08 17.60 36.76
C ILE D 720 -19.30 18.17 35.58
N ASN D 721 -19.40 17.50 34.43
CA ASN D 721 -18.65 17.94 33.25
C ASN D 721 -19.07 19.34 32.83
N PHE D 722 -20.36 19.67 33.00
CA PHE D 722 -20.80 21.03 32.68
C PHE D 722 -20.28 22.03 33.70
N PHE D 723 -20.44 21.74 35.00
CA PHE D 723 -20.12 22.74 36.01
C PHE D 723 -18.62 22.95 36.14
N VAL D 724 -17.81 21.92 35.91
CA VAL D 724 -16.37 22.10 35.96
C VAL D 724 -15.91 23.05 34.86
N GLU D 725 -16.64 23.11 33.75
CA GLU D 725 -16.23 23.97 32.65
C GLU D 725 -16.41 25.44 32.98
N CYS D 726 -17.50 25.79 33.67
CA CYS D 726 -17.73 27.18 34.04
C CYS D 726 -17.02 27.58 35.32
N PHE D 727 -16.43 26.63 36.05
CA PHE D 727 -15.66 26.98 37.23
C PHE D 727 -14.18 27.08 36.91
N ARG D 728 -13.71 26.38 35.89
CA ARG D 728 -12.33 26.51 35.48
C ARG D 728 -12.09 27.86 34.82
N ILE D 729 -10.88 28.40 34.99
CA ILE D 729 -10.55 29.71 34.46
C ILE D 729 -9.07 29.78 34.15
#